data_8DWX
#
_entry.id   8DWX
#
_cell.length_a   1.00
_cell.length_b   1.00
_cell.length_c   1.00
_cell.angle_alpha   90.00
_cell.angle_beta   90.00
_cell.angle_gamma   90.00
#
_symmetry.space_group_name_H-M   'P 1'
#
loop_
_entity.id
_entity.type
_entity.pdbx_description
1 polymer 'E1 glycoprotein'
2 polymer 'E2 glycoprotein'
3 polymer 'Capsid protein'
4 polymer '506.C01 light chain'
5 polymer '506.C01 heavy chain'
6 non-polymer 2-acetamido-2-deoxy-beta-D-glucopyranose
#
loop_
_entity_poly.entity_id
_entity_poly.type
_entity_poly.pdbx_seq_one_letter_code
_entity_poly.pdbx_strand_id
1 'polypeptide(L)'
;YEHVTVIPNTVGVPYKTLVNRPGYSPMVLEMELQSVTLEPTLSLDYITCEYKTVIPSPYVKCCGTAECKDKSLPDYSCKV
FTGVYPFMWGGAYCFCDAENTQLSEAHVEKSESCKTEFASAYRAHTASASAKLRVLYQGNNITVAAYANGDHAVTVKDAK
FVVGPMSSAWTPFDNKIVVYKGDVYNMDYPPFGAGRPGQFGDIQSRTPESKDVYANTQLVLQRPAAGTVHVPYSQAPSGF
KYWLKERGASLQHTAPFGCQIATNPVRAVNCAVGNIPISIDIPDAAFTRVVDAPSVTDMSCEVPACTHSSDFGGVAIIKY
TASKKGKCAVHSMTNAVTIREADVEVEGNSQLQISFSTALASAEFRVQVCSTQVHCAAACHPPKDHIVNYPASHTTLGVQ
DISTTAMSWVQKITGGVGLIVAVAALILIVVLCVSFSRH
;
A,B,C,D
2 'polypeptide(L)'
;NFNVYKATRPYLAHCPDCGEGHSCHSPIALERIRNEATDGTLKIQVSLQIGIKTDDSHDWTKLRYMDSHTPADAERAGLL
VRTSAPCTITGTMGHFILARCPKGETLTVGFTDSRKISHTCTHPFHHEPPVIGRERFHSRPQHGKELPCSTYVQSTAATA
EEIEVHMPPDTPDRTLMTQQSGNVKITVNGQTVRYKCNCGGSNEGLTTTDKVINNCKIDQCHAAVTNHKNWQYNSPLVPR
NAELGDRKGKIHIPFPLANVTCRVPKARNPTVTYGKNQVTMLLYPDHPTLLSYRNMGQEPNYHEEWVTHKKEVTLTVPTE
GLEVTWGNNEPYKYWPQMSTNGTAHGHPHEIILYYYELYPTMTVVIVSVASFVLLSMVGTAVGMCVCARRRCITPYELTP
GATVPFLLSLLCCVRTTKA
;
M,N,O,P
3 'polypeptide(L)'
;NDCIFEVKHEGKVMGYACLVGDKVMKPAHVKGTIDNADLAKLAFKRSSKYDLECAQIPVHMKSDASKFTHEKPEGYYNWH
HGAVQYSGGRFTIPTGAGKPGDSGRPIFDNKGRVVAIVLGGANEGARTALSVVTWNKDIVTKITPEGAEEW
;
Q,R,S,T
4 'polypeptide(L)'
;DIQMTQSPSSVSASVGDRVTITCRASQGISSWLGWYQQKPGKAPKLLIYAASSLQSGVPSRFSGSGSGTDFTLTISSLQP
EDFATYYCQQANSFPRTFGQGTKVEIK
;
L,U,W,Y
5 'polypeptide(L)'
;QVQLQESGPGLVKPSQTLSLTCTVSGGSISSDDYYWTWIRLPPGKGLEWIGYIFYTGGTYYNPSLKSRVTISLDRSKNQF
SLKLSSVTAADTAVYFCARAPETYCSTTNCYKGYFDSWGQGTLVTVSS
;
H,V,X,Z
#
loop_
_chem_comp.id
_chem_comp.type
_chem_comp.name
_chem_comp.formula
NAG D-saccharide, beta linking 2-acetamido-2-deoxy-beta-D-glucopyranose 'C8 H15 N O6'
#
# COMPACT_ATOMS: atom_id res chain seq x y z
N TYR A 1 87.05 -30.21 2.40
CA TYR A 1 86.28 -30.73 1.28
C TYR A 1 84.91 -30.07 1.22
N GLU A 2 84.61 -29.46 0.08
CA GLU A 2 83.37 -28.72 -0.11
C GLU A 2 82.35 -29.55 -0.90
N HIS A 3 81.08 -29.38 -0.57
CA HIS A 3 80.00 -30.12 -1.20
C HIS A 3 78.77 -29.23 -1.30
N VAL A 4 78.12 -29.25 -2.46
CA VAL A 4 76.99 -28.37 -2.75
C VAL A 4 75.83 -29.19 -3.29
N THR A 5 74.61 -28.85 -2.86
CA THR A 5 73.40 -29.54 -3.29
C THR A 5 72.22 -28.57 -3.25
N VAL A 6 71.11 -29.00 -3.84
CA VAL A 6 69.87 -28.22 -3.88
C VAL A 6 68.72 -29.11 -3.42
N ILE A 7 67.91 -28.63 -2.49
CA ILE A 7 66.76 -29.37 -1.98
C ILE A 7 65.48 -28.55 -2.14
N PRO A 8 64.34 -29.17 -2.44
CA PRO A 8 63.11 -28.41 -2.61
C PRO A 8 62.52 -27.95 -1.29
N ASN A 9 61.61 -26.98 -1.39
CA ASN A 9 61.01 -26.32 -0.23
C ASN A 9 59.70 -27.05 0.10
N THR A 10 59.84 -28.22 0.71
CA THR A 10 58.70 -29.02 1.16
C THR A 10 58.92 -29.38 2.62
N VAL A 11 58.05 -28.90 3.49
CA VAL A 11 58.19 -29.12 4.94
C VAL A 11 57.70 -30.52 5.30
N GLY A 12 58.53 -31.26 6.02
CA GLY A 12 58.15 -32.56 6.53
C GLY A 12 58.50 -33.75 5.66
N VAL A 13 59.47 -33.62 4.75
CA VAL A 13 59.92 -34.72 3.92
C VAL A 13 61.44 -34.81 3.98
N PRO A 14 62.01 -35.94 4.38
CA PRO A 14 63.47 -36.06 4.42
C PRO A 14 64.08 -36.29 3.05
N TYR A 15 65.32 -35.81 2.88
CA TYR A 15 66.08 -35.96 1.65
C TYR A 15 67.48 -36.43 1.97
N LYS A 16 68.12 -37.07 0.99
CA LYS A 16 69.42 -37.69 1.18
C LYS A 16 70.38 -37.26 0.06
N THR A 17 71.67 -37.23 0.40
CA THR A 17 72.72 -36.81 -0.52
C THR A 17 73.96 -37.65 -0.26
N LEU A 18 74.76 -37.84 -1.31
CA LEU A 18 75.95 -38.69 -1.25
C LEU A 18 77.20 -37.84 -1.36
N VAL A 19 78.11 -38.01 -0.41
CA VAL A 19 79.40 -37.31 -0.40
C VAL A 19 80.50 -38.36 -0.47
N ASN A 20 81.41 -38.21 -1.41
CA ASN A 20 82.51 -39.14 -1.55
C ASN A 20 83.73 -38.41 -2.09
N ARG A 21 84.90 -38.96 -1.76
CA ARG A 21 86.16 -38.46 -2.25
C ARG A 21 86.97 -39.71 -2.60
N PRO A 22 87.60 -39.74 -3.78
CA PRO A 22 88.35 -40.94 -4.17
C PRO A 22 89.44 -41.29 -3.15
N GLY A 23 89.56 -42.59 -2.89
CA GLY A 23 90.52 -43.10 -1.94
C GLY A 23 89.97 -43.40 -0.56
N TYR A 24 88.75 -42.98 -0.27
CA TYR A 24 88.17 -43.10 1.07
C TYR A 24 86.74 -43.60 0.98
N SER A 25 86.22 -44.05 2.12
CA SER A 25 84.86 -44.57 2.18
C SER A 25 83.85 -43.45 2.02
N PRO A 26 82.75 -43.68 1.31
CA PRO A 26 81.72 -42.65 1.15
C PRO A 26 80.79 -42.56 2.35
N MET A 27 80.09 -41.43 2.43
CA MET A 27 79.18 -41.11 3.52
C MET A 27 77.84 -40.64 2.96
N VAL A 28 76.78 -40.86 3.72
CA VAL A 28 75.43 -40.41 3.34
C VAL A 28 74.86 -39.57 4.48
N LEU A 29 74.30 -38.42 4.12
CA LEU A 29 73.65 -37.51 5.07
C LEU A 29 72.17 -37.41 4.76
N GLU A 30 71.37 -37.16 5.79
CA GLU A 30 69.93 -36.96 5.65
C GLU A 30 69.52 -35.65 6.31
N MET A 31 68.68 -34.88 5.62
CA MET A 31 68.28 -33.56 6.08
C MET A 31 66.77 -33.38 5.96
N GLU A 32 66.19 -32.66 6.92
CA GLU A 32 64.76 -32.39 6.94
C GLU A 32 64.53 -31.08 7.66
N LEU A 33 63.72 -30.21 7.06
CA LEU A 33 63.51 -28.86 7.57
C LEU A 33 62.13 -28.75 8.22
N GLN A 34 62.01 -27.80 9.16
CA GLN A 34 60.83 -27.70 10.01
C GLN A 34 60.09 -26.38 9.92
N SER A 35 60.75 -25.27 9.62
CA SER A 35 60.03 -24.00 9.53
C SER A 35 60.78 -23.01 8.66
N VAL A 36 60.03 -22.14 7.98
CA VAL A 36 60.56 -21.02 7.21
C VAL A 36 59.71 -19.80 7.51
N THR A 37 60.35 -18.65 7.78
CA THR A 37 59.64 -17.45 8.20
C THR A 37 60.08 -16.25 7.37
N LEU A 38 59.10 -15.46 6.93
CA LEU A 38 59.33 -14.21 6.21
C LEU A 38 58.83 -13.04 7.04
N GLU A 39 59.55 -11.91 6.97
CA GLU A 39 59.25 -10.76 7.82
C GLU A 39 59.48 -9.44 7.08
N PRO A 40 58.44 -8.68 6.78
CA PRO A 40 58.61 -7.44 6.03
C PRO A 40 58.98 -6.26 6.94
N THR A 41 59.30 -5.15 6.29
CA THR A 41 59.65 -3.90 6.97
C THR A 41 58.46 -2.93 6.87
N LEU A 42 58.10 -2.32 8.00
CA LEU A 42 56.87 -1.56 8.12
C LEU A 42 57.13 -0.10 8.49
N SER A 43 56.22 0.77 8.03
CA SER A 43 56.22 2.19 8.35
C SER A 43 54.80 2.66 8.59
N LEU A 44 54.64 3.64 9.49
CA LEU A 44 53.33 4.08 9.97
C LEU A 44 52.89 5.38 9.29
N ASP A 45 51.62 5.43 8.90
CA ASP A 45 51.01 6.63 8.34
C ASP A 45 50.08 7.32 9.32
N TYR A 46 49.04 6.64 9.80
CA TYR A 46 48.11 7.22 10.77
C TYR A 46 47.29 6.11 11.41
N ILE A 47 46.56 6.48 12.47
CA ILE A 47 45.69 5.57 13.20
C ILE A 47 44.30 6.20 13.33
N THR A 48 43.31 5.36 13.62
CA THR A 48 41.92 5.78 13.64
C THR A 48 41.20 5.21 14.85
N CYS A 49 40.14 5.90 15.28
CA CYS A 49 39.31 5.45 16.40
C CYS A 49 37.98 6.22 16.36
N GLU A 50 37.21 6.13 17.44
CA GLU A 50 35.91 6.77 17.57
C GLU A 50 36.06 8.25 17.95
N TYR A 51 34.95 8.98 17.86
CA TYR A 51 34.93 10.42 18.13
C TYR A 51 33.88 10.76 19.19
N LYS A 52 34.04 11.96 19.76
CA LYS A 52 33.19 12.46 20.83
C LYS A 52 32.68 13.86 20.48
N THR A 53 31.47 14.16 20.90
CA THR A 53 30.84 15.47 20.70
C THR A 53 30.65 16.17 22.04
N VAL A 54 31.04 17.43 22.11
CA VAL A 54 30.97 18.24 23.33
C VAL A 54 29.92 19.32 23.13
N ILE A 55 28.95 19.39 24.05
CA ILE A 55 27.86 20.36 23.96
C ILE A 55 27.69 21.08 25.29
N PRO A 56 28.05 22.36 25.38
CA PRO A 56 27.85 23.10 26.63
C PRO A 56 26.43 23.64 26.74
N SER A 57 26.12 24.16 27.92
CA SER A 57 24.77 24.59 28.24
C SER A 57 24.36 25.79 27.40
N PRO A 58 23.12 25.84 26.92
CA PRO A 58 22.69 26.95 26.07
C PRO A 58 22.53 28.24 26.87
N TYR A 59 22.61 29.36 26.15
CA TYR A 59 22.50 30.69 26.73
C TYR A 59 21.23 31.35 26.23
N VAL A 60 20.37 31.76 27.16
CA VAL A 60 19.07 32.33 26.82
C VAL A 60 19.01 33.77 27.32
N LYS A 61 18.80 34.71 26.40
CA LYS A 61 18.74 36.13 26.69
C LYS A 61 17.38 36.59 26.17
N CYS A 62 16.55 37.13 27.06
CA CYS A 62 15.18 37.47 26.66
C CYS A 62 15.00 38.96 26.45
N CYS A 63 14.16 39.30 25.46
CA CYS A 63 13.90 40.68 25.04
C CYS A 63 15.19 41.43 24.72
N GLY A 64 16.08 40.79 23.99
CA GLY A 64 17.31 41.42 23.53
C GLY A 64 17.94 40.56 22.46
N THR A 65 19.22 40.84 22.14
CA THR A 65 19.85 40.10 21.04
C THR A 65 21.28 39.67 21.37
N ALA A 66 21.58 38.39 21.11
CA ALA A 66 22.91 37.83 21.30
C ALA A 66 23.64 37.71 19.96
N GLU A 67 24.94 37.41 20.06
CA GLU A 67 25.81 37.19 18.91
C GLU A 67 26.96 36.29 19.33
N CYS A 68 27.66 35.72 18.34
CA CYS A 68 28.77 34.81 18.64
C CYS A 68 29.93 35.07 17.68
N LYS A 69 31.12 34.67 18.12
CA LYS A 69 32.35 34.84 17.35
C LYS A 69 32.90 33.48 16.93
N ASP A 70 33.81 33.51 15.95
CA ASP A 70 34.43 32.29 15.44
C ASP A 70 35.56 31.81 16.36
N LYS A 71 35.82 30.50 16.31
CA LYS A 71 36.93 29.88 17.02
C LYS A 71 37.60 28.87 16.12
N SER A 72 38.79 28.43 16.52
CA SER A 72 39.64 27.59 15.68
C SER A 72 39.50 26.09 15.97
N LEU A 73 38.61 25.70 16.86
CA LEU A 73 38.45 24.28 17.18
C LEU A 73 37.82 23.55 15.99
N PRO A 74 38.09 22.25 15.84
CA PRO A 74 37.54 21.50 14.70
C PRO A 74 36.02 21.47 14.69
N ASP A 75 35.46 21.60 13.48
CA ASP A 75 34.02 21.49 13.24
C ASP A 75 33.19 22.39 14.15
N TYR A 76 33.62 23.65 14.26
CA TYR A 76 32.93 24.61 15.11
C TYR A 76 31.71 25.17 14.40
N SER A 77 30.61 25.33 15.15
CA SER A 77 29.38 25.91 14.61
C SER A 77 28.65 26.70 15.67
N CYS A 78 28.06 27.83 15.27
CA CYS A 78 27.18 28.60 16.13
C CYS A 78 26.05 29.18 15.30
N LYS A 79 24.88 29.33 15.93
CA LYS A 79 23.71 29.93 15.31
C LYS A 79 22.84 30.56 16.39
N VAL A 80 22.01 31.52 15.96
CA VAL A 80 21.11 32.25 16.85
C VAL A 80 19.68 32.11 16.32
N PHE A 81 18.76 31.74 17.20
CA PHE A 81 17.35 31.57 16.86
C PHE A 81 16.51 32.62 17.58
N THR A 82 15.36 32.96 17.01
CA THR A 82 14.48 33.97 17.56
C THR A 82 13.10 33.37 17.83
N GLY A 83 12.38 34.01 18.76
CA GLY A 83 11.01 33.63 19.04
C GLY A 83 10.81 32.55 20.07
N VAL A 84 11.74 32.37 21.00
CA VAL A 84 11.67 31.29 21.98
C VAL A 84 10.88 31.75 23.20
N TYR A 85 10.27 30.78 23.89
CA TYR A 85 9.52 31.05 25.11
C TYR A 85 9.62 29.83 26.02
N PRO A 86 10.72 29.69 26.75
CA PRO A 86 10.96 28.47 27.52
C PRO A 86 10.09 28.37 28.76
N PHE A 87 9.95 27.13 29.24
CA PHE A 87 9.25 26.82 30.47
C PHE A 87 10.14 25.97 31.37
N MET A 88 9.92 26.10 32.69
CA MET A 88 10.54 25.26 33.70
C MET A 88 9.43 24.68 34.58
N TRP A 89 9.84 23.96 35.63
CA TRP A 89 8.86 23.29 36.48
C TRP A 89 8.06 24.27 37.32
N GLY A 90 8.56 25.48 37.53
CA GLY A 90 7.86 26.49 38.30
C GLY A 90 7.10 27.52 37.50
N GLY A 91 7.14 27.47 36.18
CA GLY A 91 6.54 28.48 35.33
C GLY A 91 7.53 28.97 34.31
N ALA A 92 7.18 30.09 33.67
CA ALA A 92 7.99 30.66 32.62
C ALA A 92 9.32 31.16 33.17
N TYR A 93 10.30 31.28 32.28
CA TYR A 93 11.64 31.67 32.71
C TYR A 93 11.78 33.19 32.84
N CYS A 94 11.52 33.92 31.76
CA CYS A 94 11.80 35.34 31.72
C CYS A 94 10.52 36.14 31.49
N PHE A 95 10.49 37.35 32.07
CA PHE A 95 9.27 38.16 32.04
C PHE A 95 8.85 38.48 30.62
N CYS A 96 9.80 38.89 29.79
CA CYS A 96 9.44 39.28 28.43
C CYS A 96 8.91 38.07 27.70
N ASP A 97 7.84 38.28 26.94
CA ASP A 97 7.19 37.21 26.20
C ASP A 97 7.52 37.20 24.72
N ALA A 98 8.37 38.11 24.27
CA ALA A 98 8.77 38.20 22.86
C ALA A 98 10.19 38.74 22.80
N GLU A 99 10.77 38.71 21.61
CA GLU A 99 12.12 39.20 21.33
C GLU A 99 13.17 38.45 22.16
N ASN A 100 12.95 37.15 22.38
CA ASN A 100 13.91 36.30 23.06
C ASN A 100 14.78 35.57 22.04
N THR A 101 15.99 35.22 22.45
CA THR A 101 16.95 34.57 21.56
C THR A 101 17.67 33.43 22.28
N GLN A 102 18.27 32.55 21.49
CA GLN A 102 19.02 31.41 21.99
C GLN A 102 20.33 31.25 21.23
N LEU A 103 21.37 30.80 21.93
CA LEU A 103 22.68 30.54 21.35
C LEU A 103 23.06 29.09 21.54
N SER A 104 23.54 28.43 20.48
CA SER A 104 23.97 27.04 20.53
C SER A 104 25.33 26.89 19.88
N GLU A 105 26.12 25.94 20.40
CA GLU A 105 27.45 25.69 19.86
C GLU A 105 27.88 24.27 20.18
N ALA A 106 28.80 23.75 19.36
CA ALA A 106 29.32 22.39 19.52
C ALA A 106 30.59 22.23 18.70
N HIS A 107 31.41 21.25 19.09
CA HIS A 107 32.60 20.89 18.33
C HIS A 107 32.97 19.44 18.64
N VAL A 108 34.01 18.95 17.96
CA VAL A 108 34.35 17.53 17.93
C VAL A 108 35.76 17.34 18.49
N GLU A 109 35.94 16.28 19.28
CA GLU A 109 37.22 15.98 19.92
C GLU A 109 37.51 14.48 19.77
N LYS A 110 38.64 14.05 20.30
CA LYS A 110 39.10 12.67 20.20
C LYS A 110 38.81 11.90 21.49
N SER A 111 38.30 10.68 21.34
CA SER A 111 37.81 9.91 22.48
C SER A 111 38.97 9.35 23.30
N GLU A 112 38.68 9.05 24.57
CA GLU A 112 39.69 8.52 25.47
C GLU A 112 40.00 7.05 25.19
N SER A 113 39.02 6.31 24.67
CA SER A 113 39.21 4.88 24.42
C SER A 113 40.17 4.58 23.29
N CYS A 114 40.73 5.58 22.62
CA CYS A 114 41.62 5.35 21.49
C CYS A 114 42.92 4.69 21.91
N LYS A 115 43.22 4.62 23.22
CA LYS A 115 44.41 3.94 23.70
C LYS A 115 44.27 2.43 23.71
N THR A 116 43.07 1.89 23.57
CA THR A 116 42.84 0.46 23.62
C THR A 116 42.21 -0.10 22.36
N GLU A 117 41.24 0.61 21.78
CA GLU A 117 40.56 0.18 20.56
C GLU A 117 41.00 1.09 19.42
N PHE A 118 41.84 0.55 18.53
CA PHE A 118 42.31 1.33 17.39
C PHE A 118 42.80 0.39 16.29
N ALA A 119 42.96 0.96 15.09
CA ALA A 119 43.50 0.27 13.94
C ALA A 119 44.56 1.16 13.28
N SER A 120 45.53 0.53 12.62
CA SER A 120 46.71 1.22 12.13
C SER A 120 46.96 0.90 10.66
N ALA A 121 47.56 1.86 9.97
CA ALA A 121 47.83 1.79 8.53
C ALA A 121 49.33 1.73 8.28
N TYR A 122 49.76 0.75 7.47
CA TYR A 122 51.18 0.46 7.30
C TYR A 122 51.57 0.46 5.82
N ARG A 123 52.88 0.57 5.59
CA ARG A 123 53.49 0.39 4.28
C ARG A 123 54.54 -0.72 4.35
N ALA A 124 54.58 -1.58 3.32
CA ALA A 124 55.37 -2.80 3.34
C ALA A 124 56.53 -2.72 2.36
N HIS A 125 57.61 -3.43 2.67
CA HIS A 125 58.83 -3.40 1.87
C HIS A 125 59.43 -4.80 1.80
N THR A 126 60.68 -4.87 1.31
CA THR A 126 61.40 -6.12 1.16
C THR A 126 61.55 -6.85 2.50
N ALA A 127 61.39 -8.18 2.46
CA ALA A 127 61.40 -9.02 3.64
C ALA A 127 62.67 -9.86 3.74
N SER A 128 63.00 -10.25 4.96
CA SER A 128 64.11 -11.16 5.25
C SER A 128 63.58 -12.59 5.45
N ALA A 129 64.51 -13.52 5.66
CA ALA A 129 64.14 -14.93 5.75
C ALA A 129 65.05 -15.66 6.73
N SER A 130 64.49 -16.69 7.37
CA SER A 130 65.23 -17.52 8.31
C SER A 130 64.68 -18.94 8.23
N ALA A 131 65.48 -19.90 8.71
CA ALA A 131 65.11 -21.31 8.59
C ALA A 131 65.70 -22.12 9.73
N LYS A 132 65.06 -23.26 10.00
CA LYS A 132 65.48 -24.20 11.03
C LYS A 132 65.58 -25.59 10.40
N LEU A 133 66.67 -26.31 10.70
CA LEU A 133 67.02 -27.51 9.98
C LEU A 133 67.41 -28.63 10.95
N ARG A 134 67.11 -29.87 10.55
CA ARG A 134 67.58 -31.06 11.25
C ARG A 134 68.46 -31.89 10.34
N VAL A 135 69.56 -32.42 10.88
CA VAL A 135 70.54 -33.18 10.12
C VAL A 135 70.90 -34.44 10.90
N LEU A 136 71.00 -35.56 10.19
CA LEU A 136 71.46 -36.83 10.77
C LEU A 136 72.92 -37.01 10.35
N TYR A 137 73.82 -36.94 11.33
CA TYR A 137 75.26 -36.91 11.07
C TYR A 137 75.94 -37.92 11.98
N GLN A 138 76.52 -38.96 11.37
CA GLN A 138 77.25 -40.00 12.09
C GLN A 138 76.39 -40.67 13.16
N GLY A 139 75.13 -40.89 12.84
CA GLY A 139 74.25 -41.62 13.75
C GLY A 139 73.64 -40.81 14.86
N ASN A 140 73.66 -39.48 14.77
CA ASN A 140 73.10 -38.63 15.80
C ASN A 140 72.24 -37.54 15.16
N ASN A 141 71.24 -37.07 15.91
CA ASN A 141 70.40 -35.96 15.51
C ASN A 141 70.94 -34.67 16.09
N ILE A 142 71.11 -33.65 15.24
CA ILE A 142 71.52 -32.32 15.67
C ILE A 142 70.63 -31.29 14.98
N THR A 143 70.55 -30.11 15.56
CA THR A 143 69.70 -29.04 15.06
C THR A 143 70.51 -27.77 14.84
N VAL A 144 70.17 -27.04 13.77
CA VAL A 144 70.85 -25.80 13.41
C VAL A 144 69.81 -24.72 13.15
N ALA A 145 70.25 -23.47 13.28
CA ALA A 145 69.39 -22.31 13.05
C ALA A 145 70.23 -21.19 12.44
N ALA A 146 69.76 -20.63 11.33
CA ALA A 146 70.59 -19.70 10.56
C ALA A 146 69.70 -18.85 9.66
N TYR A 147 70.29 -17.77 9.14
CA TYR A 147 69.62 -16.87 8.22
C TYR A 147 69.67 -17.42 6.80
N ALA A 148 68.63 -17.13 6.03
CA ALA A 148 68.51 -17.64 4.66
C ALA A 148 69.21 -16.70 3.68
N ASN A 149 70.51 -16.53 3.89
CA ASN A 149 71.39 -15.84 2.95
C ASN A 149 72.81 -16.28 3.24
N GLY A 150 73.75 -15.81 2.44
CA GLY A 150 75.12 -16.25 2.54
C GLY A 150 75.95 -15.58 3.60
N ASP A 151 75.33 -14.84 4.53
CA ASP A 151 76.05 -14.06 5.51
C ASP A 151 76.00 -14.67 6.91
N HIS A 152 75.75 -15.97 7.02
CA HIS A 152 75.77 -16.62 8.32
C HIS A 152 76.29 -18.04 8.18
N ALA A 153 77.07 -18.48 9.15
CA ALA A 153 77.62 -19.83 9.17
C ALA A 153 77.55 -20.39 10.59
N VAL A 154 77.17 -21.66 10.71
CA VAL A 154 76.95 -22.32 11.99
C VAL A 154 77.83 -23.55 12.06
N THR A 155 78.50 -23.75 13.19
CA THR A 155 79.44 -24.85 13.37
C THR A 155 78.88 -25.82 14.41
N VAL A 156 78.63 -27.05 13.99
CA VAL A 156 78.19 -28.12 14.88
C VAL A 156 79.03 -29.36 14.57
N LYS A 157 79.68 -29.89 15.59
CA LYS A 157 80.56 -31.07 15.46
C LYS A 157 81.62 -30.86 14.38
N ASP A 158 82.26 -29.70 14.42
CA ASP A 158 83.39 -29.37 13.54
C ASP A 158 82.99 -29.32 12.06
N ALA A 159 81.75 -28.94 11.77
CA ALA A 159 81.30 -28.76 10.39
C ALA A 159 80.58 -27.44 10.25
N LYS A 160 80.80 -26.77 9.13
CA LYS A 160 80.20 -25.47 8.85
C LYS A 160 79.06 -25.63 7.86
N PHE A 161 77.97 -24.88 8.07
CA PHE A 161 76.80 -24.90 7.20
C PHE A 161 76.45 -23.48 6.77
N VAL A 162 76.12 -23.32 5.49
CA VAL A 162 75.63 -22.06 4.95
C VAL A 162 74.37 -22.35 4.13
N VAL A 163 73.30 -21.60 4.38
CA VAL A 163 72.02 -21.82 3.72
C VAL A 163 71.60 -20.55 3.00
N GLY A 164 70.86 -20.72 1.90
CA GLY A 164 70.33 -19.62 1.15
C GLY A 164 71.22 -19.22 -0.02
N PRO A 165 70.80 -18.21 -0.81
CA PRO A 165 69.54 -17.46 -0.73
C PRO A 165 68.38 -18.15 -1.43
N MET A 166 67.14 -17.71 -1.19
CA MET A 166 65.98 -18.36 -1.78
C MET A 166 65.88 -18.05 -3.27
N SER A 167 65.26 -18.97 -4.00
CA SER A 167 65.17 -18.88 -5.45
C SER A 167 63.99 -18.06 -5.94
N SER A 168 63.06 -17.67 -5.07
CA SER A 168 61.89 -16.93 -5.48
C SER A 168 61.64 -15.76 -4.53
N ALA A 169 61.06 -14.69 -5.07
CA ALA A 169 60.81 -13.45 -4.32
C ALA A 169 59.32 -13.21 -4.07
N TRP A 170 58.50 -14.25 -4.20
CA TRP A 170 57.05 -14.09 -4.02
C TRP A 170 56.73 -13.86 -2.55
N THR A 171 55.86 -12.88 -2.29
CA THR A 171 55.41 -12.55 -0.94
C THR A 171 53.90 -12.34 -0.94
N PRO A 172 53.21 -12.75 0.13
CA PRO A 172 51.74 -12.65 0.14
C PRO A 172 51.20 -11.28 0.50
N PHE A 173 52.04 -10.33 0.90
CA PHE A 173 51.58 -8.99 1.27
C PHE A 173 51.66 -8.04 0.09
N ASP A 174 50.69 -7.13 0.01
CA ASP A 174 50.72 -6.05 -0.95
C ASP A 174 51.44 -4.84 -0.36
N ASN A 175 51.34 -3.69 -1.03
CA ASN A 175 52.04 -2.50 -0.55
C ASN A 175 51.37 -1.88 0.66
N LYS A 176 50.04 -1.98 0.75
CA LYS A 176 49.29 -1.33 1.82
C LYS A 176 48.49 -2.35 2.60
N ILE A 177 48.68 -2.37 3.93
CA ILE A 177 48.03 -3.33 4.80
C ILE A 177 47.44 -2.61 6.01
N VAL A 178 46.49 -3.29 6.67
CA VAL A 178 45.83 -2.80 7.87
C VAL A 178 45.84 -3.91 8.92
N VAL A 179 46.14 -3.57 10.16
CA VAL A 179 46.36 -4.53 11.24
C VAL A 179 45.39 -4.23 12.38
N TYR A 180 44.73 -5.26 12.89
CA TYR A 180 43.79 -5.10 14.01
C TYR A 180 43.74 -6.39 14.83
N LYS A 181 44.44 -6.39 15.97
CA LYS A 181 44.31 -7.44 16.99
C LYS A 181 44.43 -8.85 16.42
N GLY A 182 45.51 -9.11 15.69
CA GLY A 182 45.79 -10.44 15.21
C GLY A 182 45.33 -10.72 13.79
N ASP A 183 44.60 -9.80 13.17
CA ASP A 183 44.13 -9.97 11.80
C ASP A 183 44.84 -8.98 10.88
N VAL A 184 45.12 -9.42 9.66
CA VAL A 184 45.76 -8.60 8.64
C VAL A 184 44.87 -8.59 7.40
N TYR A 185 44.61 -7.38 6.87
CA TYR A 185 43.81 -7.21 5.67
C TYR A 185 44.57 -6.37 4.65
N ASN A 186 44.25 -6.56 3.39
CA ASN A 186 44.77 -5.73 2.29
C ASN A 186 43.71 -4.70 1.92
N MET A 187 44.06 -3.42 2.05
CA MET A 187 43.11 -2.34 1.83
C MET A 187 43.84 -1.11 1.33
N ASP A 188 43.26 -0.45 0.31
CA ASP A 188 43.83 0.75 -0.28
C ASP A 188 43.21 1.97 0.40
N TYR A 189 43.77 2.31 1.56
CA TYR A 189 43.20 3.36 2.39
C TYR A 189 43.38 4.74 1.76
N PRO A 190 42.51 5.70 2.10
CA PRO A 190 42.68 7.05 1.59
C PRO A 190 43.86 7.75 2.24
N PRO A 191 44.50 8.69 1.56
CA PRO A 191 45.66 9.38 2.12
C PRO A 191 45.27 10.43 3.16
N PHE A 192 46.29 10.94 3.84
CA PHE A 192 46.08 11.92 4.91
C PHE A 192 45.48 13.21 4.36
N GLY A 193 44.39 13.66 4.98
CA GLY A 193 43.74 14.90 4.60
C GLY A 193 42.66 14.76 3.55
N ALA A 194 42.25 13.54 3.22
CA ALA A 194 41.26 13.28 2.19
C ALA A 194 40.23 12.27 2.66
N GLY A 195 39.70 12.47 3.87
CA GLY A 195 38.74 11.53 4.41
C GLY A 195 37.34 11.78 3.90
N ARG A 196 36.42 10.92 4.33
CA ARG A 196 35.05 10.94 3.80
C ARG A 196 34.06 10.92 4.96
N PRO A 197 32.86 11.48 4.76
CA PRO A 197 31.95 11.68 5.90
C PRO A 197 31.52 10.41 6.63
N GLY A 198 31.31 9.30 5.92
CA GLY A 198 30.73 8.15 6.58
C GLY A 198 31.42 6.83 6.32
N GLN A 199 32.68 6.87 5.93
CA GLN A 199 33.46 5.69 5.60
C GLN A 199 34.73 5.64 6.45
N PHE A 200 35.57 4.64 6.16
CA PHE A 200 36.83 4.47 6.88
C PHE A 200 37.74 5.67 6.69
N GLY A 201 38.20 6.23 7.79
CA GLY A 201 39.14 7.34 7.75
C GLY A 201 38.55 8.72 7.95
N ASP A 202 37.34 8.83 8.52
CA ASP A 202 36.77 10.15 8.75
C ASP A 202 37.52 10.93 9.82
N ILE A 203 38.18 10.23 10.75
CA ILE A 203 39.01 10.86 11.76
C ILE A 203 40.38 10.21 11.72
N GLN A 204 41.43 11.03 11.65
CA GLN A 204 42.79 10.56 11.43
C GLN A 204 43.73 11.24 12.41
N SER A 205 44.74 10.50 12.88
CA SER A 205 45.73 11.02 13.80
C SER A 205 47.07 10.34 13.55
N ARG A 206 48.15 11.11 13.66
CA ARG A 206 49.47 10.59 13.29
C ARG A 206 50.05 9.65 14.32
N THR A 207 49.74 9.85 15.60
CA THR A 207 50.26 8.98 16.66
C THR A 207 49.38 9.15 17.88
N PRO A 208 49.27 8.13 18.73
CA PRO A 208 48.40 8.24 19.92
C PRO A 208 48.78 9.38 20.86
N GLU A 209 49.99 9.91 20.77
CA GLU A 209 50.43 11.00 21.63
C GLU A 209 50.17 12.38 21.05
N SER A 210 49.67 12.46 19.82
CA SER A 210 49.51 13.75 19.16
C SER A 210 48.30 14.51 19.70
N LYS A 211 48.35 15.83 19.51
CA LYS A 211 47.25 16.72 19.87
C LYS A 211 46.48 17.23 18.66
N ASP A 212 47.05 17.15 17.46
CA ASP A 212 46.39 17.59 16.25
C ASP A 212 45.53 16.45 15.70
N VAL A 213 44.27 16.76 15.39
CA VAL A 213 43.32 15.78 14.88
C VAL A 213 42.60 16.37 13.68
N TYR A 214 42.39 15.55 12.65
CA TYR A 214 41.63 15.92 11.47
C TYR A 214 40.27 15.23 11.51
N ALA A 215 39.23 15.96 11.14
CA ALA A 215 37.86 15.44 11.23
C ALA A 215 37.02 16.01 10.11
N ASN A 216 36.19 15.16 9.50
CA ASN A 216 35.34 15.54 8.38
C ASN A 216 33.94 14.95 8.54
N THR A 217 33.38 15.05 9.73
CA THR A 217 31.98 14.69 9.93
C THR A 217 31.07 15.88 9.62
N GLN A 218 29.81 15.58 9.33
CA GLN A 218 28.82 16.61 9.07
C GLN A 218 28.11 16.99 10.37
N LEU A 219 27.90 18.29 10.56
CA LEU A 219 27.29 18.77 11.80
C LEU A 219 26.44 19.99 11.47
N VAL A 220 25.13 19.86 11.62
CA VAL A 220 24.18 20.93 11.36
C VAL A 220 23.27 21.07 12.56
N LEU A 221 23.08 22.31 13.04
CA LEU A 221 22.23 22.58 14.19
C LEU A 221 20.79 22.78 13.75
N GLN A 222 19.86 22.41 14.62
CA GLN A 222 18.44 22.41 14.32
C GLN A 222 17.67 23.22 15.35
N ARG A 223 16.46 23.63 14.97
CA ARG A 223 15.66 24.52 15.80
C ARG A 223 15.11 23.77 17.02
N PRO A 224 15.13 24.38 18.20
CA PRO A 224 14.55 23.72 19.38
C PRO A 224 13.04 23.68 19.32
N ALA A 225 12.47 22.69 20.02
CA ALA A 225 11.03 22.52 20.09
C ALA A 225 10.43 23.54 21.05
N ALA A 226 9.15 23.85 20.83
CA ALA A 226 8.47 24.84 21.65
C ALA A 226 8.31 24.36 23.08
N GLY A 227 8.72 25.19 24.04
CA GLY A 227 8.56 24.90 25.44
C GLY A 227 9.63 24.04 26.08
N THR A 228 10.68 23.66 25.35
CA THR A 228 11.74 22.82 25.87
C THR A 228 13.08 23.50 25.67
N VAL A 229 13.97 23.33 26.64
CA VAL A 229 15.34 23.82 26.56
C VAL A 229 16.25 22.64 26.22
N HIS A 230 16.73 22.57 24.99
CA HIS A 230 17.61 21.50 24.56
C HIS A 230 18.31 21.91 23.28
N VAL A 231 19.28 21.10 22.87
CA VAL A 231 20.12 21.39 21.71
C VAL A 231 20.13 20.21 20.74
N PRO A 232 19.18 20.11 19.82
CA PRO A 232 19.18 19.01 18.85
C PRO A 232 20.19 19.26 17.74
N TYR A 233 20.59 18.18 17.08
CA TYR A 233 21.57 18.25 16.00
C TYR A 233 21.46 17.03 15.11
N SER A 234 22.13 17.10 13.96
CA SER A 234 22.20 16.02 12.99
C SER A 234 23.64 15.77 12.61
N GLN A 235 24.05 14.50 12.61
CA GLN A 235 25.45 14.15 12.41
C GLN A 235 25.56 12.74 11.84
N ALA A 236 26.56 12.55 10.98
CA ALA A 236 26.79 11.23 10.40
C ALA A 236 27.41 10.29 11.44
N PRO A 237 27.03 9.01 11.42
CA PRO A 237 27.56 8.07 12.40
C PRO A 237 28.98 7.64 12.08
N SER A 238 29.62 7.04 13.07
CA SER A 238 31.05 6.70 12.99
C SER A 238 31.29 5.63 11.93
N GLY A 239 32.36 5.82 11.15
CA GLY A 239 32.69 4.85 10.12
C GLY A 239 33.47 3.66 10.62
N PHE A 240 34.22 3.84 11.71
CA PHE A 240 34.99 2.73 12.29
C PHE A 240 34.08 1.64 12.81
N LYS A 241 32.97 2.02 13.46
CA LYS A 241 32.03 1.03 13.97
C LYS A 241 31.41 0.20 12.85
N TYR A 242 31.09 0.83 11.72
CA TYR A 242 30.51 0.10 10.60
C TYR A 242 31.49 -0.92 10.03
N TRP A 243 32.76 -0.55 9.95
CA TRP A 243 33.76 -1.43 9.35
C TRP A 243 33.91 -2.73 10.13
N LEU A 244 33.81 -2.67 11.46
CA LEU A 244 33.95 -3.87 12.28
C LEU A 244 32.89 -4.91 11.96
N LYS A 245 31.72 -4.49 11.48
CA LYS A 245 30.64 -5.42 11.20
C LYS A 245 30.62 -5.93 9.77
N GLU A 246 31.46 -5.40 8.88
CA GLU A 246 31.41 -5.76 7.47
C GLU A 246 32.78 -6.08 6.87
N ARG A 247 33.78 -6.40 7.70
CA ARG A 247 35.14 -6.45 7.20
C ARG A 247 35.46 -7.72 6.43
N GLY A 248 34.73 -8.81 6.64
CA GLY A 248 35.00 -10.03 5.89
C GLY A 248 36.16 -10.83 6.43
N ALA A 249 36.58 -11.80 5.62
CA ALA A 249 37.61 -12.75 6.01
C ALA A 249 39.01 -12.16 5.85
N SER A 250 39.92 -12.60 6.71
CA SER A 250 41.29 -12.11 6.73
C SER A 250 42.19 -13.01 5.87
N LEU A 251 43.46 -12.60 5.75
CA LEU A 251 44.40 -13.32 4.90
C LEU A 251 44.67 -14.74 5.38
N GLN A 252 44.45 -15.04 6.67
CA GLN A 252 44.73 -16.37 7.18
C GLN A 252 43.85 -17.44 6.53
N HIS A 253 42.70 -17.05 5.99
CA HIS A 253 41.77 -17.99 5.39
C HIS A 253 41.69 -17.89 3.87
N THR A 254 42.29 -16.86 3.27
CA THR A 254 42.23 -16.66 1.83
C THR A 254 43.57 -16.74 1.13
N ALA A 255 44.69 -16.78 1.86
CA ALA A 255 45.99 -16.73 1.23
C ALA A 255 46.27 -17.99 0.43
N PRO A 256 47.04 -17.89 -0.65
CA PRO A 256 47.38 -19.07 -1.44
C PRO A 256 48.61 -19.80 -0.87
N PHE A 257 48.89 -20.95 -1.47
CA PHE A 257 50.06 -21.79 -1.19
C PHE A 257 50.09 -22.32 0.25
N GLY A 258 49.01 -22.17 1.00
CA GLY A 258 48.98 -22.71 2.35
C GLY A 258 49.74 -21.92 3.40
N CYS A 259 49.91 -20.62 3.19
CA CYS A 259 50.62 -19.79 4.15
C CYS A 259 49.79 -19.57 5.42
N GLN A 260 50.49 -19.28 6.51
CA GLN A 260 49.86 -18.90 7.77
C GLN A 260 50.45 -17.57 8.24
N ILE A 261 49.65 -16.82 9.00
CA ILE A 261 49.96 -15.43 9.33
C ILE A 261 49.99 -15.25 10.85
N ALA A 262 50.96 -14.46 11.32
CA ALA A 262 51.04 -14.04 12.70
C ALA A 262 51.40 -12.55 12.70
N THR A 263 51.06 -11.87 13.80
CA THR A 263 50.99 -10.41 13.76
C THR A 263 51.91 -9.65 14.71
N ASN A 264 52.57 -10.32 15.66
CA ASN A 264 53.41 -9.64 16.65
C ASN A 264 54.78 -10.28 16.71
N PRO A 265 55.70 -9.89 15.81
CA PRO A 265 55.53 -8.99 14.65
C PRO A 265 54.89 -9.67 13.46
N VAL A 266 54.60 -8.93 12.39
CA VAL A 266 53.92 -9.51 11.24
C VAL A 266 54.84 -10.50 10.55
N ARG A 267 54.36 -11.72 10.34
CA ARG A 267 55.14 -12.79 9.75
C ARG A 267 54.27 -13.63 8.84
N ALA A 268 54.91 -14.42 7.97
CA ALA A 268 54.24 -15.44 7.18
C ALA A 268 55.08 -16.71 7.25
N VAL A 269 54.43 -17.85 7.47
CA VAL A 269 55.13 -19.10 7.71
C VAL A 269 54.64 -20.16 6.74
N ASN A 270 55.56 -21.06 6.37
CA ASN A 270 55.25 -22.29 5.64
C ASN A 270 54.57 -22.03 4.30
N CYS A 271 55.17 -21.18 3.48
CA CYS A 271 54.77 -21.03 2.09
C CYS A 271 55.67 -21.90 1.22
N ALA A 272 55.05 -22.78 0.41
CA ALA A 272 55.78 -23.76 -0.39
C ALA A 272 56.04 -23.24 -1.79
N VAL A 273 57.13 -22.50 -1.96
CA VAL A 273 57.57 -22.00 -3.27
C VAL A 273 59.08 -22.15 -3.37
N GLY A 274 59.56 -22.58 -4.54
CA GLY A 274 60.98 -22.50 -4.84
C GLY A 274 61.81 -23.61 -4.22
N ASN A 275 63.12 -23.38 -4.16
CA ASN A 275 64.05 -24.33 -3.57
C ASN A 275 65.23 -23.59 -2.96
N ILE A 276 66.03 -24.32 -2.18
CA ILE A 276 67.04 -23.74 -1.31
C ILE A 276 68.37 -24.48 -1.51
N PRO A 277 69.44 -23.81 -1.89
CA PRO A 277 70.76 -24.45 -1.93
C PRO A 277 71.45 -24.47 -0.58
N ILE A 278 72.31 -25.46 -0.38
CA ILE A 278 73.02 -25.69 0.88
C ILE A 278 74.46 -26.07 0.56
N SER A 279 75.40 -25.62 1.39
CA SER A 279 76.81 -25.94 1.24
C SER A 279 77.39 -26.43 2.56
N ILE A 280 78.27 -27.43 2.49
CA ILE A 280 78.83 -28.11 3.65
C ILE A 280 80.34 -28.16 3.52
N ASP A 281 81.04 -28.04 4.64
CA ASP A 281 82.50 -28.15 4.68
C ASP A 281 82.89 -29.12 5.79
N ILE A 282 83.64 -30.15 5.45
CA ILE A 282 83.97 -31.25 6.35
C ILE A 282 85.49 -31.33 6.55
N PRO A 283 85.98 -31.52 7.77
CA PRO A 283 87.43 -31.64 7.97
C PRO A 283 87.95 -32.98 7.49
N ASP A 284 89.28 -33.05 7.38
CA ASP A 284 89.94 -34.25 6.85
C ASP A 284 89.93 -35.41 7.84
N ALA A 285 89.92 -35.13 9.15
CA ALA A 285 90.06 -36.18 10.15
C ALA A 285 88.86 -37.11 10.24
N ALA A 286 87.75 -36.80 9.58
CA ALA A 286 86.55 -37.62 9.63
C ALA A 286 86.52 -38.75 8.61
N PHE A 287 87.54 -38.85 7.75
CA PHE A 287 87.54 -39.81 6.66
C PHE A 287 88.38 -41.03 7.00
N THR A 288 87.95 -42.19 6.46
CA THR A 288 88.56 -43.48 6.75
C THR A 288 89.07 -44.10 5.46
N ARG A 289 90.30 -44.64 5.51
CA ARG A 289 90.93 -45.19 4.33
C ARG A 289 90.27 -46.50 3.91
N VAL A 290 90.28 -46.76 2.61
CA VAL A 290 89.55 -47.91 2.07
C VAL A 290 90.22 -49.23 2.47
N VAL A 291 91.50 -49.19 2.84
CA VAL A 291 92.18 -50.40 3.29
C VAL A 291 91.66 -50.86 4.65
N ASP A 292 91.06 -49.96 5.44
CA ASP A 292 90.55 -50.31 6.75
C ASP A 292 89.07 -50.65 6.79
N ALA A 293 88.29 -50.19 5.81
CA ALA A 293 86.86 -50.45 5.81
C ALA A 293 86.56 -51.86 5.33
N PRO A 294 85.43 -52.44 5.74
CA PRO A 294 85.03 -53.75 5.21
C PRO A 294 84.62 -53.66 3.75
N SER A 295 84.63 -54.82 3.10
CA SER A 295 84.27 -54.91 1.68
C SER A 295 83.31 -56.07 1.46
N VAL A 296 82.48 -55.93 0.43
CA VAL A 296 81.51 -56.95 0.03
C VAL A 296 81.72 -57.27 -1.44
N THR A 297 81.77 -58.56 -1.78
CA THR A 297 82.32 -59.00 -3.06
C THR A 297 81.32 -59.67 -3.99
N ASP A 298 80.38 -60.45 -3.46
CA ASP A 298 79.44 -61.20 -4.29
C ASP A 298 78.02 -60.86 -3.86
N MET A 299 77.17 -60.52 -4.83
CA MET A 299 75.84 -59.99 -4.53
C MET A 299 74.83 -60.50 -5.54
N SER A 300 73.57 -60.52 -5.11
CA SER A 300 72.43 -60.84 -5.98
C SER A 300 71.18 -60.22 -5.36
N CYS A 301 70.17 -60.02 -6.19
CA CYS A 301 68.97 -59.29 -5.81
C CYS A 301 67.71 -60.07 -6.18
N GLU A 302 66.71 -60.02 -5.30
CA GLU A 302 65.40 -60.56 -5.59
C GLU A 302 64.35 -59.78 -4.82
N VAL A 303 63.24 -59.48 -5.48
CA VAL A 303 62.19 -58.61 -4.94
C VAL A 303 60.85 -59.34 -4.98
N PRO A 304 60.36 -59.82 -3.84
CA PRO A 304 59.12 -60.61 -3.84
C PRO A 304 57.82 -59.81 -3.90
N ALA A 305 57.82 -58.50 -3.64
CA ALA A 305 56.55 -57.78 -3.61
C ALA A 305 56.76 -56.31 -3.94
N CYS A 306 55.74 -55.71 -4.58
CA CYS A 306 55.77 -54.29 -4.93
C CYS A 306 54.36 -53.76 -5.08
N THR A 307 54.07 -52.64 -4.42
CA THR A 307 52.83 -51.90 -4.61
C THR A 307 53.17 -50.42 -4.66
N HIS A 308 52.78 -49.74 -5.74
CA HIS A 308 53.17 -48.34 -5.93
C HIS A 308 52.13 -47.40 -5.33
N SER A 309 52.11 -47.37 -4.01
CA SER A 309 51.31 -46.44 -3.24
C SER A 309 52.19 -45.29 -2.73
N SER A 310 51.57 -44.37 -1.99
CA SER A 310 52.28 -43.19 -1.50
C SER A 310 53.20 -43.48 -0.32
N ASP A 311 53.07 -44.64 0.32
CA ASP A 311 53.95 -45.03 1.40
C ASP A 311 54.97 -46.06 0.91
N PHE A 312 55.78 -46.56 1.84
CA PHE A 312 56.86 -47.48 1.53
C PHE A 312 56.28 -48.88 1.33
N GLY A 313 56.00 -49.21 0.07
CA GLY A 313 55.30 -50.44 -0.26
C GLY A 313 56.09 -51.56 -0.91
N GLY A 314 57.42 -51.56 -0.81
CA GLY A 314 58.22 -52.59 -1.41
C GLY A 314 59.24 -53.15 -0.44
N VAL A 315 59.65 -54.40 -0.70
CA VAL A 315 60.65 -55.09 0.10
C VAL A 315 61.61 -55.83 -0.82
N ALA A 316 62.90 -55.83 -0.48
CA ALA A 316 63.94 -56.44 -1.29
C ALA A 316 64.93 -57.20 -0.42
N ILE A 317 65.49 -58.28 -0.98
CA ILE A 317 66.43 -59.14 -0.28
C ILE A 317 67.71 -59.25 -1.10
N ILE A 318 68.86 -59.07 -0.45
CA ILE A 318 70.16 -59.02 -1.12
C ILE A 318 71.11 -59.99 -0.43
N LYS A 319 71.85 -60.77 -1.22
CA LYS A 319 72.86 -61.68 -0.70
C LYS A 319 74.23 -61.03 -0.73
N TYR A 320 75.08 -61.39 0.24
CA TYR A 320 76.40 -60.78 0.32
C TYR A 320 77.36 -61.68 1.09
N THR A 321 78.66 -61.46 0.88
CA THR A 321 79.72 -62.02 1.71
C THR A 321 80.69 -60.91 2.10
N ALA A 322 80.96 -60.79 3.39
CA ALA A 322 81.67 -59.65 3.94
C ALA A 322 83.02 -60.07 4.51
N SER A 323 83.99 -59.14 4.43
CA SER A 323 85.36 -59.44 4.84
C SER A 323 85.53 -59.41 6.36
N LYS A 324 84.85 -58.49 7.04
CA LYS A 324 84.94 -58.40 8.50
C LYS A 324 83.80 -57.54 9.01
N LYS A 325 83.68 -57.47 10.33
CA LYS A 325 82.58 -56.78 10.98
C LYS A 325 82.70 -55.28 10.80
N GLY A 326 81.57 -54.63 10.52
CA GLY A 326 81.57 -53.19 10.32
C GLY A 326 80.22 -52.71 9.81
N LYS A 327 80.23 -51.49 9.26
CA LYS A 327 79.04 -50.82 8.76
C LYS A 327 79.23 -50.41 7.30
N CYS A 328 78.11 -50.21 6.61
CA CYS A 328 78.09 -49.80 5.21
C CYS A 328 76.95 -48.82 4.96
N ALA A 329 77.15 -47.96 3.97
CA ALA A 329 76.16 -46.98 3.54
C ALA A 329 75.36 -47.52 2.35
N VAL A 330 74.10 -47.10 2.25
CA VAL A 330 73.18 -47.56 1.22
C VAL A 330 72.61 -46.35 0.50
N HIS A 331 72.62 -46.39 -0.83
CA HIS A 331 72.18 -45.26 -1.64
C HIS A 331 71.73 -45.74 -3.01
N SER A 332 70.68 -45.11 -3.53
CA SER A 332 70.13 -45.42 -4.84
C SER A 332 70.77 -44.56 -5.93
N MET A 333 70.88 -45.14 -7.12
CA MET A 333 71.48 -44.47 -8.27
C MET A 333 70.46 -43.95 -9.27
N THR A 334 69.18 -43.95 -8.92
CA THR A 334 68.13 -43.45 -9.78
C THR A 334 67.22 -42.53 -8.98
N ASN A 335 66.47 -41.69 -9.69
CA ASN A 335 65.69 -40.64 -9.05
C ASN A 335 64.27 -41.06 -8.74
N ALA A 336 63.74 -42.09 -9.40
CA ALA A 336 62.36 -42.49 -9.24
C ALA A 336 62.13 -43.43 -8.06
N VAL A 337 63.18 -43.89 -7.40
CA VAL A 337 63.06 -44.84 -6.30
C VAL A 337 63.82 -44.28 -5.10
N THR A 338 63.14 -44.20 -3.96
CA THR A 338 63.72 -43.70 -2.72
C THR A 338 63.75 -44.79 -1.66
N ILE A 339 64.88 -44.89 -0.96
CA ILE A 339 65.10 -45.92 0.04
C ILE A 339 65.16 -45.25 1.41
N ARG A 340 64.46 -45.85 2.39
CA ARG A 340 64.41 -45.23 3.71
C ARG A 340 65.71 -45.44 4.47
N GLU A 341 66.30 -46.63 4.38
CA GLU A 341 67.46 -46.94 5.22
C GLU A 341 68.67 -46.11 4.81
N ALA A 342 69.48 -45.73 5.79
CA ALA A 342 70.71 -44.99 5.57
C ALA A 342 71.97 -45.85 5.72
N ASP A 343 72.00 -46.79 6.66
CA ASP A 343 73.17 -47.62 6.86
C ASP A 343 72.74 -48.98 7.41
N VAL A 344 73.64 -49.96 7.28
CA VAL A 344 73.38 -51.34 7.67
C VAL A 344 74.62 -51.92 8.34
N GLU A 345 74.42 -53.04 9.03
CA GLU A 345 75.48 -53.78 9.70
C GLU A 345 75.68 -55.12 9.00
N VAL A 346 76.93 -55.48 8.76
CA VAL A 346 77.27 -56.63 7.91
C VAL A 346 78.26 -57.53 8.64
N GLU A 347 78.11 -58.85 8.45
CA GLU A 347 79.00 -59.83 9.06
C GLU A 347 78.76 -61.20 8.43
N GLY A 348 79.85 -61.91 8.12
CA GLY A 348 79.75 -63.30 7.70
C GLY A 348 79.09 -63.49 6.35
N ASN A 349 78.20 -64.50 6.29
CA ASN A 349 77.50 -64.88 5.07
C ASN A 349 76.01 -64.89 5.37
N SER A 350 75.29 -63.89 4.89
CA SER A 350 73.88 -63.70 5.26
C SER A 350 73.21 -62.84 4.20
N GLN A 351 72.02 -62.34 4.53
CA GLN A 351 71.22 -61.52 3.62
C GLN A 351 70.59 -60.38 4.41
N LEU A 352 70.27 -59.29 3.71
CA LEU A 352 69.75 -58.08 4.33
C LEU A 352 68.47 -57.64 3.61
N GLN A 353 67.67 -56.84 4.32
CA GLN A 353 66.37 -56.38 3.85
C GLN A 353 66.30 -54.87 3.84
N ILE A 354 65.73 -54.30 2.78
CA ILE A 354 65.51 -52.86 2.64
C ILE A 354 64.11 -52.63 2.07
N SER A 355 63.63 -51.39 2.20
CA SER A 355 62.30 -51.02 1.74
C SER A 355 62.36 -49.75 0.91
N PHE A 356 61.41 -49.61 -0.02
CA PHE A 356 61.43 -48.49 -0.95
C PHE A 356 60.00 -48.19 -1.43
N SER A 357 59.84 -47.04 -2.06
CA SER A 357 58.59 -46.61 -2.67
C SER A 357 58.85 -46.07 -4.06
N THR A 358 57.84 -46.17 -4.92
CA THR A 358 57.98 -45.72 -6.31
C THR A 358 56.59 -45.53 -6.92
N ALA A 359 56.56 -44.81 -8.04
CA ALA A 359 55.34 -44.59 -8.80
C ALA A 359 55.33 -45.30 -10.15
N LEU A 360 56.42 -45.98 -10.52
CA LEU A 360 56.51 -46.63 -11.81
C LEU A 360 55.69 -47.91 -11.87
N ALA A 361 55.21 -48.24 -13.07
CA ALA A 361 54.52 -49.50 -13.29
C ALA A 361 55.51 -50.67 -13.41
N SER A 362 56.72 -50.41 -13.88
CA SER A 362 57.76 -51.43 -14.01
C SER A 362 59.06 -50.86 -13.48
N ALA A 363 59.65 -51.53 -12.49
CA ALA A 363 60.74 -50.98 -11.71
C ALA A 363 62.07 -51.56 -12.16
N GLU A 364 63.04 -50.69 -12.43
CA GLU A 364 64.42 -51.08 -12.68
C GLU A 364 65.34 -50.05 -12.02
N PHE A 365 66.34 -50.52 -11.28
CA PHE A 365 67.22 -49.59 -10.57
C PHE A 365 68.48 -50.31 -10.13
N ARG A 366 69.44 -49.53 -9.63
CA ARG A 366 70.70 -50.01 -9.08
C ARG A 366 70.86 -49.56 -7.64
N VAL A 367 71.53 -50.40 -6.84
CA VAL A 367 71.75 -50.14 -5.42
C VAL A 367 73.22 -50.33 -5.11
N GLN A 368 73.79 -49.41 -4.32
CA GLN A 368 75.20 -49.43 -3.97
C GLN A 368 75.38 -49.67 -2.48
N VAL A 369 76.20 -50.65 -2.13
CA VAL A 369 76.52 -50.98 -0.74
C VAL A 369 78.04 -51.10 -0.64
N CYS A 370 78.68 -50.13 0.02
CA CYS A 370 80.14 -50.12 0.20
C CYS A 370 80.89 -50.27 -1.14
N SER A 371 80.48 -49.46 -2.12
CA SER A 371 81.19 -49.30 -3.39
C SER A 371 81.11 -50.54 -4.28
N THR A 372 79.93 -51.16 -4.34
CA THR A 372 79.66 -52.15 -5.38
C THR A 372 78.17 -52.10 -5.71
N GLN A 373 77.82 -52.60 -6.90
CA GLN A 373 76.53 -52.33 -7.50
C GLN A 373 75.83 -53.61 -7.92
N VAL A 374 74.49 -53.59 -7.87
CA VAL A 374 73.66 -54.73 -8.24
C VAL A 374 72.46 -54.21 -9.02
N HIS A 375 71.71 -55.12 -9.64
CA HIS A 375 70.57 -54.78 -10.51
C HIS A 375 69.33 -55.53 -10.05
N CYS A 376 68.20 -54.81 -9.93
CA CYS A 376 66.92 -55.38 -9.52
C CYS A 376 65.83 -54.96 -10.49
N ALA A 377 64.82 -55.82 -10.67
CA ALA A 377 63.71 -55.53 -11.59
C ALA A 377 62.48 -56.35 -11.22
N ALA A 378 61.29 -55.76 -11.42
CA ALA A 378 60.03 -56.40 -11.04
C ALA A 378 58.86 -55.63 -11.63
N ALA A 379 57.66 -56.23 -11.48
CA ALA A 379 56.39 -55.64 -11.88
C ALA A 379 55.59 -55.27 -10.64
N CYS A 380 54.80 -54.20 -10.75
CA CYS A 380 54.11 -53.61 -9.61
C CYS A 380 52.62 -53.44 -9.89
N HIS A 381 51.82 -53.45 -8.83
CA HIS A 381 50.37 -53.46 -8.87
C HIS A 381 49.78 -52.23 -8.17
N PRO A 382 48.54 -51.86 -8.50
CA PRO A 382 47.96 -50.61 -7.96
C PRO A 382 47.27 -50.81 -6.63
N PRO A 383 47.07 -49.73 -5.85
CA PRO A 383 46.37 -49.85 -4.56
C PRO A 383 44.86 -49.64 -4.67
N LYS A 384 44.15 -49.74 -3.54
CA LYS A 384 42.70 -49.70 -3.53
C LYS A 384 42.11 -48.68 -2.56
N ASP A 385 42.91 -47.77 -2.01
CA ASP A 385 42.42 -46.73 -1.10
C ASP A 385 42.41 -45.39 -1.81
N HIS A 386 41.27 -44.69 -1.74
CA HIS A 386 41.09 -43.48 -2.53
C HIS A 386 41.78 -42.26 -1.93
N ILE A 387 41.65 -42.05 -0.61
CA ILE A 387 42.10 -40.82 0.02
C ILE A 387 42.90 -41.13 1.28
N VAL A 388 43.99 -40.40 1.48
CA VAL A 388 44.84 -40.52 2.66
C VAL A 388 45.13 -39.13 3.21
N ASN A 389 45.79 -39.10 4.38
CA ASN A 389 46.01 -37.87 5.14
C ASN A 389 47.49 -37.50 5.26
N TYR A 390 48.30 -37.81 4.25
CA TYR A 390 49.70 -37.43 4.28
C TYR A 390 50.22 -37.32 2.86
N PRO A 391 51.23 -36.49 2.62
CA PRO A 391 51.71 -36.26 1.25
C PRO A 391 52.60 -37.39 0.74
N ALA A 392 52.82 -37.37 -0.57
CA ALA A 392 53.58 -38.42 -1.23
C ALA A 392 55.07 -38.31 -0.91
N SER A 393 55.75 -39.45 -0.97
CA SER A 393 57.18 -39.54 -0.69
C SER A 393 58.00 -39.88 -1.93
N HIS A 394 57.45 -39.72 -3.13
CA HIS A 394 58.18 -39.98 -4.36
C HIS A 394 57.86 -38.91 -5.39
N THR A 395 58.70 -38.85 -6.42
CA THR A 395 58.56 -37.84 -7.46
C THR A 395 57.52 -38.26 -8.50
N THR A 396 57.21 -37.35 -9.41
CA THR A 396 56.22 -37.58 -10.44
C THR A 396 56.85 -38.31 -11.63
N LEU A 397 56.00 -38.68 -12.58
CA LEU A 397 56.42 -39.48 -13.72
C LEU A 397 56.56 -38.61 -14.97
N GLY A 398 57.31 -39.14 -15.94
CA GLY A 398 57.51 -38.48 -17.21
C GLY A 398 56.76 -39.16 -18.34
N VAL A 399 56.92 -38.59 -19.53
CA VAL A 399 56.26 -39.14 -20.71
C VAL A 399 56.90 -40.45 -21.15
N GLN A 400 58.21 -40.59 -20.97
CA GLN A 400 58.92 -41.77 -21.44
C GLN A 400 58.79 -42.97 -20.51
N ASP A 401 58.24 -42.80 -19.31
CA ASP A 401 58.09 -43.90 -18.35
C ASP A 401 56.77 -44.60 -18.60
N ILE A 402 56.80 -45.65 -19.41
CA ILE A 402 55.65 -46.49 -19.69
C ILE A 402 56.04 -47.95 -19.48
N SER A 403 55.04 -48.81 -19.42
CA SER A 403 55.27 -50.22 -19.16
C SER A 403 55.98 -50.88 -20.33
N THR A 404 56.61 -52.02 -20.05
CA THR A 404 57.35 -52.74 -21.08
C THR A 404 56.42 -53.33 -22.13
N THR A 405 55.27 -53.86 -21.71
CA THR A 405 54.35 -54.46 -22.67
C THR A 405 53.78 -53.42 -23.62
N ALA A 406 53.43 -52.24 -23.12
CA ALA A 406 52.89 -51.18 -23.98
C ALA A 406 53.92 -50.74 -25.01
N MET A 407 55.20 -50.64 -24.61
CA MET A 407 56.24 -50.26 -25.55
C MET A 407 56.39 -51.29 -26.66
N SER A 408 56.22 -52.57 -26.32
CA SER A 408 56.37 -53.62 -27.32
C SER A 408 55.31 -53.50 -28.42
N TRP A 409 54.07 -53.18 -28.04
CA TRP A 409 53.02 -53.05 -29.04
C TRP A 409 53.25 -51.86 -29.96
N VAL A 410 53.83 -50.77 -29.45
CA VAL A 410 54.09 -49.60 -30.27
C VAL A 410 55.09 -49.92 -31.38
N GLN A 411 56.14 -50.68 -31.05
CA GLN A 411 57.15 -51.03 -32.06
C GLN A 411 56.54 -51.86 -33.18
N LYS A 412 55.65 -52.80 -32.83
CA LYS A 412 55.06 -53.66 -33.85
C LYS A 412 54.19 -52.88 -34.82
N ILE A 413 53.30 -52.04 -34.31
CA ILE A 413 52.34 -51.35 -35.17
C ILE A 413 53.03 -50.29 -36.03
N THR A 414 53.98 -49.55 -35.45
CA THR A 414 54.69 -48.52 -36.21
C THR A 414 55.53 -49.14 -37.33
N GLY A 415 56.22 -50.24 -37.04
CA GLY A 415 57.10 -50.83 -38.03
C GLY A 415 56.35 -51.34 -39.25
N GLY A 416 55.19 -51.96 -39.04
CA GLY A 416 54.43 -52.49 -40.16
C GLY A 416 54.05 -51.44 -41.18
N VAL A 417 53.64 -50.26 -40.71
CA VAL A 417 53.22 -49.20 -41.63
C VAL A 417 54.40 -48.74 -42.47
N GLY A 418 55.58 -48.59 -41.86
CA GLY A 418 56.74 -48.15 -42.61
C GLY A 418 57.14 -49.13 -43.70
N LEU A 419 56.98 -50.43 -43.44
CA LEU A 419 57.39 -51.43 -44.42
C LEU A 419 56.57 -51.34 -45.69
N ILE A 420 55.26 -51.11 -45.57
CA ILE A 420 54.41 -51.03 -46.74
C ILE A 420 54.77 -49.81 -47.59
N VAL A 421 55.09 -48.68 -46.96
CA VAL A 421 55.50 -47.50 -47.72
C VAL A 421 56.83 -47.73 -48.40
N ALA A 422 57.76 -48.40 -47.72
CA ALA A 422 59.07 -48.67 -48.32
C ALA A 422 58.95 -49.54 -49.56
N VAL A 423 58.12 -50.58 -49.51
CA VAL A 423 57.97 -51.48 -50.66
C VAL A 423 57.37 -50.72 -51.84
N ALA A 424 56.37 -49.89 -51.58
CA ALA A 424 55.76 -49.11 -52.66
C ALA A 424 56.77 -48.15 -53.29
N ALA A 425 57.64 -47.56 -52.48
CA ALA A 425 58.64 -46.62 -53.00
C ALA A 425 59.62 -47.31 -53.95
N LEU A 426 59.98 -48.56 -53.64
CA LEU A 426 60.96 -49.26 -54.47
C LEU A 426 60.39 -49.56 -55.85
N ILE A 427 59.10 -49.88 -55.93
CA ILE A 427 58.48 -50.15 -57.22
C ILE A 427 58.50 -48.91 -58.11
N LEU A 428 58.21 -47.74 -57.53
CA LEU A 428 58.16 -46.52 -58.32
C LEU A 428 59.54 -46.18 -58.87
N ILE A 429 60.60 -46.40 -58.08
CA ILE A 429 61.92 -45.97 -58.48
C ILE A 429 62.43 -46.79 -59.67
N VAL A 430 62.15 -48.10 -59.69
CA VAL A 430 62.67 -48.93 -60.77
C VAL A 430 61.95 -48.63 -62.09
N VAL A 431 60.63 -48.46 -62.06
CA VAL A 431 59.91 -48.16 -63.30
C VAL A 431 60.33 -46.80 -63.84
N LEU A 432 60.46 -45.80 -62.97
CA LEU A 432 60.82 -44.46 -63.42
C LEU A 432 62.23 -44.44 -64.00
N CYS A 433 63.16 -45.21 -63.41
CA CYS A 433 64.54 -45.17 -63.88
C CYS A 433 64.69 -45.84 -65.23
N VAL A 434 64.13 -47.04 -65.39
CA VAL A 434 64.27 -47.77 -66.64
C VAL A 434 63.63 -47.01 -67.80
N SER A 435 62.47 -46.39 -67.55
CA SER A 435 61.77 -45.66 -68.61
C SER A 435 62.61 -44.50 -69.15
N PHE A 436 63.26 -43.75 -68.26
CA PHE A 436 64.05 -42.61 -68.69
C PHE A 436 65.20 -43.04 -69.58
N SER A 437 65.91 -44.11 -69.21
CA SER A 437 67.05 -44.56 -69.99
C SER A 437 66.62 -45.21 -71.30
N ARG A 438 65.45 -45.86 -71.32
CA ARG A 438 65.03 -46.60 -72.52
C ARG A 438 64.85 -45.68 -73.71
N HIS A 439 64.40 -44.46 -73.49
CA HIS A 439 64.13 -43.53 -74.59
C HIS A 439 65.38 -43.17 -75.37
N TYR B 1 -33.44 -72.72 -9.09
CA TYR B 1 -33.04 -72.15 -10.37
C TYR B 1 -31.90 -71.16 -10.15
N GLU B 2 -30.78 -71.39 -10.83
CA GLU B 2 -29.59 -70.57 -10.65
C GLU B 2 -29.56 -69.40 -11.63
N HIS B 3 -29.06 -68.27 -11.14
CA HIS B 3 -28.91 -67.06 -11.94
C HIS B 3 -27.55 -66.45 -11.65
N VAL B 4 -26.82 -66.07 -12.70
CA VAL B 4 -25.46 -65.56 -12.58
C VAL B 4 -25.41 -64.15 -13.16
N THR B 5 -24.80 -63.22 -12.43
CA THR B 5 -24.64 -61.84 -12.85
C THR B 5 -23.24 -61.35 -12.50
N VAL B 6 -22.92 -60.14 -12.99
CA VAL B 6 -21.70 -59.43 -12.62
C VAL B 6 -22.07 -58.02 -12.21
N ILE B 7 -21.46 -57.54 -11.13
CA ILE B 7 -21.74 -56.22 -10.58
C ILE B 7 -20.44 -55.43 -10.56
N PRO B 8 -20.40 -54.22 -11.13
CA PRO B 8 -19.17 -53.41 -11.04
C PRO B 8 -18.94 -52.92 -9.63
N ASN B 9 -17.67 -52.66 -9.31
CA ASN B 9 -17.25 -52.32 -7.95
C ASN B 9 -17.32 -50.80 -7.75
N THR B 10 -18.55 -50.29 -7.70
CA THR B 10 -18.82 -48.88 -7.49
C THR B 10 -19.75 -48.74 -6.29
N VAL B 11 -19.23 -48.20 -5.20
CA VAL B 11 -19.99 -48.10 -3.96
C VAL B 11 -21.00 -46.96 -4.08
N GLY B 12 -22.25 -47.23 -3.72
CA GLY B 12 -23.27 -46.21 -3.70
C GLY B 12 -24.10 -46.06 -4.95
N VAL B 13 -24.10 -47.06 -5.84
CA VAL B 13 -24.88 -47.01 -7.07
C VAL B 13 -25.66 -48.32 -7.22
N PRO B 14 -26.98 -48.27 -7.36
CA PRO B 14 -27.76 -49.50 -7.50
C PRO B 14 -27.75 -50.05 -8.92
N TYR B 15 -27.95 -51.36 -9.02
CA TYR B 15 -28.01 -52.04 -10.31
C TYR B 15 -29.18 -53.02 -10.30
N LYS B 16 -29.67 -53.36 -11.49
CA LYS B 16 -30.82 -54.23 -11.66
C LYS B 16 -30.51 -55.34 -12.65
N THR B 17 -31.16 -56.48 -12.45
CA THR B 17 -30.98 -57.65 -13.30
C THR B 17 -32.33 -58.31 -13.54
N LEU B 18 -32.46 -58.97 -14.68
CA LEU B 18 -33.72 -59.58 -15.11
C LEU B 18 -33.63 -61.09 -14.97
N VAL B 19 -34.61 -61.68 -14.29
CA VAL B 19 -34.70 -63.12 -14.08
C VAL B 19 -35.91 -63.62 -14.84
N ASN B 20 -35.70 -64.61 -15.72
CA ASN B 20 -36.79 -65.17 -16.49
C ASN B 20 -36.67 -66.69 -16.53
N ARG B 21 -37.83 -67.36 -16.46
CA ARG B 21 -37.92 -68.81 -16.49
C ARG B 21 -39.04 -69.14 -17.46
N PRO B 22 -38.83 -70.07 -18.40
CA PRO B 22 -39.89 -70.42 -19.35
C PRO B 22 -41.15 -70.89 -18.64
N GLY B 23 -42.29 -70.38 -19.08
CA GLY B 23 -43.56 -70.71 -18.47
C GLY B 23 -44.00 -69.79 -17.35
N TYR B 24 -43.17 -68.85 -16.95
CA TYR B 24 -43.46 -68.00 -15.80
C TYR B 24 -43.22 -66.53 -16.13
N SER B 25 -43.83 -65.66 -15.33
CA SER B 25 -43.72 -64.23 -15.53
C SER B 25 -42.33 -63.74 -15.11
N PRO B 26 -41.82 -62.71 -15.79
CA PRO B 26 -40.48 -62.19 -15.45
C PRO B 26 -40.44 -61.58 -14.05
N MET B 27 -39.24 -61.63 -13.46
CA MET B 27 -38.98 -61.05 -12.14
C MET B 27 -37.76 -60.16 -12.21
N VAL B 28 -37.74 -59.11 -11.38
CA VAL B 28 -36.64 -58.16 -11.35
C VAL B 28 -36.15 -58.04 -9.90
N LEU B 29 -34.83 -58.12 -9.74
CA LEU B 29 -34.15 -57.96 -8.45
C LEU B 29 -33.27 -56.72 -8.46
N GLU B 30 -33.03 -56.16 -7.28
CA GLU B 30 -32.20 -54.98 -7.12
C GLU B 30 -31.14 -55.24 -6.06
N MET B 31 -29.89 -54.87 -6.36
CA MET B 31 -28.76 -55.11 -5.48
C MET B 31 -27.91 -53.85 -5.36
N GLU B 32 -27.32 -53.66 -4.17
CA GLU B 32 -26.42 -52.56 -3.93
C GLU B 32 -25.44 -52.96 -2.83
N LEU B 33 -24.22 -52.44 -2.90
CA LEU B 33 -23.16 -52.80 -1.97
C LEU B 33 -22.69 -51.58 -1.21
N GLN B 34 -22.24 -51.80 0.03
CA GLN B 34 -21.93 -50.71 0.94
C GLN B 34 -20.46 -50.60 1.33
N SER B 35 -19.70 -51.70 1.36
CA SER B 35 -18.29 -51.60 1.71
C SER B 35 -17.54 -52.82 1.24
N VAL B 36 -16.25 -52.64 0.95
CA VAL B 36 -15.32 -53.71 0.61
C VAL B 36 -14.04 -53.50 1.41
N THR B 37 -13.54 -54.56 2.04
CA THR B 37 -12.43 -54.48 2.98
C THR B 37 -11.32 -55.45 2.60
N LEU B 38 -10.08 -54.98 2.62
CA LEU B 38 -8.89 -55.80 2.41
C LEU B 38 -8.03 -55.78 3.66
N GLU B 39 -7.45 -56.95 4.00
CA GLU B 39 -6.70 -57.10 5.23
C GLU B 39 -5.49 -58.01 5.03
N PRO B 40 -4.27 -57.48 5.10
CA PRO B 40 -3.07 -58.30 4.86
C PRO B 40 -2.59 -59.02 6.11
N THR B 41 -1.61 -59.89 5.90
CA THR B 41 -0.98 -60.66 6.97
C THR B 41 0.39 -60.05 7.27
N LEU B 42 0.68 -59.88 8.56
CA LEU B 42 1.85 -59.14 9.00
C LEU B 42 2.77 -60.00 9.86
N SER B 43 4.05 -59.68 9.83
CA SER B 43 5.07 -60.35 10.64
C SER B 43 6.07 -59.31 11.15
N LEU B 44 6.37 -59.38 12.44
CA LEU B 44 7.16 -58.35 13.12
C LEU B 44 8.64 -58.64 13.04
N ASP B 45 9.44 -57.61 12.72
CA ASP B 45 10.87 -57.75 12.55
C ASP B 45 11.68 -57.11 13.68
N TYR B 46 11.48 -55.81 13.95
CA TYR B 46 12.15 -55.16 15.07
C TYR B 46 11.45 -53.85 15.38
N ILE B 47 11.86 -53.24 16.51
CA ILE B 47 11.32 -51.96 16.97
C ILE B 47 12.48 -51.03 17.32
N THR B 48 12.17 -49.74 17.45
CA THR B 48 13.14 -48.72 17.80
C THR B 48 12.57 -47.78 18.86
N CYS B 49 13.48 -47.15 19.62
CA CYS B 49 13.11 -46.14 20.60
C CYS B 49 14.36 -45.32 20.94
N GLU B 50 14.29 -44.52 22.00
CA GLU B 50 15.37 -43.64 22.42
C GLU B 50 16.39 -44.40 23.27
N TYR B 51 17.53 -43.75 23.53
CA TYR B 51 18.62 -44.37 24.27
C TYR B 51 19.03 -43.50 25.45
N LYS B 52 19.78 -44.12 26.37
CA LYS B 52 20.24 -43.49 27.61
C LYS B 52 21.71 -43.80 27.82
N THR B 53 22.44 -42.83 28.39
CA THR B 53 23.86 -42.96 28.66
C THR B 53 24.11 -42.99 30.17
N VAL B 54 24.99 -43.88 30.60
CA VAL B 54 25.30 -44.08 32.01
C VAL B 54 26.77 -43.72 32.26
N ILE B 55 27.00 -42.84 33.23
CA ILE B 55 28.35 -42.42 33.60
C ILE B 55 28.54 -42.53 35.11
N PRO B 56 29.36 -43.44 35.60
CA PRO B 56 29.66 -43.48 37.03
C PRO B 56 30.74 -42.47 37.42
N SER B 57 30.98 -42.37 38.72
CA SER B 57 31.90 -41.38 39.25
C SER B 57 33.33 -41.71 38.84
N PRO B 58 34.14 -40.71 38.52
CA PRO B 58 35.52 -40.97 38.10
C PRO B 58 36.42 -41.36 39.27
N TYR B 59 37.53 -42.01 38.93
CA TYR B 59 38.52 -42.46 39.89
C TYR B 59 39.80 -41.67 39.65
N VAL B 60 40.23 -40.93 40.67
CA VAL B 60 41.41 -40.08 40.55
C VAL B 60 42.48 -40.61 41.48
N LYS B 61 43.62 -40.98 40.93
CA LYS B 61 44.72 -41.53 41.71
C LYS B 61 45.92 -40.63 41.54
N CYS B 62 46.35 -40.01 42.63
CA CYS B 62 47.49 -39.11 42.63
C CYS B 62 48.77 -39.85 43.02
N CYS B 63 49.84 -39.59 42.27
CA CYS B 63 51.15 -40.22 42.43
C CYS B 63 51.03 -41.74 42.39
N GLY B 64 50.40 -42.20 41.31
CA GLY B 64 50.18 -43.61 41.02
C GLY B 64 49.70 -43.73 39.60
N THR B 65 49.66 -44.97 39.11
CA THR B 65 49.19 -45.26 37.77
C THR B 65 47.97 -46.16 37.82
N ALA B 66 46.89 -45.76 37.16
CA ALA B 66 45.68 -46.56 37.09
C ALA B 66 45.67 -47.42 35.83
N GLU B 67 44.78 -48.42 35.83
CA GLU B 67 44.63 -49.34 34.72
C GLU B 67 43.21 -49.86 34.69
N CYS B 68 42.66 -50.08 33.48
CA CYS B 68 41.29 -50.55 33.33
C CYS B 68 41.26 -51.80 32.46
N LYS B 69 40.24 -52.62 32.68
CA LYS B 69 40.06 -53.90 32.01
C LYS B 69 38.86 -53.85 31.07
N ASP B 70 38.75 -54.90 30.24
CA ASP B 70 37.72 -54.97 29.21
C ASP B 70 36.44 -55.61 29.75
N LYS B 71 35.32 -55.24 29.11
CA LYS B 71 34.00 -55.74 29.48
C LYS B 71 33.17 -55.93 28.21
N SER B 72 32.03 -56.61 28.36
CA SER B 72 31.20 -57.00 27.24
C SER B 72 29.97 -56.12 27.03
N LEU B 73 29.79 -55.08 27.84
CA LEU B 73 28.60 -54.24 27.71
C LEU B 73 28.65 -53.42 26.42
N PRO B 74 27.48 -53.05 25.88
CA PRO B 74 27.45 -52.33 24.60
C PRO B 74 28.17 -50.99 24.65
N ASP B 75 28.88 -50.69 23.56
CA ASP B 75 29.53 -49.39 23.34
C ASP B 75 30.40 -48.98 24.53
N TYR B 76 31.23 -49.91 24.99
CA TYR B 76 32.08 -49.68 26.15
C TYR B 76 33.34 -48.92 25.74
N SER B 77 33.76 -47.97 26.58
CA SER B 77 34.97 -47.21 26.34
C SER B 77 35.67 -46.90 27.66
N CYS B 78 37.01 -46.96 27.65
CA CYS B 78 37.81 -46.55 28.79
C CYS B 78 39.06 -45.81 28.30
N LYS B 79 39.53 -44.85 29.10
CA LYS B 79 40.75 -44.12 28.79
C LYS B 79 41.38 -43.62 30.08
N VAL B 80 42.69 -43.36 30.01
CA VAL B 80 43.46 -42.89 31.17
C VAL B 80 44.18 -41.61 30.79
N PHE B 81 44.11 -40.60 31.66
CA PHE B 81 44.74 -39.30 31.45
C PHE B 81 45.75 -39.03 32.55
N THR B 82 46.75 -38.20 32.22
CA THR B 82 47.85 -37.90 33.12
C THR B 82 47.99 -36.39 33.33
N GLY B 83 48.54 -36.01 34.49
CA GLY B 83 48.82 -34.61 34.77
C GLY B 83 47.69 -33.81 35.37
N VAL B 84 46.81 -34.42 36.15
CA VAL B 84 45.63 -33.74 36.67
C VAL B 84 45.93 -33.12 38.03
N TYR B 85 45.15 -32.12 38.40
CA TYR B 85 45.29 -31.42 39.68
C TYR B 85 43.95 -30.85 40.10
N PRO B 86 43.06 -31.69 40.62
CA PRO B 86 41.68 -31.25 40.87
C PRO B 86 41.58 -30.29 42.05
N PHE B 87 40.50 -29.50 42.04
CA PHE B 87 40.16 -28.61 43.14
C PHE B 87 38.73 -28.86 43.60
N MET B 88 38.51 -28.74 44.90
CA MET B 88 37.18 -28.76 45.50
C MET B 88 37.01 -27.50 46.34
N TRP B 89 35.86 -27.38 47.00
CA TRP B 89 35.50 -26.11 47.62
C TRP B 89 36.43 -25.74 48.77
N GLY B 90 37.11 -26.72 49.37
CA GLY B 90 37.99 -26.45 50.49
C GLY B 90 39.47 -26.41 50.18
N GLY B 91 39.88 -26.71 48.96
CA GLY B 91 41.29 -26.75 48.66
C GLY B 91 41.64 -27.94 47.80
N ALA B 92 42.94 -28.16 47.65
CA ALA B 92 43.46 -29.22 46.79
C ALA B 92 43.07 -30.58 47.36
N TYR B 93 42.94 -31.57 46.47
CA TYR B 93 42.45 -32.86 46.90
C TYR B 93 43.54 -33.69 47.56
N CYS B 94 44.72 -33.79 46.95
CA CYS B 94 45.82 -34.58 47.51
C CYS B 94 47.14 -33.85 47.38
N PHE B 95 48.09 -34.25 48.24
CA PHE B 95 49.37 -33.57 48.46
C PHE B 95 50.37 -33.73 47.31
N CYS B 96 50.45 -34.88 46.65
CA CYS B 96 51.42 -34.98 45.56
C CYS B 96 51.13 -33.93 44.49
N ASP B 97 52.21 -33.42 43.87
CA ASP B 97 52.13 -32.38 42.84
C ASP B 97 52.24 -32.91 41.41
N ALA B 98 52.46 -34.19 41.20
CA ALA B 98 52.67 -34.70 39.84
C ALA B 98 52.45 -36.21 39.84
N GLU B 99 52.39 -36.76 38.62
CA GLU B 99 52.14 -38.19 38.41
C GLU B 99 50.75 -38.59 38.88
N ASN B 100 49.78 -37.70 38.67
CA ASN B 100 48.39 -37.98 39.00
C ASN B 100 47.65 -38.44 37.75
N THR B 101 46.63 -39.27 37.96
CA THR B 101 45.94 -39.91 36.84
C THR B 101 44.44 -39.89 37.08
N GLN B 102 43.69 -40.12 36.00
CA GLN B 102 42.23 -40.18 36.05
C GLN B 102 41.73 -41.29 35.13
N LEU B 103 40.71 -42.02 35.59
CA LEU B 103 40.09 -43.09 34.83
C LEU B 103 38.65 -42.73 34.53
N SER B 104 38.24 -42.91 33.27
CA SER B 104 36.89 -42.59 32.83
C SER B 104 36.27 -43.77 32.09
N GLU B 105 34.95 -43.92 32.22
CA GLU B 105 34.24 -44.97 31.50
C GLU B 105 32.78 -44.60 31.34
N ALA B 106 32.15 -45.16 30.32
CA ALA B 106 30.73 -44.96 30.03
C ALA B 106 30.24 -46.06 29.11
N HIS B 107 28.93 -46.25 29.08
CA HIS B 107 28.32 -47.19 28.14
C HIS B 107 26.86 -46.79 27.90
N VAL B 108 26.20 -47.51 27.00
CA VAL B 108 24.90 -47.14 26.44
C VAL B 108 23.88 -48.22 26.79
N GLU B 109 22.68 -47.79 27.19
CA GLU B 109 21.60 -48.66 27.61
C GLU B 109 20.31 -48.22 26.91
N LYS B 110 19.22 -48.92 27.18
CA LYS B 110 17.93 -48.66 26.57
C LYS B 110 17.01 -47.96 27.56
N SER B 111 16.25 -46.98 27.07
CA SER B 111 15.44 -46.14 27.94
C SER B 111 14.22 -46.90 28.46
N GLU B 112 13.71 -46.44 29.60
CA GLU B 112 12.49 -47.03 30.16
C GLU B 112 11.26 -46.70 29.33
N SER B 113 11.23 -45.53 28.69
CA SER B 113 10.06 -45.07 27.96
C SER B 113 9.77 -45.88 26.70
N CYS B 114 10.58 -46.89 26.38
CA CYS B 114 10.35 -47.67 25.17
C CYS B 114 9.03 -48.43 25.21
N LYS B 115 8.41 -48.56 26.38
CA LYS B 115 7.15 -49.27 26.50
C LYS B 115 5.94 -48.46 26.02
N THR B 116 6.10 -47.16 25.80
CA THR B 116 4.99 -46.32 25.38
C THR B 116 5.23 -45.62 24.04
N GLU B 117 6.42 -45.10 23.80
CA GLU B 117 6.75 -44.40 22.57
C GLU B 117 7.67 -45.28 21.75
N PHE B 118 7.16 -45.87 20.67
CA PHE B 118 7.95 -46.75 19.82
C PHE B 118 7.33 -46.81 18.44
N ALA B 119 8.11 -47.32 17.49
CA ALA B 119 7.65 -47.60 16.13
C ALA B 119 8.02 -49.03 15.77
N SER B 120 7.21 -49.63 14.90
CA SER B 120 7.36 -51.05 14.57
C SER B 120 7.48 -51.22 13.07
N ALA B 121 8.27 -52.22 12.67
CA ALA B 121 8.52 -52.54 11.27
C ALA B 121 7.96 -53.92 10.96
N TYR B 122 7.22 -54.03 9.85
CA TYR B 122 6.45 -55.23 9.54
C TYR B 122 6.82 -55.75 8.16
N ARG B 123 6.47 -57.01 7.92
CA ARG B 123 6.58 -57.63 6.60
C ARG B 123 5.19 -58.08 6.15
N ALA B 124 4.82 -57.76 4.91
CA ALA B 124 3.47 -57.94 4.42
C ALA B 124 3.37 -59.06 3.38
N HIS B 125 2.18 -59.67 3.29
CA HIS B 125 1.90 -60.77 2.38
C HIS B 125 0.52 -60.56 1.75
N THR B 126 0.04 -61.60 1.08
CA THR B 126 -1.25 -61.56 0.38
C THR B 126 -2.41 -61.33 1.35
N ALA B 127 -3.38 -60.51 0.92
CA ALA B 127 -4.51 -60.10 1.73
C ALA B 127 -5.78 -60.84 1.35
N SER B 128 -6.73 -60.85 2.29
CA SER B 128 -8.07 -61.41 2.10
C SER B 128 -9.09 -60.30 1.84
N ALA B 129 -10.33 -60.69 1.58
CA ALA B 129 -11.38 -59.74 1.20
C ALA B 129 -12.71 -60.14 1.84
N SER B 130 -13.53 -59.13 2.12
CA SER B 130 -14.88 -59.33 2.64
C SER B 130 -15.77 -58.19 2.17
N ALA B 131 -17.08 -58.43 2.20
CA ALA B 131 -18.03 -57.47 1.64
C ALA B 131 -19.37 -57.56 2.36
N LYS B 132 -20.16 -56.50 2.22
CA LYS B 132 -21.52 -56.40 2.76
C LYS B 132 -22.46 -55.91 1.67
N LEU B 133 -23.65 -56.51 1.58
CA LEU B 133 -24.55 -56.31 0.46
C LEU B 133 -25.97 -56.06 0.96
N ARG B 134 -26.74 -55.32 0.15
CA ARG B 134 -28.16 -55.11 0.38
C ARG B 134 -28.95 -55.54 -0.85
N VAL B 135 -30.00 -56.34 -0.63
CA VAL B 135 -30.78 -56.94 -1.71
C VAL B 135 -32.27 -56.70 -1.44
N LEU B 136 -33.00 -56.29 -2.48
CA LEU B 136 -34.44 -56.10 -2.40
C LEU B 136 -35.12 -57.33 -2.96
N TYR B 137 -35.83 -58.07 -2.11
CA TYR B 137 -36.39 -59.37 -2.45
C TYR B 137 -37.86 -59.39 -2.06
N GLN B 138 -38.73 -59.44 -3.07
CA GLN B 138 -40.18 -59.52 -2.87
C GLN B 138 -40.71 -58.39 -1.99
N GLY B 139 -40.19 -57.19 -2.20
CA GLY B 139 -40.68 -56.02 -1.49
C GLY B 139 -40.09 -55.82 -0.11
N ASN B 140 -39.06 -56.57 0.28
CA ASN B 140 -38.41 -56.41 1.57
C ASN B 140 -36.92 -56.24 1.38
N ASN B 141 -36.31 -55.49 2.30
CA ASN B 141 -34.87 -55.29 2.31
C ASN B 141 -34.21 -56.30 3.24
N ILE B 142 -33.19 -57.01 2.73
CA ILE B 142 -32.41 -57.92 3.53
C ILE B 142 -30.93 -57.61 3.32
N THR B 143 -30.12 -58.00 4.30
CA THR B 143 -28.69 -57.74 4.30
C THR B 143 -27.92 -59.05 4.44
N VAL B 144 -26.78 -59.15 3.76
CA VAL B 144 -25.93 -60.33 3.80
C VAL B 144 -24.48 -59.90 3.99
N ALA B 145 -23.67 -60.81 4.51
CA ALA B 145 -22.25 -60.59 4.69
C ALA B 145 -21.51 -61.90 4.42
N ALA B 146 -20.44 -61.85 3.63
CA ALA B 146 -19.76 -63.06 3.22
C ALA B 146 -18.34 -62.74 2.77
N TYR B 147 -17.51 -63.77 2.71
CA TYR B 147 -16.15 -63.64 2.20
C TYR B 147 -16.14 -63.67 0.68
N ALA B 148 -15.22 -62.90 0.09
CA ALA B 148 -15.18 -62.72 -1.35
C ALA B 148 -14.31 -63.80 -2.00
N ASN B 149 -14.79 -65.04 -1.90
CA ASN B 149 -14.23 -66.14 -2.65
C ASN B 149 -15.32 -67.18 -2.84
N GLY B 150 -15.03 -68.17 -3.70
CA GLY B 150 -16.05 -69.13 -4.07
C GLY B 150 -16.25 -70.27 -3.12
N ASP B 151 -15.57 -70.28 -1.98
CA ASP B 151 -15.58 -71.40 -1.05
C ASP B 151 -16.50 -71.18 0.14
N HIS B 152 -17.43 -70.24 0.05
CA HIS B 152 -18.32 -69.93 1.16
C HIS B 152 -19.70 -69.58 0.65
N ALA B 153 -20.73 -70.07 1.34
CA ALA B 153 -22.11 -69.80 0.98
C ALA B 153 -22.91 -69.51 2.25
N VAL B 154 -23.87 -68.59 2.13
CA VAL B 154 -24.72 -68.20 3.23
C VAL B 154 -26.17 -68.28 2.76
N THR B 155 -27.08 -68.45 3.72
CA THR B 155 -28.50 -68.60 3.42
C THR B 155 -29.29 -67.64 4.31
N VAL B 156 -30.10 -66.78 3.68
CA VAL B 156 -31.01 -65.89 4.38
C VAL B 156 -32.37 -65.99 3.72
N LYS B 157 -33.38 -66.34 4.50
CA LYS B 157 -34.76 -66.47 4.02
C LYS B 157 -34.84 -67.42 2.82
N ASP B 158 -34.18 -68.58 2.95
CA ASP B 158 -34.21 -69.67 1.98
C ASP B 158 -33.57 -69.30 0.65
N ALA B 159 -32.71 -68.28 0.62
CA ALA B 159 -31.96 -67.91 -0.56
C ALA B 159 -30.47 -68.15 -0.31
N LYS B 160 -29.80 -68.82 -1.23
CA LYS B 160 -28.38 -69.12 -1.13
C LYS B 160 -27.57 -68.08 -1.92
N PHE B 161 -26.53 -67.54 -1.30
CA PHE B 161 -25.68 -66.54 -1.91
C PHE B 161 -24.24 -67.03 -1.97
N VAL B 162 -23.60 -66.83 -3.12
CA VAL B 162 -22.17 -67.10 -3.30
C VAL B 162 -21.56 -65.90 -4.00
N VAL B 163 -20.51 -65.34 -3.40
CA VAL B 163 -19.94 -64.07 -3.83
C VAL B 163 -18.44 -64.24 -4.05
N GLY B 164 -17.93 -63.65 -5.13
CA GLY B 164 -16.52 -63.70 -5.44
C GLY B 164 -16.21 -64.80 -6.44
N PRO B 165 -14.93 -64.93 -6.84
CA PRO B 165 -13.75 -64.16 -6.41
C PRO B 165 -13.58 -62.84 -7.15
N MET B 166 -12.71 -61.97 -6.64
CA MET B 166 -12.45 -60.68 -7.27
C MET B 166 -11.64 -60.86 -8.55
N SER B 167 -11.77 -59.89 -9.44
CA SER B 167 -11.10 -59.96 -10.74
C SER B 167 -9.71 -59.35 -10.77
N SER B 168 -9.31 -58.63 -9.72
CA SER B 168 -8.02 -57.95 -9.70
C SER B 168 -7.32 -58.20 -8.37
N ALA B 169 -5.99 -58.21 -8.42
CA ALA B 169 -5.15 -58.47 -7.25
C ALA B 169 -4.38 -57.23 -6.81
N TRP B 170 -4.82 -56.04 -7.23
CA TRP B 170 -4.12 -54.81 -6.88
C TRP B 170 -4.31 -54.46 -5.42
N THR B 171 -3.21 -54.15 -4.74
CA THR B 171 -3.20 -53.75 -3.34
C THR B 171 -2.29 -52.54 -3.16
N PRO B 172 -2.63 -51.64 -2.23
CA PRO B 172 -1.83 -50.41 -2.08
C PRO B 172 -0.58 -50.55 -1.24
N PHE B 173 -0.34 -51.70 -0.60
CA PHE B 173 0.78 -51.86 0.31
C PHE B 173 1.97 -52.52 -0.39
N ASP B 174 3.17 -52.08 -0.03
CA ASP B 174 4.41 -52.69 -0.51
C ASP B 174 4.82 -53.82 0.43
N ASN B 175 6.02 -54.37 0.23
CA ASN B 175 6.47 -55.48 1.04
C ASN B 175 6.91 -55.05 2.44
N LYS B 176 7.45 -53.85 2.58
CA LYS B 176 7.90 -53.34 3.87
C LYS B 176 7.11 -52.09 4.24
N ILE B 177 6.54 -52.07 5.45
CA ILE B 177 5.78 -50.93 5.94
C ILE B 177 6.18 -50.63 7.38
N VAL B 178 5.89 -49.39 7.79
CA VAL B 178 6.17 -48.91 9.14
C VAL B 178 4.90 -48.29 9.72
N VAL B 179 4.61 -48.58 10.99
CA VAL B 179 3.36 -48.20 11.64
C VAL B 179 3.70 -47.39 12.89
N TYR B 180 2.99 -46.27 13.09
CA TYR B 180 3.19 -45.43 14.26
C TYR B 180 1.89 -44.70 14.58
N LYS B 181 1.19 -45.18 15.61
CA LYS B 181 0.06 -44.47 16.22
C LYS B 181 -0.98 -44.00 15.19
N GLY B 182 -1.41 -44.92 14.34
CA GLY B 182 -2.49 -44.63 13.42
C GLY B 182 -2.05 -44.27 12.01
N ASP B 183 -0.76 -44.15 11.74
CA ASP B 183 -0.25 -43.86 10.41
C ASP B 183 0.52 -45.06 9.88
N VAL B 184 0.51 -45.20 8.55
CA VAL B 184 1.23 -46.26 7.85
C VAL B 184 2.06 -45.64 6.75
N TYR B 185 3.35 -45.98 6.70
CA TYR B 185 4.28 -45.46 5.72
C TYR B 185 4.93 -46.59 4.94
N ASN B 186 5.40 -46.27 3.75
CA ASN B 186 6.21 -47.17 2.95
C ASN B 186 7.67 -46.75 3.08
N MET B 187 8.52 -47.69 3.52
CA MET B 187 9.91 -47.35 3.84
C MET B 187 10.76 -48.61 3.75
N ASP B 188 11.94 -48.49 3.16
CA ASP B 188 12.89 -49.59 3.02
C ASP B 188 13.87 -49.52 4.18
N TYR B 189 13.48 -50.12 5.30
CA TYR B 189 14.27 -50.02 6.53
C TYR B 189 15.55 -50.86 6.42
N PRO B 190 16.59 -50.51 7.18
CA PRO B 190 17.85 -51.26 7.12
C PRO B 190 17.72 -52.61 7.79
N PRO B 191 18.55 -53.57 7.41
CA PRO B 191 18.47 -54.91 8.01
C PRO B 191 18.95 -54.92 9.46
N PHE B 192 18.55 -55.96 10.17
CA PHE B 192 18.91 -56.12 11.58
C PHE B 192 20.42 -56.19 11.74
N GLY B 193 20.97 -55.32 12.58
CA GLY B 193 22.39 -55.34 12.87
C GLY B 193 23.27 -54.53 11.94
N ALA B 194 22.70 -53.65 11.13
CA ALA B 194 23.47 -52.86 10.17
C ALA B 194 23.04 -51.39 10.20
N GLY B 195 22.98 -50.82 11.40
CA GLY B 195 22.48 -49.47 11.57
C GLY B 195 23.52 -48.42 11.22
N ARG B 196 23.11 -47.16 11.40
CA ARG B 196 23.93 -46.00 11.10
C ARG B 196 23.91 -45.02 12.25
N PRO B 197 24.97 -44.22 12.42
CA PRO B 197 25.09 -43.40 13.64
C PRO B 197 23.99 -42.38 13.84
N GLY B 198 23.43 -41.81 12.78
CA GLY B 198 22.52 -40.69 12.99
C GLY B 198 21.22 -40.73 12.22
N GLN B 199 20.77 -41.93 11.83
CA GLN B 199 19.57 -42.09 11.04
C GLN B 199 18.66 -43.13 11.70
N PHE B 200 17.56 -43.45 11.01
CA PHE B 200 16.62 -44.44 11.50
C PHE B 200 17.31 -45.79 11.68
N GLY B 201 17.14 -46.37 12.86
CA GLY B 201 17.66 -47.69 13.13
C GLY B 201 19.01 -47.75 13.84
N ASP B 202 19.37 -46.73 14.63
CA ASP B 202 20.62 -46.80 15.37
C ASP B 202 20.55 -47.76 16.55
N ILE B 203 19.35 -47.98 17.10
CA ILE B 203 19.16 -48.89 18.22
C ILE B 203 17.98 -49.81 17.90
N GLN B 204 18.15 -51.10 18.14
CA GLN B 204 17.22 -52.11 17.66
C GLN B 204 16.94 -53.14 18.74
N SER B 205 15.75 -53.74 18.69
CA SER B 205 15.36 -54.78 19.62
C SER B 205 14.28 -55.66 18.98
N ARG B 206 14.20 -56.91 19.43
CA ARG B 206 13.25 -57.86 18.85
C ARG B 206 11.82 -57.64 19.35
N THR B 207 11.66 -57.26 20.62
CA THR B 207 10.34 -57.11 21.21
C THR B 207 10.46 -56.13 22.38
N PRO B 208 9.36 -55.46 22.75
CA PRO B 208 9.45 -54.48 23.85
C PRO B 208 9.89 -55.06 25.17
N GLU B 209 9.79 -56.37 25.37
CA GLU B 209 10.16 -56.99 26.64
C GLU B 209 11.54 -57.65 26.63
N SER B 210 12.28 -57.55 25.53
CA SER B 210 13.57 -58.22 25.44
C SER B 210 14.63 -57.48 26.24
N LYS B 211 15.69 -58.21 26.59
CA LYS B 211 16.82 -57.65 27.32
C LYS B 211 18.01 -57.31 26.45
N ASP B 212 18.14 -57.96 25.28
CA ASP B 212 19.27 -57.70 24.40
C ASP B 212 19.02 -56.47 23.55
N VAL B 213 20.03 -55.60 23.44
CA VAL B 213 19.92 -54.37 22.67
C VAL B 213 21.17 -54.21 21.81
N TYR B 214 20.98 -53.63 20.63
CA TYR B 214 22.05 -53.36 19.69
C TYR B 214 22.21 -51.84 19.53
N ALA B 215 23.45 -51.37 19.53
CA ALA B 215 23.71 -49.93 19.48
C ALA B 215 24.94 -49.65 18.61
N ASN B 216 24.84 -48.62 17.77
CA ASN B 216 25.93 -48.23 16.87
C ASN B 216 26.07 -46.71 16.84
N THR B 217 26.07 -46.08 18.00
CA THR B 217 26.42 -44.67 18.10
C THR B 217 27.93 -44.50 18.25
N GLN B 218 28.39 -43.28 18.02
CA GLN B 218 29.79 -42.93 18.18
C GLN B 218 30.01 -42.30 19.56
N LEU B 219 31.03 -42.77 20.26
CA LEU B 219 31.30 -42.31 21.62
C LEU B 219 32.80 -42.18 21.83
N VAL B 220 33.28 -40.96 22.02
CA VAL B 220 34.70 -40.67 22.21
C VAL B 220 34.84 -39.77 23.43
N LEU B 221 35.76 -40.14 24.33
CA LEU B 221 36.00 -39.38 25.55
C LEU B 221 37.06 -38.31 25.31
N GLN B 222 36.96 -37.22 26.07
CA GLN B 222 37.81 -36.06 25.89
C GLN B 222 38.53 -35.71 27.19
N ARG B 223 39.60 -34.92 27.05
CA ARG B 223 40.42 -34.55 28.18
C ARG B 223 39.72 -33.54 29.08
N PRO B 224 39.74 -33.74 30.41
CA PRO B 224 39.05 -32.80 31.30
C PRO B 224 39.79 -31.47 31.41
N ALA B 225 39.03 -30.44 31.73
CA ALA B 225 39.57 -29.10 31.86
C ALA B 225 40.34 -28.94 33.17
N ALA B 226 41.24 -27.96 33.19
CA ALA B 226 42.13 -27.79 34.32
C ALA B 226 41.36 -27.34 35.56
N GLY B 227 41.55 -28.06 36.67
CA GLY B 227 40.97 -27.69 37.94
C GLY B 227 39.55 -28.12 38.18
N THR B 228 38.96 -28.91 37.28
CA THR B 228 37.56 -29.29 37.40
C THR B 228 37.44 -30.81 37.32
N VAL B 229 36.48 -31.35 38.08
CA VAL B 229 36.16 -32.77 38.04
C VAL B 229 34.88 -32.94 37.23
N HIS B 230 35.00 -33.57 36.06
CA HIS B 230 33.85 -33.90 35.22
C HIS B 230 34.31 -34.89 34.16
N VAL B 231 33.34 -35.39 33.39
CA VAL B 231 33.60 -36.40 32.37
C VAL B 231 32.99 -35.96 31.04
N PRO B 232 33.71 -35.16 30.23
CA PRO B 232 33.16 -34.73 28.94
C PRO B 232 33.23 -35.83 27.90
N TYR B 233 32.36 -35.72 26.90
CA TYR B 233 32.27 -36.74 25.85
C TYR B 233 31.62 -36.12 24.62
N SER B 234 31.75 -36.83 23.50
CA SER B 234 31.14 -36.47 22.24
C SER B 234 30.33 -37.64 21.70
N GLN B 235 29.11 -37.36 21.22
CA GLN B 235 28.21 -38.41 20.79
C GLN B 235 27.24 -37.88 19.75
N ALA B 236 26.88 -38.72 18.79
CA ALA B 236 25.91 -38.35 17.77
C ALA B 236 24.50 -38.29 18.39
N PRO B 237 23.67 -37.38 17.92
CA PRO B 237 22.32 -37.25 18.49
C PRO B 237 21.39 -38.36 18.03
N SER B 238 20.27 -38.48 18.74
CA SER B 238 19.33 -39.58 18.51
C SER B 238 18.67 -39.47 17.16
N GLY B 239 18.55 -40.61 16.48
CA GLY B 239 17.93 -40.65 15.16
C GLY B 239 16.43 -40.78 15.17
N PHE B 240 15.87 -41.32 16.26
CA PHE B 240 14.42 -41.44 16.36
C PHE B 240 13.75 -40.08 16.44
N LYS B 241 14.33 -39.15 17.21
CA LYS B 241 13.73 -37.83 17.36
C LYS B 241 13.79 -37.03 16.07
N TYR B 242 14.87 -37.18 15.29
CA TYR B 242 14.97 -36.46 14.02
C TYR B 242 13.86 -36.87 13.06
N TRP B 243 13.57 -38.17 12.99
CA TRP B 243 12.57 -38.68 12.05
C TRP B 243 11.19 -38.11 12.32
N LEU B 244 10.85 -37.89 13.60
CA LEU B 244 9.51 -37.40 13.94
C LEU B 244 9.23 -36.01 13.38
N LYS B 245 10.25 -35.20 13.17
CA LYS B 245 10.06 -33.82 12.73
C LYS B 245 10.11 -33.65 11.21
N GLU B 246 10.41 -34.69 10.45
CA GLU B 246 10.53 -34.53 9.00
C GLU B 246 10.00 -35.74 8.22
N ARG B 247 8.99 -36.43 8.76
CA ARG B 247 8.59 -37.70 8.15
C ARG B 247 7.70 -37.52 6.92
N GLY B 248 7.00 -36.41 6.79
CA GLY B 248 6.14 -36.21 5.65
C GLY B 248 4.75 -36.84 5.79
N ALA B 249 4.01 -36.81 4.69
CA ALA B 249 2.62 -37.23 4.69
C ALA B 249 2.49 -38.74 4.56
N SER B 250 1.40 -39.27 5.10
CA SER B 250 1.16 -40.71 5.17
C SER B 250 0.33 -41.19 3.99
N LEU B 251 0.06 -42.50 3.96
CA LEU B 251 -0.65 -43.11 2.83
C LEU B 251 -2.08 -42.63 2.71
N GLN B 252 -2.70 -42.20 3.82
CA GLN B 252 -4.10 -41.81 3.79
C GLN B 252 -4.34 -40.63 2.85
N HIS B 253 -3.34 -39.78 2.65
CA HIS B 253 -3.51 -38.59 1.85
C HIS B 253 -2.90 -38.70 0.45
N THR B 254 -2.18 -39.78 0.15
CA THR B 254 -1.50 -39.92 -1.14
C THR B 254 -1.90 -41.14 -1.94
N ALA B 255 -2.63 -42.10 -1.37
CA ALA B 255 -2.95 -43.32 -2.09
C ALA B 255 -3.90 -43.02 -3.25
N PRO B 256 -3.78 -43.76 -4.36
CA PRO B 256 -4.69 -43.58 -5.48
C PRO B 256 -5.97 -44.40 -5.29
N PHE B 257 -6.90 -44.21 -6.23
CA PHE B 257 -8.18 -44.91 -6.31
C PHE B 257 -9.11 -44.59 -5.14
N GLY B 258 -8.82 -43.55 -4.37
CA GLY B 258 -9.72 -43.14 -3.31
C GLY B 258 -9.74 -44.03 -2.08
N CYS B 259 -8.70 -44.82 -1.86
CA CYS B 259 -8.68 -45.73 -0.73
C CYS B 259 -8.51 -44.97 0.58
N GLN B 260 -9.03 -45.55 1.66
CA GLN B 260 -8.86 -45.05 3.02
C GLN B 260 -8.18 -46.12 3.87
N ILE B 261 -7.44 -45.67 4.88
CA ILE B 261 -6.58 -46.55 5.66
C ILE B 261 -6.96 -46.48 7.14
N ALA B 262 -7.02 -47.65 7.78
CA ALA B 262 -7.17 -47.78 9.22
C ALA B 262 -6.09 -48.74 9.72
N THR B 263 -5.78 -48.66 11.01
CA THR B 263 -4.56 -49.28 11.51
C THR B 263 -4.74 -50.33 12.59
N ASN B 264 -5.94 -50.54 13.13
CA ASN B 264 -6.15 -51.48 14.24
C ASN B 264 -7.31 -52.40 13.95
N PRO B 265 -7.09 -53.47 13.18
CA PRO B 265 -5.87 -53.84 12.45
C PRO B 265 -5.73 -53.11 11.12
N VAL B 266 -4.63 -53.34 10.41
CA VAL B 266 -4.35 -52.61 9.18
C VAL B 266 -5.32 -53.04 8.10
N ARG B 267 -6.03 -52.08 7.52
CA ARG B 267 -7.09 -52.35 6.55
C ARG B 267 -7.10 -51.27 5.48
N ALA B 268 -7.71 -51.61 4.34
CA ALA B 268 -7.96 -50.66 3.26
C ALA B 268 -9.40 -50.82 2.81
N VAL B 269 -10.12 -49.70 2.70
CA VAL B 269 -11.55 -49.73 2.45
C VAL B 269 -11.88 -48.91 1.21
N ASN B 270 -12.93 -49.35 0.51
CA ASN B 270 -13.53 -48.61 -0.61
C ASN B 270 -12.52 -48.29 -1.71
N CYS B 271 -11.79 -49.32 -2.15
CA CYS B 271 -10.90 -49.20 -3.30
C CYS B 271 -11.66 -49.63 -4.56
N ALA B 272 -11.76 -48.72 -5.53
CA ALA B 272 -12.62 -48.92 -6.70
C ALA B 272 -11.81 -49.48 -7.87
N VAL B 273 -11.67 -50.81 -7.90
CA VAL B 273 -11.05 -51.50 -9.02
C VAL B 273 -11.86 -52.75 -9.34
N GLY B 274 -12.04 -53.02 -10.63
CA GLY B 274 -12.54 -54.31 -11.06
C GLY B 274 -14.05 -54.48 -10.90
N ASN B 275 -14.46 -55.76 -10.85
CA ASN B 275 -15.86 -56.11 -10.70
C ASN B 275 -15.96 -57.43 -9.94
N ILE B 276 -17.19 -57.78 -9.54
CA ILE B 276 -17.45 -58.87 -8.62
C ILE B 276 -18.54 -59.77 -9.17
N PRO B 277 -18.28 -61.05 -9.45
CA PRO B 277 -19.36 -61.96 -9.83
C PRO B 277 -20.18 -62.44 -8.62
N ILE B 278 -21.47 -62.67 -8.88
CA ILE B 278 -22.44 -63.09 -7.87
C ILE B 278 -23.32 -64.18 -8.47
N SER B 279 -23.72 -65.15 -7.65
CA SER B 279 -24.62 -66.23 -8.06
C SER B 279 -25.71 -66.41 -7.03
N ILE B 280 -26.94 -66.64 -7.49
CA ILE B 280 -28.11 -66.68 -6.64
C ILE B 280 -28.96 -67.91 -6.94
N ASP B 281 -29.52 -68.51 -5.90
CA ASP B 281 -30.38 -69.68 -6.01
C ASP B 281 -31.75 -69.34 -5.44
N ILE B 282 -32.76 -69.35 -6.29
CA ILE B 282 -34.12 -68.95 -5.92
C ILE B 282 -35.00 -70.20 -5.94
N PRO B 283 -35.80 -70.45 -4.90
CA PRO B 283 -36.69 -71.62 -4.93
C PRO B 283 -37.86 -71.44 -5.89
N ASP B 284 -38.44 -72.58 -6.28
CA ASP B 284 -39.54 -72.57 -7.24
C ASP B 284 -40.82 -71.95 -6.69
N ALA B 285 -41.00 -71.99 -5.37
CA ALA B 285 -42.26 -71.55 -4.78
C ALA B 285 -42.53 -70.06 -4.94
N ALA B 286 -41.52 -69.28 -5.33
CA ALA B 286 -41.65 -67.84 -5.48
C ALA B 286 -42.15 -67.41 -6.86
N PHE B 287 -42.40 -68.35 -7.76
CA PHE B 287 -42.77 -68.05 -9.13
C PHE B 287 -44.27 -68.17 -9.32
N THR B 288 -44.78 -67.45 -10.33
CA THR B 288 -46.19 -67.46 -10.69
C THR B 288 -46.34 -67.86 -12.15
N ARG B 289 -47.38 -68.66 -12.43
CA ARG B 289 -47.61 -69.15 -13.79
C ARG B 289 -48.15 -68.05 -14.69
N VAL B 290 -47.89 -68.19 -15.99
CA VAL B 290 -48.29 -67.17 -16.95
C VAL B 290 -49.81 -67.08 -17.05
N VAL B 291 -50.51 -68.20 -16.89
CA VAL B 291 -51.96 -68.23 -17.04
C VAL B 291 -52.68 -67.52 -15.90
N ASP B 292 -51.96 -67.20 -14.81
CA ASP B 292 -52.56 -66.51 -13.69
C ASP B 292 -52.28 -65.01 -13.67
N ALA B 293 -51.16 -64.57 -14.23
CA ALA B 293 -50.84 -63.16 -14.21
C ALA B 293 -51.74 -62.38 -15.19
N PRO B 294 -52.01 -61.11 -14.89
CA PRO B 294 -52.84 -60.31 -15.79
C PRO B 294 -52.13 -60.00 -17.10
N SER B 295 -52.93 -59.68 -18.12
CA SER B 295 -52.43 -59.29 -19.43
C SER B 295 -52.85 -57.87 -19.75
N VAL B 296 -52.07 -57.19 -20.59
CA VAL B 296 -52.33 -55.84 -21.05
C VAL B 296 -52.22 -55.82 -22.57
N THR B 297 -53.17 -55.14 -23.24
CA THR B 297 -53.34 -55.29 -24.67
C THR B 297 -53.10 -54.03 -25.51
N ASP B 298 -53.35 -52.84 -24.99
CA ASP B 298 -53.17 -51.63 -25.80
C ASP B 298 -52.55 -50.52 -24.96
N MET B 299 -51.45 -49.96 -25.44
CA MET B 299 -50.68 -48.94 -24.72
C MET B 299 -50.09 -47.92 -25.68
N SER B 300 -49.81 -46.73 -25.14
CA SER B 300 -49.18 -45.64 -25.88
C SER B 300 -48.28 -44.87 -24.94
N CYS B 301 -47.46 -43.98 -25.51
CA CYS B 301 -46.40 -43.30 -24.77
C CYS B 301 -46.36 -41.83 -25.13
N GLU B 302 -46.18 -40.98 -24.12
CA GLU B 302 -46.00 -39.55 -24.32
C GLU B 302 -44.96 -39.05 -23.32
N VAL B 303 -44.09 -38.14 -23.75
CA VAL B 303 -42.96 -37.67 -22.95
C VAL B 303 -42.99 -36.16 -22.83
N PRO B 304 -43.53 -35.60 -21.74
CA PRO B 304 -43.66 -34.14 -21.64
C PRO B 304 -42.39 -33.38 -21.26
N ALA B 305 -41.33 -34.03 -20.79
CA ALA B 305 -40.15 -33.28 -20.37
C ALA B 305 -38.92 -34.18 -20.37
N CYS B 306 -37.76 -33.56 -20.62
CA CYS B 306 -36.50 -34.30 -20.61
C CYS B 306 -35.34 -33.31 -20.46
N THR B 307 -34.42 -33.63 -19.55
CA THR B 307 -33.14 -32.92 -19.43
C THR B 307 -32.07 -33.93 -19.05
N HIS B 308 -31.00 -33.99 -19.83
CA HIS B 308 -29.98 -35.03 -19.65
C HIS B 308 -28.93 -34.59 -18.63
N SER B 309 -29.35 -34.55 -17.38
CA SER B 309 -28.47 -34.22 -16.26
C SER B 309 -27.98 -35.50 -15.60
N SER B 310 -27.16 -35.34 -14.57
CA SER B 310 -26.65 -36.49 -13.81
C SER B 310 -27.72 -37.09 -12.91
N ASP B 311 -28.80 -36.35 -12.64
CA ASP B 311 -29.90 -36.84 -11.81
C ASP B 311 -31.06 -37.30 -12.69
N PHE B 312 -32.15 -37.71 -12.05
CA PHE B 312 -33.32 -38.25 -12.73
C PHE B 312 -34.12 -37.11 -13.34
N GLY B 313 -33.84 -36.80 -14.60
CA GLY B 313 -34.45 -35.67 -15.27
C GLY B 313 -35.48 -35.97 -16.35
N GLY B 314 -36.16 -37.10 -16.28
CA GLY B 314 -37.18 -37.44 -17.24
C GLY B 314 -38.44 -37.96 -16.61
N VAL B 315 -39.56 -37.76 -17.31
CA VAL B 315 -40.87 -38.25 -16.88
C VAL B 315 -41.63 -38.75 -18.11
N ALA B 316 -42.35 -39.85 -17.94
CA ALA B 316 -43.11 -40.47 -19.04
C ALA B 316 -44.45 -40.97 -18.52
N ILE B 317 -45.45 -40.97 -19.40
CA ILE B 317 -46.81 -41.38 -19.07
C ILE B 317 -47.25 -42.45 -20.06
N ILE B 318 -47.78 -43.56 -19.55
CA ILE B 318 -48.18 -44.72 -20.35
C ILE B 318 -49.63 -45.06 -20.02
N LYS B 319 -50.43 -45.31 -21.05
CA LYS B 319 -51.82 -45.74 -20.93
C LYS B 319 -51.90 -47.24 -21.12
N TYR B 320 -52.84 -47.89 -20.42
CA TYR B 320 -52.95 -49.33 -20.49
C TYR B 320 -54.40 -49.76 -20.24
N THR B 321 -54.73 -50.96 -20.72
CA THR B 321 -55.99 -51.62 -20.41
C THR B 321 -55.69 -53.02 -19.89
N ALA B 322 -56.23 -53.36 -18.73
CA ALA B 322 -55.87 -54.58 -18.02
C ALA B 322 -57.08 -55.50 -17.89
N SER B 323 -56.82 -56.80 -17.93
CA SER B 323 -57.88 -57.79 -17.85
C SER B 323 -58.38 -57.99 -16.42
N LYS B 324 -57.50 -57.85 -15.43
CA LYS B 324 -57.87 -58.08 -14.04
C LYS B 324 -56.79 -57.45 -13.15
N LYS B 325 -57.09 -57.41 -11.86
CA LYS B 325 -56.23 -56.72 -10.91
C LYS B 325 -55.03 -57.57 -10.53
N GLY B 326 -53.86 -56.93 -10.41
CA GLY B 326 -52.66 -57.64 -10.07
C GLY B 326 -51.46 -56.72 -10.12
N LYS B 327 -50.28 -57.32 -9.95
CA LYS B 327 -49.00 -56.63 -10.01
C LYS B 327 -48.19 -57.11 -11.20
N CYS B 328 -47.30 -56.23 -11.70
CA CYS B 328 -46.48 -56.54 -12.86
C CYS B 328 -45.15 -55.83 -12.72
N ALA B 329 -44.15 -56.33 -13.46
CA ALA B 329 -42.79 -55.82 -13.40
C ALA B 329 -42.46 -55.01 -14.65
N VAL B 330 -41.53 -54.07 -14.50
CA VAL B 330 -41.11 -53.18 -15.58
C VAL B 330 -39.60 -53.32 -15.77
N HIS B 331 -39.15 -53.10 -17.02
CA HIS B 331 -37.76 -53.31 -17.36
C HIS B 331 -37.46 -52.59 -18.68
N SER B 332 -36.27 -52.00 -18.75
CA SER B 332 -35.83 -51.30 -19.95
C SER B 332 -35.12 -52.26 -20.90
N MET B 333 -35.26 -52.00 -22.20
CA MET B 333 -34.69 -52.84 -23.24
C MET B 333 -33.51 -52.18 -23.93
N THR B 334 -32.98 -51.09 -23.37
CA THR B 334 -31.80 -50.43 -23.91
C THR B 334 -30.80 -50.22 -22.79
N ASN B 335 -29.56 -49.91 -23.18
CA ASN B 335 -28.49 -49.75 -22.21
C ASN B 335 -28.24 -48.30 -21.81
N ALA B 336 -28.61 -47.35 -22.65
CA ALA B 336 -28.35 -45.93 -22.36
C ALA B 336 -29.40 -45.29 -21.46
N VAL B 337 -30.48 -46.00 -21.13
CA VAL B 337 -31.57 -45.43 -20.34
C VAL B 337 -31.83 -46.36 -19.15
N THR B 338 -31.87 -45.79 -17.94
CA THR B 338 -32.06 -46.54 -16.71
C THR B 338 -33.31 -46.06 -15.98
N ILE B 339 -34.03 -47.00 -15.37
CA ILE B 339 -35.37 -46.77 -14.83
C ILE B 339 -35.34 -47.05 -13.33
N ARG B 340 -35.99 -46.18 -12.56
CA ARG B 340 -35.99 -46.32 -11.11
C ARG B 340 -36.98 -47.36 -10.62
N GLU B 341 -38.21 -47.33 -11.12
CA GLU B 341 -39.26 -48.17 -10.57
C GLU B 341 -39.02 -49.64 -10.88
N ALA B 342 -39.32 -50.50 -9.91
CA ALA B 342 -39.15 -51.95 -10.04
C ALA B 342 -40.45 -52.68 -10.32
N ASP B 343 -41.55 -52.26 -9.71
CA ASP B 343 -42.85 -52.90 -9.94
C ASP B 343 -43.95 -51.85 -9.84
N VAL B 344 -45.08 -52.14 -10.50
CA VAL B 344 -46.22 -51.24 -10.54
C VAL B 344 -47.49 -52.03 -10.23
N GLU B 345 -48.56 -51.28 -9.96
CA GLU B 345 -49.89 -51.84 -9.70
C GLU B 345 -50.84 -51.43 -10.82
N VAL B 346 -51.55 -52.41 -11.37
CA VAL B 346 -52.36 -52.22 -12.58
C VAL B 346 -53.79 -52.69 -12.31
N GLU B 347 -54.76 -51.93 -12.82
CA GLU B 347 -56.16 -52.27 -12.67
C GLU B 347 -57.00 -51.44 -13.65
N GLY B 348 -57.94 -52.10 -14.32
CA GLY B 348 -58.91 -51.41 -15.15
C GLY B 348 -58.28 -50.68 -16.31
N ASN B 349 -58.67 -49.43 -16.49
CA ASN B 349 -58.19 -48.58 -17.59
C ASN B 349 -57.70 -47.27 -16.98
N SER B 350 -56.38 -47.10 -16.95
CA SER B 350 -55.78 -45.98 -16.24
C SER B 350 -54.38 -45.75 -16.83
N GLN B 351 -53.56 -44.99 -16.11
CA GLN B 351 -52.23 -44.65 -16.58
C GLN B 351 -51.25 -44.65 -15.42
N LEU B 352 -49.98 -44.85 -15.73
CA LEU B 352 -48.91 -44.86 -14.73
C LEU B 352 -47.80 -43.92 -15.17
N GLN B 353 -46.98 -43.52 -14.20
CA GLN B 353 -45.92 -42.53 -14.42
C GLN B 353 -44.59 -43.10 -13.94
N ILE B 354 -43.56 -42.95 -14.78
CA ILE B 354 -42.22 -43.45 -14.48
C ILE B 354 -41.19 -42.37 -14.77
N SER B 355 -39.98 -42.55 -14.24
CA SER B 355 -38.90 -41.60 -14.38
C SER B 355 -37.64 -42.31 -14.87
N PHE B 356 -36.75 -41.56 -15.51
CA PHE B 356 -35.56 -42.12 -16.12
C PHE B 356 -34.48 -41.05 -16.22
N SER B 357 -33.25 -41.50 -16.54
CA SER B 357 -32.13 -40.60 -16.79
C SER B 357 -31.30 -41.15 -17.94
N THR B 358 -30.69 -40.24 -18.69
CA THR B 358 -29.92 -40.63 -19.87
C THR B 358 -28.99 -39.47 -20.26
N ALA B 359 -27.99 -39.81 -21.08
CA ALA B 359 -27.04 -38.84 -21.59
C ALA B 359 -27.21 -38.52 -23.07
N LEU B 360 -28.18 -39.12 -23.74
CA LEU B 360 -28.39 -38.89 -25.16
C LEU B 360 -29.03 -37.54 -25.43
N ALA B 361 -28.68 -36.94 -26.56
CA ALA B 361 -29.33 -35.71 -26.99
C ALA B 361 -30.73 -35.96 -27.53
N SER B 362 -30.96 -37.13 -28.13
CA SER B 362 -32.26 -37.52 -28.65
C SER B 362 -32.54 -38.96 -28.22
N ALA B 363 -33.64 -39.17 -27.51
CA ALA B 363 -33.91 -40.43 -26.83
C ALA B 363 -34.81 -41.32 -27.67
N GLU B 364 -34.50 -42.61 -27.69
CA GLU B 364 -35.35 -43.62 -28.31
C GLU B 364 -35.13 -44.93 -27.59
N PHE B 365 -36.21 -45.53 -27.07
CA PHE B 365 -36.07 -46.73 -26.25
C PHE B 365 -37.40 -47.47 -26.21
N ARG B 366 -37.36 -48.69 -25.67
CA ARG B 366 -38.51 -49.56 -25.55
C ARG B 366 -38.66 -50.02 -24.10
N VAL B 367 -39.91 -50.21 -23.68
CA VAL B 367 -40.23 -50.58 -22.30
C VAL B 367 -41.13 -51.79 -22.31
N GLN B 368 -40.89 -52.72 -21.39
CA GLN B 368 -41.64 -53.97 -21.29
C GLN B 368 -42.48 -53.97 -20.02
N VAL B 369 -43.78 -54.26 -20.16
CA VAL B 369 -44.69 -54.38 -19.04
C VAL B 369 -45.48 -55.66 -19.24
N CYS B 370 -45.09 -56.73 -18.54
CA CYS B 370 -45.73 -58.03 -18.60
C CYS B 370 -45.96 -58.48 -20.05
N SER B 371 -44.85 -58.74 -20.73
CA SER B 371 -44.80 -59.44 -22.01
C SER B 371 -45.31 -58.62 -23.19
N THR B 372 -45.36 -57.30 -23.07
CA THR B 372 -45.68 -56.42 -24.18
C THR B 372 -44.75 -55.22 -24.18
N GLN B 373 -44.67 -54.54 -25.33
CA GLN B 373 -43.66 -53.50 -25.55
C GLN B 373 -44.26 -52.21 -26.12
N VAL B 374 -43.61 -51.09 -25.78
CA VAL B 374 -44.04 -49.75 -26.19
C VAL B 374 -42.82 -48.97 -26.67
N HIS B 375 -43.00 -48.16 -27.71
CA HIS B 375 -41.93 -47.33 -28.27
C HIS B 375 -42.15 -45.88 -27.87
N CYS B 376 -41.08 -45.21 -27.40
CA CYS B 376 -41.13 -43.81 -27.01
C CYS B 376 -39.97 -43.04 -27.63
N ALA B 377 -40.14 -41.72 -27.76
CA ALA B 377 -39.10 -40.85 -28.27
C ALA B 377 -39.37 -39.42 -27.81
N ALA B 378 -38.30 -38.63 -27.76
CA ALA B 378 -38.39 -37.24 -27.29
C ALA B 378 -37.08 -36.53 -27.57
N ALA B 379 -37.10 -35.20 -27.39
CA ALA B 379 -35.92 -34.35 -27.50
C ALA B 379 -35.56 -33.78 -26.13
N CYS B 380 -34.26 -33.65 -25.86
CA CYS B 380 -33.79 -33.35 -24.52
C CYS B 380 -32.85 -32.14 -24.54
N HIS B 381 -32.86 -31.40 -23.43
CA HIS B 381 -32.16 -30.13 -23.25
C HIS B 381 -30.93 -30.29 -22.36
N PRO B 382 -29.95 -29.40 -22.49
CA PRO B 382 -28.74 -29.49 -21.65
C PRO B 382 -28.94 -28.79 -20.32
N PRO B 383 -28.18 -29.18 -19.28
CA PRO B 383 -28.34 -28.55 -17.96
C PRO B 383 -27.53 -27.28 -17.81
N LYS B 384 -27.68 -26.58 -16.68
CA LYS B 384 -27.14 -25.24 -16.51
C LYS B 384 -26.19 -25.06 -15.33
N ASP B 385 -25.97 -26.09 -14.53
CA ASP B 385 -25.05 -26.01 -13.39
C ASP B 385 -23.74 -26.71 -13.72
N HIS B 386 -22.62 -26.08 -13.34
CA HIS B 386 -21.31 -26.57 -13.74
C HIS B 386 -20.83 -27.76 -12.92
N ILE B 387 -20.99 -27.72 -11.59
CA ILE B 387 -20.37 -28.71 -10.71
C ILE B 387 -21.39 -29.21 -9.69
N VAL B 388 -21.35 -30.53 -9.44
CA VAL B 388 -22.23 -31.19 -8.48
C VAL B 388 -21.38 -32.02 -7.53
N ASN B 389 -22.02 -32.56 -6.50
CA ASN B 389 -21.33 -33.24 -5.41
C ASN B 389 -21.59 -34.75 -5.37
N TYR B 390 -22.04 -35.34 -6.47
CA TYR B 390 -22.37 -36.76 -6.49
C TYR B 390 -22.14 -37.32 -7.88
N PRO B 391 -21.84 -38.61 -8.01
CA PRO B 391 -21.48 -39.17 -9.30
C PRO B 391 -22.70 -39.45 -10.17
N ALA B 392 -22.42 -39.72 -11.45
CA ALA B 392 -23.47 -39.99 -12.42
C ALA B 392 -24.10 -41.35 -12.21
N SER B 393 -25.37 -41.48 -12.62
CA SER B 393 -26.12 -42.73 -12.49
C SER B 393 -26.47 -43.35 -13.83
N HIS B 394 -25.70 -43.04 -14.88
CA HIS B 394 -25.92 -43.61 -16.20
C HIS B 394 -24.59 -43.93 -16.84
N THR B 395 -24.64 -44.67 -17.95
CA THR B 395 -23.44 -45.08 -18.66
C THR B 395 -22.97 -44.00 -19.63
N THR B 396 -21.81 -44.23 -20.23
CA THR B 396 -21.23 -43.32 -21.20
C THR B 396 -21.72 -43.69 -22.60
N LEU B 397 -21.54 -42.78 -23.55
CA LEU B 397 -22.01 -42.96 -24.92
C LEU B 397 -20.83 -43.18 -25.87
N GLY B 398 -21.14 -43.75 -27.04
CA GLY B 398 -20.15 -44.09 -28.03
C GLY B 398 -20.26 -43.28 -29.29
N VAL B 399 -19.51 -43.72 -30.31
CA VAL B 399 -19.45 -42.99 -31.57
C VAL B 399 -20.75 -43.12 -32.35
N GLN B 400 -21.50 -44.19 -32.13
CA GLN B 400 -22.72 -44.42 -32.90
C GLN B 400 -23.91 -43.62 -32.40
N ASP B 401 -23.80 -42.95 -31.25
CA ASP B 401 -24.90 -42.18 -30.69
C ASP B 401 -24.79 -40.74 -31.17
N ILE B 402 -25.69 -40.33 -32.06
CA ILE B 402 -25.67 -39.01 -32.66
C ILE B 402 -27.10 -38.52 -32.85
N SER B 403 -27.26 -37.20 -32.82
CA SER B 403 -28.57 -36.59 -32.95
C SER B 403 -29.15 -36.86 -34.33
N THR B 404 -30.48 -36.97 -34.39
CA THR B 404 -31.15 -37.28 -35.65
C THR B 404 -30.98 -36.16 -36.67
N THR B 405 -30.99 -34.90 -36.22
CA THR B 405 -30.80 -33.79 -37.14
C THR B 405 -29.43 -33.83 -37.78
N ALA B 406 -28.39 -34.13 -37.00
CA ALA B 406 -27.04 -34.18 -37.55
C ALA B 406 -26.88 -35.34 -38.54
N MET B 407 -27.51 -36.48 -38.25
CA MET B 407 -27.37 -37.64 -39.14
C MET B 407 -27.97 -37.36 -40.51
N SER B 408 -29.04 -36.57 -40.58
CA SER B 408 -29.64 -36.24 -41.86
C SER B 408 -28.67 -35.46 -42.75
N TRP B 409 -27.97 -34.48 -42.17
CA TRP B 409 -27.07 -33.65 -42.98
C TRP B 409 -25.92 -34.48 -43.56
N VAL B 410 -25.43 -35.47 -42.81
CA VAL B 410 -24.33 -36.30 -43.30
C VAL B 410 -24.77 -37.07 -44.54
N GLN B 411 -26.00 -37.59 -44.55
CA GLN B 411 -26.47 -38.37 -45.69
C GLN B 411 -26.56 -37.51 -46.95
N LYS B 412 -27.00 -36.27 -46.82
CA LYS B 412 -27.10 -35.38 -47.99
C LYS B 412 -25.73 -35.14 -48.62
N ILE B 413 -24.72 -34.87 -47.79
CA ILE B 413 -23.41 -34.52 -48.32
C ILE B 413 -22.76 -35.73 -49.00
N THR B 414 -22.80 -36.89 -48.33
CA THR B 414 -22.21 -38.09 -48.91
C THR B 414 -22.92 -38.49 -50.20
N GLY B 415 -24.25 -38.43 -50.21
CA GLY B 415 -24.99 -38.80 -51.40
C GLY B 415 -24.69 -37.89 -52.58
N GLY B 416 -24.52 -36.60 -52.33
CA GLY B 416 -24.24 -35.67 -53.42
C GLY B 416 -22.94 -35.98 -54.13
N VAL B 417 -21.88 -36.24 -53.36
CA VAL B 417 -20.59 -36.55 -53.96
C VAL B 417 -20.62 -37.89 -54.67
N GLY B 418 -21.28 -38.88 -54.08
CA GLY B 418 -21.35 -40.19 -54.70
C GLY B 418 -22.07 -40.20 -56.03
N LEU B 419 -23.14 -39.41 -56.14
CA LEU B 419 -23.91 -39.37 -57.37
C LEU B 419 -23.08 -38.79 -58.52
N ILE B 420 -22.30 -37.75 -58.23
CA ILE B 420 -21.50 -37.10 -59.27
C ILE B 420 -20.45 -38.07 -59.80
N VAL B 421 -19.82 -38.84 -58.92
CA VAL B 421 -18.82 -39.81 -59.35
C VAL B 421 -19.47 -40.90 -60.20
N ALA B 422 -20.65 -41.35 -59.80
CA ALA B 422 -21.30 -42.44 -60.52
C ALA B 422 -21.63 -42.04 -61.96
N VAL B 423 -22.15 -40.82 -62.16
CA VAL B 423 -22.53 -40.39 -63.50
C VAL B 423 -21.29 -40.20 -64.37
N ALA B 424 -20.19 -39.72 -63.78
CA ALA B 424 -18.95 -39.54 -64.53
C ALA B 424 -18.41 -40.89 -65.00
N ALA B 425 -18.52 -41.92 -64.16
CA ALA B 425 -18.01 -43.24 -64.54
C ALA B 425 -18.80 -43.82 -65.70
N LEU B 426 -20.10 -43.55 -65.76
CA LEU B 426 -20.93 -44.12 -66.83
C LEU B 426 -20.51 -43.61 -68.20
N ILE B 427 -20.18 -42.32 -68.30
CA ILE B 427 -19.81 -41.74 -69.59
C ILE B 427 -18.54 -42.39 -70.13
N LEU B 428 -17.51 -42.52 -69.28
CA LEU B 428 -16.22 -43.03 -69.74
C LEU B 428 -16.31 -44.48 -70.20
N ILE B 429 -17.11 -45.31 -69.51
CA ILE B 429 -17.24 -46.71 -69.89
C ILE B 429 -17.87 -46.82 -71.29
N VAL B 430 -18.90 -46.02 -71.55
CA VAL B 430 -19.57 -46.09 -72.85
C VAL B 430 -18.62 -45.71 -73.97
N VAL B 431 -17.83 -44.64 -73.77
CA VAL B 431 -16.88 -44.20 -74.79
C VAL B 431 -15.85 -45.31 -75.07
N LEU B 432 -15.36 -45.96 -74.02
CA LEU B 432 -14.38 -47.03 -74.21
C LEU B 432 -14.97 -48.21 -74.98
N CYS B 433 -16.24 -48.54 -74.72
CA CYS B 433 -16.83 -49.72 -75.35
C CYS B 433 -16.96 -49.55 -76.86
N VAL B 434 -17.41 -48.37 -77.31
CA VAL B 434 -17.59 -48.14 -78.75
C VAL B 434 -16.25 -48.21 -79.48
N SER B 435 -15.17 -47.76 -78.84
CA SER B 435 -13.86 -47.82 -79.46
C SER B 435 -13.45 -49.26 -79.75
N PHE B 436 -13.75 -50.18 -78.83
CA PHE B 436 -13.39 -51.58 -79.04
C PHE B 436 -14.11 -52.15 -80.26
N SER B 437 -15.41 -51.92 -80.38
CA SER B 437 -16.19 -52.55 -81.45
C SER B 437 -15.91 -51.89 -82.80
N ARG B 438 -15.72 -50.57 -82.81
CA ARG B 438 -15.60 -49.85 -84.07
C ARG B 438 -14.34 -50.27 -84.83
N HIS B 439 -13.23 -50.48 -84.13
CA HIS B 439 -11.98 -50.83 -84.77
C HIS B 439 -12.00 -52.27 -85.29
N TYR C 1 -8.00 52.16 -22.56
CA TYR C 1 -7.00 51.58 -23.44
C TYR C 1 -6.77 50.11 -23.09
N GLU C 2 -7.09 49.22 -24.03
CA GLU C 2 -7.03 47.79 -23.79
C GLU C 2 -5.70 47.20 -24.27
N HIS C 3 -5.23 46.19 -23.53
CA HIS C 3 -4.00 45.49 -23.85
C HIS C 3 -4.20 44.02 -23.52
N VAL C 4 -3.77 43.13 -24.42
CA VAL C 4 -3.98 41.70 -24.29
C VAL C 4 -2.63 40.99 -24.34
N THR C 5 -2.42 40.05 -23.41
CA THR C 5 -1.19 39.28 -23.33
C THR C 5 -1.54 37.82 -22.99
N VAL C 6 -0.55 36.94 -23.15
CA VAL C 6 -0.68 35.53 -22.79
C VAL C 6 0.55 35.12 -22.00
N ILE C 7 0.35 34.46 -20.86
CA ILE C 7 1.46 33.98 -20.04
C ILE C 7 1.34 32.48 -19.83
N PRO C 8 2.44 31.73 -19.90
CA PRO C 8 2.37 30.28 -19.65
C PRO C 8 2.13 29.98 -18.18
N ASN C 9 1.58 28.79 -17.95
CA ASN C 9 1.16 28.37 -16.60
C ASN C 9 2.34 27.75 -15.85
N THR C 10 3.25 28.63 -15.42
CA THR C 10 4.39 28.24 -14.59
C THR C 10 4.45 29.14 -13.38
N VAL C 11 4.59 28.54 -12.19
CA VAL C 11 4.60 29.28 -10.93
C VAL C 11 6.02 29.67 -10.56
N GLY C 12 6.20 30.93 -10.18
CA GLY C 12 7.47 31.40 -9.64
C GLY C 12 8.48 31.95 -10.63
N VAL C 13 8.06 32.32 -11.84
CA VAL C 13 8.95 32.93 -12.82
C VAL C 13 8.29 34.20 -13.36
N PRO C 14 8.94 35.36 -13.26
CA PRO C 14 8.32 36.61 -13.75
C PRO C 14 8.37 36.78 -15.26
N TYR C 15 7.43 37.58 -15.75
CA TYR C 15 7.30 37.90 -17.18
C TYR C 15 7.07 39.39 -17.35
N LYS C 16 7.44 39.90 -18.53
CA LYS C 16 7.34 41.32 -18.83
C LYS C 16 6.65 41.53 -20.17
N THR C 17 5.95 42.66 -20.29
CA THR C 17 5.26 43.04 -21.52
C THR C 17 5.39 44.54 -21.74
N LEU C 18 5.29 44.96 -22.99
CA LEU C 18 5.50 46.35 -23.38
C LEU C 18 4.19 46.97 -23.86
N VAL C 19 3.91 48.18 -23.36
CA VAL C 19 2.75 48.95 -23.77
C VAL C 19 3.25 50.19 -24.51
N ASN C 20 2.77 50.39 -25.74
CA ASN C 20 3.22 51.48 -26.59
C ASN C 20 2.02 52.22 -27.13
N ARG C 21 1.91 53.51 -26.80
CA ARG C 21 0.79 54.34 -27.21
C ARG C 21 1.33 55.61 -27.85
N PRO C 22 0.93 55.93 -29.08
CA PRO C 22 1.45 57.13 -29.75
C PRO C 22 1.14 58.38 -28.96
N GLY C 23 2.13 59.29 -28.90
CA GLY C 23 2.00 60.52 -28.17
C GLY C 23 2.52 60.49 -26.74
N TYR C 24 2.81 59.30 -26.20
CA TYR C 24 3.26 59.17 -24.83
C TYR C 24 4.46 58.23 -24.75
N SER C 25 5.19 58.33 -23.64
CA SER C 25 6.36 57.50 -23.42
C SER C 25 5.96 56.04 -23.17
N PRO C 26 6.81 55.09 -23.57
CA PRO C 26 6.48 53.68 -23.34
C PRO C 26 6.55 53.31 -21.86
N MET C 27 5.79 52.27 -21.51
CA MET C 27 5.70 51.77 -20.15
C MET C 27 5.84 50.25 -20.14
N VAL C 28 6.52 49.72 -19.12
CA VAL C 28 6.83 48.30 -19.02
C VAL C 28 6.23 47.75 -17.73
N LEU C 29 5.55 46.61 -17.84
CA LEU C 29 4.91 45.94 -16.71
C LEU C 29 5.58 44.60 -16.40
N GLU C 30 5.43 44.16 -15.16
CA GLU C 30 5.95 42.87 -14.72
C GLU C 30 4.88 42.12 -13.93
N MET C 31 4.75 40.81 -14.19
CA MET C 31 3.72 39.99 -13.58
C MET C 31 4.30 38.67 -13.12
N GLU C 32 3.73 38.11 -12.05
CA GLU C 32 4.17 36.84 -11.50
C GLU C 32 2.99 36.10 -10.89
N LEU C 33 2.92 34.79 -11.16
CA LEU C 33 1.79 33.95 -10.77
C LEU C 33 2.14 33.17 -9.51
N GLN C 34 1.24 33.17 -8.52
CA GLN C 34 1.51 32.56 -7.23
C GLN C 34 0.74 31.28 -6.95
N SER C 35 -0.50 31.13 -7.41
CA SER C 35 -1.22 29.89 -7.13
C SER C 35 -2.36 29.70 -8.13
N VAL C 36 -2.66 28.43 -8.40
CA VAL C 36 -3.80 28.03 -9.22
C VAL C 36 -4.47 26.83 -8.56
N THR C 37 -5.80 26.87 -8.43
CA THR C 37 -6.56 25.84 -7.72
C THR C 37 -7.73 25.35 -8.56
N LEU C 38 -7.95 24.03 -8.54
CA LEU C 38 -9.11 23.41 -9.17
C LEU C 38 -9.96 22.72 -8.09
N GLU C 39 -11.28 22.78 -8.26
CA GLU C 39 -12.19 22.21 -7.27
C GLU C 39 -13.41 21.54 -7.92
N PRO C 40 -13.59 20.24 -7.74
CA PRO C 40 -14.70 19.53 -8.38
C PRO C 40 -16.00 19.67 -7.60
N THR C 41 -17.07 19.17 -8.21
CA THR C 41 -18.41 19.12 -7.62
C THR C 41 -18.74 17.69 -7.25
N LEU C 42 -19.19 17.48 -6.01
CA LEU C 42 -19.31 16.15 -5.42
C LEU C 42 -20.74 15.86 -4.96
N SER C 43 -21.11 14.58 -5.02
CA SER C 43 -22.37 14.08 -4.47
C SER C 43 -22.13 12.76 -3.75
N LEU C 44 -22.82 12.55 -2.64
CA LEU C 44 -22.54 11.43 -1.76
C LEU C 44 -23.41 10.22 -2.10
N ASP C 45 -22.83 9.02 -1.97
CA ASP C 45 -23.53 7.79 -2.31
C ASP C 45 -23.81 6.91 -1.09
N TYR C 46 -22.78 6.50 -0.34
CA TYR C 46 -23.00 5.71 0.87
C TYR C 46 -21.71 5.69 1.69
N ILE C 47 -21.79 5.10 2.89
CA ILE C 47 -20.66 4.98 3.80
C ILE C 47 -20.56 3.54 4.31
N THR C 48 -19.39 3.21 4.88
CA THR C 48 -19.13 1.90 5.45
C THR C 48 -18.41 2.04 6.79
N CYS C 49 -18.60 1.04 7.66
CA CYS C 49 -17.90 0.98 8.95
C CYS C 49 -17.98 -0.46 9.46
N GLU C 50 -17.64 -0.65 10.74
CA GLU C 50 -17.66 -1.98 11.35
C GLU C 50 -19.08 -2.41 11.72
N TYR C 51 -19.22 -3.67 12.09
CA TYR C 51 -20.49 -4.25 12.50
C TYR C 51 -20.38 -4.89 13.88
N LYS C 52 -21.54 -5.19 14.47
CA LYS C 52 -21.63 -5.82 15.78
C LYS C 52 -22.64 -6.96 15.73
N THR C 53 -22.41 -7.98 16.55
CA THR C 53 -23.28 -9.15 16.67
C THR C 53 -23.91 -9.18 18.06
N VAL C 54 -25.21 -9.46 18.11
CA VAL C 54 -25.98 -9.50 19.36
C VAL C 54 -26.46 -10.93 19.57
N ILE C 55 -26.16 -11.48 20.75
CA ILE C 55 -26.54 -12.85 21.10
C ILE C 55 -27.15 -12.89 22.48
N PRO C 56 -28.45 -13.18 22.61
CA PRO C 56 -29.07 -13.30 23.94
C PRO C 56 -28.88 -14.69 24.54
N SER C 57 -29.33 -14.82 25.78
CA SER C 57 -29.11 -16.04 26.54
C SER C 57 -29.86 -17.22 25.94
N PRO C 58 -29.27 -18.41 25.94
CA PRO C 58 -29.97 -19.58 25.39
C PRO C 58 -31.09 -20.06 26.31
N TYR C 59 -32.04 -20.76 25.71
CA TYR C 59 -33.21 -21.29 26.40
C TYR C 59 -33.15 -22.82 26.40
N VAL C 60 -33.15 -23.41 27.59
CA VAL C 60 -33.00 -24.86 27.75
C VAL C 60 -34.30 -25.41 28.31
N LYS C 61 -34.94 -26.29 27.54
CA LYS C 61 -36.22 -26.89 27.93
C LYS C 61 -36.06 -28.40 27.97
N CYS C 62 -36.16 -28.99 29.15
CA CYS C 62 -35.96 -30.41 29.35
C CYS C 62 -37.30 -31.14 29.37
N CYS C 63 -37.31 -32.37 28.84
CA CYS C 63 -38.54 -33.14 28.62
C CYS C 63 -39.58 -32.35 27.84
N GLY C 64 -39.14 -31.77 26.73
CA GLY C 64 -40.05 -31.02 25.88
C GLY C 64 -39.41 -30.68 24.55
N THR C 65 -40.25 -30.17 23.65
CA THR C 65 -39.86 -29.80 22.29
C THR C 65 -40.07 -28.30 22.11
N ALA C 66 -39.02 -27.60 21.67
CA ALA C 66 -39.06 -26.17 21.46
C ALA C 66 -39.25 -25.84 19.98
N GLU C 67 -39.68 -24.60 19.73
CA GLU C 67 -39.88 -24.11 18.37
C GLU C 67 -39.70 -22.60 18.36
N CYS C 68 -39.42 -22.04 17.17
CA CYS C 68 -39.14 -20.62 17.04
C CYS C 68 -39.79 -20.07 15.78
N LYS C 69 -39.98 -18.75 15.77
CA LYS C 69 -40.68 -18.06 14.70
C LYS C 69 -39.74 -17.08 14.00
N ASP C 70 -40.20 -16.60 12.84
CA ASP C 70 -39.40 -15.72 11.99
C ASP C 70 -39.54 -14.26 12.42
N LYS C 71 -38.51 -13.48 12.11
CA LYS C 71 -38.50 -12.04 12.35
C LYS C 71 -37.86 -11.36 11.15
N SER C 72 -37.99 -10.03 11.09
CA SER C 72 -37.54 -9.25 9.95
C SER C 72 -36.15 -8.64 10.14
N LEU C 73 -35.49 -8.88 11.28
CA LEU C 73 -34.20 -8.27 11.55
C LEU C 73 -33.15 -8.81 10.59
N PRO C 74 -32.13 -8.01 10.27
CA PRO C 74 -31.10 -8.45 9.31
C PRO C 74 -30.37 -9.70 9.77
N ASP C 75 -30.15 -10.62 8.82
CA ASP C 75 -29.36 -11.84 9.03
C ASP C 75 -29.82 -12.62 10.27
N TYR C 76 -31.13 -12.83 10.36
CA TYR C 76 -31.70 -13.57 11.48
C TYR C 76 -31.59 -15.08 11.23
N SER C 77 -31.29 -15.82 12.29
CA SER C 77 -31.20 -17.27 12.21
C SER C 77 -31.65 -17.90 13.52
N CYS C 78 -32.31 -19.06 13.41
CA CYS C 78 -32.69 -19.86 14.57
C CYS C 78 -32.55 -21.33 14.23
N LYS C 79 -32.12 -22.12 15.22
CA LYS C 79 -32.00 -23.56 15.06
C LYS C 79 -32.37 -24.25 16.37
N VAL C 80 -32.73 -25.53 16.26
CA VAL C 80 -33.11 -26.35 17.40
C VAL C 80 -32.26 -27.62 17.41
N PHE C 81 -31.66 -27.92 18.56
CA PHE C 81 -30.81 -29.09 18.73
C PHE C 81 -31.42 -30.03 19.77
N THR C 82 -31.14 -31.33 19.62
CA THR C 82 -31.69 -32.36 20.48
C THR C 82 -30.58 -33.10 21.20
N GLY C 83 -30.91 -33.66 22.37
CA GLY C 83 -30.00 -34.53 23.09
C GLY C 83 -28.99 -33.85 24.00
N VAL C 84 -29.35 -32.72 24.61
CA VAL C 84 -28.42 -31.97 25.45
C VAL C 84 -28.58 -32.38 26.91
N TYR C 85 -27.53 -32.13 27.70
CA TYR C 85 -27.51 -32.44 29.12
C TYR C 85 -26.52 -31.53 29.84
N PRO C 86 -26.91 -30.30 30.16
CA PRO C 86 -25.95 -29.33 30.70
C PRO C 86 -25.53 -29.62 32.13
N PHE C 87 -24.40 -29.04 32.51
CA PHE C 87 -23.89 -29.07 33.87
C PHE C 87 -23.61 -27.63 34.35
N MET C 88 -23.77 -27.42 35.65
CA MET C 88 -23.40 -26.17 36.31
C MET C 88 -22.52 -26.48 37.51
N TRP C 89 -22.09 -25.42 38.19
CA TRP C 89 -21.08 -25.57 39.24
C TRP C 89 -21.58 -26.39 40.41
N GLY C 90 -22.89 -26.48 40.60
CA GLY C 90 -23.47 -27.23 41.69
C GLY C 90 -24.01 -28.60 41.36
N GLY C 91 -24.02 -28.99 40.09
CA GLY C 91 -24.61 -30.24 39.68
C GLY C 91 -25.43 -30.07 38.42
N ALA C 92 -26.11 -31.14 38.04
CA ALA C 92 -26.88 -31.16 36.80
C ALA C 92 -28.04 -30.16 36.85
N TYR C 93 -28.45 -29.69 35.68
CA TYR C 93 -29.46 -28.65 35.62
C TYR C 93 -30.86 -29.22 35.81
N CYS C 94 -31.32 -30.07 34.90
CA CYS C 94 -32.70 -30.55 34.93
C CYS C 94 -32.77 -32.04 35.25
N PHE C 95 -33.88 -32.41 35.90
CA PHE C 95 -34.06 -33.76 36.42
C PHE C 95 -34.05 -34.78 35.30
N CYS C 96 -34.62 -34.42 34.14
CA CYS C 96 -34.74 -35.34 33.03
C CYS C 96 -33.38 -35.75 32.50
N ASP C 97 -33.24 -37.02 32.12
CA ASP C 97 -32.00 -37.54 31.58
C ASP C 97 -32.09 -37.70 30.07
N ALA C 98 -33.25 -37.37 29.49
CA ALA C 98 -33.44 -37.48 28.05
C ALA C 98 -34.47 -36.47 27.60
N GLU C 99 -34.59 -36.32 26.28
CA GLU C 99 -35.57 -35.45 25.63
C GLU C 99 -35.40 -33.98 26.03
N ASN C 100 -34.16 -33.53 26.15
CA ASN C 100 -33.88 -32.13 26.41
C ASN C 100 -33.62 -31.40 25.08
N THR C 101 -33.97 -30.12 25.04
CA THR C 101 -33.79 -29.31 23.84
C THR C 101 -33.19 -27.96 24.18
N GLN C 102 -32.56 -27.33 23.18
CA GLN C 102 -31.94 -26.02 23.34
C GLN C 102 -32.24 -25.13 22.13
N LEU C 103 -32.53 -23.86 22.39
CA LEU C 103 -32.89 -22.88 21.37
C LEU C 103 -31.83 -21.78 21.33
N SER C 104 -31.42 -21.38 20.12
CA SER C 104 -30.41 -20.34 19.96
C SER C 104 -30.78 -19.41 18.82
N GLU C 105 -30.33 -18.16 18.91
CA GLU C 105 -30.63 -17.15 17.90
C GLU C 105 -29.60 -16.03 17.95
N ALA C 106 -29.47 -15.32 16.83
CA ALA C 106 -28.54 -14.19 16.72
C ALA C 106 -28.92 -13.32 15.53
N HIS C 107 -28.50 -12.06 15.57
CA HIS C 107 -28.68 -11.14 14.46
C HIS C 107 -27.60 -10.06 14.49
N VAL C 108 -27.56 -9.25 13.43
CA VAL C 108 -26.45 -8.33 13.17
C VAL C 108 -26.96 -6.89 13.23
N GLU C 109 -26.14 -6.01 13.82
CA GLU C 109 -26.47 -4.59 13.96
C GLU C 109 -25.35 -3.70 13.45
N LYS C 110 -25.48 -2.39 13.64
CA LYS C 110 -24.47 -1.42 13.24
C LYS C 110 -23.71 -0.92 14.47
N SER C 111 -22.40 -0.76 14.32
CA SER C 111 -21.57 -0.37 15.46
C SER C 111 -21.80 1.10 15.82
N GLU C 112 -21.59 1.41 17.10
CA GLU C 112 -21.73 2.78 17.57
C GLU C 112 -20.57 3.67 17.12
N SER C 113 -19.37 3.09 16.98
CA SER C 113 -18.17 3.85 16.66
C SER C 113 -18.18 4.43 15.25
N CYS C 114 -19.21 4.16 14.45
CA CYS C 114 -19.25 4.60 13.06
C CYS C 114 -19.28 6.11 12.90
N LYS C 115 -19.56 6.86 13.97
CA LYS C 115 -19.58 8.32 13.89
C LYS C 115 -18.18 8.93 13.81
N THR C 116 -17.14 8.15 14.13
CA THR C 116 -15.78 8.68 14.16
C THR C 116 -14.86 8.04 13.14
N GLU C 117 -14.99 6.74 12.90
CA GLU C 117 -14.17 6.03 11.92
C GLU C 117 -15.08 5.54 10.80
N PHE C 118 -14.98 6.17 9.63
CA PHE C 118 -15.78 5.76 8.48
C PHE C 118 -15.11 6.25 7.19
N ALA C 119 -15.57 5.69 6.07
CA ALA C 119 -15.13 6.09 4.74
C ALA C 119 -16.35 6.39 3.88
N SER C 120 -16.18 7.29 2.92
CA SER C 120 -17.29 7.80 2.13
C SER C 120 -16.98 7.73 0.65
N ALA C 121 -18.01 7.47 -0.15
CA ALA C 121 -17.91 7.35 -1.60
C ALA C 121 -18.61 8.51 -2.27
N TYR C 122 -18.03 8.99 -3.37
CA TYR C 122 -18.51 10.19 -4.04
C TYR C 122 -18.56 9.97 -5.55
N ARG C 123 -19.34 10.82 -6.22
CA ARG C 123 -19.34 10.96 -7.67
C ARG C 123 -18.80 12.33 -8.05
N ALA C 124 -17.97 12.38 -9.09
CA ALA C 124 -17.27 13.60 -9.47
C ALA C 124 -17.84 14.21 -10.74
N HIS C 125 -17.79 15.54 -10.81
CA HIS C 125 -18.27 16.29 -11.97
C HIS C 125 -17.29 17.38 -12.37
N THR C 126 -17.67 18.21 -13.35
CA THR C 126 -16.79 19.25 -13.87
C THR C 126 -16.35 20.22 -12.78
N ALA C 127 -15.09 20.62 -12.83
CA ALA C 127 -14.48 21.48 -11.82
C ALA C 127 -14.39 22.93 -12.28
N SER C 128 -14.25 23.84 -11.30
CA SER C 128 -14.01 25.25 -11.52
C SER C 128 -12.54 25.57 -11.31
N ALA C 129 -12.18 26.85 -11.51
CA ALA C 129 -10.79 27.29 -11.41
C ALA C 129 -10.70 28.67 -10.77
N SER C 130 -9.57 28.93 -10.10
CA SER C 130 -9.29 30.19 -9.47
C SER C 130 -7.79 30.46 -9.49
N ALA C 131 -7.41 31.72 -9.33
CA ALA C 131 -6.01 32.13 -9.50
C ALA C 131 -5.70 33.36 -8.66
N LYS C 132 -4.40 33.56 -8.42
CA LYS C 132 -3.88 34.67 -7.63
C LYS C 132 -2.63 35.22 -8.30
N LEU C 133 -2.54 36.55 -8.37
CA LEU C 133 -1.49 37.22 -9.14
C LEU C 133 -0.81 38.31 -8.33
N ARG C 134 0.45 38.59 -8.69
CA ARG C 134 1.19 39.75 -8.23
C ARG C 134 1.58 40.61 -9.41
N VAL C 135 1.31 41.91 -9.30
CA VAL C 135 1.53 42.86 -10.39
C VAL C 135 2.35 44.04 -9.88
N LEU C 136 3.38 44.42 -10.63
CA LEU C 136 4.21 45.58 -10.33
C LEU C 136 3.67 46.76 -11.13
N TYR C 137 3.14 47.75 -10.44
CA TYR C 137 2.36 48.81 -11.08
C TYR C 137 2.72 50.15 -10.44
N GLN C 138 3.20 51.09 -11.27
CA GLN C 138 3.52 52.45 -10.85
C GLN C 138 4.57 52.49 -9.74
N GLY C 139 5.46 51.50 -9.71
CA GLY C 139 6.51 51.45 -8.70
C GLY C 139 6.12 50.80 -7.40
N ASN C 140 4.97 50.14 -7.33
CA ASN C 140 4.51 49.48 -6.12
C ASN C 140 3.94 48.12 -6.47
N ASN C 141 3.85 47.24 -5.47
CA ASN C 141 3.30 45.91 -5.64
C ASN C 141 1.85 45.90 -5.22
N ILE C 142 0.99 45.32 -6.07
CA ILE C 142 -0.42 45.11 -5.75
C ILE C 142 -0.77 43.66 -6.06
N THR C 143 -1.85 43.18 -5.46
CA THR C 143 -2.30 41.81 -5.62
C THR C 143 -3.76 41.78 -6.03
N VAL C 144 -4.11 40.76 -6.84
CA VAL C 144 -5.46 40.56 -7.33
C VAL C 144 -5.84 39.10 -7.15
N ALA C 145 -7.14 38.84 -7.05
CA ALA C 145 -7.66 37.49 -6.88
C ALA C 145 -8.99 37.39 -7.61
N ALA C 146 -9.12 36.39 -8.49
CA ALA C 146 -10.28 36.33 -9.36
C ALA C 146 -10.48 34.91 -9.86
N TYR C 147 -11.68 34.66 -10.39
CA TYR C 147 -12.01 33.38 -11.01
C TYR C 147 -11.45 33.32 -12.42
N ALA C 148 -10.99 32.14 -12.82
CA ALA C 148 -10.33 31.95 -14.12
C ALA C 148 -11.38 31.64 -15.19
N ASN C 149 -12.21 32.63 -15.45
CA ASN C 149 -13.11 32.62 -16.61
C ASN C 149 -13.44 34.06 -16.96
N GLY C 150 -14.21 34.23 -18.03
CA GLY C 150 -14.54 35.56 -18.50
C GLY C 150 -15.69 36.23 -17.78
N ASP C 151 -16.13 35.68 -16.64
CA ASP C 151 -17.33 36.15 -15.96
C ASP C 151 -17.01 36.87 -14.65
N HIS C 152 -15.81 37.42 -14.51
CA HIS C 152 -15.44 38.08 -13.27
C HIS C 152 -14.44 39.18 -13.56
N ALA C 153 -14.61 40.33 -12.88
CA ALA C 153 -13.72 41.47 -13.04
C ALA C 153 -13.52 42.14 -11.70
N VAL C 154 -12.30 42.60 -11.44
CA VAL C 154 -11.93 43.25 -10.19
C VAL C 154 -11.28 44.59 -10.52
N THR C 155 -11.34 45.50 -9.56
CA THR C 155 -10.80 46.85 -9.74
C THR C 155 -9.86 47.17 -8.60
N VAL C 156 -8.58 47.36 -8.91
CA VAL C 156 -7.58 47.79 -7.94
C VAL C 156 -6.85 48.98 -8.52
N LYS C 157 -6.90 50.11 -7.81
CA LYS C 157 -6.25 51.35 -8.24
C LYS C 157 -6.73 51.78 -9.64
N ASP C 158 -8.05 51.72 -9.84
CA ASP C 158 -8.71 52.20 -11.05
C ASP C 158 -8.37 51.38 -12.29
N ALA C 159 -7.89 50.16 -12.13
CA ALA C 159 -7.60 49.28 -13.26
C ALA C 159 -8.49 48.04 -13.20
N LYS C 160 -8.99 47.61 -14.35
CA LYS C 160 -9.81 46.42 -14.47
C LYS C 160 -8.99 45.24 -14.93
N PHE C 161 -9.22 44.08 -14.32
CA PHE C 161 -8.52 42.84 -14.69
C PHE C 161 -9.55 41.76 -14.99
N VAL C 162 -9.31 41.01 -16.07
CA VAL C 162 -10.09 39.83 -16.42
C VAL C 162 -9.12 38.69 -16.71
N VAL C 163 -9.35 37.55 -16.07
CA VAL C 163 -8.44 36.41 -16.14
C VAL C 163 -9.20 35.20 -16.68
N GLY C 164 -8.62 34.53 -17.67
CA GLY C 164 -9.19 33.31 -18.20
C GLY C 164 -9.87 33.51 -19.53
N PRO C 165 -10.46 32.44 -20.08
CA PRO C 165 -10.52 31.06 -19.58
C PRO C 165 -9.27 30.25 -19.88
N MET C 166 -9.13 29.06 -19.29
CA MET C 166 -7.93 28.26 -19.44
C MET C 166 -7.96 27.47 -20.75
N SER C 167 -6.77 27.09 -21.21
CA SER C 167 -6.61 26.42 -22.49
C SER C 167 -6.70 24.91 -22.40
N SER C 168 -6.79 24.32 -21.21
CA SER C 168 -6.85 22.87 -21.07
C SER C 168 -7.91 22.50 -20.05
N ALA C 169 -8.52 21.33 -20.26
CA ALA C 169 -9.55 20.79 -19.38
C ALA C 169 -9.12 19.50 -18.69
N TRP C 170 -7.81 19.26 -18.60
CA TRP C 170 -7.33 18.04 -17.96
C TRP C 170 -7.51 18.11 -16.45
N THR C 171 -8.03 17.01 -15.87
CA THR C 171 -8.25 16.90 -14.44
C THR C 171 -7.73 15.55 -13.95
N PRO C 172 -7.16 15.50 -12.74
CA PRO C 172 -6.59 14.24 -12.25
C PRO C 172 -7.60 13.27 -11.66
N PHE C 173 -8.86 13.66 -11.48
CA PHE C 173 -9.86 12.83 -10.84
C PHE C 173 -10.66 12.05 -11.87
N ASP C 174 -11.03 10.83 -11.51
CA ASP C 174 -11.91 10.00 -12.31
C ASP C 174 -13.37 10.26 -11.91
N ASN C 175 -14.27 9.39 -12.36
CA ASN C 175 -15.68 9.55 -12.03
C ASN C 175 -16.00 9.14 -10.60
N LYS C 176 -15.29 8.16 -10.05
CA LYS C 176 -15.55 7.64 -8.72
C LYS C 176 -14.31 7.76 -7.84
N ILE C 177 -14.48 8.36 -6.66
CA ILE C 177 -13.39 8.54 -5.71
C ILE C 177 -13.87 8.13 -4.32
N VAL C 178 -12.91 7.79 -3.46
CA VAL C 178 -13.17 7.42 -2.07
C VAL C 178 -12.21 8.18 -1.16
N VAL C 179 -12.73 8.73 -0.06
CA VAL C 179 -12.02 9.70 0.76
C VAL C 179 -11.92 9.17 2.19
N TYR C 180 -10.74 9.32 2.79
CA TYR C 180 -10.53 8.86 4.17
C TYR C 180 -9.42 9.70 4.81
N LYS C 181 -9.81 10.66 5.63
CA LYS C 181 -8.91 11.41 6.51
C LYS C 181 -7.68 11.94 5.78
N GLY C 182 -7.91 12.66 4.68
CA GLY C 182 -6.82 13.31 3.97
C GLY C 182 -6.29 12.58 2.76
N ASP C 183 -6.73 11.34 2.52
CA ASP C 183 -6.30 10.56 1.37
C ASP C 183 -7.43 10.42 0.37
N VAL C 184 -7.09 10.45 -0.92
CA VAL C 184 -8.06 10.27 -1.99
C VAL C 184 -7.57 9.13 -2.89
N TYR C 185 -8.47 8.19 -3.18
CA TYR C 185 -8.15 7.04 -4.01
C TYR C 185 -9.16 6.94 -5.15
N ASN C 186 -8.73 6.32 -6.25
CA ASN C 186 -9.62 6.00 -7.37
C ASN C 186 -9.99 4.52 -7.27
N MET C 187 -11.29 4.25 -7.17
CA MET C 187 -11.76 2.90 -6.91
C MET C 187 -13.17 2.74 -7.47
N ASP C 188 -13.44 1.58 -8.06
CA ASP C 188 -14.76 1.25 -8.60
C ASP C 188 -15.52 0.43 -7.56
N TYR C 189 -16.20 1.13 -6.65
CA TYR C 189 -16.88 0.46 -5.57
C TYR C 189 -18.14 -0.26 -6.09
N PRO C 190 -18.58 -1.32 -5.41
CA PRO C 190 -19.74 -2.08 -5.89
C PRO C 190 -21.02 -1.31 -5.71
N PRO C 191 -22.06 -1.64 -6.47
CA PRO C 191 -23.32 -0.88 -6.38
C PRO C 191 -24.05 -1.13 -5.07
N PHE C 192 -24.99 -0.24 -4.77
CA PHE C 192 -25.79 -0.35 -3.57
C PHE C 192 -26.65 -1.60 -3.63
N GLY C 193 -26.62 -2.40 -2.57
CA GLY C 193 -27.40 -3.62 -2.51
C GLY C 193 -26.74 -4.83 -3.13
N ALA C 194 -25.45 -4.75 -3.47
CA ALA C 194 -24.76 -5.84 -4.17
C ALA C 194 -23.40 -6.08 -3.53
N GLY C 195 -23.36 -6.19 -2.21
CA GLY C 195 -22.11 -6.36 -1.50
C GLY C 195 -21.54 -7.76 -1.62
N ARG C 196 -20.40 -7.97 -0.97
CA ARG C 196 -19.71 -9.24 -0.98
C ARG C 196 -19.32 -9.64 0.43
N PRO C 197 -19.21 -10.95 0.70
CA PRO C 197 -19.00 -11.39 2.08
C PRO C 197 -17.66 -10.99 2.70
N GLY C 198 -16.63 -10.71 1.91
CA GLY C 198 -15.33 -10.44 2.50
C GLY C 198 -14.51 -9.34 1.86
N GLN C 199 -15.14 -8.42 1.15
CA GLN C 199 -14.44 -7.33 0.50
C GLN C 199 -14.99 -5.99 0.98
N PHE C 200 -14.50 -4.91 0.38
CA PHE C 200 -15.01 -3.58 0.65
C PHE C 200 -16.49 -3.50 0.31
N GLY C 201 -17.31 -3.08 1.27
CA GLY C 201 -18.72 -2.91 1.06
C GLY C 201 -19.62 -4.02 1.54
N ASP C 202 -19.23 -4.77 2.56
CA ASP C 202 -20.14 -5.77 3.12
C ASP C 202 -21.31 -5.12 3.84
N ILE C 203 -21.09 -3.98 4.48
CA ILE C 203 -22.14 -3.23 5.17
C ILE C 203 -22.25 -1.86 4.53
N GLN C 204 -23.50 -1.39 4.35
CA GLN C 204 -23.76 -0.14 3.65
C GLN C 204 -24.88 0.62 4.34
N SER C 205 -24.77 1.95 4.31
CA SER C 205 -25.83 2.82 4.79
C SER C 205 -25.76 4.14 4.03
N ARG C 206 -26.85 4.91 4.09
CA ARG C 206 -26.98 6.12 3.28
C ARG C 206 -26.38 7.36 3.94
N THR C 207 -26.36 7.41 5.27
CA THR C 207 -25.82 8.56 5.99
C THR C 207 -25.51 8.10 7.41
N PRO C 208 -24.57 8.75 8.10
CA PRO C 208 -24.20 8.26 9.45
C PRO C 208 -25.35 8.23 10.44
N GLU C 209 -26.43 8.97 10.22
CA GLU C 209 -27.53 9.04 11.16
C GLU C 209 -28.74 8.21 10.75
N SER C 210 -28.63 7.39 9.70
CA SER C 210 -29.76 6.60 9.25
C SER C 210 -29.95 5.36 10.12
N LYS C 211 -31.15 4.81 10.07
CA LYS C 211 -31.50 3.59 10.79
C LYS C 211 -31.56 2.35 9.90
N ASP C 212 -31.50 2.53 8.59
CA ASP C 212 -31.58 1.40 7.65
C ASP C 212 -30.19 0.89 7.33
N VAL C 213 -29.97 -0.40 7.54
CA VAL C 213 -28.66 -1.02 7.37
C VAL C 213 -28.80 -2.25 6.50
N TYR C 214 -27.88 -2.41 5.54
CA TYR C 214 -27.81 -3.58 4.67
C TYR C 214 -26.56 -4.37 5.00
N ALA C 215 -26.69 -5.69 5.07
CA ALA C 215 -25.59 -6.56 5.47
C ALA C 215 -25.62 -7.86 4.68
N ASN C 216 -24.45 -8.31 4.25
CA ASN C 216 -24.32 -9.56 3.49
C ASN C 216 -23.12 -10.37 3.99
N THR C 217 -23.05 -10.55 5.30
CA THR C 217 -22.11 -11.50 5.88
C THR C 217 -22.76 -12.86 6.02
N GLN C 218 -21.93 -13.89 6.23
CA GLN C 218 -22.39 -15.25 6.43
C GLN C 218 -22.46 -15.54 7.92
N LEU C 219 -23.53 -16.20 8.35
CA LEU C 219 -23.73 -16.53 9.76
C LEU C 219 -24.38 -17.91 9.84
N VAL C 220 -23.64 -18.87 10.40
CA VAL C 220 -24.12 -20.25 10.54
C VAL C 220 -23.91 -20.68 11.98
N LEU C 221 -24.94 -21.26 12.59
CA LEU C 221 -24.87 -21.73 13.96
C LEU C 221 -24.38 -23.18 14.01
N GLN C 222 -23.75 -23.53 15.13
CA GLN C 222 -23.10 -24.83 15.27
C GLN C 222 -23.56 -25.52 16.55
N ARG C 223 -23.33 -26.82 16.59
CA ARG C 223 -23.82 -27.64 17.71
C ARG C 223 -22.98 -27.40 18.96
N PRO C 224 -23.62 -27.26 20.12
CA PRO C 224 -22.86 -27.03 21.36
C PRO C 224 -22.15 -28.29 21.84
N ALA C 225 -21.03 -28.09 22.52
CA ALA C 225 -20.24 -29.20 23.04
C ALA C 225 -20.90 -29.80 24.27
N ALA C 226 -20.49 -31.04 24.57
CA ALA C 226 -21.12 -31.79 25.64
C ALA C 226 -20.77 -31.18 27.00
N GLY C 227 -21.80 -30.98 27.84
CA GLY C 227 -21.59 -30.57 29.21
C GLY C 227 -21.38 -29.09 29.44
N THR C 228 -21.49 -28.25 28.42
CA THR C 228 -21.31 -26.81 28.56
C THR C 228 -22.54 -26.09 28.04
N VAL C 229 -22.67 -24.82 28.41
CA VAL C 229 -23.72 -23.93 27.92
C VAL C 229 -23.04 -22.76 27.22
N HIS C 230 -23.21 -22.68 25.91
CA HIS C 230 -22.65 -21.58 25.13
C HIS C 230 -23.32 -21.60 23.75
N VAL C 231 -23.07 -20.55 22.98
CA VAL C 231 -23.67 -20.39 21.65
C VAL C 231 -22.58 -20.17 20.62
N PRO C 232 -22.01 -21.22 20.03
CA PRO C 232 -20.98 -21.04 19.01
C PRO C 232 -21.56 -20.71 17.65
N TYR C 233 -20.73 -20.07 16.81
CA TYR C 233 -21.15 -19.66 15.49
C TYR C 233 -19.94 -19.49 14.59
N SER C 234 -20.19 -19.39 13.29
CA SER C 234 -19.17 -19.16 12.28
C SER C 234 -19.56 -17.98 11.41
N GLN C 235 -18.62 -17.06 11.20
CA GLN C 235 -18.91 -15.82 10.49
C GLN C 235 -17.66 -15.32 9.79
N ALA C 236 -17.84 -14.73 8.61
CA ALA C 236 -16.73 -14.15 7.87
C ALA C 236 -16.24 -12.88 8.58
N PRO C 237 -14.93 -12.62 8.53
CA PRO C 237 -14.38 -11.45 9.22
C PRO C 237 -14.68 -10.16 8.49
N SER C 238 -14.45 -9.05 9.19
CA SER C 238 -14.82 -7.73 8.67
C SER C 238 -13.94 -7.33 7.49
N GLY C 239 -14.57 -6.70 6.50
CA GLY C 239 -13.86 -6.29 5.30
C GLY C 239 -13.27 -4.89 5.35
N PHE C 240 -13.82 -4.04 6.22
CA PHE C 240 -13.29 -2.69 6.35
C PHE C 240 -11.89 -2.70 6.97
N LYS C 241 -11.66 -3.59 7.94
CA LYS C 241 -10.34 -3.68 8.58
C LYS C 241 -9.27 -4.12 7.58
N TYR C 242 -9.59 -5.07 6.71
CA TYR C 242 -8.61 -5.57 5.76
C TYR C 242 -8.16 -4.48 4.80
N TRP C 243 -9.09 -3.62 4.37
CA TRP C 243 -8.74 -2.56 3.42
C TRP C 243 -7.73 -1.59 4.02
N LEU C 244 -7.86 -1.29 5.30
CA LEU C 244 -6.93 -0.36 5.95
C LEU C 244 -5.49 -0.86 5.90
N LYS C 245 -5.29 -2.18 5.93
CA LYS C 245 -3.95 -2.75 5.95
C LYS C 245 -3.37 -2.99 4.57
N GLU C 246 -4.15 -2.79 3.50
CA GLU C 246 -3.68 -3.13 2.16
C GLU C 246 -4.01 -2.06 1.12
N ARG C 247 -4.29 -0.82 1.54
CA ARG C 247 -4.86 0.16 0.61
C ARG C 247 -3.83 0.75 -0.35
N GLY C 248 -2.55 0.72 -0.02
CA GLY C 248 -1.53 1.22 -0.93
C GLY C 248 -1.38 2.73 -0.90
N ALA C 249 -0.70 3.24 -1.93
CA ALA C 249 -0.35 4.65 -2.02
C ALA C 249 -1.52 5.48 -2.52
N SER C 250 -1.56 6.74 -2.08
CA SER C 250 -2.63 7.67 -2.41
C SER C 250 -2.27 8.50 -3.64
N LEU C 251 -3.18 9.40 -4.02
CA LEU C 251 -2.98 10.20 -5.22
C LEU C 251 -1.86 11.22 -5.08
N GLN C 252 -1.58 11.68 -3.87
CA GLN C 252 -0.57 12.70 -3.68
C GLN C 252 0.82 12.22 -4.12
N HIS C 253 1.05 10.91 -4.13
CA HIS C 253 2.36 10.38 -4.47
C HIS C 253 2.44 9.82 -5.88
N THR C 254 1.30 9.58 -6.53
CA THR C 254 1.29 8.95 -7.85
C THR C 254 0.77 9.84 -8.97
N ALA C 255 0.20 11.00 -8.66
CA ALA C 255 -0.42 11.82 -9.68
C ALA C 255 0.62 12.41 -10.62
N PRO C 256 0.29 12.59 -11.90
CA PRO C 256 1.23 13.19 -12.85
C PRO C 256 1.23 14.72 -12.74
N PHE C 257 2.18 15.32 -13.46
CA PHE C 257 2.38 16.76 -13.59
C PHE C 257 2.77 17.44 -12.27
N GLY C 258 3.00 16.68 -11.21
CA GLY C 258 3.44 17.27 -9.96
C GLY C 258 2.36 17.96 -9.15
N CYS C 259 1.10 17.53 -9.28
CA CYS C 259 0.01 18.15 -8.55
C CYS C 259 0.09 17.83 -7.06
N GLN C 260 -0.41 18.77 -6.25
CA GLN C 260 -0.63 18.57 -4.82
C GLN C 260 -2.12 18.42 -4.57
N ILE C 261 -2.46 17.76 -3.46
CA ILE C 261 -3.85 17.41 -3.17
C ILE C 261 -4.17 17.69 -1.70
N ALA C 262 -5.33 18.30 -1.46
CA ALA C 262 -5.86 18.55 -0.13
C ALA C 262 -7.34 18.15 -0.13
N THR C 263 -7.88 17.89 1.05
CA THR C 263 -9.13 17.14 1.14
C THR C 263 -10.27 17.85 1.86
N ASN C 264 -10.08 19.06 2.39
CA ASN C 264 -11.13 19.74 3.14
C ASN C 264 -11.25 21.19 2.68
N PRO C 265 -11.94 21.45 1.56
CA PRO C 265 -12.56 20.49 0.62
C PRO C 265 -11.56 19.90 -0.36
N VAL C 266 -12.00 18.95 -1.20
CA VAL C 266 -11.10 18.28 -2.12
C VAL C 266 -10.64 19.26 -3.19
N ARG C 267 -9.33 19.44 -3.31
CA ARG C 267 -8.74 20.39 -4.24
C ARG C 267 -7.48 19.81 -4.86
N ALA C 268 -7.11 20.33 -6.02
CA ALA C 268 -5.82 20.07 -6.65
C ALA C 268 -5.11 21.39 -6.86
N VAL C 269 -3.83 21.44 -6.50
CA VAL C 269 -3.07 22.69 -6.47
C VAL C 269 -1.85 22.57 -7.37
N ASN C 270 -1.65 23.59 -8.22
CA ASN C 270 -0.42 23.79 -8.98
C ASN C 270 -0.12 22.63 -9.93
N CYS C 271 -1.06 22.37 -10.84
CA CYS C 271 -0.81 21.49 -11.98
C CYS C 271 -0.39 22.35 -13.17
N ALA C 272 0.76 22.02 -13.76
CA ALA C 272 1.38 22.87 -14.79
C ALA C 272 0.97 22.38 -16.18
N VAL C 273 -0.17 22.84 -16.67
CA VAL C 273 -0.64 22.55 -18.02
C VAL C 273 -1.22 23.83 -18.63
N GLY C 274 -0.91 24.08 -19.89
CA GLY C 274 -1.60 25.11 -20.65
C GLY C 274 -1.05 26.52 -20.44
N ASN C 275 -1.90 27.49 -20.77
CA ASN C 275 -1.56 28.90 -20.61
C ASN C 275 -2.83 29.70 -20.35
N ILE C 276 -2.65 30.94 -19.88
CA ILE C 276 -3.75 31.76 -19.39
C ILE C 276 -3.71 33.14 -20.06
N PRO C 277 -4.74 33.55 -20.80
CA PRO C 277 -4.82 34.93 -21.29
C PRO C 277 -5.24 35.90 -20.20
N ILE C 278 -4.81 37.16 -20.36
CA ILE C 278 -5.05 38.21 -19.39
C ILE C 278 -5.37 39.51 -20.13
N SER C 279 -6.31 40.30 -19.60
CA SER C 279 -6.69 41.57 -20.19
C SER C 279 -6.66 42.66 -19.12
N ILE C 280 -6.14 43.83 -19.50
CA ILE C 280 -5.90 44.93 -18.56
C ILE C 280 -6.36 46.23 -19.19
N ASP C 281 -6.96 47.11 -18.38
CA ASP C 281 -7.44 48.42 -18.82
C ASP C 281 -6.77 49.50 -17.98
N ILE C 282 -6.08 50.42 -18.63
CA ILE C 282 -5.25 51.43 -17.97
C ILE C 282 -5.89 52.79 -18.19
N PRO C 283 -6.11 53.58 -17.14
CA PRO C 283 -6.64 54.94 -17.32
C PRO C 283 -5.62 55.87 -17.94
N ASP C 284 -6.14 56.99 -18.49
CA ASP C 284 -5.27 57.96 -19.17
C ASP C 284 -4.37 58.71 -18.19
N ALA C 285 -4.76 58.81 -16.92
CA ALA C 285 -4.01 59.61 -15.96
C ALA C 285 -2.63 59.05 -15.64
N ALA C 286 -2.35 57.81 -16.01
CA ALA C 286 -1.08 57.18 -15.67
C ALA C 286 0.02 57.42 -16.70
N PHE C 287 -0.27 58.11 -17.80
CA PHE C 287 0.71 58.31 -18.87
C PHE C 287 1.38 59.66 -18.76
N THR C 288 2.61 59.74 -19.27
CA THR C 288 3.39 60.96 -19.32
C THR C 288 3.69 61.31 -20.78
N ARG C 289 3.59 62.58 -21.12
CA ARG C 289 3.80 63.01 -22.49
C ARG C 289 5.27 62.95 -22.87
N VAL C 290 5.52 62.72 -24.16
CA VAL C 290 6.88 62.56 -24.68
C VAL C 290 7.69 63.84 -24.53
N VAL C 291 7.02 65.00 -24.49
CA VAL C 291 7.74 66.27 -24.41
C VAL C 291 8.38 66.47 -23.04
N ASP C 292 7.92 65.76 -22.01
CA ASP C 292 8.47 65.90 -20.67
C ASP C 292 9.54 64.86 -20.34
N ALA C 293 9.54 63.72 -21.02
CA ALA C 293 10.58 62.72 -20.78
C ALA C 293 11.93 63.21 -21.32
N PRO C 294 13.02 62.82 -20.69
CA PRO C 294 14.34 63.21 -21.17
C PRO C 294 14.71 62.50 -22.47
N SER C 295 15.68 63.07 -23.18
CA SER C 295 16.18 62.50 -24.42
C SER C 295 17.61 62.01 -24.23
N VAL C 296 17.97 61.01 -25.03
CA VAL C 296 19.30 60.40 -25.00
C VAL C 296 19.88 60.44 -26.42
N THR C 297 21.12 60.91 -26.54
CA THR C 297 21.67 61.27 -27.84
C THR C 297 22.83 60.39 -28.31
N ASP C 298 23.61 59.80 -27.40
CA ASP C 298 24.74 58.98 -27.79
C ASP C 298 24.83 57.76 -26.89
N MET C 299 25.11 56.60 -27.49
CA MET C 299 25.12 55.33 -26.76
C MET C 299 26.30 54.50 -27.20
N SER C 300 26.72 53.61 -26.31
CA SER C 300 27.76 52.61 -26.60
C SER C 300 27.53 51.39 -25.72
N CYS C 301 28.12 50.27 -26.10
CA CYS C 301 27.93 49.01 -25.38
C CYS C 301 29.26 48.28 -25.25
N GLU C 302 29.55 47.80 -24.04
CA GLU C 302 30.73 46.99 -23.76
C GLU C 302 30.38 45.93 -22.74
N VAL C 303 30.81 44.70 -22.99
CA VAL C 303 30.45 43.54 -22.18
C VAL C 303 31.70 42.81 -21.68
N PRO C 304 31.94 42.81 -20.37
CA PRO C 304 33.18 42.20 -19.85
C PRO C 304 33.13 40.70 -19.60
N ALA C 305 31.95 40.11 -19.41
CA ALA C 305 31.90 38.70 -19.02
C ALA C 305 30.57 38.09 -19.42
N CYS C 306 30.59 36.77 -19.67
CA CYS C 306 29.39 36.05 -20.09
C CYS C 306 29.58 34.56 -19.84
N THR C 307 28.64 33.98 -19.10
CA THR C 307 28.55 32.53 -18.92
C THR C 307 27.09 32.12 -19.00
N HIS C 308 26.76 31.19 -19.89
CA HIS C 308 25.36 30.88 -20.19
C HIS C 308 24.86 29.80 -19.23
N SER C 309 24.72 30.19 -17.97
CA SER C 309 24.20 29.32 -16.93
C SER C 309 22.69 29.52 -16.77
N SER C 310 22.11 28.75 -15.87
CA SER C 310 20.67 28.84 -15.60
C SER C 310 20.31 30.11 -14.83
N ASP C 311 21.27 30.75 -14.18
CA ASP C 311 21.03 31.98 -13.45
C ASP C 311 21.49 33.17 -14.27
N PHE C 312 21.41 34.36 -13.68
CA PHE C 312 21.77 35.61 -14.34
C PHE C 312 23.30 35.74 -14.37
N GLY C 313 23.89 35.38 -15.50
CA GLY C 313 25.34 35.34 -15.61
C GLY C 313 25.96 36.33 -16.57
N GLY C 314 25.25 37.42 -16.89
CA GLY C 314 25.75 38.42 -17.81
C GLY C 314 25.81 39.80 -17.18
N VAL C 315 26.75 40.60 -17.67
CA VAL C 315 26.93 41.98 -17.20
C VAL C 315 27.26 42.86 -18.40
N ALA C 316 26.71 44.08 -18.41
CA ALA C 316 26.91 45.02 -19.50
C ALA C 316 27.01 46.45 -18.97
N ILE C 317 27.77 47.28 -19.70
CA ILE C 317 28.03 48.68 -19.33
C ILE C 317 27.64 49.55 -20.52
N ILE C 318 26.81 50.57 -20.27
CA ILE C 318 26.25 51.42 -21.32
C ILE C 318 26.53 52.88 -20.97
N LYS C 319 26.97 53.66 -21.96
CA LYS C 319 27.24 55.08 -21.81
C LYS C 319 26.18 55.89 -22.52
N TYR C 320 25.89 57.09 -21.99
CA TYR C 320 24.79 57.89 -22.50
C TYR C 320 25.03 59.36 -22.26
N THR C 321 24.25 60.18 -22.98
CA THR C 321 24.17 61.63 -22.75
C THR C 321 22.71 62.00 -22.61
N ALA C 322 22.34 62.64 -21.51
CA ALA C 322 20.95 62.91 -21.18
C ALA C 322 20.68 64.40 -21.07
N SER C 323 19.47 64.80 -21.45
CA SER C 323 19.11 66.22 -21.47
C SER C 323 18.78 66.75 -20.08
N LYS C 324 18.12 65.95 -19.24
CA LYS C 324 17.75 66.37 -17.90
C LYS C 324 17.37 65.13 -17.10
N LYS C 325 17.24 65.31 -15.78
CA LYS C 325 17.05 64.19 -14.89
C LYS C 325 15.62 63.65 -14.98
N GLY C 326 15.50 62.33 -14.89
CA GLY C 326 14.21 61.70 -15.00
C GLY C 326 14.35 60.19 -15.03
N LYS C 327 13.22 59.53 -15.27
CA LYS C 327 13.13 58.07 -15.34
C LYS C 327 13.05 57.58 -16.78
N CYS C 328 13.45 56.33 -16.98
CA CYS C 328 13.42 55.67 -18.28
C CYS C 328 13.25 54.18 -18.11
N ALA C 329 12.61 53.55 -19.09
CA ALA C 329 12.37 52.12 -19.11
C ALA C 329 13.36 51.44 -20.04
N VAL C 330 13.68 50.19 -19.72
CA VAL C 330 14.62 49.39 -20.49
C VAL C 330 13.91 48.12 -20.95
N HIS C 331 14.25 47.64 -22.14
CA HIS C 331 13.55 46.50 -22.72
C HIS C 331 14.45 45.85 -23.77
N SER C 332 14.34 44.52 -23.87
CA SER C 332 15.07 43.74 -24.86
C SER C 332 14.27 43.61 -26.14
N MET C 333 14.98 43.60 -27.27
CA MET C 333 14.36 43.51 -28.58
C MET C 333 14.54 42.14 -29.23
N THR C 334 14.99 41.14 -28.47
CA THR C 334 15.12 39.78 -28.97
C THR C 334 14.45 38.85 -27.95
N ASN C 335 14.19 37.62 -28.38
CA ASN C 335 13.49 36.67 -27.52
C ASN C 335 14.42 35.81 -26.69
N ALA C 336 15.66 35.62 -27.13
CA ALA C 336 16.58 34.71 -26.45
C ALA C 336 17.26 35.32 -25.24
N VAL C 337 17.10 36.61 -24.99
CA VAL C 337 17.78 37.30 -23.90
C VAL C 337 16.76 38.03 -23.04
N THR C 338 16.84 37.82 -21.73
CA THR C 338 15.93 38.46 -20.77
C THR C 338 16.72 39.37 -19.84
N ILE C 339 16.13 40.52 -19.53
CA ILE C 339 16.79 41.58 -18.76
C ILE C 339 16.03 41.76 -17.45
N ARG C 340 16.76 41.84 -16.33
CA ARG C 340 16.12 41.87 -15.02
C ARG C 340 15.52 43.22 -14.67
N GLU C 341 16.30 44.30 -14.80
CA GLU C 341 15.85 45.61 -14.34
C GLU C 341 14.79 46.20 -15.27
N ALA C 342 13.81 46.87 -14.67
CA ALA C 342 12.71 47.50 -15.39
C ALA C 342 12.86 49.01 -15.54
N ASP C 343 13.40 49.70 -14.54
CA ASP C 343 13.53 51.16 -14.60
C ASP C 343 14.92 51.58 -14.13
N VAL C 344 15.40 52.69 -14.71
CA VAL C 344 16.72 53.23 -14.42
C VAL C 344 16.59 54.74 -14.25
N GLU C 345 17.61 55.36 -13.65
CA GLU C 345 17.67 56.80 -13.46
C GLU C 345 18.84 57.36 -14.24
N VAL C 346 18.62 58.49 -14.93
CA VAL C 346 19.61 59.09 -15.82
C VAL C 346 19.77 60.56 -15.48
N GLU C 347 21.02 61.03 -15.51
CA GLU C 347 21.32 62.43 -15.25
C GLU C 347 22.69 62.77 -15.83
N GLY C 348 22.77 63.89 -16.54
CA GLY C 348 24.05 64.40 -17.01
C GLY C 348 24.74 63.44 -17.97
N ASN C 349 26.04 63.25 -17.76
CA ASN C 349 26.87 62.37 -18.57
C ASN C 349 27.47 61.32 -17.65
N SER C 350 26.98 60.08 -17.74
CA SER C 350 27.40 59.01 -16.86
C SER C 350 27.10 57.67 -17.53
N GLN C 351 27.15 56.60 -16.75
CA GLN C 351 26.97 55.25 -17.27
C GLN C 351 26.12 54.43 -16.30
N LEU C 352 25.46 53.41 -16.84
CA LEU C 352 24.60 52.53 -16.06
C LEU C 352 24.99 51.07 -16.33
N GLN C 353 24.63 50.21 -15.39
CA GLN C 353 25.02 48.80 -15.40
C GLN C 353 23.77 47.91 -15.37
N ILE C 354 23.77 46.87 -16.21
CA ILE C 354 22.65 45.95 -16.30
C ILE C 354 23.16 44.51 -16.34
N SER C 355 22.25 43.58 -16.09
CA SER C 355 22.53 42.15 -16.07
C SER C 355 21.49 41.40 -16.88
N PHE C 356 21.87 40.23 -17.41
CA PHE C 356 21.00 39.49 -18.31
C PHE C 356 21.30 37.99 -18.22
N SER C 357 20.43 37.20 -18.85
CA SER C 357 20.58 35.75 -18.93
C SER C 357 20.26 35.30 -20.35
N THR C 358 20.99 34.30 -20.83
CA THR C 358 20.80 33.80 -22.18
C THR C 358 21.40 32.40 -22.30
N ALA C 359 20.86 31.61 -23.23
CA ALA C 359 21.37 30.28 -23.53
C ALA C 359 22.14 30.22 -24.84
N LEU C 360 22.28 31.33 -25.55
CA LEU C 360 23.01 31.33 -26.82
C LEU C 360 24.52 31.26 -26.60
N ALA C 361 25.20 30.55 -27.49
CA ALA C 361 26.65 30.49 -27.43
C ALA C 361 27.31 31.77 -27.94
N SER C 362 26.69 32.44 -28.90
CA SER C 362 27.16 33.72 -29.42
C SER C 362 26.00 34.70 -29.36
N ALA C 363 26.21 35.82 -28.68
CA ALA C 363 25.12 36.71 -28.30
C ALA C 363 25.11 37.95 -29.19
N GLU C 364 23.92 38.32 -29.65
CA GLU C 364 23.74 39.56 -30.39
C GLU C 364 22.31 40.03 -30.18
N PHE C 365 22.13 41.24 -29.65
CA PHE C 365 20.82 41.71 -29.24
C PHE C 365 20.81 43.24 -29.21
N ARG C 366 19.61 43.80 -29.14
CA ARG C 366 19.40 45.24 -29.10
C ARG C 366 18.67 45.64 -27.82
N VAL C 367 18.98 46.82 -27.31
CA VAL C 367 18.45 47.33 -26.05
C VAL C 367 17.85 48.70 -26.30
N GLN C 368 16.62 48.91 -25.85
CA GLN C 368 15.91 50.18 -26.02
C GLN C 368 15.84 50.92 -24.69
N VAL C 369 16.34 52.16 -24.67
CA VAL C 369 16.31 53.02 -23.49
C VAL C 369 15.75 54.36 -23.93
N CYS C 370 14.47 54.61 -23.62
CA CYS C 370 13.80 55.88 -23.92
C CYS C 370 13.93 56.26 -25.41
N SER C 371 13.45 55.36 -26.27
CA SER C 371 13.32 55.61 -27.71
C SER C 371 14.66 55.73 -28.41
N THR C 372 15.65 54.95 -28.00
CA THR C 372 16.89 54.82 -28.77
C THR C 372 17.34 53.35 -28.74
N GLN C 373 18.23 53.01 -29.67
CA GLN C 373 18.68 51.65 -29.87
C GLN C 373 20.20 51.57 -29.80
N VAL C 374 20.70 50.45 -29.27
CA VAL C 374 22.13 50.20 -29.15
C VAL C 374 22.39 48.72 -29.45
N HIS C 375 23.57 48.43 -30.00
CA HIS C 375 23.92 47.08 -30.47
C HIS C 375 25.06 46.52 -29.63
N CYS C 376 24.90 45.28 -29.18
CA CYS C 376 25.90 44.60 -28.35
C CYS C 376 26.16 43.20 -28.89
N ALA C 377 27.38 42.70 -28.67
CA ALA C 377 27.76 41.35 -29.12
C ALA C 377 28.91 40.84 -28.28
N ALA C 378 28.96 39.51 -28.09
CA ALA C 378 29.94 38.89 -27.22
C ALA C 378 29.98 37.38 -27.46
N ALA C 379 30.98 36.75 -26.85
CA ALA C 379 31.15 35.30 -26.85
C ALA C 379 31.12 34.80 -25.42
N CYS C 380 30.42 33.69 -25.18
CA CYS C 380 30.11 33.22 -23.84
C CYS C 380 30.69 31.84 -23.60
N HIS C 381 31.00 31.55 -22.34
CA HIS C 381 31.63 30.31 -21.91
C HIS C 381 30.64 29.41 -21.17
N PRO C 382 30.88 28.09 -21.15
CA PRO C 382 29.94 27.16 -20.52
C PRO C 382 30.20 27.04 -19.03
N PRO C 383 29.21 26.56 -18.26
CA PRO C 383 29.39 26.44 -16.80
C PRO C 383 30.04 25.13 -16.39
N LYS C 384 30.22 24.93 -15.07
CA LYS C 384 30.94 23.77 -14.56
C LYS C 384 30.14 22.89 -13.62
N ASP C 385 28.95 23.30 -13.19
CA ASP C 385 28.13 22.53 -12.27
C ASP C 385 27.09 21.73 -13.04
N HIS C 386 26.89 20.47 -12.62
CA HIS C 386 26.02 19.57 -13.36
C HIS C 386 24.54 19.76 -13.01
N ILE C 387 24.21 19.98 -11.74
CA ILE C 387 22.82 19.95 -11.28
C ILE C 387 22.54 21.12 -10.34
N VAL C 388 21.36 21.72 -10.50
CA VAL C 388 20.89 22.84 -9.68
C VAL C 388 19.52 22.50 -9.13
N ASN C 389 18.98 23.40 -8.30
CA ASN C 389 17.72 23.17 -7.60
C ASN C 389 16.63 24.15 -8.00
N TYR C 390 16.66 24.68 -9.23
CA TYR C 390 15.64 25.62 -9.66
C TYR C 390 15.55 25.61 -11.18
N PRO C 391 14.39 25.93 -11.75
CA PRO C 391 14.25 25.91 -13.21
C PRO C 391 14.95 27.09 -13.87
N ALA C 392 15.16 26.95 -15.19
CA ALA C 392 15.83 27.97 -15.96
C ALA C 392 14.92 29.19 -16.16
N SER C 393 15.55 30.36 -16.33
CA SER C 393 14.83 31.60 -16.52
C SER C 393 14.95 32.15 -17.94
N HIS C 394 15.20 31.28 -18.92
CA HIS C 394 15.30 31.69 -20.31
C HIS C 394 14.61 30.64 -21.18
N THR C 395 14.32 31.03 -22.42
CA THR C 395 13.67 30.14 -23.36
C THR C 395 14.67 29.22 -24.03
N THR C 396 14.14 28.22 -24.75
CA THR C 396 14.97 27.27 -25.47
C THR C 396 15.41 27.86 -26.82
N LEU C 397 16.35 27.17 -27.45
CA LEU C 397 16.92 27.62 -28.72
C LEU C 397 16.48 26.74 -29.87
N GLY C 398 16.61 27.27 -31.08
CA GLY C 398 16.17 26.61 -32.29
C GLY C 398 17.31 26.16 -33.18
N VAL C 399 16.93 25.64 -34.35
CA VAL C 399 17.90 25.06 -35.26
C VAL C 399 18.73 26.14 -35.94
N GLN C 400 18.20 27.35 -36.05
CA GLN C 400 18.89 28.43 -36.75
C GLN C 400 19.95 29.12 -35.88
N ASP C 401 20.03 28.79 -34.59
CA ASP C 401 20.98 29.41 -33.69
C ASP C 401 22.29 28.64 -33.73
N ILE C 402 23.30 29.23 -34.37
CA ILE C 402 24.60 28.60 -34.55
C ILE C 402 25.68 29.67 -34.37
N SER C 403 26.80 29.27 -33.78
CA SER C 403 27.89 30.21 -33.52
C SER C 403 28.44 30.78 -34.83
N THR C 404 29.06 31.95 -34.72
CA THR C 404 29.57 32.63 -35.91
C THR C 404 30.69 31.85 -36.57
N THR C 405 31.56 31.20 -35.77
CA THR C 405 32.62 30.40 -36.35
C THR C 405 32.07 29.22 -37.13
N ALA C 406 31.05 28.55 -36.61
CA ALA C 406 30.51 27.38 -37.27
C ALA C 406 29.83 27.74 -38.58
N MET C 407 29.18 28.90 -38.63
CA MET C 407 28.47 29.31 -39.84
C MET C 407 29.44 29.54 -41.01
N SER C 408 30.62 30.10 -40.72
CA SER C 408 31.57 30.40 -41.78
C SER C 408 32.05 29.15 -42.49
N TRP C 409 32.30 28.08 -41.73
CA TRP C 409 32.78 26.84 -42.34
C TRP C 409 31.72 26.24 -43.28
N VAL C 410 30.45 26.33 -42.89
CA VAL C 410 29.38 25.79 -43.73
C VAL C 410 29.30 26.56 -45.05
N GLN C 411 29.44 27.88 -45.00
CA GLN C 411 29.34 28.68 -46.23
C GLN C 411 30.46 28.33 -47.20
N LYS C 412 31.69 28.20 -46.71
CA LYS C 412 32.82 27.93 -47.60
C LYS C 412 32.67 26.58 -48.28
N ILE C 413 32.23 25.55 -47.55
CA ILE C 413 32.14 24.22 -48.13
C ILE C 413 31.05 24.17 -49.19
N THR C 414 29.86 24.68 -48.87
CA THR C 414 28.76 24.62 -49.82
C THR C 414 29.06 25.46 -51.06
N GLY C 415 29.67 26.64 -50.86
CA GLY C 415 30.03 27.47 -52.01
C GLY C 415 31.03 26.80 -52.93
N GLY C 416 32.04 26.16 -52.35
CA GLY C 416 33.07 25.52 -53.16
C GLY C 416 32.51 24.42 -54.06
N VAL C 417 31.68 23.55 -53.48
CA VAL C 417 31.11 22.45 -54.26
C VAL C 417 30.17 22.97 -55.33
N GLY C 418 29.42 24.03 -55.02
CA GLY C 418 28.51 24.59 -56.00
C GLY C 418 29.20 25.12 -57.23
N LEU C 419 30.41 25.67 -57.07
CA LEU C 419 31.14 26.23 -58.21
C LEU C 419 31.51 25.14 -59.21
N ILE C 420 31.88 23.95 -58.71
CA ILE C 420 32.30 22.87 -59.60
C ILE C 420 31.15 22.46 -60.51
N VAL C 421 29.94 22.38 -59.97
CA VAL C 421 28.77 22.08 -60.80
C VAL C 421 28.52 23.20 -61.81
N ALA C 422 28.68 24.45 -61.38
CA ALA C 422 28.38 25.59 -62.25
C ALA C 422 29.31 25.65 -63.45
N VAL C 423 30.62 25.44 -63.22
CA VAL C 423 31.56 25.50 -64.34
C VAL C 423 31.32 24.34 -65.31
N ALA C 424 31.09 23.14 -64.79
CA ALA C 424 30.87 21.98 -65.66
C ALA C 424 29.62 22.13 -66.51
N ALA C 425 28.59 22.79 -65.96
CA ALA C 425 27.34 22.93 -66.70
C ALA C 425 27.51 23.77 -67.96
N LEU C 426 28.36 24.79 -67.90
CA LEU C 426 28.49 25.71 -69.03
C LEU C 426 29.15 25.04 -70.22
N ILE C 427 30.12 24.16 -69.97
CA ILE C 427 30.81 23.48 -71.07
C ILE C 427 29.84 22.60 -71.87
N LEU C 428 28.92 21.92 -71.18
CA LEU C 428 27.96 21.07 -71.87
C LEU C 428 27.08 21.86 -72.81
N ILE C 429 26.65 23.05 -72.40
CA ILE C 429 25.73 23.85 -73.20
C ILE C 429 26.41 24.33 -74.48
N VAL C 430 27.68 24.74 -74.38
CA VAL C 430 28.40 25.25 -75.55
C VAL C 430 28.53 24.16 -76.61
N VAL C 431 28.90 22.95 -76.20
CA VAL C 431 29.05 21.85 -77.15
C VAL C 431 27.73 21.50 -77.80
N LEU C 432 26.63 21.51 -77.03
CA LEU C 432 25.35 21.09 -77.55
C LEU C 432 24.87 22.02 -78.67
N CYS C 433 25.13 23.31 -78.55
CA CYS C 433 24.69 24.24 -79.59
C CYS C 433 25.44 24.00 -80.89
N VAL C 434 26.74 23.68 -80.81
CA VAL C 434 27.53 23.49 -82.02
C VAL C 434 27.00 22.31 -82.83
N SER C 435 26.67 21.20 -82.15
CA SER C 435 26.11 20.05 -82.85
C SER C 435 24.79 20.38 -83.52
N PHE C 436 23.93 21.12 -82.83
CA PHE C 436 22.62 21.47 -83.40
C PHE C 436 22.76 22.30 -84.67
N SER C 437 23.57 23.37 -84.61
CA SER C 437 23.66 24.29 -85.73
C SER C 437 24.42 23.69 -86.92
N ARG C 438 25.49 22.95 -86.65
CA ARG C 438 26.35 22.49 -87.74
C ARG C 438 25.63 21.52 -88.67
N HIS C 439 24.81 20.63 -88.12
CA HIS C 439 24.06 19.69 -88.96
C HIS C 439 23.08 20.45 -89.86
N TYR D 1 -33.24 -17.26 -11.90
CA TYR D 1 -33.35 -17.11 -13.33
C TYR D 1 -33.34 -15.62 -13.70
N GLU D 2 -32.49 -15.25 -14.66
CA GLU D 2 -32.31 -13.86 -15.06
C GLU D 2 -33.05 -13.58 -16.35
N HIS D 3 -33.74 -12.44 -16.40
CA HIS D 3 -34.54 -12.04 -17.55
C HIS D 3 -34.30 -10.57 -17.85
N VAL D 4 -34.21 -10.24 -19.14
CA VAL D 4 -33.90 -8.89 -19.60
C VAL D 4 -34.95 -8.45 -20.61
N THR D 5 -35.43 -7.21 -20.47
CA THR D 5 -36.46 -6.67 -21.35
C THR D 5 -36.18 -5.20 -21.60
N VAL D 6 -36.88 -4.63 -22.58
CA VAL D 6 -36.77 -3.23 -22.94
C VAL D 6 -38.17 -2.62 -23.02
N ILE D 7 -38.34 -1.44 -22.42
CA ILE D 7 -39.65 -0.79 -22.33
C ILE D 7 -39.57 0.63 -22.87
N PRO D 8 -40.48 1.05 -23.75
CA PRO D 8 -40.46 2.42 -24.24
C PRO D 8 -40.90 3.42 -23.17
N ASN D 9 -40.44 4.66 -23.34
CA ASN D 9 -40.64 5.72 -22.34
C ASN D 9 -41.98 6.42 -22.58
N THR D 10 -43.06 5.70 -22.27
CA THR D 10 -44.41 6.23 -22.40
C THR D 10 -45.17 5.95 -21.11
N VAL D 11 -45.85 6.98 -20.59
CA VAL D 11 -46.56 6.88 -19.33
C VAL D 11 -48.02 6.56 -19.60
N GLY D 12 -48.56 5.59 -18.87
CA GLY D 12 -49.96 5.25 -18.97
C GLY D 12 -50.32 4.16 -19.94
N VAL D 13 -49.35 3.36 -20.40
CA VAL D 13 -49.61 2.26 -21.31
C VAL D 13 -49.00 0.98 -20.75
N PRO D 14 -49.78 -0.06 -20.49
CA PRO D 14 -49.22 -1.30 -19.96
C PRO D 14 -48.50 -2.11 -21.03
N TYR D 15 -47.55 -2.93 -20.58
CA TYR D 15 -46.79 -3.81 -21.46
C TYR D 15 -46.64 -5.17 -20.81
N LYS D 16 -46.45 -6.19 -21.64
CA LYS D 16 -46.34 -7.57 -21.17
C LYS D 16 -45.12 -8.25 -21.75
N THR D 17 -44.60 -9.22 -21.01
CA THR D 17 -43.44 -10.01 -21.42
C THR D 17 -43.65 -11.47 -21.03
N LEU D 18 -42.98 -12.36 -21.74
CA LEU D 18 -43.10 -13.80 -21.54
C LEU D 18 -41.79 -14.37 -20.99
N VAL D 19 -41.89 -15.18 -19.94
CA VAL D 19 -40.77 -15.88 -19.35
C VAL D 19 -40.93 -17.37 -19.65
N ASN D 20 -39.90 -17.97 -20.23
CA ASN D 20 -39.95 -19.37 -20.65
C ASN D 20 -38.74 -20.09 -20.09
N ARG D 21 -38.98 -21.12 -19.27
CA ARG D 21 -37.92 -21.90 -18.67
C ARG D 21 -38.19 -23.38 -18.96
N PRO D 22 -37.23 -24.11 -19.50
CA PRO D 22 -37.48 -25.53 -19.84
C PRO D 22 -37.85 -26.33 -18.61
N GLY D 23 -38.83 -27.23 -18.79
CA GLY D 23 -39.30 -28.08 -17.72
C GLY D 23 -40.41 -27.49 -16.88
N TYR D 24 -40.78 -26.23 -17.09
CA TYR D 24 -41.80 -25.57 -16.28
C TYR D 24 -42.81 -24.87 -17.17
N SER D 25 -43.95 -24.53 -16.58
CA SER D 25 -45.00 -23.81 -17.27
C SER D 25 -44.59 -22.35 -17.52
N PRO D 26 -45.07 -21.74 -18.61
CA PRO D 26 -44.71 -20.35 -18.90
C PRO D 26 -45.42 -19.37 -17.96
N MET D 27 -44.79 -18.21 -17.82
CA MET D 27 -45.27 -17.15 -16.92
C MET D 27 -45.27 -15.82 -17.64
N VAL D 28 -46.24 -14.97 -17.32
CA VAL D 28 -46.44 -13.69 -17.99
C VAL D 28 -46.48 -12.57 -16.96
N LEU D 29 -45.69 -11.52 -17.21
CA LEU D 29 -45.60 -10.35 -16.34
C LEU D 29 -46.15 -9.11 -17.02
N GLU D 30 -46.67 -8.18 -16.23
CA GLU D 30 -47.23 -6.93 -16.73
C GLU D 30 -46.65 -5.76 -15.96
N MET D 31 -46.21 -4.73 -16.68
CA MET D 31 -45.53 -3.58 -16.11
C MET D 31 -46.12 -2.29 -16.66
N GLU D 32 -46.10 -1.24 -15.83
CA GLU D 32 -46.62 0.06 -16.23
C GLU D 32 -45.84 1.16 -15.53
N LEU D 33 -45.52 2.21 -16.27
CA LEU D 33 -44.67 3.30 -15.79
C LEU D 33 -45.54 4.47 -15.33
N GLN D 34 -45.24 5.01 -14.15
CA GLN D 34 -46.04 6.07 -13.56
C GLN D 34 -45.37 7.44 -13.55
N SER D 35 -44.06 7.54 -13.33
CA SER D 35 -43.43 8.86 -13.34
C SER D 35 -41.93 8.72 -13.60
N VAL D 36 -41.36 9.75 -14.24
CA VAL D 36 -39.92 9.88 -14.44
C VAL D 36 -39.53 11.33 -14.17
N THR D 37 -38.44 11.53 -13.43
CA THR D 37 -38.02 12.85 -12.98
C THR D 37 -36.54 13.08 -13.27
N LEU D 38 -36.21 14.28 -13.75
CA LEU D 38 -34.83 14.72 -13.93
C LEU D 38 -34.52 15.87 -13.00
N GLU D 39 -33.28 15.92 -12.48
CA GLU D 39 -32.90 16.95 -11.53
C GLU D 39 -31.44 17.39 -11.71
N PRO D 40 -31.20 18.63 -12.10
CA PRO D 40 -29.83 19.09 -12.35
C PRO D 40 -29.12 19.52 -11.07
N THR D 41 -27.84 19.81 -11.22
CA THR D 41 -26.99 20.30 -10.13
C THR D 41 -26.71 21.79 -10.35
N LEU D 42 -26.92 22.59 -9.32
CA LEU D 42 -26.97 24.04 -9.45
C LEU D 42 -25.90 24.71 -8.60
N SER D 43 -25.50 25.91 -9.02
CA SER D 43 -24.53 26.73 -8.31
C SER D 43 -24.92 28.20 -8.43
N LEU D 44 -24.82 28.93 -7.32
CA LEU D 44 -25.26 30.32 -7.26
C LEU D 44 -24.16 31.27 -7.71
N ASP D 45 -24.56 32.33 -8.41
CA ASP D 45 -23.63 33.36 -8.88
C ASP D 45 -23.85 34.71 -8.21
N TYR D 46 -25.05 35.29 -8.32
CA TYR D 46 -25.37 36.54 -7.63
C TYR D 46 -26.87 36.76 -7.66
N ILE D 47 -27.33 37.79 -6.94
CA ILE D 47 -28.74 38.15 -6.84
C ILE D 47 -28.90 39.64 -7.11
N THR D 48 -30.15 40.04 -7.42
CA THR D 48 -30.48 41.43 -7.73
C THR D 48 -31.76 41.83 -7.02
N CYS D 49 -31.90 43.14 -6.77
CA CYS D 49 -33.11 43.71 -6.19
C CYS D 49 -33.10 45.22 -6.45
N GLU D 50 -34.03 45.92 -5.80
CA GLU D 50 -34.22 47.36 -5.98
C GLU D 50 -33.27 48.16 -5.10
N TYR D 51 -33.15 49.45 -5.38
CA TYR D 51 -32.22 50.32 -4.68
C TYR D 51 -32.91 51.54 -4.08
N LYS D 52 -32.17 52.22 -3.21
CA LYS D 52 -32.64 53.41 -2.50
C LYS D 52 -31.56 54.49 -2.57
N THR D 53 -31.99 55.75 -2.61
CA THR D 53 -31.09 56.90 -2.67
C THR D 53 -31.18 57.72 -1.39
N VAL D 54 -30.03 58.14 -0.88
CA VAL D 54 -29.93 58.83 0.41
C VAL D 54 -29.40 60.24 0.17
N ILE D 55 -30.13 61.24 0.64
CA ILE D 55 -29.77 62.65 0.48
C ILE D 55 -29.83 63.37 1.82
N PRO D 56 -28.69 63.70 2.44
CA PRO D 56 -28.72 64.50 3.66
C PRO D 56 -28.94 65.98 3.37
N SER D 57 -29.22 66.73 4.43
CA SER D 57 -29.66 68.11 4.30
C SER D 57 -28.54 68.96 3.69
N PRO D 58 -28.91 69.97 2.91
CA PRO D 58 -27.90 70.86 2.32
C PRO D 58 -27.30 71.78 3.36
N TYR D 59 -26.13 72.32 3.02
CA TYR D 59 -25.39 73.23 3.89
C TYR D 59 -25.31 74.58 3.18
N VAL D 60 -25.84 75.62 3.82
CA VAL D 60 -25.88 76.95 3.22
C VAL D 60 -24.95 77.83 4.02
N LYS D 61 -23.97 78.42 3.35
CA LYS D 61 -22.96 79.26 3.97
C LYS D 61 -22.96 80.61 3.28
N CYS D 62 -23.27 81.66 4.03
CA CYS D 62 -23.38 82.99 3.47
C CYS D 62 -22.14 83.82 3.77
N CYS D 63 -21.79 84.69 2.81
CA CYS D 63 -20.58 85.52 2.85
C CYS D 63 -19.33 84.67 3.06
N GLY D 64 -19.21 83.62 2.26
CA GLY D 64 -18.06 82.72 2.36
C GLY D 64 -18.09 81.69 1.24
N THR D 65 -17.02 80.91 1.19
CA THR D 65 -16.88 79.82 0.23
C THR D 65 -16.66 78.51 0.99
N ALA D 66 -17.37 77.46 0.57
CA ALA D 66 -17.29 76.14 1.18
C ALA D 66 -16.54 75.18 0.26
N GLU D 67 -16.21 74.00 0.81
CA GLU D 67 -15.52 72.98 0.05
C GLU D 67 -15.87 71.60 0.61
N CYS D 68 -15.59 70.56 -0.18
CA CYS D 68 -15.94 69.20 0.20
C CYS D 68 -14.77 68.27 -0.11
N LYS D 69 -14.75 67.13 0.60
CA LYS D 69 -13.70 66.14 0.47
C LYS D 69 -14.26 64.85 -0.13
N ASP D 70 -13.35 63.98 -0.54
CA ASP D 70 -13.73 62.71 -1.16
C ASP D 70 -14.05 61.65 -0.11
N LYS D 71 -14.89 60.69 -0.51
CA LYS D 71 -15.28 59.57 0.34
C LYS D 71 -15.36 58.31 -0.51
N SER D 72 -15.43 57.17 0.16
CA SER D 72 -15.38 55.87 -0.50
C SER D 72 -16.74 55.25 -0.76
N LEU D 73 -17.83 55.94 -0.44
CA LEU D 73 -19.16 55.36 -0.60
C LEU D 73 -19.50 55.22 -2.09
N PRO D 74 -20.32 54.23 -2.45
CA PRO D 74 -20.68 54.05 -3.86
C PRO D 74 -21.43 55.25 -4.43
N ASP D 75 -21.08 55.60 -5.66
CA ASP D 75 -21.76 56.65 -6.43
C ASP D 75 -21.83 57.97 -5.66
N TYR D 76 -20.74 58.32 -5.01
CA TYR D 76 -20.67 59.57 -4.24
C TYR D 76 -20.44 60.74 -5.19
N SER D 77 -21.07 61.88 -4.88
CA SER D 77 -20.90 63.08 -5.68
C SER D 77 -21.05 64.33 -4.81
N CYS D 78 -20.25 65.36 -5.12
CA CYS D 78 -20.34 66.64 -4.44
C CYS D 78 -20.18 67.76 -5.46
N LYS D 79 -20.83 68.90 -5.19
CA LYS D 79 -20.70 70.07 -6.04
C LYS D 79 -20.98 71.32 -5.22
N VAL D 80 -20.45 72.45 -5.69
CA VAL D 80 -20.59 73.74 -5.02
C VAL D 80 -21.14 74.75 -6.01
N PHE D 81 -22.19 75.47 -5.60
CA PHE D 81 -22.82 76.49 -6.44
C PHE D 81 -22.66 77.86 -5.78
N THR D 82 -22.68 78.91 -6.60
CA THR D 82 -22.54 80.28 -6.11
C THR D 82 -23.73 81.12 -6.54
N GLY D 83 -23.91 82.25 -5.85
CA GLY D 83 -24.96 83.19 -6.21
C GLY D 83 -26.34 82.91 -5.66
N VAL D 84 -26.44 82.22 -4.54
CA VAL D 84 -27.72 81.79 -4.00
C VAL D 84 -28.26 82.82 -3.02
N TYR D 85 -29.58 82.87 -2.90
CA TYR D 85 -30.26 83.82 -1.99
C TYR D 85 -31.54 83.18 -1.48
N PRO D 86 -31.44 82.19 -0.60
CA PRO D 86 -32.61 81.42 -0.20
C PRO D 86 -33.55 82.21 0.68
N PHE D 87 -34.82 81.78 0.70
CA PHE D 87 -35.86 82.36 1.52
C PHE D 87 -36.47 81.32 2.44
N MET D 88 -37.05 81.80 3.54
CA MET D 88 -37.86 80.97 4.42
C MET D 88 -39.21 81.63 4.66
N TRP D 89 -40.02 81.07 5.55
CA TRP D 89 -41.40 81.54 5.72
C TRP D 89 -41.47 82.90 6.38
N GLY D 90 -40.46 83.30 7.14
CA GLY D 90 -40.46 84.58 7.80
C GLY D 90 -39.63 85.68 7.18
N GLY D 91 -38.96 85.40 6.07
CA GLY D 91 -38.08 86.36 5.43
C GLY D 91 -36.80 85.70 5.01
N ALA D 92 -35.87 86.53 4.50
CA ALA D 92 -34.61 86.03 3.98
C ALA D 92 -33.81 85.35 5.08
N TYR D 93 -32.98 84.38 4.66
CA TYR D 93 -32.21 83.61 5.65
C TYR D 93 -31.05 84.40 6.22
N CYS D 94 -30.10 84.80 5.37
CA CYS D 94 -28.88 85.46 5.84
C CYS D 94 -28.75 86.87 5.32
N PHE D 95 -28.07 87.69 6.12
CA PHE D 95 -27.99 89.14 5.89
C PHE D 95 -27.28 89.47 4.58
N CYS D 96 -26.20 88.75 4.28
CA CYS D 96 -25.43 89.04 3.06
C CYS D 96 -26.26 88.78 1.82
N ASP D 97 -26.17 89.70 0.86
CA ASP D 97 -26.92 89.61 -0.39
C ASP D 97 -26.01 89.08 -1.52
N ALA D 98 -24.80 88.69 -1.20
CA ALA D 98 -23.90 88.18 -2.22
C ALA D 98 -22.81 87.32 -1.57
N GLU D 99 -22.11 86.57 -2.43
CA GLU D 99 -20.98 85.73 -2.03
C GLU D 99 -21.40 84.56 -1.14
N ASN D 100 -22.58 84.00 -1.40
CA ASN D 100 -23.06 82.81 -0.70
C ASN D 100 -22.86 81.58 -1.57
N THR D 101 -22.82 80.41 -0.91
CA THR D 101 -22.60 79.14 -1.59
C THR D 101 -23.54 78.08 -1.03
N GLN D 102 -23.66 76.96 -1.75
CA GLN D 102 -24.44 75.82 -1.30
C GLN D 102 -23.70 74.53 -1.63
N LEU D 103 -23.75 73.57 -0.70
CA LEU D 103 -23.12 72.27 -0.84
C LEU D 103 -24.18 71.16 -0.79
N SER D 104 -24.05 70.19 -1.69
CA SER D 104 -24.99 69.07 -1.77
C SER D 104 -24.24 67.78 -2.07
N GLU D 105 -24.76 66.66 -1.56
CA GLU D 105 -24.13 65.37 -1.76
C GLU D 105 -25.17 64.26 -1.63
N ALA D 106 -24.85 63.11 -2.25
CA ALA D 106 -25.75 61.96 -2.24
C ALA D 106 -24.96 60.69 -2.56
N HIS D 107 -25.53 59.55 -2.18
CA HIS D 107 -24.96 58.25 -2.52
C HIS D 107 -26.05 57.20 -2.49
N VAL D 108 -25.70 55.98 -2.90
CA VAL D 108 -26.66 54.92 -3.22
C VAL D 108 -26.42 53.74 -2.29
N GLU D 109 -27.51 53.13 -1.82
CA GLU D 109 -27.47 51.99 -0.92
C GLU D 109 -28.39 50.89 -1.43
N LYS D 110 -28.53 49.82 -0.64
CA LYS D 110 -29.36 48.68 -0.98
C LYS D 110 -30.65 48.70 -0.17
N SER D 111 -31.77 48.44 -0.85
CA SER D 111 -33.08 48.55 -0.23
C SER D 111 -33.30 47.46 0.81
N GLU D 112 -34.14 47.77 1.80
CA GLU D 112 -34.45 46.81 2.87
C GLU D 112 -35.28 45.64 2.37
N SER D 113 -36.15 45.87 1.38
CA SER D 113 -37.07 44.85 0.88
C SER D 113 -36.38 43.71 0.12
N CYS D 114 -35.06 43.76 -0.05
CA CYS D 114 -34.38 42.72 -0.81
C CYS D 114 -34.47 41.35 -0.16
N LYS D 115 -34.86 41.28 1.12
CA LYS D 115 -34.99 39.99 1.80
C LYS D 115 -36.23 39.22 1.37
N THR D 116 -37.16 39.85 0.66
CA THR D 116 -38.41 39.21 0.25
C THR D 116 -38.59 39.19 -1.27
N GLU D 117 -38.27 40.28 -1.96
CA GLU D 117 -38.44 40.39 -3.41
C GLU D 117 -37.06 40.40 -4.05
N PHE D 118 -36.69 39.29 -4.69
CA PHE D 118 -35.38 39.18 -5.32
C PHE D 118 -35.42 38.11 -6.41
N ALA D 119 -34.41 38.16 -7.26
CA ALA D 119 -34.20 37.15 -8.30
C ALA D 119 -32.77 36.61 -8.20
N SER D 120 -32.58 35.36 -8.62
CA SER D 120 -31.33 34.66 -8.41
C SER D 120 -30.85 34.03 -9.71
N ALA D 121 -29.54 34.08 -9.94
CA ALA D 121 -28.92 33.55 -11.14
C ALA D 121 -28.12 32.30 -10.81
N TYR D 122 -28.28 31.26 -11.63
CA TYR D 122 -27.69 29.96 -11.38
C TYR D 122 -26.94 29.49 -12.61
N ARG D 123 -25.99 28.58 -12.40
CA ARG D 123 -25.32 27.86 -13.48
C ARG D 123 -25.55 26.37 -13.30
N ALA D 124 -25.93 25.68 -14.38
CA ALA D 124 -26.42 24.31 -14.32
C ALA D 124 -25.41 23.32 -14.89
N HIS D 125 -25.48 22.08 -14.41
CA HIS D 125 -24.59 20.99 -14.79
C HIS D 125 -25.43 19.74 -15.03
N THR D 126 -24.76 18.60 -15.20
CA THR D 126 -25.41 17.34 -15.55
C THR D 126 -26.43 16.92 -14.50
N ALA D 127 -27.54 16.36 -14.97
CA ALA D 127 -28.68 15.98 -14.13
C ALA D 127 -28.71 14.47 -13.88
N SER D 128 -29.39 14.10 -12.78
CA SER D 128 -29.69 12.72 -12.45
C SER D 128 -31.13 12.38 -12.84
N ALA D 129 -31.53 11.13 -12.62
CA ALA D 129 -32.85 10.66 -13.01
C ALA D 129 -33.35 9.63 -12.01
N SER D 130 -34.68 9.53 -11.90
CA SER D 130 -35.32 8.53 -11.04
C SER D 130 -36.63 8.08 -11.66
N ALA D 131 -37.12 6.91 -11.21
CA ALA D 131 -38.31 6.32 -11.80
C ALA D 131 -39.04 5.48 -10.77
N LYS D 132 -40.35 5.28 -11.01
CA LYS D 132 -41.21 4.46 -10.15
C LYS D 132 -42.12 3.61 -11.02
N LEU D 133 -42.31 2.35 -10.64
CA LEU D 133 -42.98 1.36 -11.47
C LEU D 133 -44.05 0.60 -10.69
N ARG D 134 -45.00 0.04 -11.44
CA ARG D 134 -45.98 -0.90 -10.93
C ARG D 134 -45.84 -2.23 -11.69
N VAL D 135 -45.83 -3.34 -10.95
CA VAL D 135 -45.64 -4.67 -11.52
C VAL D 135 -46.71 -5.59 -10.96
N LEU D 136 -47.32 -6.39 -11.84
CA LEU D 136 -48.32 -7.39 -11.45
C LEU D 136 -47.61 -8.72 -11.28
N TYR D 137 -47.55 -9.20 -10.04
CA TYR D 137 -46.70 -10.33 -9.67
C TYR D 137 -47.53 -11.35 -8.89
N GLN D 138 -47.78 -12.51 -9.50
CA GLN D 138 -48.50 -13.61 -8.85
C GLN D 138 -49.86 -13.17 -8.32
N GLY D 139 -50.57 -12.36 -9.11
CA GLY D 139 -51.91 -11.96 -8.75
C GLY D 139 -52.01 -10.78 -7.81
N ASN D 140 -50.91 -10.08 -7.53
CA ASN D 140 -50.93 -8.93 -6.64
C ASN D 140 -50.18 -7.77 -7.27
N ASN D 141 -50.55 -6.57 -6.85
CA ASN D 141 -49.85 -5.35 -7.27
C ASN D 141 -48.75 -5.02 -6.28
N ILE D 142 -47.54 -4.77 -6.79
CA ILE D 142 -46.43 -4.30 -5.99
C ILE D 142 -45.82 -3.08 -6.67
N THR D 143 -45.13 -2.25 -5.88
CA THR D 143 -44.55 -1.01 -6.36
C THR D 143 -43.07 -0.96 -6.02
N VAL D 144 -42.30 -0.36 -6.93
CA VAL D 144 -40.85 -0.22 -6.77
C VAL D 144 -40.44 1.20 -7.07
N ALA D 145 -39.32 1.61 -6.49
CA ALA D 145 -38.78 2.96 -6.68
C ALA D 145 -37.26 2.89 -6.66
N ALA D 146 -36.62 3.48 -7.66
CA ALA D 146 -35.18 3.36 -7.80
C ALA D 146 -34.65 4.45 -8.70
N TYR D 147 -33.32 4.62 -8.67
CA TYR D 147 -32.63 5.55 -9.55
C TYR D 147 -32.46 4.94 -10.93
N ALA D 148 -32.52 5.79 -11.95
CA ALA D 148 -32.45 5.34 -13.34
C ALA D 148 -31.00 5.24 -13.80
N ASN D 149 -30.24 4.38 -13.10
CA ASN D 149 -28.92 3.97 -13.54
C ASN D 149 -28.64 2.60 -12.96
N GLY D 150 -27.54 2.00 -13.41
CA GLY D 150 -27.23 0.64 -13.03
C GLY D 150 -26.57 0.46 -11.69
N ASP D 151 -26.53 1.49 -10.85
CA ASP D 151 -25.84 1.44 -9.58
C ASP D 151 -26.80 1.32 -8.39
N HIS D 152 -28.03 0.86 -8.62
CA HIS D 152 -28.98 0.68 -7.54
C HIS D 152 -29.74 -0.62 -7.74
N ALA D 153 -30.03 -1.30 -6.63
CA ALA D 153 -30.79 -2.54 -6.65
C ALA D 153 -31.75 -2.57 -5.47
N VAL D 154 -32.96 -3.07 -5.70
CA VAL D 154 -33.98 -3.16 -4.67
C VAL D 154 -34.55 -4.57 -4.66
N THR D 155 -35.10 -4.95 -3.51
CA THR D 155 -35.66 -6.28 -3.31
C THR D 155 -37.04 -6.13 -2.70
N VAL D 156 -38.05 -6.71 -3.35
CA VAL D 156 -39.42 -6.75 -2.84
C VAL D 156 -39.94 -8.17 -2.99
N LYS D 157 -40.30 -8.79 -1.88
CA LYS D 157 -40.82 -10.16 -1.85
C LYS D 157 -39.88 -11.13 -2.56
N ASP D 158 -38.59 -11.01 -2.24
CA ASP D 158 -37.53 -11.90 -2.71
C ASP D 158 -37.28 -11.78 -4.20
N ALA D 159 -37.68 -10.70 -4.84
CA ALA D 159 -37.37 -10.44 -6.24
C ALA D 159 -36.50 -9.20 -6.34
N LYS D 160 -35.45 -9.29 -7.16
CA LYS D 160 -34.47 -8.21 -7.31
C LYS D 160 -34.68 -7.49 -8.63
N PHE D 161 -34.68 -6.16 -8.59
CA PHE D 161 -34.91 -5.32 -9.75
C PHE D 161 -33.75 -4.34 -9.93
N VAL D 162 -33.33 -4.15 -11.18
CA VAL D 162 -32.36 -3.14 -11.56
C VAL D 162 -32.86 -2.43 -12.80
N VAL D 163 -32.84 -1.08 -12.78
CA VAL D 163 -33.39 -0.28 -13.86
C VAL D 163 -32.34 0.70 -14.36
N GLY D 164 -32.43 1.04 -15.64
CA GLY D 164 -31.51 1.98 -16.25
C GLY D 164 -30.35 1.28 -16.92
N PRO D 165 -29.46 2.05 -17.57
CA PRO D 165 -29.47 3.51 -17.78
C PRO D 165 -30.33 3.94 -18.96
N MET D 166 -30.60 5.24 -19.09
CA MET D 166 -31.46 5.76 -20.14
C MET D 166 -30.70 5.85 -21.46
N SER D 167 -31.47 5.82 -22.55
CA SER D 167 -30.89 5.85 -23.89
C SER D 167 -30.54 7.24 -24.40
N SER D 168 -31.00 8.31 -23.74
CA SER D 168 -30.82 9.65 -24.25
C SER D 168 -30.36 10.58 -23.14
N ALA D 169 -29.60 11.61 -23.54
CA ALA D 169 -29.06 12.59 -22.61
C ALA D 169 -29.68 13.98 -22.80
N TRP D 170 -30.85 14.05 -23.44
CA TRP D 170 -31.48 15.33 -23.72
C TRP D 170 -32.02 15.97 -22.44
N THR D 171 -31.77 17.27 -22.29
CA THR D 171 -32.25 18.05 -21.15
C THR D 171 -32.79 19.39 -21.64
N PRO D 172 -33.84 19.91 -20.99
CA PRO D 172 -34.42 21.19 -21.43
C PRO D 172 -33.74 22.43 -20.89
N PHE D 173 -32.71 22.31 -20.06
CA PHE D 173 -32.04 23.44 -19.46
C PHE D 173 -30.72 23.73 -20.17
N ASP D 174 -30.38 25.02 -20.29
CA ASP D 174 -29.10 25.42 -20.81
C ASP D 174 -28.10 25.65 -19.67
N ASN D 175 -26.97 26.28 -19.99
CA ASN D 175 -25.94 26.52 -18.98
C ASN D 175 -26.35 27.59 -17.97
N LYS D 176 -27.13 28.58 -18.39
CA LYS D 176 -27.50 29.69 -17.53
C LYS D 176 -29.02 29.79 -17.41
N ILE D 177 -29.53 29.80 -16.18
CA ILE D 177 -30.95 29.88 -15.90
C ILE D 177 -31.21 30.94 -14.83
N VAL D 178 -32.44 31.42 -14.79
CA VAL D 178 -32.89 32.43 -13.84
C VAL D 178 -34.20 31.97 -13.20
N VAL D 179 -34.32 32.13 -11.89
CA VAL D 179 -35.43 31.60 -11.11
C VAL D 179 -36.10 32.72 -10.33
N TYR D 180 -37.43 32.76 -10.35
CA TYR D 180 -38.19 33.78 -9.61
C TYR D 180 -39.57 33.22 -9.30
N LYS D 181 -39.79 32.83 -8.04
CA LYS D 181 -41.11 32.47 -7.51
C LYS D 181 -41.87 31.49 -8.40
N GLY D 182 -41.17 30.43 -8.83
CA GLY D 182 -41.82 29.36 -9.55
C GLY D 182 -41.64 29.36 -11.06
N ASP D 183 -41.00 30.37 -11.62
CA ASP D 183 -40.75 30.44 -13.05
C ASP D 183 -39.26 30.28 -13.33
N VAL D 184 -38.93 29.61 -14.43
CA VAL D 184 -37.56 29.40 -14.87
C VAL D 184 -37.41 29.95 -16.28
N TYR D 185 -36.37 30.75 -16.49
CA TYR D 185 -36.11 31.38 -17.78
C TYR D 185 -34.69 31.05 -18.24
N ASN D 186 -34.50 31.00 -19.55
CA ASN D 186 -33.18 30.90 -20.15
C ASN D 186 -32.70 32.30 -20.54
N MET D 187 -31.62 32.75 -19.92
CA MET D 187 -31.17 34.11 -20.11
C MET D 187 -29.66 34.18 -19.92
N ASP D 188 -29.00 35.01 -20.75
CA ASP D 188 -27.54 35.19 -20.70
C ASP D 188 -27.29 36.46 -19.88
N TYR D 189 -27.20 36.30 -18.56
CA TYR D 189 -27.05 37.45 -17.68
C TYR D 189 -25.63 38.01 -17.78
N PRO D 190 -25.46 39.30 -17.47
CA PRO D 190 -24.16 39.95 -17.68
C PRO D 190 -23.13 39.53 -16.64
N PRO D 191 -21.85 39.71 -16.93
CA PRO D 191 -20.81 39.32 -15.97
C PRO D 191 -20.85 40.16 -14.71
N PHE D 192 -20.36 39.56 -13.62
CA PHE D 192 -20.28 40.27 -12.35
C PHE D 192 -19.24 41.38 -12.43
N GLY D 193 -19.63 42.58 -12.03
CA GLY D 193 -18.77 43.73 -12.13
C GLY D 193 -18.81 44.48 -13.45
N ALA D 194 -19.75 44.14 -14.33
CA ALA D 194 -19.83 44.74 -15.65
C ALA D 194 -21.29 45.09 -15.97
N GLY D 195 -21.96 45.76 -15.05
CA GLY D 195 -23.37 46.05 -15.19
C GLY D 195 -23.66 47.19 -16.15
N ARG D 196 -24.94 47.44 -16.36
CA ARG D 196 -25.43 48.41 -17.32
C ARG D 196 -26.44 49.35 -16.66
N PRO D 197 -26.58 50.58 -17.16
CA PRO D 197 -27.35 51.59 -16.42
C PRO D 197 -28.86 51.36 -16.41
N GLY D 198 -29.42 50.64 -17.38
CA GLY D 198 -30.86 50.54 -17.43
C GLY D 198 -31.41 49.17 -17.78
N GLN D 199 -30.61 48.12 -17.55
CA GLN D 199 -31.00 46.76 -17.89
C GLN D 199 -30.82 45.87 -16.67
N PHE D 200 -31.14 44.60 -16.84
CA PHE D 200 -31.01 43.61 -15.78
C PHE D 200 -29.56 43.52 -15.32
N GLY D 201 -29.34 43.73 -14.03
CA GLY D 201 -28.02 43.63 -13.46
C GLY D 201 -27.33 44.94 -13.07
N ASP D 202 -28.08 46.01 -12.80
CA ASP D 202 -27.45 47.26 -12.38
C ASP D 202 -26.95 47.19 -10.95
N ILE D 203 -27.65 46.46 -10.08
CA ILE D 203 -27.27 46.28 -8.69
C ILE D 203 -26.96 44.79 -8.49
N GLN D 204 -25.81 44.50 -7.89
CA GLN D 204 -25.36 43.12 -7.73
C GLN D 204 -24.88 42.90 -6.30
N SER D 205 -25.17 41.71 -5.77
CA SER D 205 -24.66 41.29 -4.47
C SER D 205 -24.54 39.77 -4.47
N ARG D 206 -23.68 39.27 -3.58
CA ARG D 206 -23.34 37.85 -3.56
C ARG D 206 -24.28 37.01 -2.71
N THR D 207 -24.91 37.61 -1.70
CA THR D 207 -25.83 36.89 -0.81
C THR D 207 -26.72 37.92 -0.13
N PRO D 208 -27.95 37.56 0.25
CA PRO D 208 -28.83 38.56 0.88
C PRO D 208 -28.30 39.12 2.18
N GLU D 209 -27.30 38.49 2.79
CA GLU D 209 -26.76 38.95 4.06
C GLU D 209 -25.42 39.68 3.93
N SER D 210 -24.96 39.92 2.71
CA SER D 210 -23.66 40.53 2.49
C SER D 210 -23.76 42.06 2.56
N LYS D 211 -22.60 42.69 2.76
CA LYS D 211 -22.51 44.14 2.88
C LYS D 211 -21.92 44.84 1.67
N ASP D 212 -21.32 44.10 0.74
CA ASP D 212 -20.71 44.68 -0.45
C ASP D 212 -21.72 44.79 -1.58
N VAL D 213 -21.85 46.00 -2.13
CA VAL D 213 -22.82 46.28 -3.19
C VAL D 213 -22.10 47.00 -4.32
N TYR D 214 -22.37 46.59 -5.55
CA TYR D 214 -21.86 47.25 -6.75
C TYR D 214 -23.01 47.96 -7.44
N ALA D 215 -22.77 49.21 -7.84
CA ALA D 215 -23.81 50.04 -8.45
C ALA D 215 -23.25 50.79 -9.65
N ASN D 216 -24.03 50.84 -10.73
CA ASN D 216 -23.63 51.50 -11.96
C ASN D 216 -24.80 52.29 -12.54
N THR D 217 -25.52 53.01 -11.69
CA THR D 217 -26.51 53.96 -12.18
C THR D 217 -25.89 55.34 -12.30
N GLN D 218 -26.53 56.18 -13.13
CA GLN D 218 -26.03 57.53 -13.37
C GLN D 218 -26.65 58.49 -12.37
N LEU D 219 -25.83 59.41 -11.86
CA LEU D 219 -26.30 60.39 -10.89
C LEU D 219 -25.58 61.70 -11.12
N VAL D 220 -26.31 62.73 -11.47
CA VAL D 220 -25.77 64.06 -11.72
C VAL D 220 -26.60 65.08 -10.96
N LEU D 221 -25.94 65.98 -10.25
CA LEU D 221 -26.62 67.04 -9.51
C LEU D 221 -26.77 68.27 -10.39
N GLN D 222 -27.87 69.01 -10.18
CA GLN D 222 -28.22 70.15 -11.00
C GLN D 222 -28.41 71.38 -10.13
N ARG D 223 -28.58 72.52 -10.77
CA ARG D 223 -28.64 73.81 -10.08
C ARG D 223 -30.00 73.98 -9.40
N PRO D 224 -30.02 74.47 -8.16
CA PRO D 224 -31.30 74.74 -7.49
C PRO D 224 -32.01 75.93 -8.10
N ALA D 225 -33.34 75.91 -8.02
CA ALA D 225 -34.16 76.99 -8.52
C ALA D 225 -34.10 78.19 -7.60
N ALA D 226 -34.41 79.37 -8.15
CA ALA D 226 -34.31 80.61 -7.40
C ALA D 226 -35.35 80.64 -6.28
N GLY D 227 -34.90 81.00 -5.08
CA GLY D 227 -35.80 81.20 -3.97
C GLY D 227 -36.24 79.96 -3.23
N THR D 228 -35.65 78.80 -3.53
CA THR D 228 -36.07 77.54 -2.93
C THR D 228 -34.86 76.80 -2.39
N VAL D 229 -35.10 76.02 -1.34
CA VAL D 229 -34.09 75.13 -0.76
C VAL D 229 -34.50 73.69 -1.09
N HIS D 230 -33.70 73.02 -1.91
CA HIS D 230 -33.92 71.63 -2.25
C HIS D 230 -32.69 71.10 -2.98
N VAL D 231 -32.67 69.78 -3.19
CA VAL D 231 -31.54 69.10 -3.82
C VAL D 231 -32.03 68.32 -5.03
N PRO D 232 -32.07 68.92 -6.21
CA PRO D 232 -32.52 68.18 -7.41
C PRO D 232 -31.40 67.36 -8.02
N TYR D 233 -31.79 66.35 -8.79
CA TYR D 233 -30.85 65.41 -9.39
C TYR D 233 -31.50 64.71 -10.57
N SER D 234 -30.68 63.95 -11.31
CA SER D 234 -31.12 63.17 -12.45
C SER D 234 -30.53 61.76 -12.36
N GLN D 235 -31.36 60.75 -12.64
CA GLN D 235 -30.93 59.36 -12.46
C GLN D 235 -31.78 58.46 -13.35
N ALA D 236 -31.15 57.38 -13.82
CA ALA D 236 -31.82 56.36 -14.62
C ALA D 236 -32.71 55.48 -13.75
N PRO D 237 -33.91 55.14 -14.21
CA PRO D 237 -34.83 54.37 -13.37
C PRO D 237 -34.41 52.91 -13.23
N SER D 238 -34.99 52.26 -12.24
CA SER D 238 -34.57 50.92 -11.84
C SER D 238 -34.83 49.91 -12.96
N GLY D 239 -33.87 49.00 -13.14
CA GLY D 239 -33.97 48.00 -14.18
C GLY D 239 -34.71 46.74 -13.78
N PHE D 240 -34.79 46.46 -12.47
CA PHE D 240 -35.52 45.29 -12.01
C PHE D 240 -37.02 45.44 -12.23
N LYS D 241 -37.57 46.64 -11.99
CA LYS D 241 -38.98 46.89 -12.25
C LYS D 241 -39.33 46.73 -13.73
N TYR D 242 -38.43 47.19 -14.61
CA TYR D 242 -38.70 47.08 -16.05
C TYR D 242 -38.79 45.64 -16.50
N TRP D 243 -37.92 44.77 -15.96
CA TRP D 243 -37.91 43.37 -16.37
C TRP D 243 -39.22 42.68 -16.03
N LEU D 244 -39.81 43.02 -14.88
CA LEU D 244 -41.06 42.38 -14.48
C LEU D 244 -42.21 42.67 -15.44
N LYS D 245 -42.21 43.85 -16.07
CA LYS D 245 -43.32 44.24 -16.93
C LYS D 245 -43.21 43.71 -18.36
N GLU D 246 -42.08 43.12 -18.75
CA GLU D 246 -41.91 42.67 -20.13
C GLU D 246 -41.11 41.37 -20.21
N ARG D 247 -41.24 40.48 -19.22
CA ARG D 247 -40.38 39.29 -19.20
C ARG D 247 -40.84 38.20 -20.15
N GLY D 248 -42.11 38.19 -20.55
CA GLY D 248 -42.57 37.20 -21.51
C GLY D 248 -42.93 35.85 -20.89
N ALA D 249 -43.13 34.88 -21.78
CA ALA D 249 -43.61 33.56 -21.39
C ALA D 249 -42.53 32.73 -20.72
N SER D 250 -42.96 31.86 -19.80
CA SER D 250 -42.06 31.05 -19.00
C SER D 250 -41.69 29.76 -19.75
N LEU D 251 -40.78 29.00 -19.14
CA LEU D 251 -40.29 27.77 -19.76
C LEU D 251 -41.36 26.69 -19.82
N GLN D 252 -42.34 26.73 -18.90
CA GLN D 252 -43.36 25.69 -18.86
C GLN D 252 -44.21 25.69 -20.11
N HIS D 253 -44.53 26.87 -20.65
CA HIS D 253 -45.43 26.99 -21.78
C HIS D 253 -44.74 26.85 -23.12
N THR D 254 -43.40 26.84 -23.17
CA THR D 254 -42.67 26.81 -24.43
C THR D 254 -41.82 25.56 -24.63
N ALA D 255 -41.60 24.74 -23.60
CA ALA D 255 -40.68 23.63 -23.72
C ALA D 255 -41.26 22.54 -24.63
N PRO D 256 -40.40 21.80 -25.32
CA PRO D 256 -40.87 20.73 -26.20
C PRO D 256 -41.04 19.40 -25.47
N PHE D 257 -41.59 18.44 -26.20
CA PHE D 257 -41.84 17.07 -25.76
C PHE D 257 -42.84 16.98 -24.61
N GLY D 258 -43.54 18.06 -24.29
CA GLY D 258 -44.57 18.01 -23.27
C GLY D 258 -44.07 17.97 -21.83
N CYS D 259 -42.86 18.45 -21.58
CA CYS D 259 -42.31 18.42 -20.23
C CYS D 259 -43.02 19.42 -19.32
N GLN D 260 -43.07 19.10 -18.03
CA GLN D 260 -43.57 19.99 -16.99
C GLN D 260 -42.42 20.46 -16.12
N ILE D 261 -42.58 21.63 -15.51
CA ILE D 261 -41.50 22.30 -14.78
C ILE D 261 -41.97 22.63 -13.37
N ALA D 262 -41.10 22.37 -12.39
CA ALA D 262 -41.30 22.76 -11.01
C ALA D 262 -39.99 23.32 -10.48
N THR D 263 -40.06 24.11 -9.40
CA THR D 263 -38.93 24.94 -9.02
C THR D 263 -38.38 24.71 -7.61
N ASN D 264 -39.07 23.97 -6.75
CA ASN D 264 -38.66 23.83 -5.35
C ASN D 264 -38.65 22.36 -4.95
N PRO D 265 -37.55 21.64 -5.27
CA PRO D 265 -36.39 22.03 -6.07
C PRO D 265 -36.66 22.00 -7.57
N VAL D 266 -35.73 22.51 -8.38
CA VAL D 266 -35.95 22.58 -9.82
C VAL D 266 -35.96 21.18 -10.40
N ARG D 267 -37.03 20.86 -11.15
CA ARG D 267 -37.21 19.53 -11.71
C ARG D 267 -37.89 19.63 -13.06
N ALA D 268 -37.80 18.54 -13.83
CA ALA D 268 -38.56 18.37 -15.05
C ALA D 268 -39.12 16.95 -15.06
N VAL D 269 -40.41 16.81 -15.38
CA VAL D 269 -41.10 15.54 -15.24
C VAL D 269 -41.82 15.16 -16.53
N ASN D 270 -41.90 13.86 -16.77
CA ASN D 270 -42.71 13.27 -17.85
C ASN D 270 -42.31 13.77 -19.24
N CYS D 271 -41.01 13.70 -19.54
CA CYS D 271 -40.51 13.94 -20.88
C CYS D 271 -40.43 12.61 -21.62
N ALA D 272 -41.09 12.53 -22.78
CA ALA D 272 -41.22 11.28 -23.54
C ALA D 272 -40.12 11.17 -24.59
N VAL D 273 -38.95 10.70 -24.15
CA VAL D 273 -37.81 10.48 -25.02
C VAL D 273 -37.15 9.16 -24.66
N GLY D 274 -36.78 8.37 -25.67
CA GLY D 274 -35.93 7.21 -25.44
C GLY D 274 -36.69 5.99 -24.94
N ASN D 275 -35.93 5.08 -24.34
CA ASN D 275 -36.48 3.85 -23.76
C ASN D 275 -35.59 3.40 -22.61
N ILE D 276 -36.13 2.49 -21.79
CA ILE D 276 -35.52 2.11 -20.53
C ILE D 276 -35.41 0.59 -20.44
N PRO D 277 -34.22 0.03 -20.31
CA PRO D 277 -34.10 -1.42 -20.09
C PRO D 277 -34.31 -1.82 -18.63
N ILE D 278 -34.80 -3.04 -18.45
CA ILE D 278 -35.16 -3.56 -17.14
C ILE D 278 -34.67 -5.00 -17.02
N SER D 279 -34.18 -5.36 -15.83
CA SER D 279 -33.69 -6.71 -15.54
C SER D 279 -34.29 -7.20 -14.23
N ILE D 280 -34.72 -8.47 -14.21
CA ILE D 280 -35.42 -9.05 -13.06
C ILE D 280 -34.87 -10.44 -12.79
N ASP D 281 -34.76 -10.80 -11.51
CA ASP D 281 -34.26 -12.09 -11.06
C ASP D 281 -35.36 -12.79 -10.27
N ILE D 282 -35.83 -13.92 -10.77
CA ILE D 282 -36.99 -14.62 -10.21
C ILE D 282 -36.49 -15.86 -9.46
N PRO D 283 -36.95 -16.11 -8.24
CA PRO D 283 -36.50 -17.30 -7.51
C PRO D 283 -37.14 -18.58 -8.05
N ASP D 284 -36.57 -19.71 -7.60
CA ASP D 284 -36.97 -21.02 -8.11
C ASP D 284 -38.32 -21.48 -7.58
N ALA D 285 -38.71 -21.04 -6.39
CA ALA D 285 -39.94 -21.51 -5.78
C ALA D 285 -41.20 -20.94 -6.43
N ALA D 286 -41.06 -19.99 -7.35
CA ALA D 286 -42.21 -19.35 -7.98
C ALA D 286 -42.77 -20.13 -9.16
N PHE D 287 -42.10 -21.20 -9.60
CA PHE D 287 -42.47 -21.92 -10.80
C PHE D 287 -43.27 -23.17 -10.46
N THR D 288 -44.04 -23.64 -11.46
CA THR D 288 -44.86 -24.84 -11.34
C THR D 288 -44.47 -25.83 -12.44
N ARG D 289 -44.40 -27.11 -12.08
CA ARG D 289 -43.94 -28.14 -12.99
C ARG D 289 -44.99 -28.43 -14.06
N VAL D 290 -44.53 -28.91 -15.22
CA VAL D 290 -45.42 -29.15 -16.34
C VAL D 290 -46.39 -30.29 -16.04
N VAL D 291 -46.00 -31.22 -15.18
CA VAL D 291 -46.85 -32.37 -14.88
C VAL D 291 -48.00 -32.00 -13.95
N ASP D 292 -47.88 -30.91 -13.20
CA ASP D 292 -48.95 -30.50 -12.30
C ASP D 292 -49.96 -29.56 -12.96
N ALA D 293 -49.55 -28.83 -13.99
CA ALA D 293 -50.47 -27.94 -14.68
C ALA D 293 -51.44 -28.75 -15.54
N PRO D 294 -52.65 -28.23 -15.75
CA PRO D 294 -53.63 -28.95 -16.59
C PRO D 294 -53.22 -28.95 -18.05
N SER D 295 -53.82 -29.86 -18.81
CA SER D 295 -53.58 -29.97 -20.24
C SER D 295 -54.87 -29.72 -21.00
N VAL D 296 -54.74 -29.16 -22.19
CA VAL D 296 -55.86 -28.82 -23.06
C VAL D 296 -55.62 -29.43 -24.44
N THR D 297 -56.63 -30.11 -24.98
CA THR D 297 -56.44 -31.02 -26.11
C THR D 297 -57.13 -30.63 -27.40
N ASP D 298 -58.18 -29.82 -27.37
CA ASP D 298 -58.92 -29.50 -28.58
C ASP D 298 -59.39 -28.05 -28.54
N MET D 299 -59.23 -27.34 -29.67
CA MET D 299 -59.52 -25.93 -29.73
C MET D 299 -60.16 -25.54 -31.06
N SER D 300 -60.93 -24.46 -31.04
CA SER D 300 -61.47 -23.83 -32.23
C SER D 300 -61.72 -22.35 -31.92
N CYS D 301 -61.77 -21.53 -32.97
CA CYS D 301 -61.81 -20.09 -32.81
C CYS D 301 -62.88 -19.48 -33.72
N GLU D 302 -63.56 -18.45 -33.21
CA GLU D 302 -64.51 -17.68 -34.01
C GLU D 302 -64.49 -16.23 -33.54
N VAL D 303 -64.70 -15.30 -34.47
CA VAL D 303 -64.59 -13.87 -34.21
C VAL D 303 -65.85 -13.17 -34.69
N PRO D 304 -66.79 -12.82 -33.80
CA PRO D 304 -68.05 -12.21 -34.26
C PRO D 304 -67.99 -10.73 -34.60
N ALA D 305 -66.98 -9.98 -34.17
CA ALA D 305 -66.98 -8.55 -34.42
C ALA D 305 -65.57 -7.98 -34.34
N CYS D 306 -65.32 -6.96 -35.16
CA CYS D 306 -64.03 -6.25 -35.14
C CYS D 306 -64.21 -4.84 -35.67
N THR D 307 -63.67 -3.87 -34.92
CA THR D 307 -63.56 -2.48 -35.37
C THR D 307 -62.22 -1.95 -34.89
N HIS D 308 -61.39 -1.48 -35.82
CA HIS D 308 -60.00 -1.15 -35.49
C HIS D 308 -59.90 0.30 -35.02
N SER D 309 -60.48 0.55 -33.85
CA SER D 309 -60.39 1.83 -33.20
C SER D 309 -59.19 1.84 -32.24
N SER D 310 -58.98 2.96 -31.57
CA SER D 310 -57.86 3.11 -30.65
C SER D 310 -58.09 2.37 -29.33
N ASP D 311 -59.30 1.91 -29.06
CA ASP D 311 -59.62 1.17 -27.85
C ASP D 311 -59.78 -0.31 -28.18
N PHE D 312 -60.16 -1.09 -27.17
CA PHE D 312 -60.30 -2.54 -27.30
C PHE D 312 -61.61 -2.85 -28.01
N GLY D 313 -61.53 -2.96 -29.33
CA GLY D 313 -62.71 -3.14 -30.16
C GLY D 313 -62.95 -4.53 -30.72
N GLY D 314 -62.44 -5.57 -30.07
CA GLY D 314 -62.59 -6.92 -30.56
C GLY D 314 -63.08 -7.88 -29.49
N VAL D 315 -63.68 -8.97 -29.96
CA VAL D 315 -64.18 -10.04 -29.09
C VAL D 315 -63.94 -11.38 -29.78
N ALA D 316 -63.55 -12.39 -28.99
CA ALA D 316 -63.24 -13.71 -29.52
C ALA D 316 -63.74 -14.79 -28.57
N ILE D 317 -64.10 -15.94 -29.14
CA ILE D 317 -64.61 -17.08 -28.39
C ILE D 317 -63.82 -18.32 -28.78
N ILE D 318 -63.32 -19.05 -27.78
CA ILE D 318 -62.49 -20.23 -28.00
C ILE D 318 -63.10 -21.39 -27.21
N LYS D 319 -63.22 -22.55 -27.85
CA LYS D 319 -63.72 -23.77 -27.22
C LYS D 319 -62.55 -24.68 -26.86
N TYR D 320 -62.68 -25.39 -25.74
CA TYR D 320 -61.58 -26.20 -25.24
C TYR D 320 -62.11 -27.39 -24.45
N THR D 321 -61.27 -28.42 -24.35
CA THR D 321 -61.51 -29.57 -23.49
C THR D 321 -60.29 -29.77 -22.60
N ALA D 322 -60.51 -29.79 -21.28
CA ALA D 322 -59.42 -29.79 -20.32
C ALA D 322 -59.41 -31.09 -19.52
N SER D 323 -58.21 -31.48 -19.07
CA SER D 323 -58.04 -32.73 -18.34
C SER D 323 -58.37 -32.61 -16.86
N LYS D 324 -58.14 -31.44 -16.26
CA LYS D 324 -58.47 -31.23 -14.85
C LYS D 324 -58.51 -29.74 -14.56
N LYS D 325 -59.06 -29.40 -13.40
CA LYS D 325 -59.25 -28.01 -13.02
C LYS D 325 -57.92 -27.35 -12.67
N GLY D 326 -57.76 -26.10 -13.10
CA GLY D 326 -56.49 -25.43 -12.89
C GLY D 326 -56.51 -24.03 -13.48
N LYS D 327 -55.31 -23.47 -13.60
CA LYS D 327 -55.07 -22.13 -14.12
C LYS D 327 -54.16 -22.17 -15.34
N CYS D 328 -54.36 -21.21 -16.25
CA CYS D 328 -53.64 -21.13 -17.51
C CYS D 328 -53.40 -19.68 -17.91
N ALA D 329 -52.35 -19.51 -18.73
CA ALA D 329 -51.89 -18.22 -19.22
C ALA D 329 -52.31 -18.04 -20.67
N VAL D 330 -52.45 -16.78 -21.08
CA VAL D 330 -52.83 -16.43 -22.45
C VAL D 330 -51.82 -15.43 -22.97
N HIS D 331 -51.27 -15.69 -24.16
CA HIS D 331 -50.26 -14.81 -24.72
C HIS D 331 -50.37 -14.85 -26.24
N SER D 332 -50.19 -13.69 -26.88
CA SER D 332 -50.28 -13.57 -28.32
C SER D 332 -48.93 -13.80 -28.98
N MET D 333 -48.96 -14.36 -30.19
CA MET D 333 -47.75 -14.73 -30.90
C MET D 333 -47.39 -13.76 -32.02
N THR D 334 -48.08 -12.63 -32.10
CA THR D 334 -47.84 -11.64 -33.13
C THR D 334 -47.74 -10.26 -32.49
N ASN D 335 -47.09 -9.34 -33.19
CA ASN D 335 -46.76 -8.04 -32.61
C ASN D 335 -47.84 -6.99 -32.84
N ALA D 336 -48.67 -7.14 -33.87
CA ALA D 336 -49.66 -6.13 -34.23
C ALA D 336 -50.97 -6.27 -33.46
N VAL D 337 -51.12 -7.29 -32.62
CA VAL D 337 -52.36 -7.54 -31.88
C VAL D 337 -52.04 -7.70 -30.41
N THR D 338 -52.80 -7.02 -29.56
CA THR D 338 -52.59 -7.05 -28.11
C THR D 338 -53.84 -7.55 -27.39
N ILE D 339 -53.64 -8.39 -26.37
CA ILE D 339 -54.71 -9.04 -25.64
C ILE D 339 -54.66 -8.56 -24.20
N ARG D 340 -55.81 -8.15 -23.66
CA ARG D 340 -55.83 -7.56 -22.33
C ARG D 340 -55.63 -8.60 -21.23
N GLU D 341 -56.31 -9.74 -21.33
CA GLU D 341 -56.34 -10.69 -20.22
C GLU D 341 -55.00 -11.37 -20.02
N ALA D 342 -54.65 -11.60 -18.75
CA ALA D 342 -53.39 -12.25 -18.38
C ALA D 342 -53.52 -13.74 -18.08
N ASP D 343 -54.63 -14.19 -17.51
CA ASP D 343 -54.80 -15.60 -17.19
C ASP D 343 -56.28 -15.94 -17.11
N VAL D 344 -56.57 -17.25 -17.15
CA VAL D 344 -57.93 -17.77 -17.12
C VAL D 344 -57.97 -19.03 -16.26
N GLU D 345 -59.19 -19.47 -15.94
CA GLU D 345 -59.42 -20.69 -15.19
C GLU D 345 -60.19 -21.68 -16.04
N VAL D 346 -59.70 -22.91 -16.11
CA VAL D 346 -60.19 -23.92 -17.06
C VAL D 346 -60.77 -25.10 -16.30
N GLU D 347 -61.88 -25.64 -16.79
CA GLU D 347 -62.49 -26.82 -16.20
C GLU D 347 -63.44 -27.46 -17.20
N GLY D 348 -63.37 -28.79 -17.29
CA GLY D 348 -64.38 -29.55 -18.01
C GLY D 348 -64.44 -29.22 -19.50
N ASN D 349 -65.65 -28.99 -19.99
CA ASN D 349 -65.92 -28.72 -21.40
C ASN D 349 -66.73 -27.44 -21.50
N SER D 350 -66.09 -26.34 -21.90
CA SER D 350 -66.73 -25.03 -21.88
C SER D 350 -65.97 -24.11 -22.83
N GLN D 351 -66.21 -22.80 -22.70
CA GLN D 351 -65.65 -21.80 -23.60
C GLN D 351 -65.22 -20.59 -22.80
N LEU D 352 -64.29 -19.82 -23.36
CA LEU D 352 -63.77 -18.61 -22.74
C LEU D 352 -63.77 -17.46 -23.74
N GLN D 353 -63.79 -16.24 -23.21
CA GLN D 353 -63.96 -15.02 -24.00
C GLN D 353 -62.83 -14.03 -23.70
N ILE D 354 -62.31 -13.39 -24.75
CA ILE D 354 -61.22 -12.42 -24.63
C ILE D 354 -61.51 -11.21 -25.52
N SER D 355 -60.69 -10.17 -25.36
CA SER D 355 -60.80 -8.93 -26.12
C SER D 355 -59.42 -8.52 -26.63
N PHE D 356 -59.40 -7.82 -27.77
CA PHE D 356 -58.14 -7.45 -28.40
C PHE D 356 -58.31 -6.15 -29.18
N SER D 357 -57.17 -5.53 -29.50
CA SER D 357 -57.14 -4.32 -30.31
C SER D 357 -56.03 -4.43 -31.34
N THR D 358 -56.26 -3.85 -32.53
CA THR D 358 -55.30 -3.93 -33.61
C THR D 358 -55.61 -2.84 -34.63
N ALA D 359 -54.61 -2.55 -35.46
CA ALA D 359 -54.72 -1.55 -36.53
C ALA D 359 -54.86 -2.18 -37.92
N LEU D 360 -54.92 -3.50 -38.02
CA LEU D 360 -54.93 -4.16 -39.32
C LEU D 360 -56.32 -4.14 -39.95
N ALA D 361 -56.35 -4.03 -41.27
CA ALA D 361 -57.60 -4.12 -42.02
C ALA D 361 -58.08 -5.55 -42.16
N SER D 362 -57.17 -6.52 -42.16
CA SER D 362 -57.51 -7.94 -42.22
C SER D 362 -56.66 -8.66 -41.20
N ALA D 363 -57.31 -9.33 -40.25
CA ALA D 363 -56.66 -9.80 -39.03
C ALA D 363 -56.40 -11.30 -39.08
N GLU D 364 -55.15 -11.70 -38.86
CA GLU D 364 -54.77 -13.09 -38.70
C GLU D 364 -53.69 -13.18 -37.62
N PHE D 365 -53.87 -14.07 -36.66
CA PHE D 365 -52.95 -14.17 -35.53
C PHE D 365 -53.10 -15.53 -34.86
N ARG D 366 -52.15 -15.85 -33.99
CA ARG D 366 -52.14 -17.09 -33.23
C ARG D 366 -52.24 -16.81 -31.73
N VAL D 367 -52.94 -17.69 -31.01
CA VAL D 367 -53.12 -17.57 -29.57
C VAL D 367 -52.61 -18.84 -28.89
N GLN D 368 -51.81 -18.67 -27.84
CA GLN D 368 -51.22 -19.77 -27.09
C GLN D 368 -51.85 -19.88 -25.70
N VAL D 369 -52.40 -21.06 -25.40
CA VAL D 369 -53.01 -21.35 -24.09
C VAL D 369 -52.38 -22.65 -23.57
N CYS D 370 -51.51 -22.54 -22.58
CA CYS D 370 -50.90 -23.70 -21.91
C CYS D 370 -50.31 -24.70 -22.92
N SER D 371 -49.38 -24.19 -23.73
CA SER D 371 -48.54 -24.96 -24.64
C SER D 371 -49.27 -25.51 -25.86
N THR D 372 -50.41 -24.95 -26.24
CA THR D 372 -51.01 -25.30 -27.52
C THR D 372 -51.48 -24.03 -28.22
N GLN D 373 -51.69 -24.13 -29.53
CA GLN D 373 -51.90 -22.95 -30.37
C GLN D 373 -53.11 -23.14 -31.27
N VAL D 374 -53.79 -22.02 -31.56
CA VAL D 374 -55.01 -22.01 -32.37
C VAL D 374 -54.95 -20.83 -33.33
N HIS D 375 -55.62 -20.97 -34.47
CA HIS D 375 -55.59 -20.00 -35.56
C HIS D 375 -56.93 -19.27 -35.66
N CYS D 376 -56.89 -17.93 -35.72
CA CYS D 376 -58.08 -17.11 -35.82
C CYS D 376 -57.96 -16.15 -37.00
N ALA D 377 -59.11 -15.74 -37.55
CA ALA D 377 -59.13 -14.83 -38.68
C ALA D 377 -60.50 -14.17 -38.78
N ALA D 378 -60.51 -12.91 -39.23
CA ALA D 378 -61.73 -12.12 -39.36
C ALA D 378 -61.43 -10.84 -40.12
N ALA D 379 -62.50 -10.11 -40.44
CA ALA D 379 -62.43 -8.84 -41.17
C ALA D 379 -62.90 -7.69 -40.27
N CYS D 380 -62.35 -6.50 -40.52
CA CYS D 380 -62.51 -5.38 -39.60
C CYS D 380 -63.00 -4.14 -40.33
N HIS D 381 -63.76 -3.30 -39.62
CA HIS D 381 -64.42 -2.11 -40.13
C HIS D 381 -63.80 -0.83 -39.54
N PRO D 382 -63.94 0.30 -40.22
CA PRO D 382 -63.36 1.55 -39.71
C PRO D 382 -64.35 2.30 -38.81
N PRO D 383 -63.85 3.19 -37.93
CA PRO D 383 -64.73 3.91 -37.01
C PRO D 383 -65.29 5.20 -37.56
N LYS D 384 -66.06 5.93 -36.74
CA LYS D 384 -66.72 7.17 -37.16
C LYS D 384 -66.30 8.41 -36.37
N ASP D 385 -65.72 8.25 -35.19
CA ASP D 385 -65.35 9.41 -34.37
C ASP D 385 -63.99 9.94 -34.81
N HIS D 386 -63.90 11.26 -35.02
CA HIS D 386 -62.68 11.84 -35.56
C HIS D 386 -61.60 12.05 -34.50
N ILE D 387 -61.96 12.52 -33.31
CA ILE D 387 -60.97 12.95 -32.32
C ILE D 387 -61.33 12.40 -30.95
N VAL D 388 -60.31 11.96 -30.21
CA VAL D 388 -60.45 11.40 -28.88
C VAL D 388 -59.41 12.05 -27.96
N ASN D 389 -59.45 11.68 -26.68
CA ASN D 389 -58.66 12.34 -25.65
C ASN D 389 -57.60 11.43 -25.02
N TYR D 390 -57.23 10.33 -25.66
CA TYR D 390 -56.27 9.41 -25.07
C TYR D 390 -55.45 8.74 -26.16
N PRO D 391 -54.22 8.32 -25.86
CA PRO D 391 -53.35 7.77 -26.91
C PRO D 391 -53.72 6.34 -27.29
N ALA D 392 -53.20 5.92 -28.43
CA ALA D 392 -53.48 4.59 -28.96
C ALA D 392 -52.78 3.52 -28.12
N SER D 393 -53.37 2.33 -28.09
CA SER D 393 -52.85 1.21 -27.32
C SER D 393 -52.27 0.11 -28.21
N HIS D 394 -51.97 0.42 -29.47
CA HIS D 394 -51.39 -0.56 -30.39
C HIS D 394 -50.25 0.09 -31.16
N THR D 395 -49.44 -0.76 -31.80
CA THR D 395 -48.28 -0.30 -32.53
C THR D 395 -48.63 0.05 -33.98
N THR D 396 -47.69 0.70 -34.65
CA THR D 396 -47.88 1.17 -36.02
C THR D 396 -47.70 0.02 -37.01
N LEU D 397 -48.04 0.30 -38.27
CA LEU D 397 -48.01 -0.69 -39.33
C LEU D 397 -46.80 -0.49 -40.24
N GLY D 398 -46.46 -1.56 -40.97
CA GLY D 398 -45.41 -1.52 -41.95
C GLY D 398 -45.94 -1.65 -43.36
N VAL D 399 -44.99 -1.77 -44.31
CA VAL D 399 -45.37 -1.87 -45.71
C VAL D 399 -45.92 -3.25 -46.04
N GLN D 400 -45.63 -4.25 -45.22
CA GLN D 400 -46.08 -5.62 -45.50
C GLN D 400 -47.52 -5.88 -45.11
N ASP D 401 -48.13 -4.99 -44.33
CA ASP D 401 -49.50 -5.19 -43.84
C ASP D 401 -50.46 -4.60 -44.87
N ILE D 402 -51.08 -5.47 -45.65
CA ILE D 402 -51.98 -5.08 -46.73
C ILE D 402 -53.17 -6.03 -46.75
N SER D 403 -54.35 -5.49 -47.05
CA SER D 403 -55.56 -6.31 -47.10
C SER D 403 -55.41 -7.43 -48.12
N THR D 404 -56.05 -8.56 -47.81
CA THR D 404 -55.89 -9.76 -48.63
C THR D 404 -56.41 -9.55 -50.06
N THR D 405 -57.48 -8.78 -50.21
CA THR D 405 -58.00 -8.52 -51.56
C THR D 405 -57.04 -7.68 -52.37
N ALA D 406 -56.35 -6.73 -51.73
CA ALA D 406 -55.38 -5.91 -52.44
C ALA D 406 -54.20 -6.75 -52.93
N MET D 407 -53.73 -7.69 -52.12
CA MET D 407 -52.60 -8.53 -52.51
C MET D 407 -52.96 -9.39 -53.71
N SER D 408 -54.20 -9.87 -53.79
CA SER D 408 -54.60 -10.72 -54.91
C SER D 408 -54.47 -9.98 -56.24
N TRP D 409 -54.89 -8.71 -56.27
CA TRP D 409 -54.84 -7.96 -57.52
C TRP D 409 -53.42 -7.67 -57.96
N VAL D 410 -52.51 -7.45 -57.00
CA VAL D 410 -51.10 -7.25 -57.35
C VAL D 410 -50.54 -8.48 -58.05
N GLN D 411 -50.92 -9.68 -57.59
CA GLN D 411 -50.33 -10.90 -58.12
C GLN D 411 -50.73 -11.15 -59.56
N LYS D 412 -52.00 -10.90 -59.91
CA LYS D 412 -52.45 -11.16 -61.27
C LYS D 412 -51.77 -10.25 -62.28
N ILE D 413 -51.65 -8.96 -61.96
CA ILE D 413 -51.07 -8.01 -62.90
C ILE D 413 -49.59 -8.32 -63.12
N THR D 414 -48.85 -8.51 -62.03
CA THR D 414 -47.42 -8.79 -62.14
C THR D 414 -47.16 -10.10 -62.87
N GLY D 415 -47.91 -11.15 -62.52
CA GLY D 415 -47.72 -12.43 -63.20
C GLY D 415 -48.06 -12.37 -64.68
N GLY D 416 -49.15 -11.69 -65.03
CA GLY D 416 -49.55 -11.62 -66.42
C GLY D 416 -48.53 -10.94 -67.31
N VAL D 417 -47.99 -9.81 -66.85
CA VAL D 417 -46.98 -9.10 -67.63
C VAL D 417 -45.73 -9.96 -67.79
N GLY D 418 -45.31 -10.65 -66.72
CA GLY D 418 -44.09 -11.43 -66.77
C GLY D 418 -44.13 -12.56 -67.78
N LEU D 419 -45.31 -13.15 -67.98
CA LEU D 419 -45.45 -14.23 -68.95
C LEU D 419 -45.14 -13.75 -70.36
N ILE D 420 -45.59 -12.55 -70.72
CA ILE D 420 -45.37 -12.04 -72.06
C ILE D 420 -43.88 -11.88 -72.34
N VAL D 421 -43.11 -11.45 -71.34
CA VAL D 421 -41.66 -11.40 -71.48
C VAL D 421 -41.10 -12.82 -71.65
N ALA D 422 -41.63 -13.77 -70.88
CA ALA D 422 -41.10 -15.13 -70.90
C ALA D 422 -41.27 -15.77 -72.27
N VAL D 423 -42.44 -15.62 -72.89
CA VAL D 423 -42.69 -16.25 -74.18
C VAL D 423 -41.86 -15.57 -75.28
N ALA D 424 -41.74 -14.24 -75.22
CA ALA D 424 -40.99 -13.53 -76.24
C ALA D 424 -39.52 -13.93 -76.24
N ALA D 425 -38.96 -14.17 -75.05
CA ALA D 425 -37.54 -14.52 -74.96
C ALA D 425 -37.26 -15.88 -75.60
N LEU D 426 -38.18 -16.84 -75.45
CA LEU D 426 -37.96 -18.16 -76.01
C LEU D 426 -37.84 -18.13 -77.53
N ILE D 427 -38.64 -17.28 -78.18
CA ILE D 427 -38.56 -17.18 -79.64
C ILE D 427 -37.19 -16.69 -80.07
N LEU D 428 -36.64 -15.71 -79.36
CA LEU D 428 -35.34 -15.15 -79.73
C LEU D 428 -34.24 -16.20 -79.63
N ILE D 429 -34.26 -17.02 -78.58
CA ILE D 429 -33.21 -18.01 -78.38
C ILE D 429 -33.20 -19.02 -79.53
N VAL D 430 -34.38 -19.46 -79.96
CA VAL D 430 -34.49 -20.44 -81.03
C VAL D 430 -33.93 -19.88 -82.35
N VAL D 431 -34.28 -18.64 -82.69
CA VAL D 431 -33.87 -18.10 -83.98
C VAL D 431 -32.35 -17.98 -84.08
N LEU D 432 -31.68 -17.53 -83.02
CA LEU D 432 -30.22 -17.45 -83.07
C LEU D 432 -29.59 -18.83 -83.23
N CYS D 433 -30.12 -19.83 -82.54
CA CYS D 433 -29.53 -21.17 -82.63
C CYS D 433 -29.66 -21.73 -84.04
N VAL D 434 -30.79 -21.47 -84.70
CA VAL D 434 -30.97 -21.92 -86.08
C VAL D 434 -29.97 -21.22 -87.00
N SER D 435 -29.81 -19.90 -86.84
CA SER D 435 -28.91 -19.15 -87.69
C SER D 435 -27.47 -19.57 -87.49
N PHE D 436 -27.10 -19.89 -86.24
CA PHE D 436 -25.76 -20.37 -85.96
C PHE D 436 -25.51 -21.70 -86.66
N SER D 437 -26.49 -22.61 -86.58
CA SER D 437 -26.31 -23.95 -87.13
C SER D 437 -26.32 -23.94 -88.66
N ARG D 438 -27.15 -23.09 -89.25
CA ARG D 438 -27.24 -23.07 -90.71
C ARG D 438 -25.93 -22.61 -91.35
N HIS D 439 -25.28 -21.61 -90.77
CA HIS D 439 -24.04 -21.08 -91.32
C HIS D 439 -22.94 -22.14 -91.36
N ASN E 1 37.61 7.96 46.43
CA ASN E 1 37.19 8.71 47.61
C ASN E 1 36.04 9.66 47.26
N PHE E 2 35.19 9.93 48.25
CA PHE E 2 33.99 10.74 48.07
C PHE E 2 34.19 12.22 48.40
N ASN E 3 35.43 12.65 48.63
CA ASN E 3 35.66 14.04 49.01
C ASN E 3 35.27 15.01 47.91
N VAL E 4 35.29 14.58 46.65
CA VAL E 4 35.01 15.48 45.54
C VAL E 4 33.53 15.85 45.41
N TYR E 5 32.64 15.20 46.15
CA TYR E 5 31.20 15.48 46.08
C TYR E 5 30.71 16.40 47.18
N LYS E 6 31.61 17.03 47.94
CA LYS E 6 31.20 17.66 49.19
C LYS E 6 30.23 18.83 48.98
N ALA E 7 30.47 19.66 47.97
CA ALA E 7 29.71 20.90 47.81
C ALA E 7 28.70 20.88 46.66
N THR E 8 28.31 19.70 46.17
CA THR E 8 27.43 19.59 45.03
C THR E 8 25.98 19.38 45.46
N ARG E 9 25.08 19.39 44.47
CA ARG E 9 23.65 19.19 44.70
C ARG E 9 23.01 18.56 43.47
N PRO E 10 21.96 17.75 43.64
CA PRO E 10 21.21 17.21 42.49
C PRO E 10 20.31 18.24 41.82
N TYR E 11 19.62 17.86 40.75
CA TYR E 11 18.82 18.79 39.96
C TYR E 11 17.70 18.05 39.25
N LEU E 12 16.73 18.83 38.75
CA LEU E 12 15.59 18.33 37.99
C LEU E 12 15.74 18.64 36.50
N ALA E 13 15.13 17.81 35.66
CA ALA E 13 15.28 17.93 34.22
C ALA E 13 14.10 17.27 33.51
N HIS E 14 14.08 17.41 32.18
CA HIS E 14 12.99 16.99 31.32
C HIS E 14 13.12 15.52 30.89
N CYS E 15 11.98 14.83 30.82
CA CYS E 15 11.90 13.44 30.38
C CYS E 15 10.78 13.27 29.35
N PRO E 16 11.03 12.52 28.26
CA PRO E 16 10.09 12.52 27.13
C PRO E 16 8.85 11.66 27.29
N ASP E 17 8.88 10.62 28.12
CA ASP E 17 7.75 9.70 28.30
C ASP E 17 7.80 9.29 29.74
N CYS E 18 6.74 9.60 30.48
CA CYS E 18 6.78 9.53 31.94
C CYS E 18 5.93 8.38 32.48
N GLY E 19 5.63 7.39 31.65
CA GLY E 19 4.91 6.18 32.04
C GLY E 19 3.55 6.03 31.40
N GLU E 20 2.88 7.14 31.10
CA GLU E 20 1.52 7.13 30.55
C GLU E 20 1.46 7.65 29.12
N GLY E 21 2.60 8.01 28.53
CA GLY E 21 2.61 8.63 27.22
C GLY E 21 2.58 10.14 27.27
N HIS E 22 3.00 10.74 28.38
CA HIS E 22 3.09 12.19 28.50
C HIS E 22 4.41 12.53 29.18
N SER E 23 4.91 13.71 28.88
CA SER E 23 6.17 14.20 29.44
C SER E 23 5.94 14.83 30.80
N CYS E 24 7.02 14.91 31.59
CA CYS E 24 6.95 15.52 32.90
C CYS E 24 8.34 16.00 33.26
N HIS E 25 8.42 16.74 34.36
CA HIS E 25 9.71 17.12 34.94
C HIS E 25 9.95 16.24 36.15
N SER E 26 11.04 15.49 36.14
CA SER E 26 11.20 14.37 37.04
C SER E 26 12.53 14.46 37.79
N PRO E 27 12.55 13.94 39.02
CA PRO E 27 13.80 13.93 39.80
C PRO E 27 14.87 13.02 39.24
N ILE E 28 14.54 12.11 38.33
CA ILE E 28 15.52 11.24 37.69
C ILE E 28 15.38 11.38 36.18
N ALA E 29 16.51 11.60 35.51
CA ALA E 29 16.52 11.85 34.07
C ALA E 29 17.80 11.27 33.49
N LEU E 30 17.79 11.02 32.19
CA LEU E 30 18.83 10.25 31.53
C LEU E 30 19.76 11.15 30.72
N GLU E 31 21.05 10.79 30.74
CA GLU E 31 22.10 11.31 29.90
C GLU E 31 22.52 10.23 28.91
N ARG E 32 23.66 10.43 28.26
CA ARG E 32 24.12 9.50 27.23
C ARG E 32 24.49 8.15 27.81
N ILE E 33 24.29 7.10 27.00
CA ILE E 33 24.62 5.72 27.36
C ILE E 33 25.82 5.29 26.51
N ARG E 34 26.83 4.73 27.18
CA ARG E 34 28.06 4.31 26.54
C ARG E 34 28.11 2.80 26.42
N ASN E 35 28.50 2.30 25.24
CA ASN E 35 28.56 0.86 24.99
C ASN E 35 29.84 0.49 24.24
N GLU E 36 30.97 1.00 24.73
CA GLU E 36 32.25 0.78 24.04
C GLU E 36 32.83 -0.61 24.26
N ALA E 37 32.43 -1.31 25.30
CA ALA E 37 33.05 -2.59 25.66
C ALA E 37 32.50 -3.72 24.80
N THR E 38 33.34 -4.73 24.58
CA THR E 38 32.99 -5.86 23.72
C THR E 38 32.28 -6.99 24.44
N ASP E 39 32.17 -6.94 25.77
CA ASP E 39 31.44 -7.95 26.52
C ASP E 39 29.97 -7.61 26.71
N GLY E 40 29.53 -6.42 26.30
CA GLY E 40 28.13 -6.06 26.43
C GLY E 40 27.76 -5.41 27.74
N THR E 41 28.64 -4.61 28.33
CA THR E 41 28.38 -3.92 29.58
C THR E 41 28.08 -2.46 29.28
N LEU E 42 27.02 -1.93 29.91
CA LEU E 42 26.59 -0.56 29.70
C LEU E 42 26.90 0.31 30.91
N LYS E 43 27.19 1.58 30.65
CA LYS E 43 27.42 2.57 31.68
C LYS E 43 26.43 3.72 31.50
N ILE E 44 25.74 4.09 32.57
CA ILE E 44 24.60 5.00 32.49
C ILE E 44 24.83 6.17 33.43
N GLN E 45 24.38 7.36 33.02
CA GLN E 45 24.47 8.58 33.81
C GLN E 45 23.06 9.08 34.11
N VAL E 46 22.81 9.42 35.37
CA VAL E 46 21.52 9.92 35.83
C VAL E 46 21.74 11.18 36.64
N SER E 47 20.64 11.76 37.13
CA SER E 47 20.68 13.06 37.80
C SER E 47 20.69 12.99 39.31
N LEU E 48 20.57 11.80 39.90
CA LEU E 48 20.62 11.64 41.34
C LEU E 48 21.99 11.13 41.78
N GLN E 49 22.23 11.19 43.09
CA GLN E 49 23.53 10.83 43.66
C GLN E 49 23.37 9.66 44.62
N ILE E 50 24.17 8.62 44.42
CA ILE E 50 24.06 7.36 45.17
C ILE E 50 25.27 7.23 46.08
N GLY E 51 25.01 6.88 47.34
CA GLY E 51 26.06 6.55 48.28
C GLY E 51 26.44 7.65 49.26
N ILE E 52 25.89 8.86 49.12
CA ILE E 52 26.25 9.99 49.96
C ILE E 52 24.98 10.53 50.62
N LYS E 53 25.06 10.79 51.92
CA LYS E 53 23.95 11.36 52.66
C LYS E 53 23.96 12.89 52.59
N THR E 54 22.90 13.49 53.12
CA THR E 54 22.69 14.93 53.01
C THR E 54 23.62 15.74 53.91
N ASP E 55 24.32 15.11 54.85
CA ASP E 55 25.27 15.80 55.71
C ASP E 55 26.72 15.56 55.30
N ASP E 56 26.94 15.08 54.07
CA ASP E 56 28.28 14.82 53.53
C ASP E 56 29.02 13.75 54.33
N SER E 57 28.37 12.60 54.50
CA SER E 57 28.99 11.42 55.06
C SER E 57 28.77 10.25 54.11
N HIS E 58 29.60 9.23 54.25
CA HIS E 58 29.52 8.04 53.41
C HIS E 58 28.66 6.98 54.09
N ASP E 59 27.67 6.48 53.37
CA ASP E 59 26.81 5.40 53.85
C ASP E 59 26.20 4.71 52.64
N TRP E 60 26.51 3.43 52.47
CA TRP E 60 26.21 2.74 51.22
C TRP E 60 24.75 2.30 51.10
N THR E 61 23.93 2.51 52.13
CA THR E 61 22.53 2.11 52.07
C THR E 61 21.58 3.26 51.76
N LYS E 62 22.09 4.45 51.50
CA LYS E 62 21.26 5.64 51.32
C LYS E 62 21.60 6.32 50.00
N LEU E 63 20.61 7.05 49.46
CA LEU E 63 20.81 7.93 48.34
C LEU E 63 20.04 9.23 48.59
N ARG E 64 20.48 10.30 47.94
CA ARG E 64 19.87 11.62 48.12
C ARG E 64 19.40 12.16 46.77
N TYR E 65 18.26 12.84 46.80
CA TYR E 65 17.61 13.34 45.59
C TYR E 65 17.04 14.71 45.89
N MET E 66 16.69 15.45 44.84
CA MET E 66 16.26 16.83 44.96
C MET E 66 14.74 16.91 45.00
N ASP E 67 14.22 17.46 46.09
CA ASP E 67 12.81 17.82 46.20
C ASP E 67 12.66 19.29 45.81
N SER E 68 11.47 19.86 46.05
CA SER E 68 11.25 21.27 45.79
C SER E 68 12.11 22.10 46.75
N HIS E 69 13.15 22.73 46.22
CA HIS E 69 14.02 23.66 46.94
C HIS E 69 14.81 23.02 48.07
N THR E 70 14.89 21.68 48.13
CA THR E 70 15.63 21.03 49.22
C THR E 70 15.90 19.56 48.93
N PRO E 71 17.08 19.06 49.27
CA PRO E 71 17.36 17.63 49.12
C PRO E 71 16.74 16.79 50.23
N ALA E 72 16.64 15.49 49.96
CA ALA E 72 16.02 14.54 50.87
C ALA E 72 16.65 13.17 50.66
N ASP E 73 16.43 12.27 51.63
CA ASP E 73 17.04 10.96 51.66
C ASP E 73 16.07 9.88 51.19
N ALA E 74 16.63 8.76 50.73
CA ALA E 74 15.83 7.65 50.22
C ALA E 74 16.64 6.36 50.33
N GLU E 75 15.92 5.24 50.22
CA GLU E 75 16.51 3.90 50.34
C GLU E 75 17.03 3.41 49.00
N ARG E 76 18.10 2.62 49.06
CA ARG E 76 18.75 2.11 47.85
C ARG E 76 18.02 0.90 47.26
N ALA E 77 17.30 0.13 48.09
CA ALA E 77 16.75 -1.14 47.64
C ALA E 77 15.72 -0.98 46.53
N GLY E 78 15.20 0.22 46.31
CA GLY E 78 14.20 0.44 45.29
C GLY E 78 14.72 0.77 43.90
N LEU E 79 16.04 0.75 43.69
CA LEU E 79 16.59 1.11 42.39
C LEU E 79 16.49 -0.06 41.42
N LEU E 80 15.88 0.18 40.27
CA LEU E 80 15.70 -0.85 39.25
C LEU E 80 16.00 -0.28 37.87
N VAL E 81 16.51 -1.13 37.00
CA VAL E 81 16.82 -0.77 35.62
C VAL E 81 16.38 -1.94 34.74
N ARG E 82 15.48 -1.69 33.79
CA ARG E 82 14.94 -2.78 32.97
C ARG E 82 14.90 -2.42 31.50
N THR E 83 15.40 -3.33 30.66
CA THR E 83 15.16 -3.31 29.22
C THR E 83 14.61 -4.70 28.88
N SER E 84 13.42 -4.75 28.30
CA SER E 84 12.75 -6.05 28.09
C SER E 84 12.68 -6.71 29.47
N ALA E 85 13.24 -7.90 29.66
CA ALA E 85 13.28 -8.52 30.98
C ALA E 85 14.24 -7.79 31.92
N PRO E 86 14.12 -8.02 33.22
CA PRO E 86 14.91 -7.25 34.20
C PRO E 86 16.42 -7.43 34.09
N CYS E 87 17.15 -6.35 34.40
CA CYS E 87 18.61 -6.28 34.32
C CYS E 87 19.23 -6.73 35.63
N THR E 88 20.57 -6.65 35.68
CA THR E 88 21.35 -7.00 36.87
C THR E 88 22.36 -5.89 37.12
N ILE E 89 22.36 -5.33 38.33
CA ILE E 89 23.19 -4.18 38.67
C ILE E 89 24.47 -4.68 39.32
N THR E 90 25.61 -4.21 38.83
CA THR E 90 26.91 -4.68 39.28
C THR E 90 27.67 -3.68 40.16
N GLY E 91 27.37 -2.38 40.07
CA GLY E 91 28.03 -1.41 40.91
C GLY E 91 27.62 0.02 40.64
N THR E 92 27.59 0.85 41.69
CA THR E 92 27.13 2.22 41.59
C THR E 92 28.08 3.15 42.33
N MET E 93 28.21 4.38 41.82
CA MET E 93 28.94 5.44 42.51
C MET E 93 28.58 6.77 41.89
N GLY E 94 28.10 7.70 42.72
CA GLY E 94 27.77 9.04 42.24
C GLY E 94 26.66 9.03 41.20
N HIS E 95 26.99 9.50 40.00
CA HIS E 95 26.04 9.62 38.90
C HIS E 95 25.97 8.39 38.02
N PHE E 96 26.74 7.34 38.30
CA PHE E 96 27.05 6.31 37.32
C PHE E 96 26.58 4.95 37.77
N ILE E 97 26.12 4.13 36.82
CA ILE E 97 25.59 2.79 37.07
C ILE E 97 26.14 1.83 36.01
N LEU E 98 26.46 0.61 36.44
CA LEU E 98 26.87 -0.47 35.56
C LEU E 98 25.80 -1.57 35.54
N ALA E 99 25.54 -2.15 34.38
CA ALA E 99 24.48 -3.15 34.27
C ALA E 99 24.71 -4.08 33.09
N ARG E 100 24.08 -5.25 33.16
CA ARG E 100 24.01 -6.24 32.08
C ARG E 100 22.55 -6.61 31.87
N CYS E 101 22.13 -6.75 30.62
CA CYS E 101 20.72 -6.99 30.34
C CYS E 101 20.57 -7.69 28.99
N PRO E 102 19.43 -8.34 28.77
CA PRO E 102 19.15 -8.96 27.46
C PRO E 102 18.91 -7.90 26.39
N LYS E 103 18.71 -8.37 25.16
CA LYS E 103 18.50 -7.49 24.04
C LYS E 103 17.10 -6.85 24.10
N GLY E 104 16.97 -5.71 23.43
CA GLY E 104 15.71 -4.98 23.48
C GLY E 104 15.80 -3.71 22.67
N GLU E 105 14.74 -2.91 22.73
CA GLU E 105 14.64 -1.65 22.01
C GLU E 105 14.41 -0.43 22.89
N THR E 106 14.34 -0.60 24.21
CA THR E 106 14.06 0.51 25.11
C THR E 106 14.93 0.39 26.36
N LEU E 107 14.97 1.44 27.17
CA LEU E 107 15.66 1.43 28.45
C LEU E 107 14.89 2.26 29.45
N THR E 108 14.70 1.73 30.66
CA THR E 108 13.89 2.39 31.69
C THR E 108 14.61 2.36 33.04
N VAL E 109 14.46 3.44 33.81
CA VAL E 109 15.02 3.56 35.15
C VAL E 109 13.93 4.04 36.10
N GLY E 110 14.11 3.76 37.38
CA GLY E 110 13.12 4.16 38.38
C GLY E 110 13.60 3.92 39.80
N PHE E 111 12.83 4.46 40.74
CA PHE E 111 13.12 4.35 42.17
C PHE E 111 11.89 4.75 42.96
N THR E 112 11.98 4.64 44.28
CA THR E 112 10.87 4.89 45.19
C THR E 112 11.16 6.09 46.09
N ASP E 113 10.18 6.96 46.25
CA ASP E 113 10.32 8.22 46.98
C ASP E 113 10.14 7.94 48.48
N SER E 114 10.31 8.99 49.30
CA SER E 114 10.13 8.88 50.73
C SER E 114 8.69 9.03 51.19
N ARG E 115 7.75 9.29 50.27
CA ARG E 115 6.33 9.30 50.58
C ARG E 115 5.58 8.19 49.86
N LYS E 116 6.28 7.12 49.47
CA LYS E 116 5.69 5.96 48.81
C LYS E 116 5.05 6.33 47.47
N ILE E 117 5.85 6.97 46.62
CA ILE E 117 5.45 7.29 45.25
C ILE E 117 6.59 6.89 44.31
N SER E 118 6.23 6.29 43.17
CA SER E 118 7.22 5.79 42.21
C SER E 118 7.38 6.75 41.05
N HIS E 119 8.56 6.70 40.42
CA HIS E 119 8.90 7.53 39.26
C HIS E 119 9.65 6.70 38.24
N THR E 120 9.40 6.97 36.95
CA THR E 120 10.05 6.25 35.86
C THR E 120 10.40 7.21 34.73
N CYS E 121 11.30 6.78 33.84
CA CYS E 121 11.65 7.53 32.64
C CYS E 121 12.19 6.55 31.59
N THR E 122 11.78 6.76 30.34
CA THR E 122 12.08 5.82 29.25
C THR E 122 12.66 6.54 28.05
N HIS E 123 13.69 5.94 27.45
CA HIS E 123 14.35 6.44 26.25
C HIS E 123 14.55 5.32 25.24
N PRO E 124 14.52 5.63 23.95
CA PRO E 124 14.76 4.60 22.93
C PRO E 124 16.24 4.29 22.78
N PHE E 125 16.52 3.04 22.39
CA PHE E 125 17.88 2.54 22.34
C PHE E 125 17.90 1.23 21.55
N HIS E 126 19.09 0.86 21.08
CA HIS E 126 19.27 -0.33 20.26
C HIS E 126 20.44 -1.14 20.83
N HIS E 127 20.16 -2.33 21.34
CA HIS E 127 21.13 -3.15 22.04
C HIS E 127 21.34 -4.46 21.29
N GLU E 128 22.57 -4.72 20.85
CA GLU E 128 22.92 -5.96 20.18
C GLU E 128 24.40 -6.23 20.42
N PRO E 129 24.73 -7.14 21.35
CA PRO E 129 26.14 -7.41 21.63
C PRO E 129 26.82 -8.02 20.43
N PRO E 130 28.12 -7.79 20.27
CA PRO E 130 28.84 -8.33 19.11
C PRO E 130 29.11 -9.82 19.26
N VAL E 131 29.64 -10.40 18.19
CA VAL E 131 29.93 -11.84 18.10
C VAL E 131 31.43 -12.03 18.13
N ILE E 132 31.89 -12.90 19.03
CA ILE E 132 33.31 -13.20 19.19
C ILE E 132 33.53 -14.66 18.77
N GLY E 133 34.44 -14.85 17.82
CA GLY E 133 34.69 -16.18 17.30
C GLY E 133 33.82 -16.50 16.09
N ARG E 134 33.73 -17.79 15.79
CA ARG E 134 33.05 -18.26 14.60
C ARG E 134 31.74 -19.00 14.89
N GLU E 135 31.21 -18.87 16.11
CA GLU E 135 29.91 -19.44 16.45
C GLU E 135 29.13 -18.46 17.32
N ARG E 136 27.81 -18.54 17.22
CA ARG E 136 26.91 -17.76 18.06
C ARG E 136 26.37 -18.64 19.17
N PHE E 137 26.46 -18.16 20.41
CA PHE E 137 26.11 -18.95 21.57
C PHE E 137 25.41 -18.07 22.60
N HIS E 138 24.66 -18.73 23.49
CA HIS E 138 23.77 -18.03 24.41
C HIS E 138 24.19 -18.08 25.87
N SER E 139 25.09 -18.97 26.26
CA SER E 139 25.56 -19.01 27.64
C SER E 139 26.96 -19.58 27.71
N ARG E 140 27.61 -19.33 28.85
CA ARG E 140 29.00 -19.71 29.03
C ARG E 140 29.15 -21.22 29.22
N PRO E 141 29.99 -21.88 28.44
CA PRO E 141 30.09 -23.34 28.51
C PRO E 141 31.08 -23.82 29.56
N GLN E 142 31.11 -25.13 29.76
CA GLN E 142 32.02 -25.77 30.70
C GLN E 142 33.31 -26.27 30.06
N HIS E 143 33.29 -26.59 28.77
CA HIS E 143 34.43 -27.11 28.04
C HIS E 143 34.60 -26.28 26.78
N GLY E 144 35.74 -25.65 26.61
CA GLY E 144 35.90 -24.74 25.49
C GLY E 144 37.28 -24.16 25.36
N LYS E 145 37.34 -23.03 24.65
CA LYS E 145 38.57 -22.36 24.25
C LYS E 145 38.49 -20.90 24.65
N GLU E 146 39.66 -20.26 24.76
CA GLU E 146 39.76 -18.89 25.25
C GLU E 146 40.33 -17.97 24.17
N LEU E 147 39.70 -16.82 23.99
CA LEU E 147 40.05 -15.81 23.00
C LEU E 147 40.06 -14.45 23.68
N PRO E 148 40.79 -13.47 23.13
CA PRO E 148 40.89 -12.18 23.81
C PRO E 148 39.65 -11.32 23.58
N CYS E 149 39.42 -10.44 24.56
CA CYS E 149 38.26 -9.54 24.56
C CYS E 149 38.51 -8.45 25.62
N SER E 150 37.51 -7.60 25.89
CA SER E 150 37.69 -6.50 26.83
C SER E 150 36.45 -6.25 27.69
N THR E 151 36.66 -5.56 28.81
CA THR E 151 35.62 -5.32 29.82
C THR E 151 35.95 -4.04 30.61
N TYR E 152 35.07 -3.74 31.56
CA TYR E 152 35.21 -2.65 32.53
C TYR E 152 35.70 -3.19 33.87
N VAL E 153 36.41 -2.34 34.62
CA VAL E 153 37.02 -2.72 35.88
C VAL E 153 36.29 -2.03 37.02
N GLN E 154 35.99 -2.79 38.08
CA GLN E 154 35.27 -2.28 39.26
C GLN E 154 36.26 -1.60 40.20
N SER E 155 36.61 -0.35 39.87
CA SER E 155 37.53 0.42 40.69
C SER E 155 37.10 1.88 40.73
N THR E 156 37.32 2.53 41.88
CA THR E 156 36.90 3.90 42.10
C THR E 156 38.08 4.87 42.23
N ALA E 157 39.28 4.45 41.84
CA ALA E 157 40.44 5.32 41.93
C ALA E 157 40.38 6.42 40.88
N ALA E 158 41.21 7.45 41.06
CA ALA E 158 41.18 8.60 40.19
C ALA E 158 41.66 8.24 38.78
N THR E 159 41.01 8.83 37.78
CA THR E 159 41.35 8.61 36.38
C THR E 159 41.61 9.92 35.65
N ALA E 160 41.75 9.86 34.33
CA ALA E 160 42.09 11.01 33.51
C ALA E 160 40.88 11.67 32.85
N GLU E 161 39.68 11.14 33.06
CA GLU E 161 38.46 11.72 32.51
C GLU E 161 37.78 12.56 33.59
N GLU E 162 37.38 13.78 33.24
CA GLU E 162 36.84 14.72 34.22
C GLU E 162 35.68 15.49 33.62
N ILE E 163 34.76 15.92 34.51
CA ILE E 163 33.64 16.78 34.15
C ILE E 163 33.63 17.96 35.11
N GLU E 164 32.93 19.02 34.72
CA GLU E 164 33.01 20.31 35.39
C GLU E 164 31.75 20.61 36.19
N VAL E 165 31.86 21.59 37.09
CA VAL E 165 30.74 22.09 37.87
C VAL E 165 30.74 23.62 37.81
N HIS E 166 29.55 24.21 37.79
CA HIS E 166 29.37 25.65 37.66
C HIS E 166 28.34 26.14 38.68
N MET E 167 28.09 27.45 38.67
CA MET E 167 27.11 28.08 39.57
C MET E 167 25.70 27.90 39.02
N PRO E 168 24.73 27.52 39.87
CA PRO E 168 23.38 27.26 39.36
C PRO E 168 22.67 28.56 39.00
N PRO E 169 21.72 28.51 38.07
CA PRO E 169 20.95 29.71 37.73
C PRO E 169 19.75 29.92 38.65
N ASP E 170 18.98 30.99 38.38
CA ASP E 170 17.82 31.31 39.19
C ASP E 170 16.66 30.36 38.87
N THR E 171 15.79 30.16 39.86
CA THR E 171 14.69 29.21 39.77
C THR E 171 13.36 29.92 39.96
N PRO E 172 12.52 30.05 38.94
CA PRO E 172 11.22 30.69 39.13
C PRO E 172 10.25 29.79 39.89
N ASP E 173 9.29 30.43 40.55
CA ASP E 173 8.25 29.69 41.28
C ASP E 173 7.06 30.63 41.45
N ARG E 174 5.95 30.31 40.78
CA ARG E 174 4.77 31.17 40.83
C ARG E 174 4.06 31.11 42.17
N THR E 175 4.11 29.96 42.87
CA THR E 175 3.24 29.74 44.01
C THR E 175 3.47 30.77 45.12
N LEU E 176 4.65 31.37 45.20
CA LEU E 176 4.94 32.34 46.25
C LEU E 176 3.95 33.50 46.20
N MET E 177 3.70 34.04 45.01
CA MET E 177 2.80 35.18 44.86
C MET E 177 1.36 34.76 45.09
N THR E 178 0.61 35.59 45.83
CA THR E 178 -0.79 35.34 46.12
C THR E 178 -1.59 36.63 46.00
N GLN E 179 -2.89 36.49 45.74
CA GLN E 179 -3.79 37.61 45.51
C GLN E 179 -4.74 37.73 46.68
N GLN E 180 -4.71 38.87 47.37
CA GLN E 180 -5.58 39.13 48.52
C GLN E 180 -6.36 40.41 48.29
N SER E 181 -7.49 40.29 47.58
CA SER E 181 -8.53 41.33 47.50
C SER E 181 -7.94 42.68 47.07
N GLY E 182 -7.41 42.71 45.87
CA GLY E 182 -6.92 43.94 45.28
C GLY E 182 -5.43 44.16 45.42
N ASN E 183 -4.73 43.33 46.19
CA ASN E 183 -3.29 43.49 46.38
C ASN E 183 -2.63 42.12 46.39
N VAL E 184 -1.33 42.11 46.10
CA VAL E 184 -0.54 40.89 45.98
C VAL E 184 0.51 40.87 47.08
N LYS E 185 0.65 39.71 47.73
CA LYS E 185 1.57 39.53 48.84
C LYS E 185 2.69 38.59 48.41
N ILE E 186 3.85 38.77 49.03
CA ILE E 186 5.05 37.97 48.73
C ILE E 186 5.49 37.28 50.00
N THR E 187 5.66 35.96 49.93
CA THR E 187 6.14 35.15 51.03
C THR E 187 7.54 34.63 50.71
N VAL E 188 8.37 34.55 51.73
CA VAL E 188 9.81 34.34 51.58
C VAL E 188 10.22 32.95 52.06
N ASN E 189 9.83 32.59 53.29
CA ASN E 189 10.19 31.30 53.91
C ASN E 189 11.70 31.13 54.06
N GLY E 190 12.42 32.23 54.26
CA GLY E 190 13.83 32.17 54.61
C GLY E 190 14.76 32.05 53.43
N GLN E 191 14.61 32.95 52.46
CA GLN E 191 15.40 32.92 51.23
C GLN E 191 15.46 34.33 50.66
N THR E 192 16.24 34.50 49.59
CA THR E 192 16.30 35.76 48.86
C THR E 192 15.46 35.67 47.60
N VAL E 193 14.67 36.71 47.34
CA VAL E 193 13.75 36.75 46.22
C VAL E 193 13.99 38.02 45.42
N ARG E 194 13.70 37.97 44.13
CA ARG E 194 13.84 39.12 43.23
C ARG E 194 12.57 39.26 42.41
N TYR E 195 11.91 40.40 42.55
CA TYR E 195 10.59 40.64 41.99
C TYR E 195 10.60 41.91 41.16
N LYS E 196 9.73 41.96 40.16
CA LYS E 196 9.66 43.13 39.29
C LYS E 196 8.29 43.12 38.63
N CYS E 197 7.52 44.18 38.83
CA CYS E 197 6.19 44.32 38.25
C CYS E 197 6.15 45.53 37.33
N ASN E 198 5.30 45.46 36.31
CA ASN E 198 5.19 46.52 35.31
C ASN E 198 4.03 47.46 35.55
N CYS E 199 3.42 47.41 36.73
CA CYS E 199 2.27 48.24 37.04
C CYS E 199 2.74 49.66 37.32
N GLY E 200 1.84 50.51 37.82
CA GLY E 200 2.21 51.86 38.17
C GLY E 200 3.29 51.94 39.21
N GLY E 201 4.34 52.72 38.93
CA GLY E 201 5.46 52.90 39.82
C GLY E 201 6.71 52.16 39.41
N SER E 202 6.57 51.07 38.64
CA SER E 202 7.69 50.28 38.16
C SER E 202 8.58 49.82 39.31
N ASN E 203 7.95 49.18 40.30
CA ASN E 203 8.68 48.74 41.49
C ASN E 203 9.60 47.57 41.16
N GLU E 204 10.85 47.65 41.61
CA GLU E 204 11.84 46.62 41.37
C GLU E 204 12.81 46.63 42.55
N GLY E 205 13.24 45.44 42.96
CA GLY E 205 14.11 45.36 44.11
C GLY E 205 14.60 43.95 44.36
N LEU E 206 15.14 43.76 45.57
CA LEU E 206 15.73 42.48 45.96
C LEU E 206 15.50 42.35 47.47
N THR E 207 14.44 41.64 47.84
CA THR E 207 13.97 41.61 49.22
C THR E 207 14.39 40.33 49.93
N THR E 208 14.39 40.40 51.26
CA THR E 208 14.59 39.23 52.11
C THR E 208 13.50 39.11 53.17
N THR E 209 12.53 40.02 53.19
CA THR E 209 11.41 40.00 54.13
C THR E 209 10.11 40.14 53.35
N ASP E 210 8.99 39.99 54.07
CA ASP E 210 7.69 40.10 53.44
C ASP E 210 7.40 41.53 52.99
N LYS E 211 6.65 41.65 51.91
CA LYS E 211 6.27 42.95 51.34
C LYS E 211 4.86 42.88 50.80
N VAL E 212 4.30 44.07 50.53
CA VAL E 212 2.96 44.20 49.97
C VAL E 212 2.99 45.31 48.94
N ILE E 213 2.28 45.10 47.83
CA ILE E 213 2.26 46.05 46.72
C ILE E 213 0.83 46.58 46.57
N ASN E 214 0.72 47.90 46.45
CA ASN E 214 -0.57 48.58 46.40
C ASN E 214 -1.01 48.81 44.96
N ASN E 215 -2.26 48.43 44.66
CA ASN E 215 -2.88 48.64 43.36
C ASN E 215 -2.01 48.08 42.22
N CYS E 216 -1.75 46.78 42.31
CA CYS E 216 -0.87 46.10 41.36
C CYS E 216 -1.31 44.64 41.32
N LYS E 217 -2.10 44.28 40.32
CA LYS E 217 -2.81 43.02 40.30
C LYS E 217 -1.85 41.86 40.01
N ILE E 218 -2.35 40.65 40.22
CA ILE E 218 -1.71 39.42 39.75
C ILE E 218 -1.77 39.41 38.23
N ASP E 219 -0.99 38.52 37.59
CA ASP E 219 -0.74 38.47 36.16
C ASP E 219 0.16 39.62 35.71
N GLN E 220 0.78 40.33 36.64
CA GLN E 220 1.68 41.43 36.29
C GLN E 220 3.01 41.38 37.04
N CYS E 221 3.32 40.29 37.74
CA CYS E 221 4.52 40.21 38.54
C CYS E 221 5.23 38.88 38.32
N HIS E 222 6.53 38.88 38.61
CA HIS E 222 7.41 37.74 38.38
C HIS E 222 8.38 37.63 39.55
N ALA E 223 8.73 36.38 39.91
CA ALA E 223 9.60 36.16 41.05
C ALA E 223 10.54 34.98 40.77
N ALA E 224 11.64 34.94 41.52
CA ALA E 224 12.64 33.89 41.42
C ALA E 224 13.49 33.90 42.68
N VAL E 225 14.25 32.82 42.87
CA VAL E 225 15.18 32.68 43.99
C VAL E 225 16.61 32.78 43.45
N THR E 226 17.43 33.60 44.12
CA THR E 226 18.62 34.16 43.48
C THR E 226 19.94 33.88 44.17
N ASN E 227 19.95 33.36 45.39
CA ASN E 227 21.20 33.17 46.14
C ASN E 227 21.39 31.70 46.46
N HIS E 228 22.44 31.11 45.90
CA HIS E 228 22.80 29.72 46.16
C HIS E 228 24.23 29.63 46.68
N LYS E 229 24.50 28.57 47.45
CA LYS E 229 25.82 28.34 48.03
C LYS E 229 26.43 27.01 47.60
N ASN E 230 25.90 26.38 46.55
CA ASN E 230 26.40 25.10 46.07
C ASN E 230 26.61 25.16 44.57
N TRP E 231 27.33 24.16 44.06
CA TRP E 231 27.66 24.08 42.64
C TRP E 231 26.92 22.92 41.98
N GLN E 232 26.74 23.02 40.67
CA GLN E 232 25.91 22.08 39.92
C GLN E 232 26.50 21.87 38.53
N TYR E 233 26.38 20.64 38.03
CA TYR E 233 26.89 20.30 36.71
C TYR E 233 26.08 21.00 35.62
N ASN E 234 26.79 21.41 34.55
CA ASN E 234 26.19 22.24 33.49
C ASN E 234 25.57 21.35 32.41
N SER E 235 24.41 20.79 32.73
CA SER E 235 23.71 19.94 31.79
C SER E 235 23.20 20.76 30.60
N PRO E 236 23.12 20.16 29.41
CA PRO E 236 22.55 20.86 28.26
C PRO E 236 21.06 21.12 28.38
N LEU E 237 20.39 20.64 29.43
CA LEU E 237 18.98 20.89 29.65
C LEU E 237 18.71 22.02 30.65
N VAL E 238 19.75 22.73 31.08
CA VAL E 238 19.59 23.84 32.03
C VAL E 238 20.26 25.08 31.45
N PRO E 239 19.61 26.24 31.49
CA PRO E 239 20.18 27.44 30.86
C PRO E 239 21.37 28.00 31.61
N ARG E 240 22.20 28.73 30.87
CA ARG E 240 23.45 29.27 31.39
C ARG E 240 23.19 30.41 32.38
N ASN E 241 24.05 30.52 33.38
CA ASN E 241 23.90 31.58 34.37
C ASN E 241 24.25 32.94 33.77
N ALA E 242 25.29 33.01 32.96
CA ALA E 242 25.75 34.26 32.39
C ALA E 242 26.47 33.97 31.08
N GLU E 243 26.80 35.03 30.35
CA GLU E 243 27.40 34.88 29.02
C GLU E 243 28.70 34.08 29.07
N LEU E 244 29.46 34.21 30.16
CA LEU E 244 30.68 33.42 30.37
C LEU E 244 30.52 32.60 31.64
N GLY E 245 30.80 31.31 31.55
CA GLY E 245 30.66 30.44 32.70
C GLY E 245 31.70 30.72 33.77
N ASP E 246 31.32 30.44 35.02
CA ASP E 246 32.20 30.59 36.18
C ASP E 246 32.54 29.19 36.69
N ARG E 247 33.79 28.78 36.47
CA ARG E 247 34.24 27.46 36.86
C ARG E 247 34.62 27.40 38.34
N LYS E 248 34.20 26.34 39.01
CA LYS E 248 34.50 26.14 40.43
C LYS E 248 35.28 24.87 40.75
N GLY E 249 35.25 23.86 39.90
CA GLY E 249 35.94 22.62 40.21
C GLY E 249 35.58 21.54 39.21
N LYS E 250 36.08 20.33 39.48
CA LYS E 250 35.85 19.21 38.60
C LYS E 250 35.88 17.90 39.38
N ILE E 251 35.20 16.89 38.84
CA ILE E 251 35.14 15.55 39.40
C ILE E 251 35.41 14.54 38.29
N HIS E 252 35.81 13.34 38.69
CA HIS E 252 36.35 12.35 37.76
C HIS E 252 35.38 11.22 37.50
N ILE E 253 35.63 10.51 36.40
CA ILE E 253 34.78 9.41 35.94
C ILE E 253 35.44 8.08 36.30
N PRO E 254 34.75 7.19 37.00
CA PRO E 254 35.37 5.90 37.37
C PRO E 254 35.26 4.83 36.30
N PHE E 255 35.66 3.60 36.65
CA PHE E 255 35.50 2.39 35.84
C PHE E 255 36.22 2.44 34.50
N PRO E 256 37.54 2.36 34.46
CA PRO E 256 38.26 2.35 33.19
C PRO E 256 38.25 0.96 32.55
N LEU E 257 38.75 0.91 31.31
CA LEU E 257 38.81 -0.30 30.53
C LEU E 257 40.14 -1.03 30.73
N ALA E 258 40.18 -2.30 30.31
CA ALA E 258 41.40 -3.09 30.38
C ALA E 258 41.26 -4.30 29.45
N ASN E 259 42.30 -5.13 29.40
CA ASN E 259 42.31 -6.35 28.61
C ASN E 259 42.02 -7.56 29.51
N VAL E 260 41.17 -8.45 29.01
CA VAL E 260 40.84 -9.70 29.69
C VAL E 260 40.73 -10.80 28.64
N THR E 261 40.37 -12.00 29.09
CA THR E 261 40.09 -13.11 28.17
C THR E 261 38.76 -13.74 28.52
N CYS E 262 38.04 -14.15 27.49
CA CYS E 262 36.70 -14.72 27.60
C CYS E 262 36.63 -16.03 26.80
N ARG E 263 35.59 -16.82 27.06
CA ARG E 263 35.50 -18.21 26.62
C ARG E 263 34.44 -18.47 25.55
N VAL E 264 34.78 -19.38 24.62
CA VAL E 264 33.91 -19.76 23.51
C VAL E 264 33.89 -21.27 23.38
N PRO E 265 32.75 -21.83 22.92
CA PRO E 265 32.59 -23.28 22.84
C PRO E 265 33.20 -23.89 21.57
N LYS E 266 33.11 -25.23 21.49
CA LYS E 266 33.60 -26.01 20.35
C LYS E 266 32.54 -27.03 19.92
N ALA E 267 32.53 -27.34 18.62
CA ALA E 267 31.49 -28.13 17.99
C ALA E 267 31.80 -29.64 17.99
N ARG E 268 30.79 -30.43 17.62
CA ARG E 268 30.86 -31.88 17.56
C ARG E 268 31.57 -32.37 16.30
N ASN E 269 31.98 -33.65 16.33
CA ASN E 269 32.64 -34.33 15.22
C ASN E 269 31.63 -34.72 14.14
N PRO E 270 32.01 -34.62 12.87
CA PRO E 270 31.15 -35.09 11.78
C PRO E 270 31.37 -36.56 11.46
N THR E 271 30.54 -37.08 10.55
CA THR E 271 30.66 -38.43 10.01
C THR E 271 31.14 -38.35 8.57
N VAL E 272 32.22 -39.06 8.25
CA VAL E 272 32.92 -38.90 6.99
C VAL E 272 33.01 -40.25 6.27
N THR E 273 32.66 -40.25 4.99
CA THR E 273 32.81 -41.41 4.12
C THR E 273 33.59 -40.99 2.88
N TYR E 274 34.19 -41.97 2.21
CA TYR E 274 35.09 -41.70 1.09
C TYR E 274 34.54 -42.26 -0.21
N GLY E 275 34.92 -41.59 -1.31
CA GLY E 275 34.63 -42.03 -2.65
C GLY E 275 35.77 -41.61 -3.55
N LYS E 276 35.65 -41.80 -4.86
CA LYS E 276 36.73 -41.40 -5.76
C LYS E 276 36.73 -39.88 -5.94
N ASN E 277 37.83 -39.24 -5.55
CA ASN E 277 38.04 -37.81 -5.73
C ASN E 277 36.94 -36.97 -5.09
N GLN E 278 36.33 -37.45 -4.02
CA GLN E 278 35.32 -36.65 -3.34
C GLN E 278 35.17 -37.11 -1.90
N VAL E 279 34.71 -36.18 -1.05
CA VAL E 279 34.51 -36.42 0.37
C VAL E 279 33.08 -36.03 0.73
N THR E 280 32.41 -36.87 1.51
CA THR E 280 31.05 -36.63 1.96
C THR E 280 31.02 -36.43 3.47
N MET E 281 30.28 -35.42 3.92
CA MET E 281 30.21 -35.07 5.33
C MET E 281 28.76 -34.93 5.78
N LEU E 282 28.47 -35.40 6.99
CA LEU E 282 27.17 -35.22 7.62
C LEU E 282 27.37 -34.40 8.89
N LEU E 283 26.66 -33.29 9.01
CA LEU E 283 26.89 -32.29 10.03
C LEU E 283 25.73 -32.23 11.03
N TYR E 284 26.07 -31.98 12.30
CA TYR E 284 25.12 -31.97 13.40
C TYR E 284 25.26 -30.66 14.19
N PRO E 285 24.61 -29.59 13.74
CA PRO E 285 24.71 -28.31 14.43
C PRO E 285 23.74 -28.19 15.60
N ASP E 286 24.17 -27.43 16.61
CA ASP E 286 23.31 -27.01 17.71
C ASP E 286 22.93 -25.53 17.65
N HIS E 287 23.79 -24.71 17.07
CA HIS E 287 23.55 -23.29 16.85
C HIS E 287 24.31 -22.89 15.60
N PRO E 288 23.98 -21.73 15.01
CA PRO E 288 24.61 -21.35 13.73
C PRO E 288 26.13 -21.43 13.78
N THR E 289 26.71 -22.07 12.76
CA THR E 289 28.14 -22.33 12.69
C THR E 289 28.61 -22.07 11.26
N LEU E 290 29.88 -21.68 11.14
CA LEU E 290 30.45 -21.29 9.85
C LEU E 290 31.29 -22.42 9.28
N LEU E 291 31.11 -22.67 7.97
CA LEU E 291 31.90 -23.65 7.24
C LEU E 291 32.62 -22.96 6.09
N SER E 292 33.90 -23.25 5.93
CA SER E 292 34.69 -22.69 4.85
C SER E 292 35.77 -23.69 4.44
N TYR E 293 36.20 -23.58 3.18
CA TYR E 293 37.22 -24.46 2.64
C TYR E 293 37.95 -23.76 1.50
N ARG E 294 39.19 -24.17 1.28
CA ARG E 294 40.03 -23.53 0.28
C ARG E 294 40.95 -24.58 -0.34
N ASN E 295 41.44 -24.26 -1.53
CA ASN E 295 42.31 -25.13 -2.29
C ASN E 295 43.76 -24.77 -2.02
N MET E 296 44.62 -25.78 -1.96
CA MET E 296 46.04 -25.54 -1.80
C MET E 296 46.72 -25.49 -3.16
N GLY E 297 47.77 -24.69 -3.25
CA GLY E 297 48.37 -24.39 -4.54
C GLY E 297 48.21 -22.94 -4.94
N GLN E 298 48.08 -22.68 -6.23
CA GLN E 298 48.13 -21.33 -6.76
C GLN E 298 46.77 -20.63 -6.78
N GLU E 299 45.67 -21.38 -6.85
CA GLU E 299 44.32 -20.80 -6.94
C GLU E 299 43.51 -21.20 -5.72
N PRO E 300 43.19 -20.30 -4.80
CA PRO E 300 42.50 -20.72 -3.57
C PRO E 300 41.06 -21.19 -3.78
N ASN E 301 40.26 -20.48 -4.56
CA ASN E 301 38.83 -20.76 -4.73
C ASN E 301 38.12 -20.84 -3.37
N TYR E 302 38.08 -19.68 -2.71
CA TYR E 302 37.47 -19.58 -1.39
C TYR E 302 35.95 -19.69 -1.45
N HIS E 303 35.37 -20.46 -0.52
CA HIS E 303 33.93 -20.61 -0.39
C HIS E 303 33.53 -20.56 1.08
N GLU E 304 32.28 -20.18 1.32
CA GLU E 304 31.82 -19.88 2.68
C GLU E 304 30.31 -20.01 2.76
N GLU E 305 29.81 -20.53 3.88
CA GLU E 305 28.36 -20.58 4.10
C GLU E 305 28.08 -20.76 5.59
N TRP E 306 26.88 -20.37 6.00
CA TRP E 306 26.37 -20.58 7.35
C TRP E 306 25.44 -21.79 7.36
N VAL E 307 25.52 -22.58 8.44
CA VAL E 307 24.72 -23.79 8.58
C VAL E 307 23.85 -23.63 9.82
N THR E 308 22.53 -23.82 9.67
CA THR E 308 21.59 -23.67 10.76
C THR E 308 20.81 -24.93 11.08
N HIS E 309 20.95 -26.00 10.30
CA HIS E 309 20.27 -27.26 10.59
C HIS E 309 21.03 -28.39 9.90
N LYS E 310 20.56 -29.62 10.12
CA LYS E 310 21.22 -30.82 9.62
C LYS E 310 21.34 -30.78 8.10
N LYS E 311 22.52 -31.15 7.59
CA LYS E 311 22.81 -31.02 6.17
C LYS E 311 23.85 -32.06 5.76
N GLU E 312 23.89 -32.34 4.46
CA GLU E 312 24.89 -33.20 3.86
C GLU E 312 25.54 -32.47 2.69
N VAL E 313 26.87 -32.52 2.61
CA VAL E 313 27.62 -31.80 1.59
C VAL E 313 28.61 -32.75 0.91
N THR E 314 28.97 -32.41 -0.33
CA THR E 314 29.92 -33.17 -1.13
C THR E 314 30.90 -32.21 -1.79
N LEU E 315 32.20 -32.50 -1.67
CA LEU E 315 33.25 -31.64 -2.18
C LEU E 315 34.25 -32.46 -2.97
N THR E 316 34.97 -31.81 -3.88
CA THR E 316 35.96 -32.47 -4.71
C THR E 316 37.38 -32.20 -4.21
N VAL E 317 38.25 -33.18 -4.41
CA VAL E 317 39.63 -33.16 -3.92
C VAL E 317 40.55 -33.07 -5.14
N PRO E 318 41.20 -31.94 -5.37
CA PRO E 318 42.13 -31.82 -6.50
C PRO E 318 43.45 -32.54 -6.20
N THR E 319 44.38 -32.42 -7.15
CA THR E 319 45.68 -33.06 -7.00
C THR E 319 46.46 -32.48 -5.82
N GLU E 320 46.40 -31.16 -5.63
CA GLU E 320 47.22 -30.50 -4.63
C GLU E 320 46.65 -30.58 -3.22
N GLY E 321 45.40 -31.00 -3.05
CA GLY E 321 44.84 -31.19 -1.73
C GLY E 321 43.83 -30.11 -1.37
N LEU E 322 43.07 -30.40 -0.32
CA LEU E 322 41.97 -29.56 0.13
C LEU E 322 42.06 -29.37 1.65
N GLU E 323 41.71 -28.18 2.11
CA GLU E 323 41.71 -27.85 3.54
C GLU E 323 40.31 -27.42 3.95
N VAL E 324 39.82 -27.98 5.06
CA VAL E 324 38.46 -27.77 5.52
C VAL E 324 38.48 -27.37 6.98
N THR E 325 37.69 -26.36 7.33
CA THR E 325 37.61 -25.84 8.69
C THR E 325 36.14 -25.72 9.10
N TRP E 326 35.82 -26.18 10.31
CA TRP E 326 34.46 -26.12 10.83
C TRP E 326 34.48 -25.59 12.26
N GLY E 327 33.65 -24.58 12.52
CA GLY E 327 33.54 -24.06 13.87
C GLY E 327 34.83 -23.46 14.37
N ASN E 328 35.12 -23.69 15.65
CA ASN E 328 36.33 -23.23 16.29
C ASN E 328 37.41 -24.31 16.38
N ASN E 329 37.29 -25.38 15.60
CA ASN E 329 38.22 -26.49 15.65
C ASN E 329 39.43 -26.23 14.73
N GLU E 330 40.32 -27.22 14.68
CA GLU E 330 41.49 -27.18 13.81
C GLU E 330 41.13 -27.70 12.41
N PRO E 331 41.87 -27.29 11.39
CA PRO E 331 41.56 -27.72 10.02
C PRO E 331 41.99 -29.15 9.74
N TYR E 332 41.34 -29.73 8.73
CA TYR E 332 41.62 -31.06 8.22
C TYR E 332 42.29 -30.97 6.85
N LYS E 333 43.05 -32.01 6.50
CA LYS E 333 43.78 -32.03 5.24
C LYS E 333 43.62 -33.39 4.56
N TYR E 334 43.40 -33.37 3.24
CA TYR E 334 43.18 -34.59 2.46
C TYR E 334 43.99 -34.53 1.17
N TRP E 335 44.48 -35.68 0.73
CA TRP E 335 45.21 -35.84 -0.52
C TRP E 335 44.67 -37.04 -1.29
N PRO E 336 44.69 -36.98 -2.61
CA PRO E 336 44.24 -38.12 -3.41
C PRO E 336 45.32 -39.19 -3.57
N GLN E 337 44.87 -40.37 -4.00
CA GLN E 337 45.74 -41.52 -4.23
C GLN E 337 45.37 -42.18 -5.55
N MET E 338 46.36 -42.84 -6.15
CA MET E 338 46.18 -43.49 -7.44
C MET E 338 45.35 -44.76 -7.28
N SER E 339 44.37 -44.94 -8.16
CA SER E 339 43.51 -46.12 -8.11
C SER E 339 42.85 -46.30 -9.47
N THR E 340 42.72 -47.54 -9.91
CA THR E 340 42.15 -47.82 -11.22
C THR E 340 41.60 -49.24 -11.22
N ASN E 341 40.82 -49.54 -12.27
CA ASN E 341 40.25 -50.87 -12.45
C ASN E 341 40.86 -51.64 -13.60
N GLY E 342 41.64 -51.00 -14.45
CA GLY E 342 42.31 -51.66 -15.56
C GLY E 342 43.62 -52.27 -15.13
N THR E 343 44.47 -52.54 -16.13
CA THR E 343 45.79 -53.08 -15.86
C THR E 343 46.74 -52.66 -16.98
N ALA E 344 48.01 -52.50 -16.62
CA ALA E 344 49.05 -52.11 -17.56
C ALA E 344 49.68 -53.30 -18.25
N HIS E 345 49.25 -54.52 -17.92
CA HIS E 345 49.72 -55.73 -18.57
C HIS E 345 48.53 -56.52 -19.08
N GLY E 346 48.68 -57.17 -20.23
CA GLY E 346 47.60 -57.93 -20.80
C GLY E 346 47.09 -57.40 -22.14
N HIS E 347 45.79 -57.51 -22.37
CA HIS E 347 45.22 -57.21 -23.67
C HIS E 347 45.26 -55.71 -23.96
N PRO E 348 45.32 -55.32 -25.23
CA PRO E 348 45.49 -53.90 -25.57
C PRO E 348 44.40 -52.99 -25.03
N HIS E 349 43.13 -53.42 -25.04
CA HIS E 349 42.07 -52.51 -24.63
C HIS E 349 42.04 -52.27 -23.13
N GLU E 350 42.67 -53.14 -22.35
CA GLU E 350 42.78 -52.90 -20.91
C GLU E 350 43.87 -51.88 -20.58
N ILE E 351 44.91 -51.78 -21.41
CA ILE E 351 45.98 -50.82 -21.16
C ILE E 351 45.47 -49.39 -21.31
N ILE E 352 44.65 -49.14 -22.33
CA ILE E 352 44.13 -47.79 -22.55
C ILE E 352 43.27 -47.35 -21.37
N LEU E 353 42.50 -48.27 -20.80
CA LEU E 353 41.66 -47.94 -19.65
C LEU E 353 42.51 -47.51 -18.46
N TYR E 354 43.64 -48.19 -18.24
CA TYR E 354 44.53 -47.85 -17.13
C TYR E 354 44.98 -46.40 -17.21
N TYR E 355 45.49 -45.98 -18.37
CA TYR E 355 46.04 -44.64 -18.50
C TYR E 355 44.97 -43.57 -18.59
N TYR E 356 43.80 -43.88 -19.15
CA TYR E 356 42.74 -42.88 -19.27
C TYR E 356 42.24 -42.43 -17.91
N GLU E 357 42.09 -43.36 -16.96
CA GLU E 357 41.56 -43.01 -15.65
C GLU E 357 42.47 -42.09 -14.87
N LEU E 358 43.76 -42.03 -15.20
CA LEU E 358 44.72 -41.23 -14.46
C LEU E 358 45.00 -39.88 -15.11
N TYR E 359 45.09 -39.83 -16.45
CA TYR E 359 45.37 -38.60 -17.19
C TYR E 359 44.35 -38.45 -18.30
N PRO E 360 43.12 -38.02 -17.97
CA PRO E 360 42.05 -38.01 -18.98
C PRO E 360 42.34 -37.16 -20.21
N THR E 361 42.91 -35.96 -20.02
CA THR E 361 43.07 -35.05 -21.15
C THR E 361 44.15 -35.51 -22.12
N MET E 362 45.31 -35.89 -21.60
CA MET E 362 46.44 -36.21 -22.47
C MET E 362 46.18 -37.44 -23.32
N THR E 363 45.51 -38.45 -22.75
CA THR E 363 45.31 -39.70 -23.47
C THR E 363 44.48 -39.50 -24.73
N VAL E 364 43.42 -38.70 -24.65
CA VAL E 364 42.57 -38.49 -25.82
C VAL E 364 43.32 -37.75 -26.92
N VAL E 365 44.12 -36.75 -26.54
CA VAL E 365 44.84 -35.96 -27.53
C VAL E 365 45.86 -36.80 -28.27
N ILE E 366 46.64 -37.61 -27.54
CA ILE E 366 47.75 -38.33 -28.14
C ILE E 366 47.25 -39.40 -29.12
N VAL E 367 46.23 -40.17 -28.71
CA VAL E 367 45.70 -41.21 -29.58
C VAL E 367 45.07 -40.61 -30.82
N SER E 368 44.31 -39.52 -30.66
CA SER E 368 43.59 -38.95 -31.79
C SER E 368 44.54 -38.46 -32.88
N VAL E 369 45.62 -37.76 -32.48
CA VAL E 369 46.58 -37.28 -33.46
C VAL E 369 47.31 -38.46 -34.11
N ALA E 370 47.73 -39.43 -33.31
CA ALA E 370 48.51 -40.55 -33.83
C ALA E 370 47.72 -41.34 -34.86
N SER E 371 46.40 -41.49 -34.64
CA SER E 371 45.59 -42.23 -35.59
C SER E 371 45.57 -41.56 -36.97
N PHE E 372 45.47 -40.23 -36.98
CA PHE E 372 45.40 -39.49 -38.24
C PHE E 372 46.67 -39.68 -39.07
N VAL E 373 47.84 -39.62 -38.44
CA VAL E 373 49.11 -39.70 -39.17
C VAL E 373 49.25 -41.05 -39.87
N LEU E 374 48.93 -42.15 -39.19
CA LEU E 374 49.06 -43.46 -39.82
C LEU E 374 48.12 -43.61 -41.00
N LEU E 375 46.90 -43.07 -40.90
CA LEU E 375 45.99 -43.14 -42.05
C LEU E 375 46.51 -42.34 -43.22
N SER E 376 47.25 -41.26 -42.96
CA SER E 376 47.85 -40.50 -44.05
C SER E 376 48.94 -41.31 -44.76
N MET E 377 49.75 -42.03 -43.99
CA MET E 377 50.89 -42.74 -44.56
C MET E 377 50.43 -43.86 -45.50
N VAL E 378 49.42 -44.63 -45.10
CA VAL E 378 48.95 -45.73 -45.93
C VAL E 378 48.34 -45.19 -47.22
N GLY E 379 47.66 -44.04 -47.15
CA GLY E 379 47.10 -43.44 -48.34
C GLY E 379 48.16 -43.06 -49.36
N THR E 380 49.29 -42.54 -48.89
CA THR E 380 50.37 -42.16 -49.81
C THR E 380 50.90 -43.38 -50.55
N ALA E 381 50.97 -44.53 -49.88
CA ALA E 381 51.47 -45.74 -50.52
C ALA E 381 50.58 -46.15 -51.69
N VAL E 382 49.26 -46.00 -51.53
CA VAL E 382 48.35 -46.32 -52.63
C VAL E 382 48.55 -45.36 -53.79
N GLY E 383 48.75 -44.08 -53.50
CA GLY E 383 48.89 -43.09 -54.56
C GLY E 383 50.08 -43.35 -55.47
N MET E 384 51.20 -43.78 -54.90
CA MET E 384 52.40 -43.99 -55.71
C MET E 384 52.25 -45.17 -56.66
N CYS E 385 51.59 -46.24 -56.22
CA CYS E 385 51.41 -47.41 -57.08
C CYS E 385 50.55 -47.07 -58.29
N VAL E 386 49.51 -46.26 -58.10
CA VAL E 386 48.64 -45.87 -59.20
C VAL E 386 49.42 -45.06 -60.23
N CYS E 387 50.22 -44.11 -59.76
CA CYS E 387 51.03 -43.29 -60.67
C CYS E 387 52.01 -44.15 -61.45
N ALA E 388 52.60 -45.15 -60.80
CA ALA E 388 53.58 -46.00 -61.47
C ALA E 388 52.92 -46.83 -62.57
N ARG E 389 51.72 -47.35 -62.30
CA ARG E 389 51.05 -48.20 -63.27
C ARG E 389 50.76 -47.46 -64.57
N ARG E 390 50.33 -46.21 -64.48
CA ARG E 390 49.98 -45.45 -65.68
C ARG E 390 51.19 -45.25 -66.59
N ARG E 391 52.32 -44.83 -66.02
CA ARG E 391 53.49 -44.54 -66.84
C ARG E 391 54.11 -45.82 -67.39
N CYS E 392 53.92 -46.94 -66.71
CA CYS E 392 54.50 -48.21 -67.16
C CYS E 392 53.76 -48.74 -68.38
N ILE E 393 52.43 -48.63 -68.41
CA ILE E 393 51.64 -49.23 -69.48
C ILE E 393 51.43 -48.32 -70.68
N THR E 394 51.50 -47.01 -70.50
CA THR E 394 51.07 -46.05 -71.52
C THR E 394 51.69 -46.25 -72.91
N PRO E 395 53.00 -46.49 -73.06
CA PRO E 395 53.55 -46.65 -74.42
C PRO E 395 52.87 -47.72 -75.26
N TYR E 396 52.45 -48.84 -74.65
CA TYR E 396 51.86 -49.93 -75.43
C TYR E 396 50.47 -49.63 -75.95
N GLU E 397 49.81 -48.58 -75.47
CA GLU E 397 48.45 -48.28 -75.92
C GLU E 397 48.43 -47.32 -77.13
N LEU E 398 49.60 -46.83 -77.57
CA LEU E 398 49.64 -45.98 -78.75
C LEU E 398 50.12 -46.71 -80.00
N THR E 399 50.80 -47.84 -79.87
CA THR E 399 51.36 -48.50 -81.04
C THR E 399 50.26 -49.18 -81.83
N PRO E 400 50.13 -48.90 -83.13
CA PRO E 400 49.14 -49.61 -83.95
C PRO E 400 49.53 -51.08 -84.13
N GLY E 401 48.64 -51.98 -83.73
CA GLY E 401 48.86 -53.40 -83.91
C GLY E 401 49.70 -54.07 -82.85
N ALA E 402 49.96 -53.41 -81.73
CA ALA E 402 50.73 -54.01 -80.65
C ALA E 402 49.84 -54.84 -79.74
N THR E 403 50.46 -55.79 -79.05
CA THR E 403 49.78 -56.60 -78.05
C THR E 403 50.58 -56.57 -76.76
N VAL E 404 49.89 -56.31 -75.65
CA VAL E 404 50.57 -56.19 -74.35
C VAL E 404 51.06 -57.57 -73.91
N PRO E 405 52.27 -57.69 -73.37
CA PRO E 405 52.73 -58.99 -72.87
C PRO E 405 51.81 -59.52 -71.77
N PHE E 406 51.74 -60.85 -71.69
CA PHE E 406 50.88 -61.50 -70.72
C PHE E 406 51.20 -61.07 -69.29
N LEU E 407 52.49 -61.01 -68.95
CA LEU E 407 52.89 -60.69 -67.58
C LEU E 407 52.41 -59.30 -67.17
N LEU E 408 52.61 -58.31 -68.03
CA LEU E 408 52.19 -56.95 -67.71
C LEU E 408 50.67 -56.82 -67.79
N SER E 409 50.03 -57.53 -68.73
CA SER E 409 48.59 -57.43 -68.88
C SER E 409 47.87 -57.86 -67.60
N LEU E 410 48.35 -58.93 -66.97
CA LEU E 410 47.67 -59.53 -65.84
C LEU E 410 48.29 -59.16 -64.49
N LEU E 411 49.62 -59.23 -64.36
CA LEU E 411 50.26 -59.28 -63.06
C LEU E 411 50.85 -57.95 -62.61
N CYS E 412 51.51 -57.21 -63.49
CA CYS E 412 52.23 -56.01 -63.12
C CYS E 412 51.78 -54.86 -64.01
N CYS E 413 51.61 -53.68 -63.41
CA CYS E 413 51.03 -52.53 -64.10
C CYS E 413 49.65 -52.88 -64.64
N VAL E 414 48.90 -53.68 -63.87
CA VAL E 414 47.63 -54.23 -64.32
C VAL E 414 46.59 -53.14 -64.58
N ASN F 1 6.05 -43.44 49.76
CA ASN F 1 6.44 -43.03 51.10
C ASN F 1 7.85 -42.44 51.09
N PHE F 2 8.22 -41.78 52.19
CA PHE F 2 9.51 -41.13 52.32
C PHE F 2 10.52 -41.94 53.13
N ASN F 3 10.20 -43.20 53.44
CA ASN F 3 11.07 -43.98 54.32
C ASN F 3 12.43 -44.28 53.70
N VAL F 4 12.54 -44.28 52.37
CA VAL F 4 13.81 -44.60 51.72
C VAL F 4 14.84 -43.48 51.82
N TYR F 5 14.46 -42.31 52.33
CA TYR F 5 15.33 -41.16 52.42
C TYR F 5 15.98 -40.98 53.78
N LYS F 6 15.86 -41.98 54.67
CA LYS F 6 16.19 -41.75 56.08
C LYS F 6 17.68 -41.48 56.30
N ALA F 7 18.56 -42.20 55.61
CA ALA F 7 19.98 -42.14 55.90
C ALA F 7 20.79 -41.34 54.87
N THR F 8 20.14 -40.52 54.06
CA THR F 8 20.81 -39.79 53.00
C THR F 8 21.19 -38.39 53.45
N ARG F 9 21.98 -37.69 52.63
CA ARG F 9 22.45 -36.34 52.91
C ARG F 9 22.73 -35.62 51.61
N PRO F 10 22.55 -34.31 51.55
CA PRO F 10 22.84 -33.54 50.34
C PRO F 10 24.34 -33.33 50.15
N TYR F 11 24.69 -32.66 49.05
CA TYR F 11 26.08 -32.46 48.67
C TYR F 11 26.22 -31.17 47.88
N LEU F 12 27.48 -30.72 47.73
CA LEU F 12 27.83 -29.53 46.97
C LEU F 12 28.51 -29.92 45.66
N ALA F 13 28.42 -29.05 44.66
CA ALA F 13 28.92 -29.39 43.33
C ALA F 13 29.23 -28.11 42.56
N HIS F 14 29.80 -28.31 41.36
CA HIS F 14 30.28 -27.23 40.50
C HIS F 14 29.18 -26.72 39.59
N CYS F 15 29.18 -25.40 39.33
CA CYS F 15 28.22 -24.74 38.45
C CYS F 15 28.97 -23.77 37.54
N PRO F 16 28.62 -23.71 36.24
CA PRO F 16 29.40 -22.90 35.31
C PRO F 16 29.13 -21.40 35.36
N ASP F 17 27.94 -20.99 35.81
CA ASP F 17 27.59 -19.56 35.82
C ASP F 17 26.72 -19.30 37.03
N CYS F 18 27.25 -18.55 38.00
CA CYS F 18 26.58 -18.31 39.27
C CYS F 18 25.87 -16.96 39.32
N GLY F 19 25.63 -16.34 38.17
CA GLY F 19 24.79 -15.15 38.08
C GLY F 19 25.53 -13.92 37.58
N GLU F 20 26.82 -13.80 37.87
CA GLU F 20 27.61 -12.64 37.46
C GLU F 20 28.56 -12.93 36.33
N GLY F 21 28.53 -14.13 35.75
CA GLY F 21 29.48 -14.50 34.72
C GLY F 21 30.70 -15.23 35.21
N HIS F 22 30.70 -15.74 36.45
CA HIS F 22 31.84 -16.43 37.02
C HIS F 22 31.38 -17.75 37.63
N SER F 23 32.29 -18.73 37.64
CA SER F 23 31.97 -20.04 38.17
C SER F 23 32.14 -20.08 39.69
N CYS F 24 31.40 -20.97 40.33
CA CYS F 24 31.44 -21.08 41.79
C CYS F 24 30.88 -22.45 42.17
N HIS F 25 31.10 -22.80 43.44
CA HIS F 25 30.56 -24.03 44.02
C HIS F 25 29.25 -23.70 44.74
N SER F 26 28.17 -24.37 44.35
CA SER F 26 26.85 -23.95 44.78
C SER F 26 26.11 -25.09 45.48
N PRO F 27 25.32 -24.78 46.51
CA PRO F 27 24.51 -25.82 47.16
C PRO F 27 23.33 -26.28 46.33
N ILE F 28 23.06 -25.66 45.18
CA ILE F 28 22.05 -26.09 44.24
C ILE F 28 22.70 -26.22 42.88
N ALA F 29 22.50 -27.35 42.22
CA ALA F 29 23.20 -27.66 40.98
C ALA F 29 22.31 -28.50 40.09
N LEU F 30 22.60 -28.45 38.79
CA LEU F 30 21.74 -29.05 37.78
C LEU F 30 22.33 -30.36 37.27
N GLU F 31 21.43 -31.34 37.06
CA GLU F 31 21.68 -32.58 36.37
C GLU F 31 20.87 -32.58 35.07
N ARG F 32 20.68 -33.76 34.49
CA ARG F 32 20.08 -33.85 33.17
C ARG F 32 18.61 -33.41 33.19
N ILE F 33 18.14 -32.96 32.03
CA ILE F 33 16.76 -32.53 31.81
C ILE F 33 16.10 -33.51 30.86
N ARG F 34 14.91 -33.99 31.23
CA ARG F 34 14.19 -34.99 30.46
C ARG F 34 12.98 -34.35 29.79
N ASN F 35 12.78 -34.66 28.51
CA ASN F 35 11.70 -34.05 27.72
C ASN F 35 11.00 -35.09 26.84
N GLU F 36 10.65 -36.23 27.42
CA GLU F 36 10.08 -37.32 26.62
C GLU F 36 8.60 -37.11 26.30
N ALA F 37 7.85 -36.45 27.16
CA ALA F 37 6.42 -36.31 26.96
C ALA F 37 6.12 -35.40 25.78
N THR F 38 5.01 -35.68 25.10
CA THR F 38 4.66 -34.97 23.87
C THR F 38 3.91 -33.66 24.12
N ASP F 39 3.52 -33.36 25.36
CA ASP F 39 2.89 -32.07 25.63
C ASP F 39 3.88 -30.99 26.04
N GLY F 40 5.13 -31.34 26.30
CA GLY F 40 6.11 -30.36 26.70
C GLY F 40 6.22 -30.10 28.19
N THR F 41 6.20 -31.17 29.00
CA THR F 41 6.37 -31.07 30.44
C THR F 41 7.76 -31.59 30.81
N LEU F 42 8.48 -30.83 31.63
CA LEU F 42 9.87 -31.12 31.95
C LEU F 42 10.01 -31.71 33.35
N LYS F 43 10.98 -32.60 33.51
CA LYS F 43 11.35 -33.17 34.80
C LYS F 43 12.82 -32.87 35.06
N ILE F 44 13.12 -32.26 36.20
CA ILE F 44 14.43 -31.69 36.49
C ILE F 44 14.99 -32.32 37.76
N GLN F 45 16.31 -32.43 37.82
CA GLN F 45 17.02 -33.03 38.95
C GLN F 45 17.97 -31.99 39.56
N VAL F 46 17.95 -31.89 40.89
CA VAL F 46 18.75 -30.94 41.64
C VAL F 46 19.46 -31.68 42.78
N SER F 47 20.32 -30.95 43.49
CA SER F 47 21.16 -31.53 44.53
C SER F 47 20.62 -31.33 45.94
N LEU F 48 19.53 -30.60 46.11
CA LEU F 48 18.91 -30.45 47.43
C LEU F 48 17.68 -31.34 47.54
N GLN F 49 17.21 -31.52 48.77
CA GLN F 49 16.14 -32.45 49.07
C GLN F 49 14.93 -31.68 49.61
N ILE F 50 13.76 -31.93 49.01
CA ILE F 50 12.55 -31.17 49.29
C ILE F 50 11.59 -32.03 50.09
N GLY F 51 11.07 -31.50 51.18
CA GLY F 51 10.02 -32.13 51.94
C GLY F 51 10.43 -32.88 53.20
N ILE F 52 11.70 -32.86 53.56
CA ILE F 52 12.20 -33.63 54.70
C ILE F 52 13.02 -32.72 55.60
N LYS F 53 12.80 -32.84 56.91
CA LYS F 53 13.55 -32.11 57.91
C LYS F 53 14.78 -32.90 58.36
N THR F 54 15.62 -32.26 59.18
CA THR F 54 16.85 -32.87 59.63
C THR F 54 16.63 -33.99 60.65
N ASP F 55 15.44 -34.10 61.22
CA ASP F 55 15.11 -35.18 62.15
C ASP F 55 14.38 -36.33 61.47
N ASP F 56 14.41 -36.37 60.13
CA ASP F 56 13.82 -37.46 59.33
C ASP F 56 12.32 -37.59 59.58
N SER F 57 11.63 -36.46 59.50
CA SER F 57 10.16 -36.42 59.55
C SER F 57 9.64 -35.66 58.35
N HIS F 58 8.40 -35.97 57.98
CA HIS F 58 7.79 -35.36 56.81
C HIS F 58 7.17 -34.01 57.15
N ASP F 59 7.47 -33.00 56.32
CA ASP F 59 6.88 -31.67 56.48
C ASP F 59 6.96 -30.97 55.13
N TRP F 60 5.80 -30.67 54.56
CA TRP F 60 5.74 -30.19 53.18
C TRP F 60 6.06 -28.70 53.03
N THR F 61 6.35 -28.00 54.12
CA THR F 61 6.70 -26.59 54.05
C THR F 61 8.19 -26.31 54.22
N LYS F 62 9.01 -27.35 54.38
CA LYS F 62 10.43 -27.18 54.65
C LYS F 62 11.27 -27.99 53.68
N LEU F 63 12.48 -27.49 53.41
CA LEU F 63 13.49 -28.22 52.66
C LEU F 63 14.82 -28.08 53.38
N ARG F 64 15.75 -28.99 53.06
CA ARG F 64 17.07 -28.99 53.68
C ARG F 64 18.16 -28.94 52.63
N TYR F 65 19.24 -28.24 52.96
CA TYR F 65 20.38 -28.03 52.07
C TYR F 65 21.66 -28.20 52.87
N MET F 66 22.78 -28.29 52.16
CA MET F 66 24.06 -28.60 52.79
C MET F 66 24.87 -27.32 52.98
N ASP F 67 25.24 -27.06 54.22
CA ASP F 67 26.16 -26.00 54.59
C ASP F 67 27.56 -26.60 54.76
N SER F 68 28.47 -25.82 55.32
CA SER F 68 29.82 -26.33 55.57
C SER F 68 29.75 -27.39 56.67
N HIS F 69 29.94 -28.65 56.29
CA HIS F 69 30.02 -29.80 57.18
C HIS F 69 28.72 -30.09 57.94
N THR F 70 27.59 -29.47 57.58
CA THR F 70 26.38 -29.72 58.33
C THR F 70 25.15 -29.27 57.57
N PRO F 71 24.06 -30.03 57.59
CA PRO F 71 22.82 -29.60 56.92
C PRO F 71 22.03 -28.62 57.76
N ALA F 72 21.08 -27.95 57.10
CA ALA F 72 20.25 -26.94 57.74
C ALA F 72 18.93 -26.81 56.98
N ASP F 73 17.97 -26.13 57.62
CA ASP F 73 16.60 -26.03 57.12
C ASP F 73 16.37 -24.71 56.41
N ALA F 74 15.39 -24.71 55.51
CA ALA F 74 15.05 -23.54 54.71
C ALA F 74 13.59 -23.60 54.30
N GLU F 75 13.06 -22.45 53.89
CA GLU F 75 11.65 -22.30 53.58
C GLU F 75 11.36 -22.66 52.14
N ARG F 76 10.21 -23.33 51.92
CA ARG F 76 9.84 -23.82 50.59
C ARG F 76 9.27 -22.74 49.68
N ALA F 77 8.76 -21.65 50.23
CA ALA F 77 8.14 -20.62 49.42
C ALA F 77 9.12 -19.86 48.53
N GLY F 78 10.43 -20.03 48.74
CA GLY F 78 11.42 -19.32 47.97
C GLY F 78 11.92 -20.00 46.71
N LEU F 79 11.41 -21.19 46.38
CA LEU F 79 11.85 -21.91 45.20
C LEU F 79 11.24 -21.30 43.94
N LEU F 80 12.09 -21.05 42.94
CA LEU F 80 11.63 -20.47 41.68
C LEU F 80 12.35 -21.12 40.51
N VAL F 81 11.65 -21.19 39.38
CA VAL F 81 12.17 -21.73 38.13
C VAL F 81 11.75 -20.81 37.00
N ARG F 82 12.67 -20.53 36.08
CA ARG F 82 12.31 -19.71 34.92
C ARG F 82 13.22 -20.02 33.74
N THR F 83 12.63 -19.97 32.54
CA THR F 83 13.33 -20.10 31.26
C THR F 83 12.78 -18.98 30.40
N SER F 84 13.47 -17.83 30.41
CA SER F 84 12.95 -16.55 29.91
C SER F 84 11.85 -16.07 30.84
N ALA F 85 10.59 -16.22 30.43
CA ALA F 85 9.47 -15.87 31.30
C ALA F 85 9.34 -16.89 32.43
N PRO F 86 8.73 -16.48 33.55
CA PRO F 86 8.55 -17.42 34.67
C PRO F 86 7.69 -18.62 34.32
N CYS F 87 7.97 -19.73 34.97
CA CYS F 87 7.24 -20.98 34.82
C CYS F 87 6.38 -21.27 36.05
N THR F 88 5.56 -22.32 35.95
CA THR F 88 4.68 -22.76 37.02
C THR F 88 5.11 -24.13 37.52
N ILE F 89 5.20 -24.28 38.84
CA ILE F 89 5.61 -25.53 39.46
C ILE F 89 4.38 -26.36 39.79
N THR F 90 4.40 -27.64 39.40
CA THR F 90 3.24 -28.51 39.55
C THR F 90 3.39 -29.56 40.65
N GLY F 91 4.59 -30.01 40.95
CA GLY F 91 4.77 -31.02 41.98
C GLY F 91 6.22 -31.35 42.28
N THR F 92 6.52 -31.72 43.53
CA THR F 92 7.89 -31.88 43.98
C THR F 92 7.99 -33.09 44.91
N MET F 93 9.13 -33.77 44.83
CA MET F 93 9.47 -34.84 45.77
C MET F 93 10.95 -35.13 45.66
N GLY F 94 11.65 -35.06 46.80
CA GLY F 94 13.06 -35.42 46.84
C GLY F 94 13.91 -34.53 45.94
N HIS F 95 14.59 -35.17 45.00
CA HIS F 95 15.51 -34.48 44.08
C HIS F 95 14.84 -33.97 42.81
N PHE F 96 13.53 -34.17 42.65
CA PHE F 96 12.89 -34.06 41.35
C PHE F 96 11.81 -32.99 41.33
N ILE F 97 11.70 -32.28 40.22
CA ILE F 97 10.78 -31.16 40.04
C ILE F 97 10.09 -31.29 38.69
N LEU F 98 8.79 -30.98 38.66
CA LEU F 98 8.00 -30.95 37.45
C LEU F 98 7.58 -29.51 37.16
N ALA F 99 7.71 -29.08 35.90
CA ALA F 99 7.39 -27.71 35.56
C ALA F 99 6.89 -27.60 34.12
N ARG F 100 6.13 -26.54 33.84
CA ARG F 100 5.69 -26.17 32.51
C ARG F 100 6.24 -24.79 32.19
N CYS F 101 6.91 -24.64 31.04
CA CYS F 101 7.66 -23.44 30.72
C CYS F 101 7.37 -22.98 29.31
N PRO F 102 7.57 -21.70 29.02
CA PRO F 102 7.48 -21.19 27.65
C PRO F 102 8.78 -21.39 26.87
N LYS F 103 8.74 -20.97 25.61
CA LYS F 103 9.88 -21.13 24.71
C LYS F 103 11.05 -20.23 25.10
N GLY F 104 12.25 -20.70 24.83
CA GLY F 104 13.45 -19.98 25.23
C GLY F 104 14.69 -20.76 24.87
N GLU F 105 15.84 -20.24 25.33
CA GLU F 105 17.13 -20.87 25.06
C GLU F 105 17.98 -21.08 26.30
N THR F 106 17.42 -20.93 27.51
CA THR F 106 18.20 -21.08 28.73
C THR F 106 17.27 -21.56 29.85
N LEU F 107 17.88 -22.04 30.94
CA LEU F 107 17.12 -22.53 32.08
C LEU F 107 17.85 -22.17 33.38
N THR F 108 17.10 -21.66 34.36
CA THR F 108 17.67 -21.18 35.61
C THR F 108 16.82 -21.64 36.78
N VAL F 109 17.49 -21.98 37.90
CA VAL F 109 16.83 -22.35 39.14
C VAL F 109 17.50 -21.61 40.29
N GLY F 110 16.75 -21.44 41.38
CA GLY F 110 17.29 -20.72 42.53
C GLY F 110 16.43 -20.88 43.76
N PHE F 111 16.97 -20.43 44.89
CA PHE F 111 16.29 -20.50 46.17
C PHE F 111 16.95 -19.52 47.13
N THR F 112 16.32 -19.34 48.29
CA THR F 112 16.78 -18.38 49.30
C THR F 112 17.26 -19.10 50.55
N ASP F 113 18.40 -18.65 51.08
CA ASP F 113 19.07 -19.29 52.18
C ASP F 113 18.42 -18.90 53.50
N SER F 114 18.99 -19.39 54.61
CA SER F 114 18.48 -19.08 55.94
C SER F 114 19.06 -17.79 56.51
N ARG F 115 19.96 -17.13 55.80
CA ARG F 115 20.52 -15.85 56.23
C ARG F 115 20.20 -14.75 55.22
N LYS F 116 19.10 -14.89 54.49
CA LYS F 116 18.66 -13.88 53.52
C LYS F 116 19.67 -13.69 52.38
N ILE F 117 20.12 -14.81 51.82
CA ILE F 117 21.05 -14.80 50.68
C ILE F 117 20.47 -15.69 49.59
N SER F 118 20.56 -15.22 48.35
CA SER F 118 20.02 -15.94 47.20
C SER F 118 21.13 -16.65 46.42
N HIS F 119 20.74 -17.73 45.74
CA HIS F 119 21.67 -18.54 44.96
C HIS F 119 21.01 -18.94 43.64
N THR F 120 21.81 -19.01 42.58
CA THR F 120 21.31 -19.37 41.26
C THR F 120 22.35 -20.22 40.52
N CYS F 121 21.88 -20.93 39.49
CA CYS F 121 22.77 -21.62 38.57
C CYS F 121 22.08 -21.68 37.20
N THR F 122 22.87 -21.50 36.14
CA THR F 122 22.34 -21.34 34.78
C THR F 122 23.00 -22.31 33.82
N HIS F 123 22.20 -22.96 32.98
CA HIS F 123 22.64 -23.93 31.99
C HIS F 123 21.98 -23.64 30.65
N PRO F 124 22.65 -23.98 29.54
CA PRO F 124 22.02 -23.82 28.22
C PRO F 124 21.10 -24.98 27.88
N PHE F 125 20.11 -24.69 27.04
CA PHE F 125 19.08 -25.66 26.69
C PHE F 125 18.28 -25.11 25.51
N HIS F 126 17.54 -25.99 24.85
CA HIS F 126 16.72 -25.63 23.69
C HIS F 126 15.34 -26.25 23.85
N HIS F 127 14.32 -25.41 24.05
CA HIS F 127 12.97 -25.86 24.34
C HIS F 127 12.06 -25.49 23.19
N GLU F 128 11.40 -26.49 22.60
CA GLU F 128 10.41 -26.28 21.54
C GLU F 128 9.42 -27.43 21.51
N PRO F 129 8.20 -27.25 21.99
CA PRO F 129 7.25 -28.36 22.03
C PRO F 129 6.85 -28.78 20.63
N PRO F 130 6.51 -30.05 20.44
CA PRO F 130 6.09 -30.52 19.12
C PRO F 130 4.67 -30.09 18.79
N VAL F 131 4.27 -30.38 17.55
CA VAL F 131 2.96 -29.99 17.03
C VAL F 131 2.09 -31.22 16.89
N ILE F 132 0.83 -31.11 17.30
CA ILE F 132 -0.15 -32.18 17.20
C ILE F 132 -1.26 -31.72 16.27
N GLY F 133 -1.52 -32.51 15.23
CA GLY F 133 -2.52 -32.14 14.25
C GLY F 133 -1.93 -31.41 13.06
N ARG F 134 -2.81 -30.76 12.31
CA ARG F 134 -2.44 -30.04 11.10
C ARG F 134 -2.54 -28.52 11.28
N GLU F 135 -2.58 -28.03 12.52
CA GLU F 135 -2.63 -26.61 12.79
C GLU F 135 -1.72 -26.28 13.97
N ARG F 136 -1.18 -25.07 13.96
CA ARG F 136 -0.38 -24.55 15.06
C ARG F 136 -1.22 -23.57 15.87
N PHE F 137 -1.31 -23.80 17.18
CA PHE F 137 -2.14 -22.97 18.04
C PHE F 137 -1.41 -22.69 19.34
N HIS F 138 -1.89 -21.68 20.06
CA HIS F 138 -1.20 -21.15 21.23
C HIS F 138 -1.91 -21.42 22.55
N SER F 139 -3.21 -21.74 22.54
CA SER F 139 -3.94 -21.96 23.78
C SER F 139 -5.05 -22.96 23.54
N ARG F 140 -5.85 -23.21 24.58
CA ARG F 140 -6.83 -24.28 24.59
C ARG F 140 -8.20 -23.72 24.23
N PRO F 141 -8.84 -24.20 23.16
CA PRO F 141 -10.14 -23.63 22.77
C PRO F 141 -11.32 -24.30 23.44
N GLN F 142 -12.53 -23.78 23.18
CA GLN F 142 -13.76 -24.36 23.71
C GLN F 142 -14.41 -25.34 22.74
N HIS F 143 -14.33 -25.08 21.45
CA HIS F 143 -14.95 -25.88 20.41
C HIS F 143 -13.86 -26.55 19.58
N GLY F 144 -13.86 -27.88 19.55
CA GLY F 144 -12.81 -28.58 18.84
C GLY F 144 -12.95 -30.08 18.90
N LYS F 145 -11.83 -30.76 18.65
CA LYS F 145 -11.75 -32.21 18.53
C LYS F 145 -10.67 -32.73 19.49
N GLU F 146 -10.60 -34.05 19.63
CA GLU F 146 -9.68 -34.70 20.55
C GLU F 146 -8.80 -35.71 19.84
N LEU F 147 -7.51 -35.70 20.18
CA LEU F 147 -6.51 -36.59 19.59
C LEU F 147 -5.60 -37.10 20.68
N PRO F 148 -4.96 -38.25 20.49
CA PRO F 148 -4.14 -38.85 21.54
C PRO F 148 -2.78 -38.18 21.73
N CYS F 149 -2.27 -38.32 22.95
CA CYS F 149 -1.03 -37.69 23.40
C CYS F 149 -0.69 -38.29 24.77
N SER F 150 0.48 -37.91 25.33
CA SER F 150 0.96 -38.48 26.58
C SER F 150 1.42 -37.42 27.57
N THR F 151 1.38 -37.78 28.86
CA THR F 151 1.64 -36.87 29.98
C THR F 151 2.39 -37.60 31.08
N TYR F 152 2.76 -36.84 32.12
CA TYR F 152 3.30 -37.38 33.37
C TYR F 152 2.21 -37.41 34.44
N VAL F 153 2.26 -38.44 35.28
CA VAL F 153 1.23 -38.69 36.29
C VAL F 153 1.80 -38.32 37.66
N GLN F 154 1.00 -37.61 38.45
CA GLN F 154 1.41 -37.13 39.76
C GLN F 154 1.15 -38.22 40.81
N SER F 155 2.03 -39.22 40.81
CA SER F 155 1.95 -40.33 41.74
C SER F 155 3.33 -40.62 42.32
N THR F 156 3.35 -40.93 43.62
CA THR F 156 4.60 -41.20 44.34
C THR F 156 4.80 -42.68 44.62
N ALA F 157 3.99 -43.55 44.02
CA ALA F 157 4.11 -44.98 44.26
C ALA F 157 5.39 -45.53 43.63
N ALA F 158 5.77 -46.72 44.09
CA ALA F 158 7.02 -47.34 43.65
C ALA F 158 6.99 -47.68 42.17
N THR F 159 8.13 -47.51 41.51
CA THR F 159 8.27 -47.82 40.09
C THR F 159 9.48 -48.70 39.84
N ALA F 160 9.83 -48.94 38.58
CA ALA F 160 10.87 -49.88 38.21
C ALA F 160 12.23 -49.22 37.96
N GLU F 161 12.31 -47.89 38.01
CA GLU F 161 13.56 -47.18 37.80
C GLU F 161 14.19 -46.83 39.14
N GLU F 162 15.50 -47.07 39.26
CA GLU F 162 16.20 -46.89 40.53
C GLU F 162 17.56 -46.26 40.30
N ILE F 163 18.06 -45.58 41.34
CA ILE F 163 19.40 -45.00 41.38
C ILE F 163 20.07 -45.42 42.68
N GLU F 164 21.41 -45.36 42.68
CA GLU F 164 22.21 -46.01 43.72
C GLU F 164 22.85 -44.97 44.64
N VAL F 165 23.28 -45.43 45.82
CA VAL F 165 23.92 -44.60 46.82
C VAL F 165 25.22 -45.25 47.28
N HIS F 166 26.20 -44.42 47.66
CA HIS F 166 27.52 -44.87 48.06
C HIS F 166 28.01 -44.03 49.23
N MET F 167 29.23 -44.37 49.75
CA MET F 167 29.87 -43.71 50.90
C MET F 167 30.65 -42.48 50.45
N PRO F 168 30.48 -41.34 51.12
CA PRO F 168 31.12 -40.09 50.68
C PRO F 168 32.62 -40.14 50.80
N PRO F 169 33.35 -39.52 49.86
CA PRO F 169 34.81 -39.42 49.98
C PRO F 169 35.27 -38.50 51.11
N ASP F 170 36.58 -38.39 51.32
CA ASP F 170 37.12 -37.46 52.29
C ASP F 170 37.02 -36.02 51.79
N THR F 171 36.96 -35.09 52.74
CA THR F 171 36.74 -33.67 52.46
C THR F 171 37.85 -32.82 53.03
N PRO F 172 38.66 -32.15 52.21
CA PRO F 172 39.72 -31.29 52.75
C PRO F 172 39.18 -29.95 53.26
N ASP F 173 39.95 -29.34 54.16
CA ASP F 173 39.61 -28.01 54.67
C ASP F 173 40.88 -27.34 55.19
N ARG F 174 41.34 -26.30 54.49
CA ARG F 174 42.53 -25.57 54.92
C ARG F 174 42.29 -24.78 56.20
N THR F 175 41.04 -24.32 56.42
CA THR F 175 40.76 -23.39 57.51
C THR F 175 41.16 -23.96 58.87
N LEU F 176 41.06 -25.29 59.05
CA LEU F 176 41.32 -25.88 60.34
C LEU F 176 42.72 -25.53 60.87
N MET F 177 43.72 -25.57 60.00
CA MET F 177 45.09 -25.28 60.39
C MET F 177 45.33 -23.78 60.57
N THR F 178 46.24 -23.46 61.49
CA THR F 178 46.65 -22.09 61.75
C THR F 178 48.14 -22.06 62.09
N GLN F 179 48.72 -20.87 61.96
CA GLN F 179 50.15 -20.65 62.15
C GLN F 179 50.36 -19.73 63.34
N GLN F 180 51.06 -20.22 64.37
CA GLN F 180 51.32 -19.45 65.59
C GLN F 180 52.82 -19.41 65.87
N SER F 181 53.52 -18.50 65.20
CA SER F 181 54.89 -18.11 65.53
C SER F 181 55.83 -19.33 65.62
N GLY F 182 56.05 -19.94 64.46
CA GLY F 182 57.03 -21.00 64.35
C GLY F 182 56.46 -22.41 64.40
N ASN F 183 55.19 -22.56 64.78
CA ASN F 183 54.57 -23.87 64.89
C ASN F 183 53.14 -23.80 64.36
N VAL F 184 52.61 -24.96 63.98
CA VAL F 184 51.30 -25.07 63.35
C VAL F 184 50.38 -25.83 64.29
N LYS F 185 49.16 -25.33 64.45
CA LYS F 185 48.20 -25.91 65.37
C LYS F 185 47.02 -26.45 64.59
N ILE F 186 46.37 -27.47 65.14
CA ILE F 186 45.24 -28.14 64.49
C ILE F 186 44.04 -28.05 65.41
N THR F 187 42.92 -27.60 64.87
CA THR F 187 41.65 -27.53 65.60
C THR F 187 40.69 -28.55 65.01
N VAL F 188 39.88 -29.18 65.87
CA VAL F 188 39.11 -30.36 65.51
C VAL F 188 37.61 -30.07 65.51
N ASN F 189 37.09 -29.50 66.60
CA ASN F 189 35.66 -29.24 66.76
C ASN F 189 34.82 -30.52 66.73
N GLY F 190 35.38 -31.63 67.20
CA GLY F 190 34.58 -32.84 67.38
C GLY F 190 34.43 -33.70 66.15
N GLN F 191 35.56 -34.05 65.51
CA GLN F 191 35.54 -34.83 64.29
C GLN F 191 36.85 -35.61 64.19
N THR F 192 36.91 -36.51 63.22
CA THR F 192 38.13 -37.27 62.94
C THR F 192 38.88 -36.61 61.80
N VAL F 193 40.17 -36.38 61.99
CA VAL F 193 41.00 -35.67 61.03
C VAL F 193 42.22 -36.51 60.71
N ARG F 194 42.68 -36.42 59.46
CA ARG F 194 43.85 -37.16 58.98
C ARG F 194 44.83 -36.17 58.38
N TYR F 195 46.06 -36.19 58.88
CA TYR F 195 47.05 -35.16 58.56
C TYR F 195 48.35 -35.80 58.11
N LYS F 196 49.11 -35.06 57.31
CA LYS F 196 50.38 -35.55 56.77
C LYS F 196 51.26 -34.36 56.41
N CYS F 197 52.44 -34.29 57.00
CA CYS F 197 53.41 -33.24 56.72
C CYS F 197 54.71 -33.85 56.21
N ASN F 198 55.37 -33.13 55.31
CA ASN F 198 56.59 -33.62 54.67
C ASN F 198 57.85 -33.04 55.29
N CYS F 199 57.74 -32.39 56.44
CA CYS F 199 58.89 -31.77 57.09
C CYS F 199 59.73 -32.86 57.75
N GLY F 200 60.71 -32.44 58.56
CA GLY F 200 61.52 -33.37 59.30
C GLY F 200 60.72 -34.24 60.25
N GLY F 201 60.92 -35.56 60.16
CA GLY F 201 60.25 -36.52 61.02
C GLY F 201 59.16 -37.30 60.32
N SER F 202 58.55 -36.73 59.27
CA SER F 202 57.51 -37.40 58.48
C SER F 202 56.35 -37.87 59.37
N ASN F 203 55.79 -36.93 60.12
CA ASN F 203 54.71 -37.26 61.05
C ASN F 203 53.43 -37.59 60.29
N GLU F 204 52.77 -38.67 60.70
CA GLU F 204 51.52 -39.10 60.08
C GLU F 204 50.73 -39.91 61.09
N GLY F 205 49.41 -39.77 61.04
CA GLY F 205 48.57 -40.46 62.00
C GLY F 205 47.10 -40.22 61.74
N LEU F 206 46.30 -40.42 62.79
CA LEU F 206 44.86 -40.21 62.73
C LEU F 206 44.40 -39.81 64.14
N THR F 207 44.21 -38.51 64.35
CA THR F 207 43.95 -37.96 65.66
C THR F 207 42.48 -37.57 65.82
N THR F 208 42.08 -37.44 67.09
CA THR F 208 40.76 -36.95 67.44
C THR F 208 40.81 -35.80 68.43
N THR F 209 42.00 -35.36 68.84
CA THR F 209 42.19 -34.23 69.74
C THR F 209 43.21 -33.28 69.13
N ASP F 210 43.37 -32.13 69.77
CA ASP F 210 44.27 -31.10 69.28
C ASP F 210 45.72 -31.56 69.37
N LYS F 211 46.54 -31.06 68.44
CA LYS F 211 47.96 -31.38 68.40
C LYS F 211 48.74 -30.13 68.00
N VAL F 212 50.06 -30.20 68.20
CA VAL F 212 50.98 -29.15 67.79
C VAL F 212 52.23 -29.81 67.19
N ILE F 213 52.75 -29.22 66.11
CA ILE F 213 53.89 -29.77 65.40
C ILE F 213 55.05 -28.79 65.55
N ASN F 214 56.22 -29.32 65.87
CA ASN F 214 57.41 -28.51 66.15
C ASN F 214 58.22 -28.29 64.89
N ASN F 215 58.55 -27.03 64.62
CA ASN F 215 59.46 -26.64 63.53
C ASN F 215 59.02 -27.24 62.19
N CYS F 216 57.77 -26.96 61.84
CA CYS F 216 57.16 -27.54 60.64
C CYS F 216 56.17 -26.52 60.10
N LYS F 217 56.61 -25.71 59.14
CA LYS F 217 55.86 -24.53 58.76
C LYS F 217 54.59 -24.91 58.01
N ILE F 218 53.69 -23.94 57.88
CA ILE F 218 52.57 -24.08 56.95
C ILE F 218 53.08 -24.04 55.52
N ASP F 219 52.21 -24.44 54.58
CA ASP F 219 52.52 -24.74 53.19
C ASP F 219 53.23 -26.08 53.03
N GLN F 220 53.24 -26.92 54.07
CA GLN F 220 53.87 -28.23 53.99
C GLN F 220 52.99 -29.35 54.55
N CYS F 221 51.71 -29.10 54.82
CA CYS F 221 50.85 -30.09 55.45
C CYS F 221 49.50 -30.16 54.74
N HIS F 222 48.73 -31.21 55.06
CA HIS F 222 47.42 -31.45 54.48
C HIS F 222 46.48 -32.00 55.55
N ALA F 223 45.18 -31.71 55.40
CA ALA F 223 44.18 -32.17 56.37
C ALA F 223 42.89 -32.55 55.65
N ALA F 224 42.13 -33.45 56.28
CA ALA F 224 40.85 -33.89 55.75
C ALA F 224 40.01 -34.49 56.89
N VAL F 225 38.71 -34.58 56.65
CA VAL F 225 37.76 -35.22 57.56
C VAL F 225 37.36 -36.57 56.97
N THR F 226 37.51 -37.64 57.76
CA THR F 226 37.60 -38.97 57.19
C THR F 226 36.62 -40.00 57.77
N ASN F 227 35.66 -39.60 58.60
CA ASN F 227 34.70 -40.55 59.15
C ASN F 227 33.28 -40.04 58.89
N HIS F 228 32.52 -40.78 58.10
CA HIS F 228 31.16 -40.42 57.74
C HIS F 228 30.19 -41.53 58.11
N LYS F 229 28.97 -41.13 58.48
CA LYS F 229 27.93 -42.07 58.91
C LYS F 229 26.65 -41.97 58.09
N ASN F 230 26.69 -41.33 56.92
CA ASN F 230 25.55 -41.26 56.02
C ASN F 230 25.99 -41.57 54.60
N TRP F 231 25.02 -41.84 53.73
CA TRP F 231 25.28 -42.21 52.35
C TRP F 231 24.89 -41.08 51.41
N GLN F 232 25.42 -41.15 50.18
CA GLN F 232 25.29 -40.07 49.22
C GLN F 232 25.26 -40.64 47.80
N TYR F 233 24.53 -39.96 46.92
CA TYR F 233 24.45 -40.37 45.53
C TYR F 233 25.77 -40.11 44.81
N ASN F 234 26.17 -41.06 43.95
CA ASN F 234 27.48 -41.04 43.31
C ASN F 234 27.42 -40.24 42.00
N SER F 235 27.35 -38.92 42.16
CA SER F 235 27.33 -38.03 41.02
C SER F 235 28.66 -38.08 40.27
N PRO F 236 28.65 -37.88 38.95
CA PRO F 236 29.91 -37.81 38.20
C PRO F 236 30.76 -36.58 38.50
N LEU F 237 30.26 -35.65 39.33
CA LEU F 237 31.01 -34.46 39.70
C LEU F 237 31.74 -34.61 41.03
N VAL F 238 31.74 -35.79 41.63
CA VAL F 238 32.49 -36.03 42.86
C VAL F 238 33.42 -37.22 42.67
N PRO F 239 34.59 -37.25 43.31
CA PRO F 239 35.53 -38.35 43.11
C PRO F 239 35.13 -39.61 43.87
N ARG F 240 35.57 -40.75 43.33
CA ARG F 240 35.21 -42.05 43.89
C ARG F 240 35.96 -42.32 45.18
N ASN F 241 35.33 -43.08 46.08
CA ASN F 241 35.92 -43.38 47.37
C ASN F 241 37.05 -44.40 47.24
N ALA F 242 36.85 -45.44 46.43
CA ALA F 242 37.83 -46.50 46.30
C ALA F 242 37.74 -47.10 44.90
N GLU F 243 38.74 -47.91 44.55
CA GLU F 243 38.81 -48.49 43.21
C GLU F 243 37.52 -49.23 42.85
N LEU F 244 37.00 -50.02 43.77
CA LEU F 244 35.75 -50.74 43.58
C LEU F 244 34.76 -50.21 44.60
N GLY F 245 33.74 -49.51 44.13
CA GLY F 245 32.79 -48.89 45.03
C GLY F 245 31.87 -49.91 45.69
N ASP F 246 31.56 -49.68 46.96
CA ASP F 246 30.66 -50.54 47.71
C ASP F 246 29.27 -49.94 47.74
N ARG F 247 28.26 -50.76 47.40
CA ARG F 247 26.87 -50.32 47.33
C ARG F 247 26.19 -50.45 48.68
N LYS F 248 25.34 -49.47 49.00
CA LYS F 248 24.64 -49.44 50.27
C LYS F 248 23.12 -49.39 50.17
N GLY F 249 22.55 -49.05 49.03
CA GLY F 249 21.10 -48.96 48.92
C GLY F 249 20.67 -48.40 47.58
N LYS F 250 19.37 -48.13 47.48
CA LYS F 250 18.82 -47.53 46.26
C LYS F 250 17.49 -46.83 46.57
N ILE F 251 17.15 -45.87 45.70
CA ILE F 251 15.87 -45.17 45.74
C ILE F 251 15.36 -45.07 44.31
N HIS F 252 14.05 -44.80 44.19
CA HIS F 252 13.35 -44.92 42.92
C HIS F 252 13.03 -43.56 42.32
N ILE F 253 12.73 -43.57 41.03
CA ILE F 253 12.39 -42.36 40.28
C ILE F 253 10.87 -42.29 40.14
N PRO F 254 10.23 -41.24 40.61
CA PRO F 254 8.76 -41.16 40.53
C PRO F 254 8.23 -40.65 39.19
N PHE F 255 6.93 -40.36 39.13
CA PHE F 255 6.24 -39.71 38.01
C PHE F 255 6.35 -40.49 36.71
N PRO F 256 5.65 -41.61 36.56
CA PRO F 256 5.71 -42.38 35.31
C PRO F 256 4.79 -41.80 34.24
N LEU F 257 4.88 -42.38 33.05
CA LEU F 257 4.14 -41.94 31.88
C LEU F 257 2.80 -42.68 31.76
N ALA F 258 1.89 -42.09 30.98
CA ALA F 258 0.59 -42.71 30.72
C ALA F 258 0.01 -42.10 29.44
N ASN F 259 -1.04 -42.75 28.92
CA ASN F 259 -1.75 -42.24 27.75
C ASN F 259 -2.96 -41.41 28.16
N VAL F 260 -3.16 -40.28 27.47
CA VAL F 260 -4.31 -39.42 27.69
C VAL F 260 -4.72 -38.80 26.36
N THR F 261 -5.68 -37.88 26.39
CA THR F 261 -6.13 -37.18 25.20
C THR F 261 -6.04 -35.66 25.41
N CYS F 262 -5.95 -34.95 24.30
CA CYS F 262 -5.81 -33.49 24.28
C CYS F 262 -6.67 -32.89 23.16
N ARG F 263 -6.97 -31.60 23.31
CA ARG F 263 -7.99 -30.91 22.52
C ARG F 263 -7.36 -29.92 21.52
N VAL F 264 -7.88 -29.93 20.30
CA VAL F 264 -7.32 -29.14 19.18
C VAL F 264 -8.44 -28.33 18.53
N PRO F 265 -8.13 -27.20 17.90
CA PRO F 265 -9.18 -26.35 17.31
C PRO F 265 -9.53 -26.71 15.87
N LYS F 266 -10.58 -26.06 15.38
CA LYS F 266 -11.05 -26.22 14.01
C LYS F 266 -11.15 -24.87 13.32
N ALA F 267 -10.97 -24.88 11.99
CA ALA F 267 -10.95 -23.67 11.19
C ALA F 267 -12.37 -23.29 10.73
N ARG F 268 -12.51 -22.03 10.32
CA ARG F 268 -13.77 -21.51 9.82
C ARG F 268 -13.95 -21.82 8.33
N ASN F 269 -15.20 -21.66 7.84
CA ASN F 269 -15.61 -22.03 6.50
C ASN F 269 -15.10 -21.05 5.45
N PRO F 270 -14.82 -21.53 4.24
CA PRO F 270 -14.44 -20.64 3.15
C PRO F 270 -15.62 -20.26 2.26
N THR F 271 -15.36 -19.34 1.34
CA THR F 271 -16.33 -18.89 0.35
C THR F 271 -15.96 -19.47 -1.01
N VAL F 272 -16.92 -20.14 -1.66
CA VAL F 272 -16.67 -20.96 -2.84
C VAL F 272 -17.55 -20.49 -3.98
N THR F 273 -16.96 -20.33 -5.16
CA THR F 273 -17.67 -19.99 -6.38
C THR F 273 -17.33 -21.00 -7.46
N TYR F 274 -18.24 -21.16 -8.42
CA TYR F 274 -18.15 -22.23 -9.40
C TYR F 274 -17.98 -21.65 -10.80
N GLY F 275 -17.28 -22.41 -11.64
CA GLY F 275 -17.09 -22.08 -13.04
C GLY F 275 -16.93 -23.33 -13.87
N LYS F 276 -16.65 -23.19 -15.15
CA LYS F 276 -16.50 -24.36 -16.01
C LYS F 276 -15.16 -25.05 -15.72
N ASN F 277 -15.23 -26.28 -15.22
CA ASN F 277 -14.05 -27.10 -14.94
C ASN F 277 -13.08 -26.41 -14.00
N GLN F 278 -13.60 -25.65 -13.04
CA GLN F 278 -12.72 -25.05 -12.05
C GLN F 278 -13.53 -24.62 -10.82
N VAL F 279 -12.83 -24.52 -9.69
CA VAL F 279 -13.39 -24.07 -8.42
C VAL F 279 -12.48 -22.97 -7.87
N THR F 280 -13.08 -21.88 -7.41
CA THR F 280 -12.34 -20.78 -6.80
C THR F 280 -12.73 -20.65 -5.33
N MET F 281 -11.73 -20.56 -4.45
CA MET F 281 -11.94 -20.52 -3.01
C MET F 281 -11.17 -19.35 -2.41
N LEU F 282 -11.78 -18.71 -1.40
CA LEU F 282 -11.17 -17.63 -0.64
C LEU F 282 -11.04 -18.05 0.81
N LEU F 283 -9.83 -17.92 1.37
CA LEU F 283 -9.49 -18.49 2.67
C LEU F 283 -9.28 -17.40 3.71
N TYR F 284 -9.70 -17.68 4.95
CA TYR F 284 -9.64 -16.73 6.06
C TYR F 284 -8.96 -17.38 7.26
N PRO F 285 -7.63 -17.36 7.31
CA PRO F 285 -6.92 -18.01 8.41
C PRO F 285 -6.68 -17.11 9.60
N ASP F 286 -6.65 -17.73 10.78
CA ASP F 286 -6.26 -17.06 12.02
C ASP F 286 -4.86 -17.43 12.49
N HIS F 287 -4.40 -18.63 12.13
CA HIS F 287 -3.04 -19.09 12.42
C HIS F 287 -2.66 -20.08 11.33
N PRO F 288 -1.37 -20.36 11.17
CA PRO F 288 -0.93 -21.22 10.06
C PRO F 288 -1.72 -22.51 9.94
N THR F 289 -2.16 -22.81 8.71
CA THR F 289 -3.00 -23.96 8.42
C THR F 289 -2.50 -24.64 7.15
N LEU F 290 -2.69 -25.95 7.08
CA LEU F 290 -2.21 -26.76 5.95
C LEU F 290 -3.33 -27.04 4.97
N LEU F 291 -3.02 -26.98 3.68
CA LEU F 291 -3.96 -27.24 2.61
C LEU F 291 -3.37 -28.25 1.64
N SER F 292 -4.16 -29.27 1.29
CA SER F 292 -3.69 -30.30 0.36
C SER F 292 -4.88 -30.82 -0.45
N TYR F 293 -4.56 -31.37 -1.62
CA TYR F 293 -5.58 -31.92 -2.50
C TYR F 293 -4.95 -32.99 -3.39
N ARG F 294 -5.80 -33.91 -3.88
CA ARG F 294 -5.35 -34.99 -4.72
C ARG F 294 -6.41 -35.31 -5.76
N ASN F 295 -5.98 -35.92 -6.86
CA ASN F 295 -6.87 -36.39 -7.90
C ASN F 295 -7.33 -37.82 -7.59
N MET F 296 -8.59 -38.09 -7.86
CA MET F 296 -9.06 -39.46 -7.83
C MET F 296 -8.79 -40.14 -9.16
N GLY F 297 -8.63 -41.46 -9.13
CA GLY F 297 -8.19 -42.18 -10.30
C GLY F 297 -6.82 -42.79 -10.11
N GLN F 298 -6.09 -43.00 -11.20
CA GLN F 298 -4.83 -43.74 -11.14
C GLN F 298 -3.64 -42.86 -10.81
N GLU F 299 -3.69 -41.56 -11.14
CA GLU F 299 -2.57 -40.65 -10.86
C GLU F 299 -3.01 -39.62 -9.84
N PRO F 300 -2.56 -39.71 -8.58
CA PRO F 300 -3.06 -38.78 -7.56
C PRO F 300 -2.60 -37.34 -7.74
N ASN F 301 -1.36 -37.11 -8.12
CA ASN F 301 -0.79 -35.76 -8.28
C ASN F 301 -0.95 -34.94 -6.99
N TYR F 302 -0.21 -35.38 -5.97
CA TYR F 302 -0.31 -34.79 -4.64
C TYR F 302 0.35 -33.41 -4.59
N HIS F 303 -0.29 -32.47 -3.88
CA HIS F 303 0.26 -31.14 -3.66
C HIS F 303 -0.02 -30.69 -2.23
N GLU F 304 0.82 -29.78 -1.73
CA GLU F 304 0.77 -29.37 -0.33
C GLU F 304 1.37 -27.97 -0.20
N GLU F 305 0.76 -27.14 0.64
CA GLU F 305 1.29 -25.82 0.93
C GLU F 305 0.77 -25.33 2.27
N TRP F 306 1.50 -24.39 2.87
CA TRP F 306 1.11 -23.72 4.10
C TRP F 306 0.55 -22.34 3.79
N VAL F 307 -0.47 -21.93 4.54
CA VAL F 307 -1.13 -20.65 4.36
C VAL F 307 -1.05 -19.87 5.68
N THR F 308 -0.59 -18.62 5.60
CA THR F 308 -0.44 -17.78 6.77
C THR F 308 -1.25 -16.49 6.73
N HIS F 309 -1.86 -16.16 5.60
CA HIS F 309 -2.66 -14.93 5.49
C HIS F 309 -3.68 -15.10 4.37
N LYS F 310 -4.53 -14.10 4.22
CA LYS F 310 -5.64 -14.16 3.27
C LYS F 310 -5.13 -14.39 1.85
N LYS F 311 -5.75 -15.35 1.15
CA LYS F 311 -5.23 -15.83 -0.11
C LYS F 311 -6.37 -16.41 -0.95
N GLU F 312 -6.22 -16.36 -2.27
CA GLU F 312 -7.19 -16.89 -3.21
C GLU F 312 -6.52 -17.86 -4.16
N VAL F 313 -7.14 -19.03 -4.36
CA VAL F 313 -6.57 -20.09 -5.19
C VAL F 313 -7.63 -20.60 -6.16
N THR F 314 -7.15 -21.15 -7.29
CA THR F 314 -8.01 -21.73 -8.31
C THR F 314 -7.46 -23.08 -8.74
N LEU F 315 -8.35 -24.04 -8.96
CA LEU F 315 -7.97 -25.42 -9.25
C LEU F 315 -8.84 -25.96 -10.38
N THR F 316 -8.32 -26.98 -11.07
CA THR F 316 -9.03 -27.63 -12.16
C THR F 316 -9.63 -28.95 -11.69
N VAL F 317 -10.82 -29.27 -12.20
CA VAL F 317 -11.58 -30.44 -11.80
C VAL F 317 -11.54 -31.44 -12.96
N PRO F 318 -10.83 -32.56 -12.82
CA PRO F 318 -10.84 -33.57 -13.89
C PRO F 318 -12.13 -34.37 -13.90
N THR F 319 -12.23 -35.31 -14.85
CA THR F 319 -13.45 -36.12 -14.97
C THR F 319 -13.68 -36.97 -13.73
N GLU F 320 -12.62 -37.57 -13.18
CA GLU F 320 -12.77 -38.50 -12.07
C GLU F 320 -13.03 -37.82 -10.73
N GLY F 321 -12.88 -36.51 -10.64
CA GLY F 321 -13.19 -35.79 -9.42
C GLY F 321 -11.95 -35.37 -8.65
N LEU F 322 -12.18 -34.51 -7.66
CA LEU F 322 -11.12 -33.88 -6.89
C LEU F 322 -11.51 -33.88 -5.42
N GLU F 323 -10.50 -33.99 -4.55
CA GLU F 323 -10.69 -33.99 -3.10
C GLU F 323 -9.80 -32.93 -2.48
N VAL F 324 -10.38 -32.12 -1.58
CA VAL F 324 -9.67 -31.03 -0.93
C VAL F 324 -9.84 -31.17 0.58
N THR F 325 -8.74 -30.97 1.32
CA THR F 325 -8.74 -31.02 2.78
C THR F 325 -8.21 -29.70 3.32
N TRP F 326 -8.94 -29.10 4.25
CA TRP F 326 -8.61 -27.78 4.77
C TRP F 326 -8.60 -27.86 6.29
N GLY F 327 -7.40 -27.76 6.88
CA GLY F 327 -7.28 -27.82 8.33
C GLY F 327 -7.68 -29.17 8.88
N ASN F 328 -8.35 -29.13 10.03
CA ASN F 328 -8.81 -30.33 10.72
C ASN F 328 -10.22 -30.74 10.34
N ASN F 329 -10.79 -30.17 9.28
CA ASN F 329 -12.16 -30.46 8.90
C ASN F 329 -12.21 -31.69 7.99
N GLU F 330 -13.43 -32.08 7.60
CA GLU F 330 -13.66 -33.22 6.72
C GLU F 330 -13.40 -32.84 5.27
N PRO F 331 -13.01 -33.80 4.43
CA PRO F 331 -12.71 -33.49 3.03
C PRO F 331 -13.97 -33.19 2.21
N TYR F 332 -13.74 -32.56 1.07
CA TYR F 332 -14.77 -32.18 0.11
C TYR F 332 -14.59 -32.97 -1.18
N LYS F 333 -15.69 -33.10 -1.94
CA LYS F 333 -15.68 -33.87 -3.18
C LYS F 333 -16.45 -33.13 -4.26
N TYR F 334 -15.89 -33.13 -5.48
CA TYR F 334 -16.50 -32.43 -6.62
C TYR F 334 -16.42 -33.30 -7.88
N TRP F 335 -17.48 -33.21 -8.69
CA TRP F 335 -17.57 -33.89 -9.98
C TRP F 335 -18.11 -32.94 -11.03
N PRO F 336 -17.67 -33.08 -12.28
CA PRO F 336 -18.11 -32.16 -13.34
C PRO F 336 -19.43 -32.57 -13.98
N GLN F 337 -20.04 -31.60 -14.67
CA GLN F 337 -21.33 -31.78 -15.31
C GLN F 337 -21.29 -31.19 -16.71
N MET F 338 -22.10 -31.74 -17.60
CA MET F 338 -22.12 -31.30 -19.00
C MET F 338 -22.82 -29.96 -19.14
N SER F 339 -22.22 -29.08 -19.95
CA SER F 339 -22.82 -27.79 -20.24
C SER F 339 -22.24 -27.27 -21.55
N THR F 340 -23.06 -26.50 -22.28
CA THR F 340 -22.64 -25.95 -23.55
C THR F 340 -23.52 -24.77 -23.92
N ASN F 341 -23.01 -23.93 -24.81
CA ASN F 341 -23.74 -22.77 -25.29
C ASN F 341 -24.28 -22.97 -26.71
N GLY F 342 -24.03 -24.12 -27.31
CA GLY F 342 -24.57 -24.44 -28.62
C GLY F 342 -25.87 -25.20 -28.50
N THR F 343 -26.26 -25.82 -29.61
CA THR F 343 -27.48 -26.61 -29.64
C THR F 343 -27.32 -27.72 -30.68
N ALA F 344 -27.96 -28.86 -30.41
CA ALA F 344 -27.89 -30.02 -31.28
C ALA F 344 -28.97 -30.03 -32.36
N HIS F 345 -29.86 -29.04 -32.39
CA HIS F 345 -30.85 -28.91 -33.45
C HIS F 345 -30.82 -27.49 -33.98
N GLY F 346 -30.98 -27.33 -35.29
CA GLY F 346 -30.89 -26.03 -35.91
C GLY F 346 -29.79 -25.98 -36.96
N HIS F 347 -29.14 -24.82 -37.05
CA HIS F 347 -28.24 -24.55 -38.15
C HIS F 347 -26.96 -25.37 -38.03
N PRO F 348 -26.33 -25.70 -39.17
CA PRO F 348 -25.12 -26.55 -39.12
C PRO F 348 -24.00 -25.99 -38.28
N HIS F 349 -23.78 -24.67 -38.30
CA HIS F 349 -22.64 -24.11 -37.57
C HIS F 349 -22.84 -24.14 -36.05
N GLU F 350 -24.08 -24.21 -35.58
CA GLU F 350 -24.31 -24.35 -34.15
C GLU F 350 -24.15 -25.79 -33.66
N ILE F 351 -24.35 -26.77 -34.54
CA ILE F 351 -24.14 -28.16 -34.17
C ILE F 351 -22.67 -28.42 -33.88
N ILE F 352 -21.77 -27.83 -34.67
CA ILE F 352 -20.34 -28.04 -34.47
C ILE F 352 -19.91 -27.50 -33.11
N LEU F 353 -20.41 -26.33 -32.72
CA LEU F 353 -20.03 -25.74 -31.45
C LEU F 353 -20.45 -26.61 -30.27
N TYR F 354 -21.63 -27.24 -30.36
CA TYR F 354 -22.12 -28.10 -29.29
C TYR F 354 -21.12 -29.22 -28.98
N TYR F 355 -20.71 -29.97 -29.99
CA TYR F 355 -19.85 -31.12 -29.77
C TYR F 355 -18.42 -30.70 -29.42
N TYR F 356 -17.95 -29.57 -29.97
CA TYR F 356 -16.57 -29.15 -29.74
C TYR F 356 -16.33 -28.84 -28.26
N GLU F 357 -17.30 -28.24 -27.58
CA GLU F 357 -17.15 -27.92 -26.18
C GLU F 357 -16.99 -29.16 -25.31
N LEU F 358 -17.46 -30.32 -25.77
CA LEU F 358 -17.40 -31.55 -24.99
C LEU F 358 -16.19 -32.41 -25.33
N TYR F 359 -15.85 -32.57 -26.60
CA TYR F 359 -14.77 -33.45 -27.04
C TYR F 359 -13.86 -32.69 -28.00
N PRO F 360 -13.02 -31.79 -27.49
CA PRO F 360 -12.24 -30.93 -28.40
C PRO F 360 -11.30 -31.67 -29.32
N THR F 361 -10.62 -32.71 -28.82
CA THR F 361 -9.59 -33.37 -29.62
C THR F 361 -10.21 -34.20 -30.74
N MET F 362 -11.23 -34.99 -30.42
CA MET F 362 -11.82 -35.87 -31.43
C MET F 362 -12.50 -35.08 -32.54
N THR F 363 -13.15 -33.96 -32.21
CA THR F 363 -13.89 -33.21 -33.20
C THR F 363 -12.98 -32.69 -34.31
N VAL F 364 -11.81 -32.17 -33.95
CA VAL F 364 -10.89 -31.63 -34.94
C VAL F 364 -10.36 -32.74 -35.86
N VAL F 365 -10.06 -33.90 -35.30
CA VAL F 365 -9.48 -34.98 -36.09
C VAL F 365 -10.46 -35.49 -37.13
N ILE F 366 -11.72 -35.73 -36.73
CA ILE F 366 -12.70 -36.30 -37.63
C ILE F 366 -12.99 -35.36 -38.79
N VAL F 367 -13.19 -34.07 -38.50
CA VAL F 367 -13.58 -33.12 -39.52
C VAL F 367 -12.46 -32.92 -40.53
N SER F 368 -11.22 -32.80 -40.07
CA SER F 368 -10.11 -32.52 -40.98
C SER F 368 -9.90 -33.68 -41.96
N VAL F 369 -9.93 -34.91 -41.46
CA VAL F 369 -9.75 -36.07 -42.32
C VAL F 369 -10.93 -36.21 -43.28
N ALA F 370 -12.15 -36.03 -42.77
CA ALA F 370 -13.34 -36.21 -43.61
C ALA F 370 -13.38 -35.21 -44.75
N SER F 371 -13.00 -33.95 -44.49
CA SER F 371 -12.99 -32.96 -45.55
C SER F 371 -11.99 -33.32 -46.65
N PHE F 372 -10.80 -33.78 -46.25
CA PHE F 372 -9.76 -34.10 -47.23
C PHE F 372 -10.16 -35.22 -48.18
N VAL F 373 -10.76 -36.30 -47.65
CA VAL F 373 -11.14 -37.42 -48.50
C VAL F 373 -12.21 -37.00 -49.51
N LEU F 374 -13.20 -36.23 -49.06
CA LEU F 374 -14.28 -35.81 -49.96
C LEU F 374 -13.74 -34.94 -51.10
N LEU F 375 -12.77 -34.07 -50.81
CA LEU F 375 -12.22 -33.22 -51.86
C LEU F 375 -11.50 -34.05 -52.92
N SER F 376 -10.86 -35.14 -52.52
CA SER F 376 -10.19 -36.00 -53.49
C SER F 376 -11.18 -36.65 -54.44
N MET F 377 -12.31 -37.11 -53.92
CA MET F 377 -13.28 -37.84 -54.74
C MET F 377 -13.91 -36.94 -55.80
N VAL F 378 -14.08 -35.64 -55.51
CA VAL F 378 -14.58 -34.74 -56.54
C VAL F 378 -13.52 -34.55 -57.63
N GLY F 379 -12.24 -34.65 -57.26
CA GLY F 379 -11.18 -34.54 -58.25
C GLY F 379 -11.21 -35.68 -59.25
N THR F 380 -11.46 -36.90 -58.78
CA THR F 380 -11.41 -38.07 -59.65
C THR F 380 -12.56 -38.07 -60.65
N ALA F 381 -13.68 -37.41 -60.33
CA ALA F 381 -14.76 -37.27 -61.30
C ALA F 381 -14.35 -36.37 -62.45
N VAL F 382 -13.63 -35.28 -62.15
CA VAL F 382 -13.21 -34.35 -63.20
C VAL F 382 -12.21 -35.00 -64.14
N GLY F 383 -11.28 -35.78 -63.60
CA GLY F 383 -10.24 -36.37 -64.43
C GLY F 383 -10.78 -37.32 -65.48
N MET F 384 -11.77 -38.14 -65.12
CA MET F 384 -12.31 -39.10 -66.07
C MET F 384 -13.04 -38.41 -67.21
N CYS F 385 -13.65 -37.25 -66.96
CA CYS F 385 -14.35 -36.54 -68.02
C CYS F 385 -13.39 -36.05 -69.09
N VAL F 386 -12.21 -35.58 -68.70
CA VAL F 386 -11.23 -35.10 -69.66
C VAL F 386 -10.69 -36.26 -70.50
N CYS F 387 -10.45 -37.41 -69.87
CA CYS F 387 -9.95 -38.57 -70.61
C CYS F 387 -10.96 -39.05 -71.66
N ALA F 388 -12.25 -39.00 -71.33
CA ALA F 388 -13.28 -39.40 -72.29
C ALA F 388 -13.33 -38.47 -73.49
N ARG F 389 -13.05 -37.18 -73.30
CA ARG F 389 -13.10 -36.23 -74.40
C ARG F 389 -12.01 -36.50 -75.43
N ARG F 390 -10.82 -36.91 -74.98
CA ARG F 390 -9.70 -37.07 -75.90
C ARG F 390 -9.94 -38.17 -76.91
N ARG F 391 -10.35 -39.36 -76.46
CA ARG F 391 -10.53 -40.46 -77.40
C ARG F 391 -11.73 -40.25 -78.30
N CYS F 392 -12.71 -39.46 -77.85
CA CYS F 392 -13.87 -39.18 -78.68
C CYS F 392 -13.51 -38.33 -79.90
N ILE F 393 -12.62 -37.36 -79.72
CA ILE F 393 -12.34 -36.38 -80.77
C ILE F 393 -11.18 -36.80 -81.66
N THR F 394 -10.16 -37.42 -81.08
CA THR F 394 -8.88 -37.64 -81.77
C THR F 394 -8.99 -38.27 -83.16
N PRO F 395 -9.78 -39.33 -83.38
CA PRO F 395 -9.87 -39.88 -84.74
C PRO F 395 -10.39 -38.91 -85.78
N TYR F 396 -11.11 -37.85 -85.39
CA TYR F 396 -11.53 -36.85 -86.36
C TYR F 396 -10.38 -35.96 -86.81
N GLU F 397 -9.39 -35.73 -85.94
CA GLU F 397 -8.26 -34.88 -86.31
C GLU F 397 -7.25 -35.59 -87.20
N LEU F 398 -7.24 -36.92 -87.21
CA LEU F 398 -6.25 -37.63 -88.02
C LEU F 398 -6.67 -37.72 -89.48
N THR F 399 -7.96 -37.74 -89.76
CA THR F 399 -8.42 -37.91 -91.14
C THR F 399 -8.23 -36.62 -91.93
N PRO F 400 -7.58 -36.68 -93.10
CA PRO F 400 -7.47 -35.48 -93.94
C PRO F 400 -8.82 -35.10 -94.53
N GLY F 401 -9.22 -33.85 -94.33
CA GLY F 401 -10.45 -33.34 -94.88
C GLY F 401 -11.71 -33.63 -94.07
N ALA F 402 -11.58 -34.22 -92.88
CA ALA F 402 -12.74 -34.59 -92.09
C ALA F 402 -13.31 -33.37 -91.36
N THR F 403 -14.59 -33.46 -91.02
CA THR F 403 -15.31 -32.39 -90.33
C THR F 403 -16.07 -32.95 -89.13
N VAL F 404 -16.27 -32.08 -88.15
CA VAL F 404 -16.94 -32.46 -86.90
C VAL F 404 -18.42 -32.14 -87.01
N PRO F 405 -19.32 -33.09 -86.74
CA PRO F 405 -20.76 -32.78 -86.78
C PRO F 405 -21.14 -31.82 -85.66
N PHE F 406 -22.20 -31.04 -85.91
CA PHE F 406 -22.53 -29.94 -84.99
C PHE F 406 -22.88 -30.46 -83.60
N LEU F 407 -23.65 -31.55 -83.53
CA LEU F 407 -24.10 -32.05 -82.24
C LEU F 407 -22.91 -32.39 -81.36
N LEU F 408 -21.88 -33.01 -81.95
CA LEU F 408 -20.67 -33.29 -81.21
C LEU F 408 -19.89 -32.01 -80.94
N SER F 409 -20.02 -31.03 -81.83
CA SER F 409 -19.32 -29.75 -81.66
C SER F 409 -19.85 -28.94 -80.48
N LEU F 410 -21.13 -29.06 -80.16
CA LEU F 410 -21.74 -28.19 -79.17
C LEU F 410 -21.95 -28.83 -77.80
N LEU F 411 -22.45 -30.07 -77.74
CA LEU F 411 -23.01 -30.61 -76.51
C LEU F 411 -22.14 -31.71 -75.91
N CYS F 412 -21.83 -32.75 -76.66
CA CYS F 412 -21.09 -33.89 -76.13
C CYS F 412 -19.75 -33.99 -76.85
N CYS F 413 -18.71 -34.34 -76.09
CA CYS F 413 -17.32 -34.30 -76.57
C CYS F 413 -16.98 -32.90 -77.06
N VAL F 414 -17.35 -31.89 -76.28
CA VAL F 414 -17.11 -30.50 -76.63
C VAL F 414 -15.62 -30.20 -76.77
N ASN G 1 -22.42 8.70 37.94
CA ASN G 1 -22.65 8.26 39.30
C ASN G 1 -22.78 6.74 39.36
N PHE G 2 -22.64 6.19 40.57
CA PHE G 2 -22.74 4.75 40.79
C PHE G 2 -24.15 4.30 41.19
N ASN G 3 -25.14 5.20 41.13
CA ASN G 3 -26.50 4.87 41.53
C ASN G 3 -27.11 3.77 40.67
N VAL G 4 -26.62 3.56 39.45
CA VAL G 4 -27.20 2.54 38.58
C VAL G 4 -26.92 1.12 39.03
N TYR G 5 -26.01 0.92 39.98
CA TYR G 5 -25.60 -0.41 40.42
C TYR G 5 -26.30 -0.88 41.70
N LYS G 6 -27.34 -0.17 42.15
CA LYS G 6 -27.86 -0.41 43.50
C LYS G 6 -28.46 -1.81 43.66
N ALA G 7 -29.12 -2.34 42.63
CA ALA G 7 -29.85 -3.59 42.77
C ALA G 7 -29.18 -4.78 42.09
N THR G 8 -27.94 -4.66 41.63
CA THR G 8 -27.30 -5.70 40.84
C THR G 8 -26.43 -6.61 41.71
N ARG G 9 -26.00 -7.73 41.11
CA ARG G 9 -25.17 -8.72 41.77
C ARG G 9 -24.25 -9.40 40.76
N PRO G 10 -23.10 -9.91 41.19
CA PRO G 10 -22.19 -10.63 40.30
C PRO G 10 -22.65 -12.08 40.08
N TYR G 11 -21.87 -12.81 39.28
CA TYR G 11 -22.22 -14.18 38.91
C TYR G 11 -20.97 -14.96 38.55
N LEU G 12 -21.15 -16.28 38.38
CA LEU G 12 -20.10 -17.23 38.01
C LEU G 12 -20.30 -17.71 36.58
N ALA G 13 -19.21 -18.15 35.94
CA ALA G 13 -19.26 -18.53 34.53
C ALA G 13 -18.11 -19.47 34.20
N HIS G 14 -18.17 -20.04 33.00
CA HIS G 14 -17.22 -21.04 32.53
C HIS G 14 -15.97 -20.41 31.94
N CYS G 15 -14.80 -20.99 32.24
CA CYS G 15 -13.53 -20.54 31.71
C CYS G 15 -12.77 -21.72 31.10
N PRO G 16 -12.16 -21.54 29.93
CA PRO G 16 -11.57 -22.68 29.23
C PRO G 16 -10.20 -23.12 29.73
N ASP G 17 -9.50 -22.31 30.51
CA ASP G 17 -8.16 -22.69 30.99
C ASP G 17 -7.89 -21.98 32.31
N CYS G 18 -7.87 -22.73 33.40
CA CYS G 18 -7.78 -22.18 34.75
C CYS G 18 -6.37 -22.25 35.32
N GLY G 19 -5.35 -22.37 34.47
CA GLY G 19 -3.96 -22.28 34.88
C GLY G 19 -3.18 -23.59 34.76
N GLU G 20 -3.85 -24.72 34.92
CA GLU G 20 -3.19 -26.03 34.88
C GLU G 20 -3.43 -26.79 33.59
N GLY G 21 -4.15 -26.21 32.63
CA GLY G 21 -4.54 -26.94 31.44
C GLY G 21 -5.88 -27.63 31.53
N HIS G 22 -6.73 -27.25 32.48
CA HIS G 22 -8.04 -27.84 32.66
C HIS G 22 -9.06 -26.73 32.84
N SER G 23 -10.31 -27.03 32.48
CA SER G 23 -11.38 -26.06 32.62
C SER G 23 -11.96 -26.11 34.03
N CYS G 24 -12.59 -25.00 34.43
CA CYS G 24 -13.16 -24.87 35.75
C CYS G 24 -14.15 -23.71 35.76
N HIS G 25 -14.94 -23.64 36.83
CA HIS G 25 -15.89 -22.55 37.04
C HIS G 25 -15.24 -21.49 37.92
N SER G 26 -15.20 -20.25 37.44
CA SER G 26 -14.40 -19.23 38.08
C SER G 26 -15.24 -18.02 38.43
N PRO G 27 -14.92 -17.34 39.54
CA PRO G 27 -15.57 -16.07 39.84
C PRO G 27 -15.12 -14.91 38.96
N ILE G 28 -14.12 -15.11 38.10
CA ILE G 28 -13.69 -14.11 37.14
C ILE G 28 -13.67 -14.75 35.76
N ALA G 29 -14.22 -14.05 34.77
CA ALA G 29 -14.35 -14.58 33.42
C ALA G 29 -14.36 -13.43 32.42
N LEU G 30 -14.10 -13.76 31.16
CA LEU G 30 -13.90 -12.76 30.12
C LEU G 30 -15.10 -12.68 29.18
N GLU G 31 -15.42 -11.45 28.78
CA GLU G 31 -16.37 -11.08 27.73
C GLU G 31 -15.59 -10.53 26.54
N ARG G 32 -16.27 -9.86 25.63
CA ARG G 32 -15.62 -9.38 24.42
C ARG G 32 -14.49 -8.41 24.75
N ILE G 33 -13.47 -8.40 23.89
CA ILE G 33 -12.39 -7.43 23.94
C ILE G 33 -12.49 -6.55 22.71
N ARG G 34 -12.42 -5.24 22.90
CA ARG G 34 -12.52 -4.27 21.82
C ARG G 34 -11.20 -3.54 21.62
N ASN G 35 -10.82 -3.36 20.36
CA ASN G 35 -9.54 -2.75 20.02
C ASN G 35 -9.72 -1.73 18.89
N GLU G 36 -10.73 -0.87 19.03
CA GLU G 36 -11.11 0.04 17.96
C GLU G 36 -10.19 1.26 17.86
N ALA G 37 -9.57 1.67 18.97
CA ALA G 37 -8.77 2.89 18.96
C ALA G 37 -7.49 2.68 18.15
N THR G 38 -7.03 3.77 17.52
CA THR G 38 -5.85 3.69 16.67
C THR G 38 -4.54 3.78 17.44
N ASP G 39 -4.55 4.32 18.67
CA ASP G 39 -3.33 4.42 19.46
C ASP G 39 -3.01 3.15 20.23
N GLY G 40 -3.89 2.14 20.20
CA GLY G 40 -3.59 0.86 20.82
C GLY G 40 -3.98 0.69 22.26
N THR G 41 -5.16 1.18 22.65
CA THR G 41 -5.71 0.92 23.97
C THR G 41 -6.82 -0.12 23.87
N LEU G 42 -7.06 -0.79 24.99
CA LEU G 42 -8.03 -1.88 25.04
C LEU G 42 -9.08 -1.64 26.12
N LYS G 43 -10.29 -2.14 25.87
CA LYS G 43 -11.38 -2.13 26.84
C LYS G 43 -11.85 -3.56 27.07
N ILE G 44 -11.89 -3.98 28.34
CA ILE G 44 -12.14 -5.36 28.72
C ILE G 44 -13.33 -5.41 29.66
N GLN G 45 -14.16 -6.45 29.51
CA GLN G 45 -15.32 -6.69 30.36
C GLN G 45 -15.14 -7.98 31.13
N VAL G 46 -15.40 -7.94 32.44
CA VAL G 46 -15.30 -9.09 33.33
C VAL G 46 -16.60 -9.23 34.10
N SER G 47 -16.67 -10.27 34.94
CA SER G 47 -17.90 -10.61 35.65
C SER G 47 -17.99 -10.02 37.05
N LEU G 48 -16.92 -9.48 37.60
CA LEU G 48 -16.96 -8.89 38.93
C LEU G 48 -17.12 -7.38 38.85
N GLN G 49 -17.40 -6.77 40.00
CA GLN G 49 -17.68 -5.34 40.10
C GLN G 49 -16.64 -4.67 40.96
N ILE G 50 -16.07 -3.57 40.45
CA ILE G 50 -14.98 -2.85 41.10
C ILE G 50 -15.49 -1.51 41.59
N GLY G 51 -15.20 -1.18 42.84
CA GLY G 51 -15.50 0.12 43.39
C GLY G 51 -16.73 0.20 44.27
N ILE G 52 -17.46 -0.90 44.45
CA ILE G 52 -18.72 -0.90 45.19
C ILE G 52 -18.65 -1.97 46.27
N LYS G 53 -19.06 -1.61 47.48
CA LYS G 53 -19.09 -2.55 48.59
C LYS G 53 -20.42 -3.30 48.61
N THR G 54 -20.49 -4.31 49.48
CA THR G 54 -21.70 -5.12 49.58
C THR G 54 -22.87 -4.39 50.22
N ASP G 55 -22.64 -3.21 50.80
CA ASP G 55 -23.71 -2.42 51.40
C ASP G 55 -24.13 -1.25 50.51
N ASP G 56 -23.70 -1.25 49.24
CA ASP G 56 -24.07 -0.22 48.26
C ASP G 56 -23.57 1.15 48.66
N SER G 57 -22.30 1.22 49.05
CA SER G 57 -21.60 2.48 49.26
C SER G 57 -20.44 2.57 48.27
N HIS G 58 -19.89 3.77 48.13
CA HIS G 58 -18.77 4.01 47.22
C HIS G 58 -17.47 4.04 48.01
N ASP G 59 -16.52 3.21 47.62
CA ASP G 59 -15.21 3.15 48.27
C ASP G 59 -14.21 2.65 47.23
N TRP G 60 -13.29 3.52 46.84
CA TRP G 60 -12.44 3.27 45.67
C TRP G 60 -11.31 2.28 45.94
N THR G 61 -11.20 1.74 47.14
CA THR G 61 -10.16 0.75 47.45
C THR G 61 -10.67 -0.67 47.52
N LYS G 62 -11.94 -0.92 47.23
CA LYS G 62 -12.55 -2.22 47.46
C LYS G 62 -13.24 -2.73 46.19
N LEU G 63 -13.39 -4.06 46.13
CA LEU G 63 -14.20 -4.71 45.11
C LEU G 63 -15.04 -5.80 45.78
N ARG G 64 -16.14 -6.16 45.12
CA ARG G 64 -17.01 -7.23 45.59
C ARG G 64 -17.16 -8.30 44.51
N TYR G 65 -17.22 -9.56 44.95
CA TYR G 65 -17.27 -10.70 44.04
C TYR G 65 -18.25 -11.72 44.59
N MET G 66 -18.58 -12.71 43.76
CA MET G 66 -19.60 -13.69 44.08
C MET G 66 -18.97 -14.95 44.66
N ASP G 67 -19.37 -15.30 45.88
CA ASP G 67 -19.04 -16.57 46.50
C ASP G 67 -20.24 -17.49 46.34
N SER G 68 -20.20 -18.65 47.00
CA SER G 68 -21.33 -19.58 46.95
C SER G 68 -22.52 -18.97 47.67
N HIS G 69 -23.52 -18.55 46.89
CA HIS G 69 -24.81 -18.03 47.36
C HIS G 69 -24.74 -16.71 48.10
N THR G 70 -23.58 -16.02 48.09
CA THR G 70 -23.47 -14.75 48.81
C THR G 70 -22.23 -13.96 48.40
N PRO G 71 -22.34 -12.65 48.21
CA PRO G 71 -21.16 -11.84 47.85
C PRO G 71 -20.32 -11.47 49.06
N ALA G 72 -19.10 -11.01 48.78
CA ALA G 72 -18.14 -10.66 49.80
C ALA G 72 -17.16 -9.63 49.24
N ASP G 73 -16.36 -9.03 50.12
CA ASP G 73 -15.46 -7.94 49.77
C ASP G 73 -14.01 -8.41 49.69
N ALA G 74 -13.21 -7.69 48.90
CA ALA G 74 -11.80 -8.00 48.70
C ALA G 74 -11.06 -6.74 48.27
N GLU G 75 -9.73 -6.81 48.33
CA GLU G 75 -8.87 -5.65 48.10
C GLU G 75 -8.58 -5.44 46.63
N ARG G 76 -8.41 -4.15 46.25
CA ARG G 76 -8.14 -3.79 44.87
C ARG G 76 -6.68 -3.98 44.48
N ALA G 77 -5.75 -3.94 45.44
CA ALA G 77 -4.33 -3.98 45.12
C ALA G 77 -3.91 -5.28 44.46
N GLY G 78 -4.73 -6.32 44.52
CA GLY G 78 -4.39 -7.62 43.96
C GLY G 78 -4.76 -7.83 42.51
N LEU G 79 -5.31 -6.83 41.83
CA LEU G 79 -5.73 -6.98 40.45
C LEU G 79 -4.54 -6.83 39.51
N LEU G 80 -4.41 -7.75 38.55
CA LEU G 80 -3.31 -7.72 37.60
C LEU G 80 -3.81 -8.12 36.22
N VAL G 81 -3.15 -7.57 35.20
CA VAL G 81 -3.42 -7.89 33.79
C VAL G 81 -2.08 -8.04 33.09
N ARG G 82 -1.96 -9.04 32.22
CA ARG G 82 -0.72 -9.22 31.48
C ARG G 82 -0.97 -9.99 30.19
N THR G 83 -0.20 -9.65 29.16
CA THR G 83 -0.17 -10.35 27.87
C THR G 83 1.31 -10.49 27.51
N SER G 84 1.91 -11.61 27.89
CA SER G 84 3.36 -11.78 27.92
C SER G 84 3.95 -10.88 29.00
N ALA G 85 4.48 -9.72 28.60
CA ALA G 85 4.95 -8.75 29.56
C ALA G 85 3.77 -8.14 30.32
N PRO G 86 4.01 -7.64 31.54
CA PRO G 86 2.91 -7.06 32.32
C PRO G 86 2.30 -5.82 31.67
N CYS G 87 1.03 -5.61 31.96
CA CYS G 87 0.25 -4.48 31.46
C CYS G 87 0.30 -3.30 32.44
N THR G 88 -0.17 -2.15 31.97
CA THR G 88 -0.33 -0.95 32.79
C THR G 88 -1.81 -0.57 32.81
N ILE G 89 -2.38 -0.45 34.00
CA ILE G 89 -3.80 -0.16 34.17
C ILE G 89 -3.99 1.35 34.30
N THR G 90 -4.94 1.89 33.53
CA THR G 90 -5.18 3.33 33.47
C THR G 90 -6.48 3.77 34.11
N GLY G 91 -7.50 2.91 34.17
CA GLY G 91 -8.76 3.29 34.77
C GLY G 91 -9.78 2.17 34.84
N THR G 92 -10.58 2.15 35.91
CA THR G 92 -11.50 1.06 36.17
C THR G 92 -12.85 1.61 36.64
N MET G 93 -13.92 0.94 36.24
CA MET G 93 -15.26 1.26 36.72
C MET G 93 -16.20 0.10 36.41
N GLY G 94 -16.87 -0.40 37.43
CA GLY G 94 -17.88 -1.44 37.22
C GLY G 94 -17.27 -2.70 36.65
N HIS G 95 -17.75 -3.09 35.47
CA HIS G 95 -17.30 -4.29 34.79
C HIS G 95 -16.15 -4.05 33.82
N PHE G 96 -15.64 -2.82 33.73
CA PHE G 96 -14.81 -2.42 32.60
C PHE G 96 -13.45 -1.91 33.07
N ILE G 97 -12.41 -2.25 32.29
CA ILE G 97 -11.03 -1.92 32.59
C ILE G 97 -10.36 -1.38 31.33
N LEU G 98 -9.48 -0.38 31.50
CA LEU G 98 -8.64 0.13 30.44
C LEU G 98 -7.18 -0.22 30.72
N ALA G 99 -6.43 -0.55 29.68
CA ALA G 99 -5.03 -0.95 29.87
C ALA G 99 -4.26 -0.77 28.56
N ARG G 100 -2.93 -0.76 28.71
CA ARG G 100 -1.98 -0.74 27.59
C ARG G 100 -0.94 -1.84 27.82
N CYS G 101 -0.58 -2.55 26.76
CA CYS G 101 0.29 -3.72 26.89
C CYS G 101 1.03 -3.95 25.58
N PRO G 102 2.16 -4.68 25.61
CA PRO G 102 2.93 -4.96 24.39
C PRO G 102 2.30 -6.05 23.52
N LYS G 103 3.04 -6.45 22.49
CA LYS G 103 2.56 -7.46 21.56
C LYS G 103 2.54 -8.83 22.21
N GLY G 104 1.67 -9.71 21.70
CA GLY G 104 1.51 -11.02 22.28
C GLY G 104 0.41 -11.79 21.58
N GLU G 105 0.16 -13.01 22.08
CA GLU G 105 -0.88 -13.87 21.54
C GLU G 105 -1.86 -14.39 22.58
N THR G 106 -1.77 -13.97 23.85
CA THR G 106 -2.68 -14.43 24.88
C THR G 106 -3.03 -13.26 25.80
N LEU G 107 -4.07 -13.43 26.61
CA LEU G 107 -4.46 -12.44 27.61
C LEU G 107 -4.88 -13.14 28.89
N THR G 108 -4.41 -12.62 30.03
CA THR G 108 -4.67 -13.23 31.33
C THR G 108 -5.07 -12.17 32.35
N VAL G 109 -6.03 -12.51 33.20
CA VAL G 109 -6.47 -11.66 34.30
C VAL G 109 -6.56 -12.50 35.58
N GLY G 110 -6.50 -11.81 36.72
CA GLY G 110 -6.60 -12.51 37.99
C GLY G 110 -6.68 -11.56 39.17
N PHE G 111 -6.95 -12.15 40.34
CA PHE G 111 -7.06 -11.39 41.59
C PHE G 111 -6.92 -12.36 42.77
N THR G 112 -6.92 -11.80 43.97
CA THR G 112 -6.67 -12.54 45.20
C THR G 112 -7.92 -12.56 46.07
N ASP G 113 -8.28 -13.74 46.57
CA ASP G 113 -9.50 -13.96 47.34
C ASP G 113 -9.27 -13.45 48.77
N SER G 114 -10.31 -13.54 49.60
CA SER G 114 -10.23 -13.15 51.00
C SER G 114 -9.69 -14.24 51.92
N ARG G 115 -9.43 -15.44 51.40
CA ARG G 115 -8.76 -16.49 52.16
C ARG G 115 -7.36 -16.78 51.64
N LYS G 116 -6.76 -15.81 50.92
CA LYS G 116 -5.42 -15.94 50.36
C LYS G 116 -5.35 -17.08 49.33
N ILE G 117 -6.27 -17.05 48.38
CA ILE G 117 -6.30 -17.99 47.26
C ILE G 117 -6.38 -17.19 45.96
N SER G 118 -5.59 -17.59 44.97
CA SER G 118 -5.51 -16.88 43.70
C SER G 118 -6.38 -17.55 42.63
N HIS G 119 -6.78 -16.76 41.64
CA HIS G 119 -7.62 -17.22 40.54
C HIS G 119 -7.17 -16.57 39.24
N THR G 120 -7.17 -17.34 38.15
CA THR G 120 -6.77 -16.84 36.84
C THR G 120 -7.63 -17.46 35.75
N CYS G 121 -7.66 -16.80 34.59
CA CYS G 121 -8.34 -17.30 33.40
C CYS G 121 -7.66 -16.73 32.16
N THR G 122 -7.53 -17.55 31.12
CA THR G 122 -6.76 -17.21 29.92
C THR G 122 -7.56 -17.42 28.65
N HIS G 123 -7.46 -16.48 27.73
CA HIS G 123 -8.09 -16.52 26.41
C HIS G 123 -7.09 -16.15 25.33
N PRO G 124 -7.21 -16.74 24.15
CA PRO G 124 -6.34 -16.36 23.03
C PRO G 124 -6.74 -15.03 22.40
N PHE G 125 -5.76 -14.39 21.76
CA PHE G 125 -5.93 -13.06 21.20
C PHE G 125 -4.78 -12.79 20.25
N HIS G 126 -4.94 -11.78 19.41
CA HIS G 126 -3.89 -11.35 18.48
C HIS G 126 -3.76 -9.83 18.59
N HIS G 127 -2.62 -9.36 19.08
CA HIS G 127 -2.40 -7.94 19.34
C HIS G 127 -1.28 -7.43 18.45
N GLU G 128 -1.59 -6.42 17.65
CA GLU G 128 -0.61 -5.75 16.79
C GLU G 128 -1.09 -4.34 16.48
N PRO G 129 -0.54 -3.33 17.16
CA PRO G 129 -1.03 -1.96 16.94
C PRO G 129 -0.75 -1.51 15.51
N PRO G 130 -1.59 -0.64 14.98
CA PRO G 130 -1.40 -0.17 13.60
C PRO G 130 -0.25 0.82 13.50
N VAL G 131 0.11 1.14 12.25
CA VAL G 131 1.24 1.99 11.94
C VAL G 131 0.72 3.34 11.47
N ILE G 132 1.27 4.41 12.04
CA ILE G 132 0.89 5.79 11.71
C ILE G 132 2.09 6.46 11.07
N GLY G 133 1.93 6.96 9.86
CA GLY G 133 3.00 7.63 9.15
C GLY G 133 3.78 6.69 8.26
N ARG G 134 4.96 7.15 7.86
CA ARG G 134 5.82 6.43 6.93
C ARG G 134 7.05 5.82 7.59
N GLU G 135 7.09 5.77 8.92
CA GLU G 135 8.18 5.13 9.64
C GLU G 135 7.63 4.34 10.82
N ARG G 136 8.34 3.28 11.18
CA ARG G 136 7.99 2.43 12.31
C ARG G 136 8.90 2.76 13.48
N PHE G 137 8.31 3.00 14.65
CA PHE G 137 9.07 3.42 15.82
C PHE G 137 8.56 2.69 17.04
N HIS G 138 9.37 2.69 18.09
CA HIS G 138 9.10 1.92 19.30
C HIS G 138 8.78 2.75 20.53
N SER G 139 9.06 4.05 20.52
CA SER G 139 8.78 4.90 21.67
C SER G 139 8.52 6.33 21.18
N ARG G 140 8.22 7.21 22.12
CA ARG G 140 7.80 8.57 21.81
C ARG G 140 9.01 9.50 21.78
N PRO G 141 9.27 10.20 20.69
CA PRO G 141 10.50 10.98 20.58
C PRO G 141 10.35 12.36 21.22
N GLN G 142 11.47 13.08 21.25
CA GLN G 142 11.52 14.43 21.79
C GLN G 142 11.38 15.51 20.74
N HIS G 143 11.91 15.28 19.53
CA HIS G 143 11.87 16.23 18.43
C HIS G 143 11.17 15.57 17.25
N GLY G 144 10.06 16.15 16.81
CA GLY G 144 9.28 15.50 15.78
C GLY G 144 8.13 16.31 15.24
N LYS G 145 7.16 15.59 14.67
CA LYS G 145 6.03 16.16 13.95
C LYS G 145 4.74 15.61 14.56
N GLU G 146 3.62 16.24 14.24
CA GLU G 146 2.33 15.91 14.84
C GLU G 146 1.34 15.44 13.79
N LEU G 147 0.60 14.36 14.09
CA LEU G 147 -0.37 13.77 13.18
C LEU G 147 -1.62 13.31 13.92
N PRO G 148 -2.77 13.24 13.22
CA PRO G 148 -4.04 12.90 13.89
C PRO G 148 -4.17 11.43 14.27
N CYS G 149 -4.99 11.17 15.29
CA CYS G 149 -5.27 9.84 15.82
C CYS G 149 -6.49 9.93 16.73
N SER G 150 -6.93 8.77 17.23
CA SER G 150 -8.10 8.68 18.10
C SER G 150 -7.76 7.88 19.34
N THR G 151 -8.55 8.05 20.41
CA THR G 151 -8.23 7.45 21.70
C THR G 151 -9.50 7.33 22.53
N TYR G 152 -9.34 6.82 23.75
CA TYR G 152 -10.41 6.70 24.73
C TYR G 152 -10.28 7.78 25.80
N VAL G 153 -11.41 8.30 26.25
CA VAL G 153 -11.46 9.39 27.23
C VAL G 153 -11.85 8.82 28.58
N GLN G 154 -11.14 9.23 29.64
CA GLN G 154 -11.40 8.77 31.00
C GLN G 154 -12.51 9.61 31.62
N SER G 155 -13.75 9.30 31.22
CA SER G 155 -14.92 10.00 31.72
C SER G 155 -16.00 8.99 32.11
N THR G 156 -16.67 9.25 33.23
CA THR G 156 -17.74 8.40 33.74
C THR G 156 -19.12 8.96 33.46
N ALA G 157 -19.25 9.96 32.60
CA ALA G 157 -20.53 10.57 32.32
C ALA G 157 -21.42 9.63 31.50
N ALA G 158 -22.71 9.92 31.51
CA ALA G 158 -23.68 9.07 30.82
C ALA G 158 -23.51 9.16 29.31
N THR G 159 -23.66 8.02 28.63
CA THR G 159 -23.52 7.96 27.19
C THR G 159 -24.69 7.21 26.55
N ALA G 160 -24.60 6.97 25.24
CA ALA G 160 -25.71 6.43 24.46
C ALA G 160 -25.69 4.91 24.35
N GLU G 161 -24.66 4.24 24.85
CA GLU G 161 -24.53 2.80 24.76
C GLU G 161 -24.99 2.15 26.05
N GLU G 162 -25.87 1.15 25.94
CA GLU G 162 -26.54 0.59 27.11
C GLU G 162 -26.54 -0.93 27.02
N ILE G 163 -26.61 -1.58 28.19
CA ILE G 163 -26.82 -3.01 28.33
C ILE G 163 -27.94 -3.23 29.33
N GLU G 164 -28.53 -4.41 29.29
CA GLU G 164 -29.77 -4.71 30.00
C GLU G 164 -29.52 -5.69 31.15
N VAL G 165 -30.47 -5.72 32.08
CA VAL G 165 -30.44 -6.62 33.23
C VAL G 165 -31.76 -7.38 33.30
N HIS G 166 -31.71 -8.57 33.89
CA HIS G 166 -32.84 -9.48 33.95
C HIS G 166 -32.84 -10.17 35.31
N MET G 167 -33.85 -11.03 35.53
CA MET G 167 -33.96 -11.83 36.74
C MET G 167 -33.23 -13.16 36.59
N PRO G 168 -32.47 -13.59 37.61
CA PRO G 168 -31.64 -14.78 37.47
C PRO G 168 -32.47 -16.05 37.53
N PRO G 169 -31.96 -17.16 36.96
CA PRO G 169 -32.67 -18.44 37.06
C PRO G 169 -32.35 -19.21 38.33
N ASP G 170 -32.88 -20.42 38.43
CA ASP G 170 -32.67 -21.25 39.61
C ASP G 170 -31.27 -21.87 39.63
N THR G 171 -30.74 -22.07 40.82
CA THR G 171 -29.40 -22.60 41.02
C THR G 171 -29.46 -23.94 41.75
N PRO G 172 -29.00 -25.03 41.16
CA PRO G 172 -28.98 -26.32 41.86
C PRO G 172 -27.80 -26.44 42.81
N ASP G 173 -27.96 -27.33 43.79
CA ASP G 173 -26.88 -27.61 44.74
C ASP G 173 -27.13 -28.98 45.35
N ARG G 174 -26.27 -29.95 45.04
CA ARG G 174 -26.45 -31.32 45.53
C ARG G 174 -26.21 -31.41 47.03
N THR G 175 -25.41 -30.49 47.60
CA THR G 175 -24.97 -30.61 48.99
C THR G 175 -26.15 -30.62 49.96
N LEU G 176 -27.28 -30.03 49.57
CA LEU G 176 -28.41 -29.88 50.50
C LEU G 176 -28.89 -31.22 51.03
N MET G 177 -29.01 -32.21 50.15
CA MET G 177 -29.51 -33.52 50.56
C MET G 177 -28.44 -34.33 51.27
N THR G 178 -28.87 -35.08 52.29
CA THR G 178 -27.99 -36.01 53.00
C THR G 178 -28.72 -37.31 53.23
N GLN G 179 -27.97 -38.41 53.23
CA GLN G 179 -28.50 -39.76 53.34
C GLN G 179 -28.19 -40.31 54.73
N GLN G 180 -29.24 -40.59 55.51
CA GLN G 180 -29.08 -41.09 56.88
C GLN G 180 -29.89 -42.36 57.06
N SER G 181 -29.31 -43.49 56.64
CA SER G 181 -29.78 -44.83 56.99
C SER G 181 -31.27 -45.02 56.67
N GLY G 182 -31.57 -45.00 55.38
CA GLY G 182 -32.89 -45.33 54.89
C GLY G 182 -33.76 -44.15 54.52
N ASN G 183 -33.37 -42.93 54.87
CA ASN G 183 -34.18 -41.76 54.53
C ASN G 183 -33.27 -40.59 54.17
N VAL G 184 -33.84 -39.63 53.45
CA VAL G 184 -33.11 -38.48 52.92
C VAL G 184 -33.63 -37.22 53.57
N LYS G 185 -32.72 -36.36 54.02
CA LYS G 185 -33.04 -35.16 54.78
C LYS G 185 -32.67 -33.92 53.97
N ILE G 186 -33.41 -32.83 54.17
CA ILE G 186 -33.20 -31.58 53.45
C ILE G 186 -32.89 -30.48 54.47
N THR G 187 -31.81 -29.76 54.24
CA THR G 187 -31.44 -28.59 55.05
C THR G 187 -31.52 -27.34 54.20
N VAL G 188 -31.94 -26.24 54.82
CA VAL G 188 -32.32 -25.03 54.11
C VAL G 188 -31.35 -23.88 54.38
N ASN G 189 -31.05 -23.64 55.66
CA ASN G 189 -30.18 -22.53 56.09
C ASN G 189 -30.79 -21.17 55.72
N GLY G 190 -32.12 -21.08 55.71
CA GLY G 190 -32.79 -19.81 55.57
C GLY G 190 -33.03 -19.35 54.15
N GLN G 191 -33.64 -20.20 53.32
CA GLN G 191 -33.90 -19.89 51.92
C GLN G 191 -35.10 -20.71 51.47
N THR G 192 -35.56 -20.43 50.25
CA THR G 192 -36.64 -21.18 49.63
C THR G 192 -36.07 -22.23 48.69
N VAL G 193 -36.58 -23.46 48.78
CA VAL G 193 -36.06 -24.59 48.03
C VAL G 193 -37.20 -25.27 47.30
N ARG G 194 -36.89 -25.85 46.14
CA ARG G 194 -37.86 -26.58 45.32
C ARG G 194 -37.30 -27.95 45.02
N TYR G 195 -38.04 -28.99 45.41
CA TYR G 195 -37.56 -30.36 45.34
C TYR G 195 -38.61 -31.24 44.67
N LYS G 196 -38.14 -32.35 44.10
CA LYS G 196 -39.02 -33.28 43.38
C LYS G 196 -38.32 -34.62 43.25
N CYS G 197 -38.95 -35.67 43.77
CA CYS G 197 -38.41 -37.03 43.68
C CYS G 197 -39.40 -37.91 42.94
N ASN G 198 -38.88 -38.95 42.28
CA ASN G 198 -39.68 -39.83 41.45
C ASN G 198 -40.02 -41.15 42.14
N CYS G 199 -39.77 -41.27 43.44
CA CYS G 199 -40.03 -42.50 44.16
C CYS G 199 -41.54 -42.64 44.38
N GLY G 200 -41.94 -43.62 45.19
CA GLY G 200 -43.33 -43.82 45.52
C GLY G 200 -43.99 -42.63 46.17
N GLY G 201 -45.14 -42.20 45.63
CA GLY G 201 -45.90 -41.08 46.15
C GLY G 201 -45.80 -39.84 45.29
N SER G 202 -44.72 -39.69 44.52
CA SER G 202 -44.52 -38.55 43.64
C SER G 202 -44.62 -37.22 44.41
N ASN G 203 -43.85 -37.15 45.50
CA ASN G 203 -43.90 -35.98 46.36
C ASN G 203 -43.22 -34.79 45.71
N GLU G 204 -43.84 -33.62 45.82
CA GLU G 204 -43.34 -32.38 45.25
C GLU G 204 -43.90 -31.22 46.05
N GLY G 205 -43.09 -30.17 46.21
CA GLY G 205 -43.52 -29.04 46.99
C GLY G 205 -42.54 -27.90 46.93
N LEU G 206 -42.71 -26.95 47.87
CA LEU G 206 -41.88 -25.75 47.93
C LEU G 206 -41.82 -25.35 49.41
N THR G 207 -40.76 -25.77 50.08
CA THR G 207 -40.66 -25.69 51.53
C THR G 207 -39.73 -24.55 51.97
N THR G 208 -39.90 -24.13 53.21
CA THR G 208 -39.02 -23.17 53.86
C THR G 208 -38.48 -23.69 55.19
N THR G 209 -38.84 -24.91 55.59
CA THR G 209 -38.33 -25.55 56.79
C THR G 209 -37.84 -26.95 56.42
N ASP G 210 -37.17 -27.59 57.37
CA ASP G 210 -36.62 -28.92 57.14
C ASP G 210 -37.73 -29.95 56.94
N LYS G 211 -37.42 -30.98 56.14
CA LYS G 211 -38.36 -32.06 55.85
C LYS G 211 -37.60 -33.37 55.79
N VAL G 212 -38.35 -34.47 55.85
CA VAL G 212 -37.80 -35.82 55.77
C VAL G 212 -38.71 -36.65 54.88
N ILE G 213 -38.13 -37.50 54.04
CA ILE G 213 -38.88 -38.32 53.10
C ILE G 213 -38.69 -39.78 53.48
N ASN G 214 -39.79 -40.52 53.54
CA ASN G 214 -39.79 -41.91 54.00
C ASN G 214 -39.59 -42.83 52.81
N ASN G 215 -38.65 -43.77 52.94
CA ASN G 215 -38.37 -44.81 51.96
C ASN G 215 -38.18 -44.22 50.56
N CYS G 216 -37.21 -43.31 50.45
CA CYS G 216 -36.95 -42.63 49.18
C CYS G 216 -35.46 -42.30 49.14
N LYS G 217 -34.68 -43.13 48.45
CA LYS G 217 -33.24 -43.07 48.53
C LYS G 217 -32.70 -41.85 47.77
N ILE G 218 -31.43 -41.55 48.00
CA ILE G 218 -30.68 -40.61 47.18
C ILE G 218 -30.46 -41.23 45.80
N ASP G 219 -30.02 -40.41 44.83
CA ASP G 219 -29.91 -40.70 43.40
C ASP G 219 -31.28 -40.63 42.73
N GLN G 220 -32.31 -40.16 43.44
CA GLN G 220 -33.64 -40.03 42.86
C GLN G 220 -34.28 -38.68 43.15
N CYS G 221 -33.51 -37.69 43.62
CA CYS G 221 -34.10 -36.43 44.06
C CYS G 221 -33.28 -35.26 43.52
N HIS G 222 -33.96 -34.12 43.36
CA HIS G 222 -33.39 -32.92 42.77
C HIS G 222 -33.81 -31.72 43.61
N ALA G 223 -32.86 -30.82 43.88
CA ALA G 223 -33.16 -29.63 44.67
C ALA G 223 -32.49 -28.39 44.07
N ALA G 224 -33.08 -27.24 44.33
CA ALA G 224 -32.60 -25.97 43.78
C ALA G 224 -33.17 -24.82 44.62
N VAL G 225 -32.58 -23.64 44.42
CA VAL G 225 -32.99 -22.41 45.09
C VAL G 225 -33.68 -21.53 44.08
N THR G 226 -34.86 -21.00 44.44
CA THR G 226 -35.82 -20.54 43.44
C THR G 226 -36.33 -19.11 43.57
N ASN G 227 -36.11 -18.43 44.69
CA ASN G 227 -36.67 -17.09 44.88
C ASN G 227 -35.55 -16.10 45.14
N HIS G 228 -35.38 -15.13 44.24
CA HIS G 228 -34.28 -14.18 44.26
C HIS G 228 -34.81 -12.76 44.42
N LYS G 229 -33.94 -11.86 44.89
CA LYS G 229 -34.31 -10.48 45.13
C LYS G 229 -33.43 -9.47 44.40
N ASN G 230 -32.52 -9.92 43.53
CA ASN G 230 -31.65 -9.01 42.79
C ASN G 230 -31.61 -9.41 41.32
N TRP G 231 -31.11 -8.50 40.49
CA TRP G 231 -31.06 -8.69 39.04
C TRP G 231 -29.64 -8.94 38.57
N GLN G 232 -29.52 -9.53 37.38
CA GLN G 232 -28.24 -9.96 36.85
C GLN G 232 -28.22 -9.83 35.33
N TYR G 233 -27.06 -9.48 34.78
CA TYR G 233 -26.90 -9.31 33.35
C TYR G 233 -27.05 -10.63 32.61
N ASN G 234 -27.70 -10.59 31.44
CA ASN G 234 -28.07 -11.79 30.69
C ASN G 234 -26.92 -12.25 29.79
N SER G 235 -25.88 -12.77 30.43
CA SER G 235 -24.72 -13.25 29.68
C SER G 235 -25.09 -14.48 28.85
N PRO G 236 -24.44 -14.67 27.70
CA PRO G 236 -24.71 -15.86 26.87
C PRO G 236 -24.32 -17.18 27.52
N LEU G 237 -23.67 -17.16 28.68
CA LEU G 237 -23.24 -18.38 29.35
C LEU G 237 -24.19 -18.82 30.46
N VAL G 238 -25.36 -18.20 30.59
CA VAL G 238 -26.34 -18.62 31.58
C VAL G 238 -27.68 -18.88 30.89
N PRO G 239 -28.50 -19.80 31.41
CA PRO G 239 -29.76 -20.12 30.73
C PRO G 239 -30.88 -19.14 31.05
N ARG G 240 -31.82 -19.05 30.12
CA ARG G 240 -32.93 -18.11 30.24
C ARG G 240 -33.92 -18.58 31.31
N ASN G 241 -34.56 -17.61 31.97
CA ASN G 241 -35.49 -17.93 33.04
C ASN G 241 -36.81 -18.47 32.48
N ALA G 242 -37.30 -17.87 31.39
CA ALA G 242 -38.57 -18.26 30.80
C ALA G 242 -38.52 -17.94 29.31
N GLU G 243 -39.51 -18.47 28.58
CA GLU G 243 -39.50 -18.35 27.12
C GLU G 243 -39.39 -16.90 26.67
N LEU G 244 -40.16 -16.02 27.30
CA LEU G 244 -40.12 -14.59 27.00
C LEU G 244 -39.61 -13.87 28.24
N GLY G 245 -38.39 -13.35 28.17
CA GLY G 245 -37.78 -12.71 29.31
C GLY G 245 -38.38 -11.34 29.59
N ASP G 246 -38.29 -10.93 30.85
CA ASP G 246 -38.77 -9.63 31.30
C ASP G 246 -37.60 -8.72 31.65
N ARG G 247 -37.74 -7.44 31.35
CA ARG G 247 -36.70 -6.45 31.59
C ARG G 247 -36.95 -5.72 32.90
N LYS G 248 -35.86 -5.33 33.57
CA LYS G 248 -35.95 -4.61 34.83
C LYS G 248 -35.17 -3.29 34.87
N GLY G 249 -34.23 -3.07 33.97
CA GLY G 249 -33.45 -1.85 33.99
C GLY G 249 -32.32 -1.92 32.99
N LYS G 250 -31.49 -0.87 33.01
CA LYS G 250 -30.35 -0.80 32.11
C LYS G 250 -29.26 0.06 32.71
N ILE G 251 -28.01 -0.22 32.30
CA ILE G 251 -26.84 0.53 32.72
C ILE G 251 -26.02 0.88 31.48
N HIS G 252 -25.16 1.88 31.62
CA HIS G 252 -24.45 2.47 30.49
C HIS G 252 -22.98 2.05 30.47
N ILE G 253 -22.36 2.23 29.31
CA ILE G 253 -20.98 1.85 29.05
C ILE G 253 -20.14 3.13 28.98
N PRO G 254 -19.14 3.30 29.84
CA PRO G 254 -18.36 4.55 29.85
C PRO G 254 -17.26 4.58 28.81
N PHE G 255 -16.38 5.60 28.91
CA PHE G 255 -15.18 5.75 28.10
C PHE G 255 -15.48 5.86 26.61
N PRO G 256 -16.05 6.97 26.14
CA PRO G 256 -16.33 7.14 24.72
C PRO G 256 -15.08 7.57 23.95
N LEU G 257 -15.23 7.66 22.63
CA LEU G 257 -14.14 8.01 21.72
C LEU G 257 -14.03 9.52 21.51
N ALA G 258 -12.87 9.94 21.01
CA ALA G 258 -12.61 11.35 20.70
C ALA G 258 -11.40 11.42 19.77
N ASN G 259 -11.15 12.62 19.24
CA ASN G 259 -10.02 12.86 18.36
C ASN G 259 -8.87 13.50 19.13
N VAL G 260 -7.64 13.04 18.85
CA VAL G 260 -6.43 13.63 19.41
C VAL G 260 -5.35 13.70 18.31
N THR G 261 -4.15 14.13 18.69
CA THR G 261 -3.01 14.16 17.78
C THR G 261 -1.86 13.33 18.36
N CYS G 262 -1.03 12.77 17.48
CA CYS G 262 0.07 11.88 17.86
C CYS G 262 1.39 12.41 17.30
N ARG G 263 2.49 12.03 17.97
CA ARG G 263 3.81 12.58 17.70
C ARG G 263 4.72 11.52 17.08
N VAL G 264 5.41 11.90 16.01
CA VAL G 264 6.24 10.96 15.24
C VAL G 264 7.60 11.58 15.00
N PRO G 265 8.63 10.75 14.76
CA PRO G 265 10.00 11.28 14.56
C PRO G 265 10.35 11.59 13.12
N LYS G 266 11.56 12.09 12.89
CA LYS G 266 12.06 12.43 11.56
C LYS G 266 13.47 11.89 11.37
N ALA G 267 13.79 11.52 10.13
CA ALA G 267 15.07 10.89 9.80
C ALA G 267 16.17 11.92 9.59
N ARG G 268 17.41 11.45 9.62
CA ARG G 268 18.59 12.28 9.47
C ARG G 268 18.93 12.51 7.99
N ASN G 269 19.81 13.48 7.75
CA ASN G 269 20.11 13.92 6.40
C ASN G 269 20.99 12.89 5.67
N PRO G 270 20.79 12.70 4.37
CA PRO G 270 21.66 11.84 3.58
C PRO G 270 22.87 12.61 3.05
N THR G 271 23.77 11.85 2.42
CA THR G 271 24.95 12.41 1.75
C THR G 271 24.75 12.31 0.25
N VAL G 272 24.91 13.44 -0.44
CA VAL G 272 24.54 13.58 -1.85
C VAL G 272 25.76 14.02 -2.65
N THR G 273 26.02 13.33 -3.76
CA THR G 273 27.06 13.70 -4.70
C THR G 273 26.46 13.77 -6.10
N TYR G 274 27.10 14.54 -6.97
CA TYR G 274 26.56 14.84 -8.28
C TYR G 274 27.39 14.21 -9.40
N GLY G 275 26.72 13.89 -10.50
CA GLY G 275 27.36 13.42 -11.70
C GLY G 275 26.54 13.90 -12.89
N LYS G 276 27.00 13.55 -14.09
CA LYS G 276 26.27 13.94 -15.29
C LYS G 276 24.97 13.16 -15.41
N ASN G 277 23.84 13.87 -15.29
CA ASN G 277 22.51 13.28 -15.40
C ASN G 277 22.29 12.13 -14.43
N GLN G 278 22.83 12.26 -13.21
CA GLN G 278 22.58 11.26 -12.19
C GLN G 278 22.85 11.85 -10.81
N VAL G 279 22.18 11.27 -9.81
CA VAL G 279 22.35 11.64 -8.40
C VAL G 279 22.61 10.37 -7.60
N THR G 280 23.63 10.41 -6.73
CA THR G 280 23.97 9.29 -5.87
C THR G 280 23.72 9.67 -4.42
N MET G 281 23.04 8.79 -3.68
CA MET G 281 22.68 9.06 -2.29
C MET G 281 23.11 7.89 -1.40
N LEU G 282 23.59 8.22 -0.21
CA LEU G 282 23.97 7.25 0.81
C LEU G 282 23.08 7.45 2.03
N LEU G 283 22.45 6.37 2.49
CA LEU G 283 21.41 6.44 3.49
C LEU G 283 21.87 5.82 4.82
N TYR G 284 21.40 6.39 5.92
CA TYR G 284 21.80 5.98 7.27
C TYR G 284 20.56 5.74 8.11
N PRO G 285 19.90 4.59 7.93
CA PRO G 285 18.64 4.35 8.64
C PRO G 285 18.85 3.87 10.07
N ASP G 286 17.84 4.12 10.89
CA ASP G 286 17.82 3.69 12.29
C ASP G 286 16.73 2.69 12.57
N HIS G 287 15.57 2.85 11.95
CA HIS G 287 14.45 1.92 11.97
C HIS G 287 13.84 1.96 10.58
N PRO G 288 13.14 0.87 10.16
CA PRO G 288 12.57 0.81 8.81
C PRO G 288 11.98 2.11 8.28
N THR G 289 12.39 2.51 7.08
CA THR G 289 11.98 3.77 6.49
C THR G 289 11.62 3.53 5.03
N LEU G 290 10.67 4.32 4.53
CA LEU G 290 10.15 4.15 3.17
C LEU G 290 10.75 5.20 2.24
N LEU G 291 11.15 4.76 1.05
CA LEU G 291 11.73 5.63 0.04
C LEU G 291 10.94 5.49 -1.25
N SER G 292 10.57 6.62 -1.87
CA SER G 292 9.83 6.61 -3.11
C SER G 292 10.19 7.84 -3.93
N TYR G 293 9.97 7.75 -5.24
CA TYR G 293 10.26 8.86 -6.14
C TYR G 293 9.42 8.73 -7.40
N ARG G 294 9.26 9.86 -8.09
CA ARG G 294 8.44 9.93 -9.29
C ARG G 294 8.99 11.00 -10.23
N ASN G 295 8.66 10.86 -11.50
CA ASN G 295 9.02 11.84 -12.51
C ASN G 295 7.92 12.88 -12.67
N MET G 296 8.32 14.11 -12.99
CA MET G 296 7.38 15.14 -13.34
C MET G 296 7.14 15.15 -14.85
N GLY G 297 5.95 15.59 -15.25
CA GLY G 297 5.56 15.51 -16.64
C GLY G 297 4.43 14.54 -16.89
N GLN G 298 4.38 13.98 -18.10
CA GLN G 298 3.26 13.13 -18.49
C GLN G 298 3.35 11.74 -17.86
N GLU G 299 4.56 11.19 -17.75
CA GLU G 299 4.75 9.82 -17.30
C GLU G 299 5.46 9.81 -15.95
N PRO G 300 4.79 9.40 -14.86
CA PRO G 300 5.41 9.51 -13.53
C PRO G 300 6.43 8.43 -13.20
N ASN G 301 6.20 7.19 -13.64
CA ASN G 301 7.08 6.05 -13.36
C ASN G 301 7.35 5.88 -11.86
N TYR G 302 6.28 5.52 -11.15
CA TYR G 302 6.35 5.38 -9.71
C TYR G 302 7.14 4.14 -9.28
N HIS G 303 7.94 4.29 -8.23
CA HIS G 303 8.66 3.17 -7.61
C HIS G 303 8.63 3.33 -6.09
N GLU G 304 8.82 2.22 -5.38
CA GLU G 304 8.69 2.19 -3.93
C GLU G 304 9.47 1.02 -3.36
N GLU G 305 10.17 1.25 -2.24
CA GLU G 305 10.88 0.17 -1.56
C GLU G 305 11.12 0.55 -0.11
N TRP G 306 11.34 -0.47 0.73
CA TRP G 306 11.66 -0.30 2.13
C TRP G 306 13.16 -0.46 2.34
N VAL G 307 13.72 0.31 3.28
CA VAL G 307 15.14 0.32 3.57
C VAL G 307 15.34 -0.02 5.04
N THR G 308 16.18 -1.03 5.32
CA THR G 308 16.43 -1.49 6.67
C THR G 308 17.90 -1.47 7.07
N HIS G 309 18.81 -1.15 6.16
CA HIS G 309 20.24 -1.17 6.44
C HIS G 309 20.94 -0.15 5.56
N LYS G 310 22.23 0.06 5.84
CA LYS G 310 23.03 0.98 5.05
C LYS G 310 23.06 0.55 3.59
N LYS G 311 22.86 1.50 2.68
CA LYS G 311 22.65 1.16 1.28
C LYS G 311 23.03 2.37 0.42
N GLU G 312 23.31 2.10 -0.85
CA GLU G 312 23.64 3.12 -1.83
C GLU G 312 22.78 2.96 -3.06
N VAL G 313 22.28 4.08 -3.59
CA VAL G 313 21.39 4.08 -4.75
C VAL G 313 21.86 5.10 -5.77
N THR G 314 21.49 4.85 -7.03
CA THR G 314 21.81 5.74 -8.14
C THR G 314 20.57 5.93 -9.01
N LEU G 315 20.24 7.18 -9.32
CA LEU G 315 19.05 7.52 -10.08
C LEU G 315 19.39 8.49 -11.20
N THR G 316 18.58 8.47 -12.26
CA THR G 316 18.74 9.37 -13.39
C THR G 316 17.84 10.59 -13.25
N VAL G 317 18.28 11.71 -13.79
CA VAL G 317 17.57 12.98 -13.73
C VAL G 317 17.05 13.30 -15.13
N PRO G 318 15.76 13.19 -15.37
CA PRO G 318 15.21 13.51 -16.69
C PRO G 318 15.18 15.02 -16.91
N THR G 319 14.76 15.40 -18.11
CA THR G 319 14.71 16.82 -18.47
C THR G 319 13.71 17.58 -17.60
N GLU G 320 12.56 16.97 -17.33
CA GLU G 320 11.51 17.65 -16.58
C GLU G 320 11.75 17.68 -15.08
N GLY G 321 12.70 16.91 -14.56
CA GLY G 321 13.04 16.95 -13.16
C GLY G 321 12.62 15.68 -12.43
N LEU G 322 13.16 15.56 -11.21
CA LEU G 322 12.95 14.40 -10.35
C LEU G 322 12.49 14.88 -8.98
N GLU G 323 11.65 14.08 -8.34
CA GLU G 323 11.17 14.35 -6.98
C GLU G 323 11.41 13.12 -6.12
N VAL G 324 12.05 13.31 -4.97
CA VAL G 324 12.42 12.22 -4.08
C VAL G 324 11.92 12.54 -2.67
N THR G 325 11.29 11.56 -2.03
CA THR G 325 10.77 11.70 -0.68
C THR G 325 11.36 10.60 0.20
N TRP G 326 11.88 11.00 1.37
CA TRP G 326 12.61 10.11 2.26
C TRP G 326 12.09 10.31 3.68
N GLY G 327 11.39 9.31 4.21
CA GLY G 327 10.84 9.39 5.55
C GLY G 327 9.73 10.43 5.64
N ASN G 328 9.66 11.07 6.80
CA ASN G 328 8.65 12.08 7.07
C ASN G 328 9.09 13.49 6.67
N ASN G 329 10.20 13.62 5.96
CA ASN G 329 10.72 14.93 5.58
C ASN G 329 10.01 15.44 4.33
N GLU G 330 10.35 16.67 3.95
CA GLU G 330 9.80 17.32 2.76
C GLU G 330 10.51 16.81 1.50
N PRO G 331 9.85 16.87 0.35
CA PRO G 331 10.47 16.38 -0.89
C PRO G 331 11.61 17.26 -1.37
N TYR G 332 12.49 16.64 -2.16
CA TYR G 332 13.59 17.30 -2.83
C TYR G 332 13.31 17.40 -4.33
N LYS G 333 13.86 18.42 -4.97
CA LYS G 333 13.67 18.65 -6.40
C LYS G 333 14.99 18.92 -7.08
N TYR G 334 15.20 18.31 -8.25
CA TYR G 334 16.45 18.40 -9.00
C TYR G 334 16.17 18.67 -10.47
N TRP G 335 17.02 19.49 -11.09
CA TRP G 335 16.96 19.80 -12.51
C TRP G 335 18.36 19.73 -13.10
N PRO G 336 18.47 19.36 -14.38
CA PRO G 336 19.78 19.29 -15.03
C PRO G 336 20.24 20.63 -15.60
N GLN G 337 21.54 20.71 -15.85
CA GLN G 337 22.18 21.94 -16.32
C GLN G 337 23.15 21.61 -17.45
N MET G 338 23.41 22.60 -18.30
CA MET G 338 24.26 22.40 -19.46
C MET G 338 25.72 22.29 -19.08
N SER G 339 26.43 21.35 -19.71
CA SER G 339 27.87 21.19 -19.52
C SER G 339 28.40 20.36 -20.68
N THR G 340 29.66 20.61 -21.04
CA THR G 340 30.37 19.93 -22.13
C THR G 340 31.86 20.16 -21.93
N ASN G 341 32.67 19.30 -22.55
CA ASN G 341 34.11 19.41 -22.55
C ASN G 341 34.67 19.94 -23.87
N GLY G 342 33.81 20.26 -24.83
CA GLY G 342 34.23 20.82 -26.09
C GLY G 342 34.20 22.33 -26.08
N THR G 343 34.30 22.90 -27.27
CA THR G 343 34.28 24.35 -27.43
C THR G 343 33.64 24.70 -28.76
N ALA G 344 32.93 25.82 -28.78
CA ALA G 344 32.26 26.30 -29.98
C ALA G 344 33.16 27.19 -30.84
N HIS G 345 34.40 27.41 -30.42
CA HIS G 345 35.37 28.18 -31.18
C HIS G 345 36.67 27.38 -31.25
N GLY G 346 37.36 27.51 -32.39
CA GLY G 346 38.58 26.76 -32.62
C GLY G 346 38.43 25.81 -33.80
N HIS G 347 39.15 24.69 -33.72
CA HIS G 347 39.30 23.81 -34.86
C HIS G 347 37.99 23.04 -35.13
N PRO G 348 37.77 22.63 -36.38
CA PRO G 348 36.47 22.00 -36.73
C PRO G 348 36.12 20.77 -35.92
N HIS G 349 37.08 19.90 -35.60
CA HIS G 349 36.72 18.66 -34.91
C HIS G 349 36.29 18.88 -33.48
N GLU G 350 36.71 19.98 -32.86
CA GLU G 350 36.24 20.30 -31.51
C GLU G 350 34.79 20.77 -31.52
N ILE G 351 34.33 21.35 -32.64
CA ILE G 351 32.97 21.87 -32.70
C ILE G 351 31.96 20.73 -32.70
N ILE G 352 32.24 19.65 -33.43
CA ILE G 352 31.31 18.52 -33.49
C ILE G 352 31.15 17.89 -32.11
N LEU G 353 32.25 17.81 -31.35
CA LEU G 353 32.18 17.24 -30.00
C LEU G 353 31.26 18.06 -29.11
N TYR G 354 31.32 19.38 -29.19
CA TYR G 354 30.50 20.25 -28.34
C TYR G 354 29.01 19.97 -28.54
N TYR G 355 28.54 19.99 -29.78
CA TYR G 355 27.11 19.80 -30.04
C TYR G 355 26.66 18.37 -29.80
N TYR G 356 27.57 17.40 -29.97
CA TYR G 356 27.20 16.00 -29.79
C TYR G 356 26.74 15.72 -28.36
N GLU G 357 27.43 16.30 -27.37
CA GLU G 357 27.12 16.00 -25.98
C GLU G 357 25.79 16.60 -25.52
N LEU G 358 25.21 17.53 -26.27
CA LEU G 358 23.94 18.13 -25.89
C LEU G 358 22.75 17.53 -26.61
N TYR G 359 22.87 17.27 -27.90
CA TYR G 359 21.77 16.73 -28.72
C TYR G 359 22.30 15.53 -29.50
N PRO G 360 22.38 14.36 -28.87
CA PRO G 360 23.02 13.20 -29.52
C PRO G 360 22.38 12.77 -30.82
N THR G 361 21.09 12.44 -30.78
CA THR G 361 20.44 11.83 -31.94
C THR G 361 20.36 12.79 -33.12
N MET G 362 20.06 14.06 -32.87
CA MET G 362 19.92 15.03 -33.96
C MET G 362 21.23 15.23 -34.71
N THR G 363 22.36 15.29 -33.98
CA THR G 363 23.64 15.54 -34.63
C THR G 363 24.00 14.44 -35.63
N VAL G 364 23.75 13.19 -35.27
CA VAL G 364 24.12 12.07 -36.13
C VAL G 364 23.36 12.12 -37.45
N VAL G 365 22.04 12.40 -37.38
CA VAL G 365 21.23 12.38 -38.58
C VAL G 365 21.64 13.48 -39.55
N ILE G 366 21.85 14.70 -39.03
CA ILE G 366 22.10 15.84 -39.92
C ILE G 366 23.41 15.66 -40.67
N VAL G 367 24.47 15.24 -39.96
CA VAL G 367 25.77 15.07 -40.60
C VAL G 367 25.72 13.92 -41.60
N SER G 368 25.05 12.81 -41.24
CA SER G 368 25.04 11.64 -42.12
C SER G 368 24.32 11.95 -43.43
N VAL G 369 23.15 12.57 -43.34
CA VAL G 369 22.38 12.89 -44.56
C VAL G 369 23.12 13.92 -45.40
N ALA G 370 23.69 14.94 -44.75
CA ALA G 370 24.35 16.01 -45.49
C ALA G 370 25.56 15.49 -46.27
N SER G 371 26.31 14.57 -45.67
CA SER G 371 27.48 14.04 -46.37
C SER G 371 27.10 13.28 -47.63
N PHE G 372 26.03 12.48 -47.56
CA PHE G 372 25.60 11.70 -48.71
C PHE G 372 25.20 12.59 -49.88
N VAL G 373 24.42 13.64 -49.63
CA VAL G 373 23.95 14.49 -50.72
C VAL G 373 25.10 15.22 -51.38
N LEU G 374 26.03 15.77 -50.58
CA LEU G 374 27.12 16.54 -51.15
C LEU G 374 28.01 15.69 -52.05
N LEU G 375 28.25 14.44 -51.66
CA LEU G 375 29.08 13.56 -52.48
C LEU G 375 28.40 13.26 -53.81
N SER G 376 27.08 13.09 -53.81
CA SER G 376 26.36 12.81 -55.04
C SER G 376 26.47 13.96 -56.03
N MET G 377 26.38 15.19 -55.53
CA MET G 377 26.47 16.36 -56.41
C MET G 377 27.83 16.42 -57.10
N VAL G 378 28.91 16.11 -56.38
CA VAL G 378 30.24 16.09 -56.99
C VAL G 378 30.30 15.06 -58.11
N GLY G 379 29.69 13.89 -57.90
CA GLY G 379 29.72 12.86 -58.92
C GLY G 379 29.03 13.27 -60.20
N THR G 380 27.96 14.05 -60.08
CA THR G 380 27.27 14.54 -61.28
C THR G 380 28.17 15.43 -62.13
N ALA G 381 28.97 16.28 -61.48
CA ALA G 381 29.85 17.17 -62.23
C ALA G 381 30.87 16.38 -63.05
N VAL G 382 31.45 15.34 -62.48
CA VAL G 382 32.38 14.50 -63.24
C VAL G 382 31.66 13.78 -64.36
N GLY G 383 30.48 13.23 -64.07
CA GLY G 383 29.77 12.46 -65.07
C GLY G 383 29.43 13.26 -66.32
N MET G 384 29.07 14.53 -66.14
CA MET G 384 28.74 15.37 -67.27
C MET G 384 29.96 15.62 -68.17
N CYS G 385 31.15 15.70 -67.58
CA CYS G 385 32.34 16.04 -68.37
C CYS G 385 32.66 14.95 -69.37
N VAL G 386 32.53 13.67 -68.97
CA VAL G 386 32.81 12.58 -69.90
C VAL G 386 31.80 12.56 -71.03
N CYS G 387 30.54 12.93 -70.76
CA CYS G 387 29.54 12.97 -71.83
C CYS G 387 29.90 14.01 -72.88
N ALA G 388 30.35 15.18 -72.45
CA ALA G 388 30.68 16.24 -73.40
C ALA G 388 31.85 15.84 -74.31
N ARG G 389 32.85 15.17 -73.74
CA ARG G 389 34.04 14.78 -74.51
C ARG G 389 33.69 13.81 -75.62
N ARG G 390 32.81 12.85 -75.35
CA ARG G 390 32.44 11.86 -76.35
C ARG G 390 31.84 12.53 -77.58
N ARG G 391 30.88 13.42 -77.37
CA ARG G 391 30.18 14.06 -78.48
C ARG G 391 31.09 15.02 -79.23
N CYS G 392 32.07 15.60 -78.53
CA CYS G 392 33.00 16.55 -79.17
C CYS G 392 33.86 15.89 -80.23
N ILE G 393 34.37 14.69 -79.96
CA ILE G 393 35.42 14.09 -80.78
C ILE G 393 34.86 13.24 -81.91
N THR G 394 33.80 12.46 -81.64
CA THR G 394 33.32 11.43 -82.58
C THR G 394 33.21 11.88 -84.03
N PRO G 395 32.73 13.09 -84.37
CA PRO G 395 32.72 13.50 -85.78
C PRO G 395 34.08 13.42 -86.48
N TYR G 396 35.18 13.59 -85.76
CA TYR G 396 36.48 13.59 -86.41
C TYR G 396 37.04 12.19 -86.68
N GLU G 397 36.50 11.13 -86.10
CA GLU G 397 37.10 9.82 -86.30
C GLU G 397 36.41 8.96 -87.37
N LEU G 398 35.14 9.23 -87.69
CA LEU G 398 34.46 8.45 -88.71
C LEU G 398 34.80 8.88 -90.13
N THR G 399 35.33 10.09 -90.29
CA THR G 399 35.65 10.57 -91.62
C THR G 399 36.83 9.78 -92.16
N PRO G 400 36.74 9.23 -93.37
CA PRO G 400 37.89 8.51 -93.94
C PRO G 400 39.02 9.46 -94.26
N GLY G 401 40.22 9.12 -93.78
CA GLY G 401 41.40 9.93 -94.05
C GLY G 401 41.50 11.22 -93.27
N ALA G 402 40.73 11.37 -92.19
CA ALA G 402 40.74 12.61 -91.43
C ALA G 402 41.82 12.58 -90.35
N THR G 403 42.24 13.77 -89.95
CA THR G 403 43.23 13.95 -88.88
C THR G 403 42.68 14.94 -87.86
N VAL G 404 42.74 14.57 -86.59
CA VAL G 404 42.21 15.43 -85.52
C VAL G 404 43.14 16.63 -85.35
N PRO G 405 42.61 17.86 -85.25
CA PRO G 405 43.49 19.03 -85.13
C PRO G 405 44.34 18.98 -83.88
N PHE G 406 45.51 19.63 -83.96
CA PHE G 406 46.49 19.57 -82.88
C PHE G 406 45.92 20.10 -81.56
N LEU G 407 45.28 21.27 -81.61
CA LEU G 407 44.82 21.90 -80.38
C LEU G 407 43.81 21.03 -79.65
N LEU G 408 42.86 20.45 -80.37
CA LEU G 408 41.86 19.61 -79.75
C LEU G 408 42.40 18.23 -79.39
N SER G 409 43.37 17.73 -80.16
CA SER G 409 43.88 16.37 -79.91
C SER G 409 44.50 16.26 -78.52
N LEU G 410 45.22 17.30 -78.09
CA LEU G 410 46.04 17.22 -76.89
C LEU G 410 45.37 17.80 -75.65
N LEU G 411 44.69 18.94 -75.76
CA LEU G 411 44.31 19.72 -74.58
C LEU G 411 42.85 19.55 -74.18
N CYS G 412 41.92 19.89 -75.07
CA CYS G 412 40.49 19.77 -74.78
C CYS G 412 39.82 18.88 -75.82
N CYS G 413 38.85 18.09 -75.37
CA CYS G 413 38.26 17.02 -76.19
C CYS G 413 39.35 16.05 -76.64
N VAL G 414 40.17 15.63 -75.67
CA VAL G 414 41.30 14.73 -75.92
C VAL G 414 40.87 13.41 -76.57
N ASN H 1 -44.05 51.09 20.68
CA ASN H 1 -44.46 52.02 21.71
C ASN H 1 -44.18 53.46 21.28
N PHE H 2 -44.85 54.41 21.92
CA PHE H 2 -44.77 55.82 21.58
C PHE H 2 -43.75 56.58 22.42
N ASN H 3 -42.94 55.90 23.22
CA ASN H 3 -41.98 56.59 24.06
C ASN H 3 -40.92 57.31 23.24
N VAL H 4 -40.63 56.85 22.03
CA VAL H 4 -39.57 57.44 21.22
C VAL H 4 -39.91 58.82 20.68
N TYR H 5 -41.16 59.26 20.79
CA TYR H 5 -41.61 60.53 20.22
C TYR H 5 -41.63 61.68 21.23
N LYS H 6 -41.03 61.51 22.40
CA LYS H 6 -41.26 62.45 23.50
C LYS H 6 -40.60 63.80 23.25
N ALA H 7 -39.42 63.84 22.65
CA ALA H 7 -38.65 65.06 22.52
C ALA H 7 -38.71 65.71 21.14
N THR H 8 -39.58 65.24 20.25
CA THR H 8 -39.59 65.70 18.87
C THR H 8 -40.64 66.80 18.66
N ARG H 9 -40.59 67.42 17.48
CA ARG H 9 -41.48 68.52 17.13
C ARG H 9 -41.79 68.50 15.65
N PRO H 10 -42.95 69.02 15.25
CA PRO H 10 -43.26 69.19 13.82
C PRO H 10 -42.54 70.40 13.22
N TYR H 11 -42.72 70.59 11.91
CA TYR H 11 -42.01 71.63 11.18
C TYR H 11 -42.79 72.01 9.93
N LEU H 12 -42.33 73.09 9.29
CA LEU H 12 -42.92 73.63 8.07
C LEU H 12 -42.00 73.40 6.86
N ALA H 13 -42.59 73.37 5.67
CA ALA H 13 -41.83 73.08 4.45
C ALA H 13 -42.58 73.60 3.23
N HIS H 14 -41.90 73.52 2.08
CA HIS H 14 -42.40 74.03 0.81
C HIS H 14 -43.29 73.02 0.09
N CYS H 15 -44.33 73.52 -0.60
CA CYS H 15 -45.23 72.68 -1.37
C CYS H 15 -45.46 73.29 -2.75
N PRO H 16 -45.41 72.47 -3.81
CA PRO H 16 -45.46 73.04 -5.18
C PRO H 16 -46.83 73.53 -5.63
N ASP H 17 -47.92 73.07 -5.03
CA ASP H 17 -49.25 73.47 -5.50
C ASP H 17 -50.19 73.58 -4.30
N CYS H 18 -50.67 74.79 -4.05
CA CYS H 18 -51.44 75.10 -2.85
C CYS H 18 -52.94 74.99 -3.06
N GLY H 19 -53.40 74.58 -4.24
CA GLY H 19 -54.81 74.43 -4.54
C GLY H 19 -55.35 75.43 -5.54
N GLU H 20 -54.68 76.56 -5.74
CA GLU H 20 -55.10 77.57 -6.69
C GLU H 20 -54.13 77.75 -7.84
N GLY H 21 -53.04 76.99 -7.88
CA GLY H 21 -52.02 77.16 -8.89
C GLY H 21 -50.82 77.99 -8.48
N HIS H 22 -50.61 78.21 -7.19
CA HIS H 22 -49.48 78.98 -6.70
C HIS H 22 -48.80 78.22 -5.57
N SER H 23 -47.54 78.60 -5.30
CA SER H 23 -46.75 77.98 -4.25
C SER H 23 -47.03 78.64 -2.90
N CYS H 24 -46.74 77.90 -1.83
CA CYS H 24 -46.99 78.37 -0.47
C CYS H 24 -46.11 77.57 0.47
N HIS H 25 -46.03 78.04 1.71
CA HIS H 25 -45.36 77.31 2.79
C HIS H 25 -46.44 76.71 3.67
N SER H 26 -46.41 75.39 3.84
CA SER H 26 -47.54 74.68 4.40
C SER H 26 -47.13 73.84 5.60
N PRO H 27 -48.02 73.69 6.59
CA PRO H 27 -47.73 72.80 7.71
C PRO H 27 -47.82 71.32 7.39
N ILE H 28 -48.32 70.95 6.21
CA ILE H 28 -48.35 69.56 5.77
C ILE H 28 -47.65 69.48 4.42
N ALA H 29 -46.70 68.57 4.30
CA ALA H 29 -45.86 68.45 3.13
C ALA H 29 -45.56 66.98 2.87
N LEU H 30 -45.25 66.66 1.62
CA LEU H 30 -45.07 65.28 1.21
C LEU H 30 -43.60 64.92 1.07
N GLU H 31 -43.26 63.73 1.53
CA GLU H 31 -41.99 63.05 1.33
C GLU H 31 -42.21 61.91 0.32
N ARG H 32 -41.26 60.97 0.28
CA ARG H 32 -41.32 59.92 -0.73
C ARG H 32 -42.51 59.00 -0.50
N ILE H 33 -43.03 58.45 -1.60
CA ILE H 33 -44.13 57.50 -1.60
C ILE H 33 -43.60 56.14 -2.04
N ARG H 34 -43.88 55.11 -1.25
CA ARG H 34 -43.36 53.77 -1.50
C ARG H 34 -44.49 52.87 -2.00
N ASN H 35 -44.21 52.10 -3.05
CA ASN H 35 -45.21 51.23 -3.67
C ASN H 35 -44.62 49.87 -4.02
N GLU H 36 -43.89 49.28 -3.07
CA GLU H 36 -43.19 48.03 -3.34
C GLU H 36 -44.08 46.80 -3.30
N ALA H 37 -45.21 46.87 -2.62
CA ALA H 37 -46.07 45.69 -2.45
C ALA H 37 -46.80 45.36 -3.75
N THR H 38 -47.04 44.06 -3.95
CA THR H 38 -47.70 43.59 -5.17
C THR H 38 -49.22 43.71 -5.13
N ASP H 39 -49.82 44.02 -3.98
CA ASP H 39 -51.27 44.14 -3.91
C ASP H 39 -51.75 45.57 -4.10
N GLY H 40 -50.85 46.54 -4.24
CA GLY H 40 -51.27 47.91 -4.46
C GLY H 40 -51.57 48.71 -3.22
N THR H 41 -50.78 48.54 -2.17
CA THR H 41 -50.91 49.34 -0.96
C THR H 41 -49.81 50.38 -0.90
N LEU H 42 -50.17 51.61 -0.52
CA LEU H 42 -49.26 52.74 -0.52
C LEU H 42 -48.89 53.13 0.91
N LYS H 43 -47.66 53.62 1.06
CA LYS H 43 -47.14 54.11 2.34
C LYS H 43 -46.65 55.54 2.15
N ILE H 44 -47.19 56.47 2.95
CA ILE H 44 -46.97 57.90 2.78
C ILE H 44 -46.31 58.47 4.01
N GLN H 45 -45.48 59.49 3.82
CA GLN H 45 -44.78 60.19 4.89
C GLN H 45 -45.16 61.66 4.87
N VAL H 46 -45.52 62.21 6.03
CA VAL H 46 -45.94 63.60 6.17
C VAL H 46 -45.10 64.27 7.25
N SER H 47 -45.36 65.55 7.46
CA SER H 47 -44.59 66.36 8.41
C SER H 47 -45.25 66.53 9.77
N LEU H 48 -46.52 66.13 9.93
CA LEU H 48 -47.18 66.19 11.22
C LEU H 48 -47.18 64.82 11.91
N GLN H 49 -47.56 64.83 13.18
CA GLN H 49 -47.52 63.64 14.02
C GLN H 49 -48.92 63.32 14.53
N ILE H 50 -49.32 62.06 14.40
CA ILE H 50 -50.69 61.62 14.66
C ILE H 50 -50.70 60.71 15.88
N GLY H 51 -51.61 60.98 16.81
CA GLY H 51 -51.79 60.14 17.98
C GLY H 51 -51.22 60.67 19.28
N ILE H 52 -50.56 61.83 19.26
CA ILE H 52 -49.87 62.36 20.42
C ILE H 52 -50.30 63.81 20.65
N LYS H 53 -50.63 64.15 21.88
CA LYS H 53 -50.97 65.51 22.25
C LYS H 53 -49.71 66.30 22.57
N THR H 54 -49.90 67.56 22.99
CA THR H 54 -48.76 68.45 23.25
C THR H 54 -48.00 68.09 24.53
N ASP H 55 -48.60 67.33 25.43
CA ASP H 55 -47.95 66.95 26.68
C ASP H 55 -47.42 65.52 26.68
N ASP H 56 -47.28 64.91 25.50
CA ASP H 56 -46.70 63.59 25.32
C ASP H 56 -47.59 62.48 25.89
N SER H 57 -48.89 62.70 25.92
CA SER H 57 -49.83 61.65 26.30
C SER H 57 -50.47 61.05 25.04
N HIS H 58 -50.74 59.74 25.12
CA HIS H 58 -51.32 59.03 24.00
C HIS H 58 -52.83 59.27 23.92
N ASP H 59 -53.31 59.52 22.71
CA ASP H 59 -54.74 59.72 22.48
C ASP H 59 -55.01 59.50 21.00
N TRP H 60 -55.87 58.53 20.68
CA TRP H 60 -56.11 58.16 19.29
C TRP H 60 -56.82 59.24 18.48
N THR H 61 -57.51 60.17 19.13
CA THR H 61 -58.37 61.11 18.43
C THR H 61 -57.72 62.46 18.16
N LYS H 62 -56.44 62.62 18.49
CA LYS H 62 -55.79 63.92 18.40
C LYS H 62 -54.54 63.85 17.53
N LEU H 63 -54.24 64.98 16.88
CA LEU H 63 -52.98 65.17 16.19
C LEU H 63 -52.43 66.56 16.54
N ARG H 64 -51.11 66.71 16.45
CA ARG H 64 -50.48 67.99 16.71
C ARG H 64 -49.71 68.46 15.49
N TYR H 65 -49.70 69.77 15.27
CA TYR H 65 -49.06 70.39 14.12
C TYR H 65 -48.38 71.67 14.57
N MET H 66 -47.56 72.24 13.70
CA MET H 66 -46.76 73.41 14.02
C MET H 66 -47.41 74.68 13.51
N ASP H 67 -47.69 75.59 14.43
CA ASP H 67 -48.12 76.95 14.13
C ASP H 67 -46.90 77.85 14.19
N SER H 68 -47.10 79.16 14.15
CA SER H 68 -46.00 80.10 14.24
C SER H 68 -45.39 80.03 15.63
N HIS H 69 -44.20 79.43 15.74
CA HIS H 69 -43.38 79.34 16.95
C HIS H 69 -44.01 78.50 18.05
N THR H 70 -45.04 77.69 17.77
CA THR H 70 -45.67 76.93 18.84
C THR H 70 -46.54 75.81 18.29
N PRO H 71 -46.52 74.63 18.90
CA PRO H 71 -47.42 73.55 18.48
C PRO H 71 -48.83 73.73 19.03
N ALA H 72 -49.77 72.99 18.43
CA ALA H 72 -51.17 73.06 18.81
C ALA H 72 -51.86 71.77 18.36
N ASP H 73 -53.08 71.58 18.85
CA ASP H 73 -53.85 70.35 18.67
C ASP H 73 -54.95 70.51 17.63
N ALA H 74 -55.39 69.38 17.09
CA ALA H 74 -56.47 69.33 16.11
C ALA H 74 -57.07 67.92 16.11
N GLU H 75 -58.23 67.80 15.47
CA GLU H 75 -58.99 66.55 15.47
C GLU H 75 -58.69 65.70 14.25
N ARG H 76 -58.74 64.37 14.43
CA ARG H 76 -58.39 63.42 13.38
C ARG H 76 -59.48 63.28 12.33
N ALA H 77 -60.74 63.60 12.65
CA ALA H 77 -61.84 63.35 11.73
C ALA H 77 -61.69 64.08 10.40
N GLY H 78 -60.87 65.13 10.35
CA GLY H 78 -60.69 65.89 9.14
C GLY H 78 -59.62 65.42 8.18
N LEU H 79 -58.90 64.35 8.50
CA LEU H 79 -57.82 63.87 7.64
C LEU H 79 -58.38 63.10 6.46
N LEU H 80 -57.95 63.48 5.25
CA LEU H 80 -58.46 62.85 4.04
C LEU H 80 -57.34 62.70 3.02
N VAL H 81 -57.45 61.66 2.19
CA VAL H 81 -56.48 61.35 1.14
C VAL H 81 -57.25 60.96 -0.11
N ARG H 82 -56.83 61.47 -1.27
CA ARG H 82 -57.49 61.11 -2.52
C ARG H 82 -56.53 61.24 -3.68
N THR H 83 -56.72 60.36 -4.67
CA THR H 83 -55.99 60.36 -5.93
C THR H 83 -57.06 60.16 -7.01
N SER H 84 -57.61 61.28 -7.49
CA SER H 84 -58.88 61.30 -8.22
C SER H 84 -60.01 60.94 -7.27
N ALA H 85 -60.48 59.70 -7.32
CA ALA H 85 -61.49 59.24 -6.39
C ALA H 85 -60.91 59.08 -4.98
N PRO H 86 -61.74 59.18 -3.95
CA PRO H 86 -61.23 59.09 -2.57
C PRO H 86 -60.63 57.74 -2.24
N CYS H 87 -59.66 57.74 -1.33
CA CYS H 87 -59.01 56.53 -0.84
C CYS H 87 -59.66 56.08 0.46
N THR H 88 -59.17 54.96 0.99
CA THR H 88 -59.59 54.43 2.28
C THR H 88 -58.38 54.26 3.18
N ILE H 89 -58.46 54.80 4.39
CA ILE H 89 -57.34 54.80 5.33
C ILE H 89 -57.44 53.57 6.22
N THR H 90 -56.32 52.84 6.34
CA THR H 90 -56.28 51.58 7.08
C THR H 90 -55.47 51.64 8.37
N GLY H 91 -54.50 52.54 8.48
CA GLY H 91 -53.70 52.63 9.68
C GLY H 91 -52.80 53.86 9.74
N THR H 92 -52.51 54.33 10.95
CA THR H 92 -51.72 55.54 11.16
C THR H 92 -50.82 55.40 12.38
N MET H 93 -49.66 56.04 12.31
CA MET H 93 -48.76 56.19 13.46
C MET H 93 -47.75 57.27 13.16
N GLY H 94 -47.70 58.30 13.99
CA GLY H 94 -46.65 59.30 13.86
C GLY H 94 -46.69 60.00 12.52
N HIS H 95 -45.60 59.84 11.76
CA HIS H 95 -45.42 60.49 10.47
C HIS H 95 -46.04 59.73 9.29
N PHE H 96 -46.63 58.55 9.52
CA PHE H 96 -46.88 57.59 8.45
C PHE H 96 -48.36 57.29 8.29
N ILE H 97 -48.75 57.04 7.03
CA ILE H 97 -50.12 56.71 6.65
C ILE H 97 -50.11 55.54 5.69
N LEU H 98 -51.02 54.58 5.91
CA LEU H 98 -51.19 53.41 5.04
C LEU H 98 -52.58 53.47 4.42
N ALA H 99 -52.65 53.33 3.09
CA ALA H 99 -53.93 53.55 2.40
C ALA H 99 -54.04 52.68 1.15
N ARG H 100 -55.28 52.52 0.69
CA ARG H 100 -55.63 51.89 -0.57
C ARG H 100 -56.42 52.88 -1.42
N CYS H 101 -56.15 52.92 -2.72
CA CYS H 101 -56.72 53.97 -3.54
C CYS H 101 -56.83 53.54 -4.99
N PRO H 102 -57.80 54.06 -5.73
CA PRO H 102 -57.93 53.73 -7.16
C PRO H 102 -56.79 54.32 -7.99
N LYS H 103 -56.81 53.96 -9.27
CA LYS H 103 -55.80 54.42 -10.22
C LYS H 103 -56.03 55.87 -10.61
N GLY H 104 -54.94 56.55 -10.94
CA GLY H 104 -55.00 57.97 -11.23
C GLY H 104 -53.62 58.51 -11.54
N GLU H 105 -53.54 59.84 -11.64
CA GLU H 105 -52.28 60.50 -11.98
C GLU H 105 -51.89 61.61 -11.02
N THR H 106 -52.61 61.82 -9.92
CA THR H 106 -52.30 62.84 -8.94
C THR H 106 -52.47 62.26 -7.53
N LEU H 107 -52.02 63.02 -6.54
CA LEU H 107 -52.20 62.63 -5.14
C LEU H 107 -52.26 63.87 -4.27
N THR H 108 -53.31 63.97 -3.44
CA THR H 108 -53.52 65.13 -2.59
C THR H 108 -53.82 64.69 -1.16
N VAL H 109 -53.43 65.54 -0.21
CA VAL H 109 -53.69 65.34 1.22
C VAL H 109 -54.22 66.64 1.81
N GLY H 110 -54.93 66.52 2.93
CA GLY H 110 -55.47 67.71 3.57
C GLY H 110 -56.02 67.43 4.94
N PHE H 111 -56.30 68.51 5.68
CA PHE H 111 -56.78 68.44 7.04
C PHE H 111 -57.42 69.77 7.41
N THR H 112 -58.04 69.82 8.58
CA THR H 112 -58.76 71.00 9.06
C THR H 112 -58.05 71.56 10.29
N ASP H 113 -57.84 72.88 10.29
CA ASP H 113 -57.08 73.56 11.32
C ASP H 113 -57.96 73.82 12.55
N SER H 114 -57.39 74.51 13.53
CA SER H 114 -58.06 74.82 14.78
C SER H 114 -58.95 76.06 14.69
N ARG H 115 -58.83 76.84 13.63
CA ARG H 115 -59.64 78.05 13.44
C ARG H 115 -60.57 77.94 12.24
N LYS H 116 -60.90 76.72 11.82
CA LYS H 116 -61.79 76.46 10.68
C LYS H 116 -61.16 76.94 9.36
N ILE H 117 -59.94 76.45 9.10
CA ILE H 117 -59.21 76.72 7.85
C ILE H 117 -58.68 75.39 7.32
N SER H 118 -58.84 75.16 6.01
CA SER H 118 -58.39 73.94 5.37
C SER H 118 -57.05 74.16 4.66
N HIS H 119 -56.29 73.08 4.52
CA HIS H 119 -54.98 73.10 3.87
C HIS H 119 -54.86 71.89 2.96
N THR H 120 -54.05 72.01 1.91
CA THR H 120 -53.89 70.94 0.93
C THR H 120 -52.53 71.05 0.25
N CYS H 121 -52.08 69.94 -0.33
CA CYS H 121 -50.86 69.88 -1.12
C CYS H 121 -50.98 68.76 -2.14
N THR H 122 -50.45 69.00 -3.35
CA THR H 122 -50.62 68.09 -4.48
C THR H 122 -49.29 67.80 -5.16
N HIS H 123 -49.08 66.55 -5.56
CA HIS H 123 -47.90 66.11 -6.29
C HIS H 123 -48.27 65.22 -7.46
N PRO H 124 -47.47 65.23 -8.52
CA PRO H 124 -47.65 64.26 -9.61
C PRO H 124 -47.15 62.87 -9.24
N PHE H 125 -47.84 61.86 -9.79
CA PHE H 125 -47.54 60.46 -9.48
C PHE H 125 -48.25 59.58 -10.49
N HIS H 126 -47.74 58.36 -10.65
CA HIS H 126 -48.30 57.39 -11.59
C HIS H 126 -48.61 56.10 -10.83
N HIS H 127 -49.88 55.71 -10.82
CA HIS H 127 -50.36 54.57 -10.05
C HIS H 127 -51.03 53.56 -10.98
N GLU H 128 -50.51 52.34 -11.01
CA GLU H 128 -51.09 51.25 -11.80
C GLU H 128 -50.65 49.92 -11.19
N PRO H 129 -51.53 49.26 -10.44
CA PRO H 129 -51.11 48.03 -9.76
C PRO H 129 -50.79 46.93 -10.75
N PRO H 130 -49.91 45.99 -10.39
CA PRO H 130 -49.54 44.91 -11.30
C PRO H 130 -50.64 43.85 -11.37
N VAL H 131 -50.47 42.94 -12.33
CA VAL H 131 -51.47 41.92 -12.63
C VAL H 131 -50.94 40.56 -12.16
N ILE H 132 -51.80 39.81 -11.47
CA ILE H 132 -51.48 38.48 -10.98
C ILE H 132 -52.36 37.47 -11.70
N GLY H 133 -51.74 36.50 -12.34
CA GLY H 133 -52.47 35.51 -13.11
C GLY H 133 -52.53 35.84 -14.59
N ARG H 134 -53.44 35.13 -15.27
CA ARG H 134 -53.59 35.25 -16.71
C ARG H 134 -54.87 35.98 -17.11
N GLU H 135 -55.54 36.64 -16.16
CA GLU H 135 -56.73 37.42 -16.46
C GLU H 135 -56.68 38.74 -15.70
N ARG H 136 -57.27 39.77 -16.29
CA ARG H 136 -57.40 41.07 -15.64
C ARG H 136 -58.80 41.20 -15.07
N PHE H 137 -58.90 41.60 -13.81
CA PHE H 137 -60.19 41.66 -13.13
C PHE H 137 -60.25 42.91 -12.26
N HIS H 138 -61.47 43.26 -11.85
CA HIS H 138 -61.74 44.51 -11.16
C HIS H 138 -62.16 44.36 -9.71
N SER H 139 -62.67 43.19 -9.30
CA SER H 139 -63.12 43.02 -7.93
C SER H 139 -62.90 41.57 -7.50
N ARG H 140 -63.07 41.34 -6.21
CA ARG H 140 -62.83 40.02 -5.63
C ARG H 140 -63.98 39.08 -5.95
N PRO H 141 -63.71 37.90 -6.50
CA PRO H 141 -64.78 36.97 -6.85
C PRO H 141 -65.19 36.07 -5.68
N GLN H 142 -66.33 35.43 -5.85
CA GLN H 142 -66.87 34.51 -4.84
C GLN H 142 -66.38 33.08 -5.01
N HIS H 143 -66.04 32.69 -6.24
CA HIS H 143 -65.62 31.32 -6.55
C HIS H 143 -64.36 31.41 -7.40
N GLY H 144 -63.26 30.81 -6.91
CA GLY H 144 -61.99 30.99 -7.58
C GLY H 144 -60.81 30.17 -7.07
N LYS H 145 -59.61 30.69 -7.30
CA LYS H 145 -58.35 29.98 -7.06
C LYS H 145 -57.39 30.89 -6.30
N GLU H 146 -56.42 30.28 -5.63
CA GLU H 146 -55.50 30.99 -4.75
C GLU H 146 -54.07 30.95 -5.30
N LEU H 147 -53.38 32.09 -5.24
CA LEU H 147 -52.04 32.27 -5.75
C LEU H 147 -51.21 33.08 -4.75
N PRO H 148 -49.88 32.95 -4.79
CA PRO H 148 -49.05 33.65 -3.81
C PRO H 148 -49.06 35.15 -4.07
N CYS H 149 -48.79 35.92 -3.02
CA CYS H 149 -49.01 37.36 -3.10
C CYS H 149 -48.27 38.00 -1.92
N SER H 150 -48.21 39.34 -1.88
CA SER H 150 -47.51 40.05 -0.82
C SER H 150 -48.34 41.23 -0.29
N THR H 151 -48.09 41.62 0.95
CA THR H 151 -48.87 42.67 1.60
C THR H 151 -48.06 43.35 2.71
N TYR H 152 -48.67 44.36 3.32
CA TYR H 152 -48.16 45.07 4.49
C TYR H 152 -48.92 44.64 5.74
N VAL H 153 -48.22 44.61 6.87
CA VAL H 153 -48.76 44.11 8.13
C VAL H 153 -49.07 45.29 9.05
N GLN H 154 -50.23 45.23 9.71
CA GLN H 154 -50.64 46.25 10.69
C GLN H 154 -50.04 45.90 12.05
N SER H 155 -48.77 46.27 12.20
CA SER H 155 -48.02 46.02 13.43
C SER H 155 -47.22 47.26 13.80
N THR H 156 -47.15 47.54 15.10
CA THR H 156 -46.41 48.68 15.63
C THR H 156 -45.12 48.22 16.33
N ALA H 157 -44.67 47.00 16.07
CA ALA H 157 -43.46 46.50 16.70
C ALA H 157 -42.22 47.19 16.14
N ALA H 158 -41.11 47.04 16.87
CA ALA H 158 -39.84 47.62 16.45
C ALA H 158 -39.35 46.94 15.18
N THR H 159 -38.74 47.73 14.29
CA THR H 159 -38.20 47.23 13.03
C THR H 159 -36.76 47.67 12.91
N ALA H 160 -36.06 47.18 11.89
CA ALA H 160 -34.64 47.41 11.71
C ALA H 160 -34.33 48.64 10.85
N GLU H 161 -35.34 49.35 10.37
CA GLU H 161 -35.13 50.56 9.57
C GLU H 161 -35.37 51.78 10.43
N GLU H 162 -34.44 52.73 10.38
CA GLU H 162 -34.42 53.85 11.31
C GLU H 162 -34.17 55.17 10.57
N ILE H 163 -34.68 56.25 11.15
CA ILE H 163 -34.39 57.61 10.70
C ILE H 163 -33.95 58.42 11.90
N GLU H 164 -33.21 59.51 11.62
CA GLU H 164 -32.46 60.23 12.64
C GLU H 164 -33.09 61.58 12.93
N VAL H 165 -32.67 62.17 14.05
CA VAL H 165 -33.10 63.51 14.45
C VAL H 165 -31.87 64.33 14.83
N HIS H 166 -31.93 65.63 14.53
CA HIS H 166 -30.85 66.58 14.78
C HIS H 166 -31.45 67.82 15.43
N MET H 167 -30.58 68.81 15.69
CA MET H 167 -30.92 70.10 16.28
C MET H 167 -31.40 71.08 15.20
N PRO H 168 -32.41 71.88 15.46
CA PRO H 168 -32.96 72.77 14.43
C PRO H 168 -32.04 73.95 14.17
N PRO H 169 -32.17 74.60 13.01
CA PRO H 169 -31.47 75.87 12.78
C PRO H 169 -32.22 77.08 13.27
N ASP H 170 -31.61 78.26 13.11
CA ASP H 170 -32.24 79.51 13.51
C ASP H 170 -33.39 79.89 12.57
N THR H 171 -34.38 80.56 13.14
CA THR H 171 -35.64 80.86 12.43
C THR H 171 -35.83 82.36 12.31
N PRO H 172 -35.69 82.94 11.13
CA PRO H 172 -35.95 84.38 10.98
C PRO H 172 -37.43 84.74 11.05
N ASP H 173 -37.68 85.95 11.52
CA ASP H 173 -39.04 86.47 11.68
C ASP H 173 -38.98 87.99 11.62
N ARG H 174 -39.49 88.56 10.52
CA ARG H 174 -39.40 90.00 10.31
C ARG H 174 -40.25 90.79 11.31
N THR H 175 -41.41 90.26 11.69
CA THR H 175 -42.40 91.04 12.42
C THR H 175 -41.90 91.49 13.78
N LEU H 176 -40.82 90.91 14.30
CA LEU H 176 -40.29 91.32 15.59
C LEU H 176 -39.95 92.80 15.62
N MET H 177 -39.33 93.33 14.56
CA MET H 177 -38.98 94.74 14.53
C MET H 177 -40.20 95.62 14.30
N THR H 178 -40.16 96.81 14.90
CA THR H 178 -41.20 97.82 14.73
C THR H 178 -40.52 99.16 14.55
N GLN H 179 -41.16 100.04 13.77
CA GLN H 179 -40.61 101.36 13.46
C GLN H 179 -41.38 102.42 14.22
N GLN H 180 -40.66 103.30 14.92
CA GLN H 180 -41.28 104.40 15.65
C GLN H 180 -40.43 105.66 15.53
N SER H 181 -40.70 106.44 14.49
CA SER H 181 -40.25 107.83 14.36
C SER H 181 -38.75 107.99 14.65
N GLY H 182 -37.95 107.42 13.74
CA GLY H 182 -36.52 107.66 13.74
C GLY H 182 -35.68 106.61 14.43
N ASN H 183 -36.30 105.66 15.13
CA ASN H 183 -35.58 104.58 15.79
C ASN H 183 -36.36 103.28 15.64
N VAL H 184 -35.65 102.17 15.83
CA VAL H 184 -36.19 100.84 15.61
C VAL H 184 -36.25 100.12 16.94
N LYS H 185 -37.38 99.48 17.21
CA LYS H 185 -37.64 98.84 18.49
C LYS H 185 -37.74 97.33 18.26
N ILE H 186 -37.41 96.56 19.29
CA ILE H 186 -37.42 95.10 19.22
C ILE H 186 -38.35 94.58 20.31
N THR H 187 -39.26 93.70 19.92
CA THR H 187 -40.14 93.00 20.86
C THR H 187 -39.74 91.54 20.90
N VAL H 188 -39.85 90.92 22.07
CA VAL H 188 -39.27 89.61 22.33
C VAL H 188 -40.34 88.56 22.59
N ASN H 189 -41.28 88.84 23.50
CA ASN H 189 -42.34 87.91 23.90
C ASN H 189 -41.77 86.64 24.56
N GLY H 190 -40.63 86.76 25.23
CA GLY H 190 -40.12 85.66 26.03
C GLY H 190 -39.29 84.63 25.28
N GLN H 191 -38.25 85.09 24.60
CA GLN H 191 -37.40 84.21 23.80
C GLN H 191 -36.03 84.84 23.69
N THR H 192 -35.09 84.08 23.12
CA THR H 192 -33.75 84.56 22.84
C THR H 192 -33.65 85.00 21.38
N VAL H 193 -33.06 86.17 21.15
CA VAL H 193 -32.99 86.78 19.84
C VAL H 193 -31.55 87.17 19.55
N ARG H 194 -31.18 87.17 18.27
CA ARG H 194 -29.82 87.44 17.82
C ARG H 194 -29.90 88.46 16.68
N TYR H 195 -29.30 89.62 16.87
CA TYR H 195 -29.48 90.75 15.96
C TYR H 195 -28.13 91.27 15.49
N LYS H 196 -28.14 91.91 14.32
CA LYS H 196 -26.94 92.48 13.73
C LYS H 196 -27.35 93.55 12.73
N CYS H 197 -26.91 94.79 12.97
CA CYS H 197 -27.20 95.91 12.09
C CYS H 197 -25.90 96.48 11.55
N ASN H 198 -25.95 97.00 10.32
CA ASN H 198 -24.76 97.50 9.64
C ASN H 198 -24.63 99.01 9.68
N CYS H 199 -25.41 99.69 10.51
CA CYS H 199 -25.37 101.14 10.60
C CYS H 199 -24.13 101.56 11.37
N GLY H 200 -24.05 102.85 11.71
CA GLY H 200 -22.96 103.35 12.52
C GLY H 200 -22.85 102.69 13.87
N GLY H 201 -21.66 102.21 14.21
CA GLY H 201 -21.39 101.57 15.49
C GLY H 201 -21.25 100.06 15.39
N SER H 202 -21.87 99.44 14.38
CA SER H 202 -21.81 98.00 14.17
C SER H 202 -22.24 97.23 15.42
N ASN H 203 -23.40 97.61 15.96
CA ASN H 203 -23.91 96.97 17.17
C ASN H 203 -24.31 95.53 16.88
N GLU H 204 -23.90 94.62 17.77
CA GLU H 204 -24.24 93.22 17.65
C GLU H 204 -24.25 92.61 19.05
N GLY H 205 -25.15 91.66 19.26
CA GLY H 205 -25.24 91.04 20.56
C GLY H 205 -26.20 89.87 20.59
N LEU H 206 -26.62 89.51 21.80
CA LEU H 206 -27.49 88.37 22.04
C LEU H 206 -28.37 88.73 23.23
N THR H 207 -29.55 89.26 22.95
CA THR H 207 -30.41 89.87 23.96
C THR H 207 -31.55 88.95 24.35
N THR H 208 -32.10 89.21 25.55
CA THR H 208 -33.29 88.53 26.02
C THR H 208 -34.37 89.49 26.49
N THR H 209 -34.11 90.79 26.48
CA THR H 209 -35.06 91.82 26.86
C THR H 209 -35.20 92.83 25.73
N ASP H 210 -36.17 93.72 25.87
CA ASP H 210 -36.39 94.75 24.87
C ASP H 210 -35.20 95.70 24.79
N LYS H 211 -34.96 96.22 23.59
CA LYS H 211 -33.87 97.16 23.36
C LYS H 211 -34.34 98.24 22.39
N VAL H 212 -33.50 99.27 22.25
CA VAL H 212 -33.69 100.35 21.30
C VAL H 212 -32.33 100.71 20.71
N ILE H 213 -32.31 101.03 19.42
CA ILE H 213 -31.09 101.43 18.73
C ILE H 213 -31.28 102.85 18.22
N ASN H 214 -30.30 103.71 18.46
CA ASN H 214 -30.38 105.12 18.12
C ASN H 214 -29.79 105.37 16.74
N ASN H 215 -30.53 106.11 15.92
CA ASN H 215 -30.11 106.49 14.56
C ASN H 215 -29.63 105.29 13.77
N CYS H 216 -30.53 104.31 13.62
CA CYS H 216 -30.24 103.08 12.91
C CYS H 216 -31.55 102.61 12.29
N LYS H 217 -31.77 102.91 11.01
CA LYS H 217 -33.08 102.71 10.43
C LYS H 217 -33.33 101.22 10.15
N ILE H 218 -34.59 100.90 9.88
CA ILE H 218 -34.98 99.60 9.34
C ILE H 218 -34.44 99.49 7.93
N ASP H 219 -34.46 98.27 7.36
CA ASP H 219 -33.84 97.90 6.09
C ASP H 219 -32.34 97.74 6.32
N GLN H 220 -31.90 97.75 7.58
CA GLN H 220 -30.48 97.58 7.88
C GLN H 220 -30.22 96.56 9.01
N CYS H 221 -31.22 95.78 9.42
CA CYS H 221 -31.09 94.92 10.59
C CYS H 221 -31.62 93.53 10.28
N HIS H 222 -31.38 92.61 11.22
CA HIS H 222 -31.75 91.21 11.05
C HIS H 222 -32.11 90.65 12.42
N ALA H 223 -32.99 89.64 12.44
CA ALA H 223 -33.40 89.01 13.69
C ALA H 223 -33.68 87.53 13.48
N ALA H 224 -33.50 86.75 14.56
CA ALA H 224 -33.73 85.31 14.54
C ALA H 224 -33.85 84.81 15.97
N VAL H 225 -34.41 83.61 16.12
CA VAL H 225 -34.59 82.97 17.42
C VAL H 225 -33.64 81.76 17.48
N THR H 226 -32.90 81.64 18.58
CA THR H 226 -31.74 80.76 18.60
C THR H 226 -31.67 79.78 19.76
N ASN H 227 -32.59 79.80 20.71
CA ASN H 227 -32.52 78.92 21.88
C ASN H 227 -33.61 77.86 21.74
N HIS H 228 -33.19 76.63 21.46
CA HIS H 228 -34.10 75.52 21.21
C HIS H 228 -33.85 74.37 22.17
N LYS H 229 -34.92 73.64 22.49
CA LYS H 229 -34.87 72.54 23.44
C LYS H 229 -35.41 71.23 22.90
N ASN H 230 -35.83 71.17 21.65
CA ASN H 230 -36.38 69.95 21.06
C ASN H 230 -35.62 69.60 19.78
N TRP H 231 -35.78 68.35 19.36
CA TRP H 231 -35.10 67.83 18.17
C TRP H 231 -36.06 67.72 16.99
N GLN H 232 -35.48 67.66 15.79
CA GLN H 232 -36.24 67.73 14.56
C GLN H 232 -35.60 66.82 13.51
N TYR H 233 -36.43 66.28 12.62
CA TYR H 233 -35.95 65.45 11.54
C TYR H 233 -35.17 66.27 10.51
N ASN H 234 -34.10 65.69 9.97
CA ASN H 234 -33.22 66.39 9.03
C ASN H 234 -33.73 66.25 7.60
N SER H 235 -34.84 66.96 7.33
CA SER H 235 -35.45 66.92 6.01
C SER H 235 -34.51 67.56 4.99
N PRO H 236 -34.51 67.05 3.74
CA PRO H 236 -33.72 67.69 2.68
C PRO H 236 -34.26 69.04 2.26
N LEU H 237 -35.34 69.53 2.86
CA LEU H 237 -35.90 70.83 2.54
C LEU H 237 -35.57 71.90 3.59
N VAL H 238 -34.73 71.58 4.57
CA VAL H 238 -34.34 72.57 5.58
C VAL H 238 -32.82 72.61 5.70
N PRO H 239 -32.24 73.78 5.97
CA PRO H 239 -30.77 73.89 5.96
C PRO H 239 -30.12 73.42 7.25
N ARG H 240 -28.88 72.99 7.13
CA ARG H 240 -28.13 72.47 8.27
C ARG H 240 -27.69 73.60 9.19
N ASN H 241 -27.68 73.32 10.49
CA ASN H 241 -27.30 74.33 11.47
C ASN H 241 -25.78 74.47 11.64
N ALA H 242 -25.02 73.45 11.27
CA ALA H 242 -23.57 73.49 11.40
C ALA H 242 -22.96 72.56 10.37
N GLU H 243 -21.65 72.75 10.11
CA GLU H 243 -20.99 71.97 9.07
C GLU H 243 -21.05 70.48 9.35
N LEU H 244 -20.84 70.09 10.60
CA LEU H 244 -20.96 68.71 11.03
C LEU H 244 -22.18 68.58 11.94
N GLY H 245 -23.10 67.70 11.58
CA GLY H 245 -24.31 67.56 12.36
C GLY H 245 -24.07 66.89 13.69
N ASP H 246 -24.95 67.19 14.65
CA ASP H 246 -24.90 66.60 15.98
C ASP H 246 -26.08 65.66 16.13
N ARG H 247 -25.80 64.36 16.10
CA ARG H 247 -26.84 63.36 16.21
C ARG H 247 -27.31 63.23 17.66
N LYS H 248 -28.62 63.14 17.85
CA LYS H 248 -29.21 63.03 19.17
C LYS H 248 -30.00 61.75 19.41
N GLY H 249 -30.55 61.12 18.37
CA GLY H 249 -31.39 59.96 18.56
C GLY H 249 -31.98 59.52 17.24
N LYS H 250 -32.82 58.49 17.32
CA LYS H 250 -33.41 57.90 16.13
C LYS H 250 -34.73 57.24 16.45
N ILE H 251 -35.59 57.13 15.43
CA ILE H 251 -36.88 56.48 15.55
C ILE H 251 -37.04 55.52 14.38
N HIS H 252 -37.95 54.55 14.54
CA HIS H 252 -38.08 53.42 13.63
C HIS H 252 -39.27 53.59 12.69
N ILE H 253 -39.22 52.85 11.58
CA ILE H 253 -40.27 52.85 10.57
C ILE H 253 -41.11 51.58 10.76
N PRO H 254 -42.41 51.71 10.99
CA PRO H 254 -43.24 50.51 11.22
C PRO H 254 -43.65 49.80 9.95
N PHE H 255 -44.58 48.84 10.07
CA PHE H 255 -45.28 48.20 8.96
C PHE H 255 -44.33 47.46 8.01
N PRO H 256 -43.76 46.33 8.43
CA PRO H 256 -42.87 45.56 7.56
C PRO H 256 -43.66 44.69 6.57
N LEU H 257 -42.92 43.99 5.71
CA LEU H 257 -43.47 43.12 4.68
C LEU H 257 -43.65 41.70 5.20
N ALA H 258 -44.50 40.94 4.50
CA ALA H 258 -44.76 39.54 4.82
C ALA H 258 -45.31 38.85 3.58
N ASN H 259 -45.37 37.52 3.63
CA ASN H 259 -45.98 36.75 2.55
C ASN H 259 -47.44 36.43 2.86
N VAL H 260 -48.28 36.52 1.83
CA VAL H 260 -49.70 36.20 1.93
C VAL H 260 -50.17 35.57 0.63
N THR H 261 -51.47 35.34 0.50
CA THR H 261 -52.06 34.80 -0.72
C THR H 261 -53.27 35.66 -1.09
N CYS H 262 -53.59 35.68 -2.39
CA CYS H 262 -54.70 36.46 -2.90
C CYS H 262 -55.42 35.66 -3.97
N ARG H 263 -56.69 36.00 -4.21
CA ARG H 263 -57.63 35.19 -4.97
C ARG H 263 -57.90 35.73 -6.37
N VAL H 264 -58.01 34.81 -7.33
CA VAL H 264 -58.25 35.12 -8.74
C VAL H 264 -59.40 34.27 -9.27
N PRO H 265 -60.12 34.74 -10.29
CA PRO H 265 -61.28 34.00 -10.82
C PRO H 265 -60.87 32.93 -11.84
N LYS H 266 -61.89 32.22 -12.35
CA LYS H 266 -61.73 31.19 -13.37
C LYS H 266 -62.77 31.38 -14.47
N ALA H 267 -62.43 30.96 -15.69
CA ALA H 267 -63.17 31.28 -16.89
C ALA H 267 -64.29 30.27 -17.18
N ARG H 268 -65.18 30.67 -18.09
CA ARG H 268 -66.35 29.89 -18.48
C ARG H 268 -66.00 28.85 -19.54
N ASN H 269 -66.80 27.78 -19.58
CA ASN H 269 -66.53 26.68 -20.50
C ASN H 269 -66.85 27.08 -21.95
N PRO H 270 -66.05 26.67 -22.91
CA PRO H 270 -66.34 26.95 -24.32
C PRO H 270 -67.14 25.82 -24.98
N THR H 271 -67.54 26.09 -26.22
CA THR H 271 -68.28 25.14 -27.05
C THR H 271 -67.35 24.56 -28.12
N VAL H 272 -67.32 23.24 -28.23
CA VAL H 272 -66.34 22.54 -29.04
C VAL H 272 -67.06 21.62 -30.03
N THR H 273 -66.68 21.69 -31.30
CA THR H 273 -67.16 20.79 -32.34
C THR H 273 -65.97 20.19 -33.07
N TYR H 274 -66.21 19.05 -33.71
CA TYR H 274 -65.14 18.24 -34.27
C TYR H 274 -65.26 18.13 -35.78
N GLY H 275 -64.12 17.97 -36.43
CA GLY H 275 -64.04 17.79 -37.87
C GLY H 275 -62.83 16.93 -38.17
N LYS H 276 -62.55 16.73 -39.46
CA LYS H 276 -61.41 15.92 -39.84
C LYS H 276 -60.11 16.70 -39.56
N ASN H 277 -59.35 16.22 -38.59
CA ASN H 277 -58.07 16.82 -38.23
C ASN H 277 -58.17 18.30 -37.87
N GLN H 278 -59.27 18.68 -37.21
CA GLN H 278 -59.38 20.06 -36.75
C GLN H 278 -60.39 20.16 -35.61
N VAL H 279 -60.23 21.21 -34.80
CA VAL H 279 -61.09 21.52 -33.67
C VAL H 279 -61.57 22.96 -33.79
N THR H 280 -62.86 23.18 -33.57
CA THR H 280 -63.47 24.50 -33.64
C THR H 280 -64.00 24.89 -32.26
N MET H 281 -63.70 26.11 -31.82
CA MET H 281 -64.05 26.58 -30.49
C MET H 281 -64.70 27.95 -30.55
N LEU H 282 -65.75 28.14 -29.74
CA LEU H 282 -66.43 29.42 -29.60
C LEU H 282 -66.28 29.91 -28.17
N LEU H 283 -65.75 31.11 -28.01
CA LEU H 283 -65.33 31.64 -26.71
C LEU H 283 -66.25 32.76 -26.25
N TYR H 284 -66.46 32.85 -24.93
CA TYR H 284 -67.35 33.84 -24.32
C TYR H 284 -66.61 34.60 -23.23
N PRO H 285 -65.84 35.62 -23.59
CA PRO H 285 -65.09 36.38 -22.58
C PRO H 285 -65.95 37.37 -21.83
N ASP H 286 -65.57 37.62 -20.57
CA ASP H 286 -66.12 38.70 -19.78
C ASP H 286 -65.13 39.83 -19.53
N HIS H 287 -63.84 39.53 -19.53
CA HIS H 287 -62.76 40.49 -19.40
C HIS H 287 -61.53 39.89 -20.07
N PRO H 288 -60.52 40.71 -20.39
CA PRO H 288 -59.38 40.20 -21.17
C PRO H 288 -58.78 38.91 -20.62
N THR H 289 -58.62 37.93 -21.51
CA THR H 289 -58.16 36.60 -21.16
C THR H 289 -57.13 36.16 -22.20
N LEU H 290 -56.18 35.33 -21.77
CA LEU H 290 -55.08 34.88 -22.60
C LEU H 290 -55.36 33.48 -23.15
N LEU H 291 -55.08 33.29 -24.43
CA LEU H 291 -55.19 32.00 -25.10
C LEU H 291 -53.83 31.61 -25.67
N SER H 292 -53.43 30.35 -25.46
CA SER H 292 -52.16 29.86 -25.97
C SER H 292 -52.26 28.36 -26.25
N TYR H 293 -51.41 27.89 -27.15
CA TYR H 293 -51.36 26.47 -27.49
C TYR H 293 -49.99 26.13 -28.05
N ARG H 294 -49.68 24.84 -28.04
CA ARG H 294 -48.41 24.34 -28.55
C ARG H 294 -48.57 22.91 -29.01
N ASN H 295 -47.64 22.47 -29.86
CA ASN H 295 -47.58 21.09 -30.30
C ASN H 295 -46.70 20.28 -29.35
N MET H 296 -47.07 19.02 -29.14
CA MET H 296 -46.19 18.11 -28.43
C MET H 296 -45.34 17.35 -29.42
N GLY H 297 -44.10 17.06 -29.02
CA GLY H 297 -43.13 16.52 -29.95
C GLY H 297 -41.93 17.44 -30.12
N GLN H 298 -41.24 17.33 -31.25
CA GLN H 298 -39.95 18.00 -31.40
C GLN H 298 -40.08 19.49 -31.67
N GLU H 299 -41.11 19.92 -32.39
CA GLU H 299 -41.29 21.33 -32.73
C GLU H 299 -42.51 21.89 -32.01
N PRO H 300 -42.33 22.75 -31.00
CA PRO H 300 -43.50 23.22 -30.24
C PRO H 300 -44.41 24.17 -31.00
N ASN H 301 -43.86 25.10 -31.78
CA ASN H 301 -44.64 26.09 -32.53
C ASN H 301 -45.60 26.87 -31.60
N TYR H 302 -44.99 27.67 -30.73
CA TYR H 302 -45.75 28.44 -29.76
C TYR H 302 -46.54 29.57 -30.40
N HIS H 303 -47.75 29.81 -29.90
CA HIS H 303 -48.57 30.95 -30.30
C HIS H 303 -49.26 31.56 -29.09
N GLU H 304 -49.63 32.83 -29.20
CA GLU H 304 -50.15 33.61 -28.08
C GLU H 304 -51.10 34.68 -28.60
N GLU H 305 -52.18 34.93 -27.85
CA GLU H 305 -53.18 35.89 -28.29
C GLU H 305 -54.02 36.35 -27.10
N TRP H 306 -54.38 37.63 -27.10
CA TRP H 306 -55.33 38.20 -26.15
C TRP H 306 -56.71 38.29 -26.77
N VAL H 307 -57.74 37.96 -25.99
CA VAL H 307 -59.12 37.93 -26.45
C VAL H 307 -59.95 38.86 -25.58
N THR H 308 -60.67 39.79 -26.22
CA THR H 308 -61.47 40.77 -25.50
C THR H 308 -62.95 40.77 -25.91
N HIS H 309 -63.36 39.94 -26.86
CA HIS H 309 -64.75 39.84 -27.24
C HIS H 309 -65.00 38.48 -27.89
N LYS H 310 -66.28 38.22 -28.17
CA LYS H 310 -66.69 36.93 -28.73
C LYS H 310 -66.00 36.67 -30.06
N LYS H 311 -65.48 35.45 -30.22
CA LYS H 311 -64.61 35.13 -31.34
C LYS H 311 -64.62 33.63 -31.58
N GLU H 312 -64.35 33.23 -32.83
CA GLU H 312 -64.30 31.83 -33.23
C GLU H 312 -62.97 31.52 -33.88
N VAL H 313 -62.40 30.36 -33.54
CA VAL H 313 -61.06 29.97 -34.00
C VAL H 313 -61.07 28.51 -34.42
N THR H 314 -60.20 28.19 -35.38
CA THR H 314 -60.02 26.84 -35.90
C THR H 314 -58.55 26.47 -35.86
N LEU H 315 -58.27 25.23 -35.45
CA LEU H 315 -56.90 24.77 -35.25
C LEU H 315 -56.75 23.38 -35.86
N THR H 316 -55.51 23.03 -36.22
CA THR H 316 -55.20 21.73 -36.75
C THR H 316 -54.60 20.83 -35.68
N VAL H 317 -54.86 19.54 -35.79
CA VAL H 317 -54.41 18.52 -34.84
C VAL H 317 -53.36 17.66 -35.55
N PRO H 318 -52.09 17.76 -35.19
CA PRO H 318 -51.06 16.93 -35.81
C PRO H 318 -51.08 15.52 -35.26
N THR H 319 -50.18 14.69 -35.77
CA THR H 319 -50.12 13.29 -35.35
C THR H 319 -49.79 13.16 -33.87
N GLU H 320 -48.86 13.96 -33.38
CA GLU H 320 -48.40 13.81 -32.00
C GLU H 320 -49.33 14.45 -30.98
N GLY H 321 -50.27 15.28 -31.40
CA GLY H 321 -51.25 15.81 -30.47
C GLY H 321 -51.09 17.32 -30.26
N LEU H 322 -52.13 17.91 -29.67
CA LEU H 322 -52.22 19.34 -29.44
C LEU H 322 -52.61 19.61 -28.00
N GLU H 323 -52.08 20.70 -27.43
CA GLU H 323 -52.38 21.11 -26.06
C GLU H 323 -52.82 22.57 -26.07
N VAL H 324 -53.95 22.85 -25.40
CA VAL H 324 -54.58 24.16 -25.43
C VAL H 324 -54.87 24.61 -24.01
N THR H 325 -54.58 25.87 -23.71
CA THR H 325 -54.78 26.45 -22.39
C THR H 325 -55.66 27.69 -22.51
N TRP H 326 -56.61 27.83 -21.59
CA TRP H 326 -57.60 28.91 -21.65
C TRP H 326 -57.77 29.49 -20.26
N GLY H 327 -57.33 30.74 -20.07
CA GLY H 327 -57.45 31.38 -18.77
C GLY H 327 -56.63 30.68 -17.70
N ASN H 328 -57.22 30.56 -16.51
CA ASN H 328 -56.57 29.94 -15.37
C ASN H 328 -56.93 28.47 -15.22
N ASN H 329 -57.64 27.89 -16.18
CA ASN H 329 -58.10 26.51 -16.08
C ASN H 329 -56.97 25.54 -16.44
N GLU H 330 -57.27 24.25 -16.37
CA GLU H 330 -56.34 23.20 -16.73
C GLU H 330 -56.31 23.00 -18.24
N PRO H 331 -55.19 22.56 -18.79
CA PRO H 331 -55.10 22.38 -20.25
C PRO H 331 -55.86 21.16 -20.74
N TYR H 332 -56.16 21.17 -22.03
CA TYR H 332 -56.85 20.08 -22.72
C TYR H 332 -55.88 19.38 -23.65
N LYS H 333 -56.20 18.13 -24.00
CA LYS H 333 -55.38 17.32 -24.89
C LYS H 333 -56.25 16.62 -25.92
N TYR H 334 -55.76 16.56 -27.16
CA TYR H 334 -56.49 15.95 -28.27
C TYR H 334 -55.55 15.09 -29.10
N TRP H 335 -56.08 13.98 -29.62
CA TRP H 335 -55.35 13.07 -30.51
C TRP H 335 -56.25 12.70 -31.68
N PRO H 336 -55.68 12.48 -32.85
CA PRO H 336 -56.49 12.13 -34.02
C PRO H 336 -56.77 10.63 -34.10
N GLN H 337 -57.79 10.30 -34.88
CA GLN H 337 -58.25 8.92 -35.02
C GLN H 337 -58.57 8.63 -36.49
N MET H 338 -58.41 7.37 -36.89
CA MET H 338 -58.60 6.98 -38.27
C MET H 338 -60.07 7.07 -38.67
N SER H 339 -60.30 7.58 -39.89
CA SER H 339 -61.62 7.57 -40.51
C SER H 339 -61.45 7.71 -42.01
N THR H 340 -62.41 7.20 -42.76
CA THR H 340 -62.34 7.25 -44.20
C THR H 340 -63.71 6.93 -44.79
N ASN H 341 -63.91 7.36 -46.03
CA ASN H 341 -65.14 7.09 -46.78
C ASN H 341 -65.01 5.96 -47.78
N GLY H 342 -63.84 5.36 -47.90
CA GLY H 342 -63.62 4.26 -48.82
C GLY H 342 -63.88 2.92 -48.17
N THR H 343 -63.34 1.88 -48.80
CA THR H 343 -63.42 0.53 -48.24
C THR H 343 -62.22 -0.26 -48.70
N ALA H 344 -61.75 -1.17 -47.85
CA ALA H 344 -60.58 -1.98 -48.15
C ALA H 344 -60.94 -3.28 -48.85
N HIS H 345 -62.23 -3.53 -49.08
CA HIS H 345 -62.69 -4.66 -49.87
C HIS H 345 -63.69 -4.15 -50.88
N GLY H 346 -63.69 -4.76 -52.08
CA GLY H 346 -64.56 -4.34 -53.16
C GLY H 346 -63.77 -3.98 -54.40
N HIS H 347 -64.27 -2.98 -55.13
CA HIS H 347 -63.76 -2.66 -56.44
C HIS H 347 -62.40 -1.97 -56.35
N PRO H 348 -61.60 -2.04 -57.42
CA PRO H 348 -60.24 -1.46 -57.35
C PRO H 348 -60.20 0.02 -57.04
N HIS H 349 -61.08 0.84 -57.64
CA HIS H 349 -60.97 2.27 -57.45
C HIS H 349 -61.34 2.70 -56.03
N GLU H 350 -62.14 1.91 -55.33
CA GLU H 350 -62.42 2.18 -53.92
C GLU H 350 -61.29 1.73 -53.00
N ILE H 351 -60.47 0.78 -53.42
CA ILE H 351 -59.32 0.38 -52.61
C ILE H 351 -58.29 1.50 -52.57
N ILE H 352 -58.06 2.17 -53.70
CA ILE H 352 -57.05 3.23 -53.76
C ILE H 352 -57.45 4.39 -52.85
N LEU H 353 -58.73 4.73 -52.82
CA LEU H 353 -59.18 5.86 -52.01
C LEU H 353 -58.94 5.62 -50.53
N TYR H 354 -59.13 4.38 -50.07
CA TYR H 354 -58.95 4.06 -48.66
C TYR H 354 -57.56 4.43 -48.17
N TYR H 355 -56.52 4.02 -48.91
CA TYR H 355 -55.15 4.27 -48.47
C TYR H 355 -54.73 5.72 -48.68
N TYR H 356 -55.27 6.37 -49.71
CA TYR H 356 -54.89 7.75 -50.00
C TYR H 356 -55.23 8.68 -48.85
N GLU H 357 -56.40 8.50 -48.25
CA GLU H 357 -56.85 9.39 -47.18
C GLU H 357 -56.11 9.19 -45.87
N LEU H 358 -55.33 8.11 -45.74
CA LEU H 358 -54.54 7.86 -44.55
C LEU H 358 -53.06 8.20 -44.73
N TYR H 359 -52.48 7.88 -45.89
CA TYR H 359 -51.07 8.15 -46.18
C TYR H 359 -50.99 8.81 -47.54
N PRO H 360 -51.31 10.11 -47.63
CA PRO H 360 -51.36 10.77 -48.95
C PRO H 360 -50.05 10.74 -49.71
N THR H 361 -48.91 10.96 -49.05
CA THR H 361 -47.67 11.20 -49.78
C THR H 361 -47.07 9.91 -50.33
N MET H 362 -47.14 8.81 -49.59
CA MET H 362 -46.53 7.56 -50.06
C MET H 362 -47.33 6.90 -51.16
N THR H 363 -48.65 7.07 -51.16
CA THR H 363 -49.49 6.41 -52.16
C THR H 363 -49.15 6.90 -53.57
N VAL H 364 -48.94 8.20 -53.73
CA VAL H 364 -48.68 8.75 -55.07
C VAL H 364 -47.32 8.29 -55.58
N VAL H 365 -46.31 8.27 -54.71
CA VAL H 365 -44.97 7.87 -55.13
C VAL H 365 -44.95 6.41 -55.57
N ILE H 366 -45.55 5.53 -54.78
CA ILE H 366 -45.49 4.10 -55.06
C ILE H 366 -46.25 3.76 -56.33
N VAL H 367 -47.45 4.30 -56.49
CA VAL H 367 -48.25 4.00 -57.67
C VAL H 367 -47.59 4.54 -58.93
N SER H 368 -47.06 5.76 -58.88
CA SER H 368 -46.47 6.37 -60.08
C SER H 368 -45.22 5.62 -60.53
N VAL H 369 -44.36 5.23 -59.59
CA VAL H 369 -43.13 4.55 -59.94
C VAL H 369 -43.42 3.17 -60.55
N ALA H 370 -44.36 2.43 -59.95
CA ALA H 370 -44.65 1.09 -60.44
C ALA H 370 -45.21 1.11 -61.85
N SER H 371 -46.03 2.11 -62.17
CA SER H 371 -46.60 2.21 -63.51
C SER H 371 -45.52 2.37 -64.56
N PHE H 372 -44.49 3.19 -64.27
CA PHE H 372 -43.42 3.42 -65.24
C PHE H 372 -42.69 2.12 -65.57
N VAL H 373 -42.37 1.32 -64.55
CA VAL H 373 -41.63 0.08 -64.78
C VAL H 373 -42.42 -0.89 -65.64
N LEU H 374 -43.73 -1.02 -65.37
CA LEU H 374 -44.55 -1.98 -66.10
C LEU H 374 -44.61 -1.64 -67.59
N LEU H 375 -44.77 -0.36 -67.92
CA LEU H 375 -44.84 0.03 -69.33
C LEU H 375 -43.52 -0.19 -70.05
N SER H 376 -42.40 0.00 -69.35
CA SER H 376 -41.10 -0.25 -69.96
C SER H 376 -40.91 -1.72 -70.30
N MET H 377 -41.34 -2.61 -69.40
CA MET H 377 -41.18 -4.05 -69.65
C MET H 377 -42.02 -4.52 -70.83
N VAL H 378 -43.20 -3.94 -71.03
CA VAL H 378 -44.00 -4.27 -72.20
C VAL H 378 -43.26 -3.87 -73.48
N GLY H 379 -42.65 -2.69 -73.48
CA GLY H 379 -41.93 -2.23 -74.66
C GLY H 379 -40.76 -3.12 -75.02
N THR H 380 -40.05 -3.63 -74.01
CA THR H 380 -38.90 -4.50 -74.27
C THR H 380 -39.31 -5.77 -75.00
N ALA H 381 -40.44 -6.35 -74.61
CA ALA H 381 -40.91 -7.57 -75.26
C ALA H 381 -41.18 -7.35 -76.74
N VAL H 382 -41.73 -6.19 -77.09
CA VAL H 382 -41.99 -5.91 -78.50
C VAL H 382 -40.69 -5.73 -79.26
N GLY H 383 -39.68 -5.14 -78.63
CA GLY H 383 -38.39 -4.97 -79.27
C GLY H 383 -37.76 -6.30 -79.66
N MET H 384 -37.89 -7.30 -78.79
CA MET H 384 -37.28 -8.60 -79.07
C MET H 384 -37.89 -9.25 -80.32
N CYS H 385 -39.21 -9.17 -80.46
CA CYS H 385 -39.86 -9.84 -81.58
C CYS H 385 -39.51 -9.17 -82.91
N VAL H 386 -39.36 -7.85 -82.92
CA VAL H 386 -39.00 -7.15 -84.15
C VAL H 386 -37.60 -7.56 -84.62
N CYS H 387 -36.65 -7.65 -83.68
CA CYS H 387 -35.30 -8.07 -84.04
C CYS H 387 -35.28 -9.48 -84.59
N ALA H 388 -36.11 -10.37 -84.02
CA ALA H 388 -36.16 -11.75 -84.50
C ALA H 388 -36.69 -11.82 -85.92
N ARG H 389 -37.65 -10.96 -86.28
CA ARG H 389 -38.25 -11.04 -87.60
C ARG H 389 -37.26 -10.71 -88.70
N ARG H 390 -36.44 -9.67 -88.52
CA ARG H 390 -35.48 -9.30 -89.55
C ARG H 390 -34.47 -10.40 -89.81
N ARG H 391 -33.97 -11.04 -88.74
CA ARG H 391 -33.04 -12.15 -88.93
C ARG H 391 -33.73 -13.38 -89.50
N CYS H 392 -35.03 -13.53 -89.26
CA CYS H 392 -35.76 -14.69 -89.77
C CYS H 392 -35.90 -14.65 -91.29
N ILE H 393 -36.09 -13.46 -91.87
CA ILE H 393 -36.48 -13.34 -93.27
C ILE H 393 -35.30 -13.01 -94.17
N THR H 394 -34.34 -12.23 -93.66
CA THR H 394 -33.29 -11.61 -94.49
C THR H 394 -32.69 -12.54 -95.55
N PRO H 395 -32.23 -13.76 -95.24
CA PRO H 395 -31.65 -14.58 -96.30
C PRO H 395 -32.58 -14.88 -97.46
N TYR H 396 -33.89 -14.91 -97.22
CA TYR H 396 -34.84 -15.16 -98.30
C TYR H 396 -34.97 -13.97 -99.25
N GLU H 397 -34.60 -12.78 -98.81
CA GLU H 397 -34.69 -11.58 -99.65
C GLU H 397 -33.50 -11.44 -100.58
N LEU H 398 -32.36 -12.06 -100.27
CA LEU H 398 -31.14 -11.84 -101.05
C LEU H 398 -30.99 -12.81 -102.21
N THR H 399 -31.36 -14.07 -102.03
CA THR H 399 -31.11 -15.08 -103.06
C THR H 399 -31.96 -14.80 -104.29
N PRO H 400 -31.38 -14.80 -105.49
CA PRO H 400 -32.17 -14.57 -106.71
C PRO H 400 -33.10 -15.75 -107.01
N GLY H 401 -34.38 -15.44 -107.20
CA GLY H 401 -35.35 -16.42 -107.65
C GLY H 401 -35.97 -17.29 -106.58
N ALA H 402 -35.67 -17.08 -105.30
CA ALA H 402 -36.20 -17.91 -104.25
C ALA H 402 -37.65 -17.56 -103.96
N THR H 403 -38.34 -18.45 -103.26
CA THR H 403 -39.74 -18.27 -102.90
C THR H 403 -39.96 -18.53 -101.42
N VAL H 404 -40.69 -17.65 -100.77
CA VAL H 404 -41.03 -17.79 -99.35
C VAL H 404 -41.98 -18.97 -99.18
N PRO H 405 -41.74 -19.87 -98.23
CA PRO H 405 -42.68 -20.97 -98.02
C PRO H 405 -43.99 -20.49 -97.43
N PHE H 406 -45.03 -21.31 -97.64
CA PHE H 406 -46.40 -20.92 -97.29
C PHE H 406 -46.54 -20.67 -95.79
N LEU H 407 -46.04 -21.60 -94.97
CA LEU H 407 -46.23 -21.50 -93.52
C LEU H 407 -45.58 -20.25 -92.95
N LEU H 408 -44.37 -19.93 -93.39
CA LEU H 408 -43.72 -18.71 -92.94
C LEU H 408 -44.35 -17.47 -93.57
N SER H 409 -44.90 -17.60 -94.78
CA SER H 409 -45.47 -16.43 -95.45
C SER H 409 -46.66 -15.87 -94.68
N LEU H 410 -47.51 -16.73 -94.14
CA LEU H 410 -48.79 -16.32 -93.60
C LEU H 410 -48.81 -16.13 -92.09
N LEU H 411 -48.14 -17.01 -91.34
CA LEU H 411 -48.32 -17.08 -89.89
C LEU H 411 -47.14 -16.51 -89.11
N CYS H 412 -45.95 -17.06 -89.29
CA CYS H 412 -44.80 -16.73 -88.46
C CYS H 412 -43.73 -16.07 -89.30
N CYS H 413 -43.04 -15.10 -88.70
CA CYS H 413 -42.08 -14.25 -89.41
C CYS H 413 -42.74 -13.51 -90.58
N VAL H 414 -43.99 -13.10 -90.37
CA VAL H 414 -44.72 -12.36 -91.40
C VAL H 414 -44.05 -11.02 -91.69
N ASN I 1 44.08 -39.66 -99.96
CA ASN I 1 42.91 -38.96 -100.49
C ASN I 1 41.76 -38.98 -99.48
N ASP I 2 41.41 -40.19 -99.03
CA ASP I 2 40.31 -40.36 -98.08
C ASP I 2 40.79 -40.53 -96.63
N CYS I 3 42.02 -41.02 -96.44
CA CYS I 3 42.55 -41.28 -95.10
C CYS I 3 43.03 -40.02 -94.38
N ILE I 4 43.08 -38.88 -95.05
CA ILE I 4 43.62 -37.64 -94.48
C ILE I 4 42.47 -36.67 -94.25
N PHE I 5 42.49 -36.00 -93.10
CA PHE I 5 41.46 -35.06 -92.71
C PHE I 5 42.09 -33.76 -92.24
N GLU I 6 41.37 -32.66 -92.42
CA GLU I 6 41.86 -31.33 -92.10
C GLU I 6 41.46 -30.92 -90.69
N VAL I 7 42.37 -30.24 -90.00
CA VAL I 7 42.16 -29.74 -88.64
C VAL I 7 42.08 -28.23 -88.70
N LYS I 8 40.97 -27.67 -88.22
CA LYS I 8 40.72 -26.24 -88.32
C LYS I 8 40.46 -25.61 -86.96
N HIS I 9 40.92 -24.38 -86.80
CA HIS I 9 40.64 -23.55 -85.63
C HIS I 9 40.40 -22.13 -86.13
N GLU I 10 39.18 -21.64 -85.96
CA GLU I 10 38.80 -20.29 -86.38
C GLU I 10 39.08 -20.08 -87.88
N GLY I 11 38.80 -21.11 -88.68
CA GLY I 11 38.92 -21.03 -90.11
C GLY I 11 40.29 -21.25 -90.69
N LYS I 12 41.33 -21.39 -89.85
CA LYS I 12 42.68 -21.58 -90.34
C LYS I 12 43.10 -23.05 -90.22
N VAL I 13 43.78 -23.54 -91.25
CA VAL I 13 44.32 -24.90 -91.26
C VAL I 13 45.71 -24.90 -90.62
N MET I 14 45.89 -25.72 -89.58
CA MET I 14 47.20 -25.87 -88.94
C MET I 14 47.87 -27.20 -89.25
N GLY I 15 47.11 -28.24 -89.49
CA GLY I 15 47.71 -29.54 -89.70
C GLY I 15 46.69 -30.58 -90.10
N TYR I 16 47.06 -31.83 -89.94
CA TYR I 16 46.22 -32.95 -90.37
C TYR I 16 46.29 -34.06 -89.33
N ALA I 17 45.27 -34.92 -89.35
CA ALA I 17 45.25 -36.14 -88.58
C ALA I 17 45.18 -37.31 -89.55
N CYS I 18 45.77 -38.44 -89.14
CA CYS I 18 45.90 -39.60 -90.01
C CYS I 18 45.21 -40.80 -89.38
N LEU I 19 44.49 -41.55 -90.21
CA LEU I 19 43.74 -42.73 -89.79
C LEU I 19 44.50 -43.94 -90.30
N VAL I 20 45.28 -44.57 -89.42
CA VAL I 20 46.21 -45.61 -89.79
C VAL I 20 45.98 -46.82 -88.90
N GLY I 21 45.93 -48.00 -89.51
CA GLY I 21 45.68 -49.22 -88.76
C GLY I 21 44.32 -49.16 -88.09
N ASP I 22 44.30 -49.39 -86.79
CA ASP I 22 43.09 -49.35 -85.98
C ASP I 22 43.02 -48.16 -85.04
N LYS I 23 43.91 -47.17 -85.20
CA LYS I 23 44.00 -46.02 -84.30
C LYS I 23 43.88 -44.74 -85.09
N VAL I 24 43.42 -43.68 -84.42
CA VAL I 24 43.33 -42.33 -84.97
C VAL I 24 44.46 -41.53 -84.34
N MET I 25 45.30 -40.93 -85.18
CA MET I 25 46.54 -40.32 -84.73
C MET I 25 46.54 -38.82 -84.99
N LYS I 26 47.02 -38.05 -84.02
CA LYS I 26 47.14 -36.60 -84.16
C LYS I 26 48.33 -36.08 -83.35
N PRO I 27 49.16 -35.20 -83.92
CA PRO I 27 50.25 -34.62 -83.12
C PRO I 27 49.71 -33.75 -81.99
N ALA I 28 50.39 -33.79 -80.84
CA ALA I 28 49.85 -33.22 -79.62
C ALA I 28 50.04 -31.71 -79.51
N HIS I 29 51.06 -31.17 -80.18
CA HIS I 29 51.32 -29.73 -80.10
C HIS I 29 50.40 -28.91 -80.99
N VAL I 30 49.62 -29.55 -81.86
CA VAL I 30 48.76 -28.85 -82.81
C VAL I 30 47.44 -28.52 -82.14
N LYS I 31 47.05 -27.26 -82.19
CA LYS I 31 45.76 -26.83 -81.67
C LYS I 31 44.67 -27.03 -82.71
N GLY I 32 43.43 -26.95 -82.27
CA GLY I 32 42.27 -27.02 -83.15
C GLY I 32 41.42 -28.24 -82.86
N THR I 33 40.40 -28.41 -83.70
CA THR I 33 39.47 -29.53 -83.62
C THR I 33 39.43 -30.21 -84.98
N ILE I 34 38.79 -31.38 -85.05
CA ILE I 34 38.76 -32.21 -86.24
C ILE I 34 37.53 -31.86 -87.05
N ASP I 35 37.69 -31.80 -88.38
CA ASP I 35 36.59 -31.42 -89.25
C ASP I 35 35.44 -32.42 -89.21
N ASN I 36 35.75 -33.72 -89.22
CA ASN I 36 34.71 -34.74 -89.27
C ASN I 36 33.91 -34.73 -87.98
N ALA I 37 32.58 -34.72 -88.11
CA ALA I 37 31.70 -34.62 -86.96
C ALA I 37 31.82 -35.84 -86.06
N ASP I 38 31.87 -37.04 -86.64
CA ASP I 38 31.86 -38.25 -85.84
C ASP I 38 33.12 -38.41 -85.03
N LEU I 39 34.29 -38.13 -85.64
CA LEU I 39 35.55 -38.27 -84.93
C LEU I 39 35.72 -37.22 -83.82
N ALA I 40 35.04 -36.09 -83.93
CA ALA I 40 35.22 -35.00 -82.97
C ALA I 40 34.71 -35.34 -81.58
N LYS I 41 33.82 -36.33 -81.45
CA LYS I 41 33.22 -36.65 -80.16
C LYS I 41 34.02 -37.66 -79.35
N LEU I 42 35.06 -38.25 -79.92
CA LEU I 42 35.81 -39.29 -79.25
C LEU I 42 36.74 -38.70 -78.20
N ALA I 43 36.99 -39.47 -77.14
CA ALA I 43 37.93 -39.08 -76.10
C ALA I 43 39.32 -39.61 -76.40
N PHE I 44 40.34 -38.78 -76.15
CA PHE I 44 41.71 -39.10 -76.49
C PHE I 44 42.59 -39.02 -75.25
N LYS I 45 43.67 -39.78 -75.25
CA LYS I 45 44.64 -39.79 -74.17
C LYS I 45 45.95 -39.18 -74.66
N ARG I 46 46.61 -38.42 -73.81
CA ARG I 46 47.78 -37.63 -74.18
C ARG I 46 49.02 -38.17 -73.51
N SER I 47 50.15 -38.02 -74.21
CA SER I 47 51.44 -38.48 -73.70
C SER I 47 52.47 -37.45 -74.16
N SER I 48 53.05 -36.73 -73.21
CA SER I 48 53.97 -35.65 -73.51
C SER I 48 55.36 -36.14 -73.87
N LYS I 49 55.65 -37.43 -73.64
CA LYS I 49 56.97 -37.96 -73.97
C LYS I 49 57.12 -38.08 -75.49
N TYR I 50 56.03 -38.40 -76.19
CA TYR I 50 56.07 -38.62 -77.63
C TYR I 50 55.21 -37.64 -78.41
N ASP I 51 54.57 -36.67 -77.75
CA ASP I 51 53.81 -35.61 -78.43
C ASP I 51 52.74 -36.17 -79.36
N LEU I 52 52.14 -37.28 -78.96
CA LEU I 52 51.14 -37.95 -79.78
C LEU I 52 49.83 -38.10 -79.02
N GLU I 53 48.74 -38.21 -79.77
CA GLU I 53 47.44 -38.50 -79.20
C GLU I 53 46.73 -39.54 -80.05
N CYS I 54 46.04 -40.48 -79.40
CA CYS I 54 45.45 -41.62 -80.09
C CYS I 54 44.08 -41.95 -79.54
N ALA I 55 43.32 -42.70 -80.32
CA ALA I 55 41.99 -43.18 -79.94
C ALA I 55 41.65 -44.38 -80.81
N GLN I 56 40.55 -45.05 -80.45
CA GLN I 56 40.10 -46.25 -81.16
C GLN I 56 39.17 -45.88 -82.30
N ILE I 57 39.35 -46.53 -83.43
CA ILE I 57 38.55 -46.23 -84.62
C ILE I 57 37.17 -46.85 -84.47
N PRO I 58 36.09 -46.08 -84.61
CA PRO I 58 34.74 -46.68 -84.63
C PRO I 58 34.55 -47.57 -85.86
N VAL I 59 33.60 -48.49 -85.73
CA VAL I 59 33.52 -49.63 -86.65
C VAL I 59 33.19 -49.20 -88.08
N HIS I 60 32.20 -48.31 -88.27
CA HIS I 60 31.75 -48.10 -89.64
C HIS I 60 32.76 -47.38 -90.55
N MET I 61 33.87 -46.85 -90.03
CA MET I 61 34.86 -46.25 -90.93
C MET I 61 36.10 -47.13 -91.11
N LYS I 62 36.00 -48.42 -90.75
CA LYS I 62 37.18 -49.28 -90.82
C LYS I 62 37.64 -49.50 -92.26
N SER I 63 36.74 -49.38 -93.24
CA SER I 63 37.10 -49.71 -94.61
C SER I 63 38.08 -48.72 -95.21
N ASP I 64 38.28 -47.56 -94.59
CA ASP I 64 39.16 -46.53 -95.12
C ASP I 64 40.58 -46.61 -94.57
N ALA I 65 40.86 -47.58 -93.71
CA ALA I 65 42.19 -47.68 -93.10
C ALA I 65 43.24 -48.02 -94.14
N SER I 66 44.43 -47.46 -93.96
CA SER I 66 45.59 -47.82 -94.75
C SER I 66 46.32 -49.00 -94.13
N LYS I 67 47.27 -49.56 -94.88
CA LYS I 67 48.14 -50.60 -94.37
C LYS I 67 49.41 -49.98 -93.79
N PHE I 68 50.14 -50.78 -93.02
CA PHE I 68 51.35 -50.29 -92.38
C PHE I 68 52.38 -51.40 -92.30
N THR I 69 53.63 -51.01 -92.08
CA THR I 69 54.73 -51.96 -91.94
C THR I 69 55.75 -51.39 -90.97
N HIS I 70 56.82 -52.15 -90.76
CA HIS I 70 57.90 -51.78 -89.84
C HIS I 70 59.31 -51.98 -90.38
N GLU I 71 59.48 -52.57 -91.56
CA GLU I 71 60.80 -52.72 -92.16
C GLU I 71 61.21 -51.45 -92.89
N LYS I 72 62.47 -51.04 -92.69
CA LYS I 72 63.00 -49.82 -93.29
C LYS I 72 64.38 -50.08 -93.90
N PRO I 73 64.44 -50.85 -94.98
CA PRO I 73 65.71 -50.99 -95.70
C PRO I 73 66.06 -49.71 -96.45
N GLU I 74 67.34 -49.56 -96.77
CA GLU I 74 67.83 -48.32 -97.35
C GLU I 74 67.38 -48.17 -98.79
N GLY I 75 67.01 -46.95 -99.17
CA GLY I 75 66.52 -46.70 -100.51
C GLY I 75 65.75 -45.38 -100.57
N TYR I 76 64.74 -45.35 -101.44
CA TYR I 76 63.94 -44.17 -101.70
C TYR I 76 62.50 -44.39 -101.29
N TYR I 77 61.85 -43.31 -100.86
CA TYR I 77 60.47 -43.35 -100.40
C TYR I 77 59.73 -42.15 -100.97
N ASN I 78 58.39 -42.20 -100.92
CA ASN I 78 57.54 -41.23 -101.59
C ASN I 78 56.61 -40.54 -100.61
N TRP I 79 56.42 -39.23 -100.80
CA TRP I 79 55.46 -38.45 -100.03
C TRP I 79 54.87 -37.40 -100.96
N HIS I 80 54.01 -36.52 -100.43
CA HIS I 80 53.14 -35.73 -101.30
C HIS I 80 53.93 -34.80 -102.21
N HIS I 81 54.96 -34.13 -101.68
CA HIS I 81 55.68 -33.10 -102.42
C HIS I 81 56.94 -33.62 -103.10
N GLY I 82 57.07 -34.94 -103.25
CA GLY I 82 58.23 -35.46 -103.94
C GLY I 82 58.80 -36.73 -103.32
N ALA I 83 60.11 -36.92 -103.48
CA ALA I 83 60.82 -38.06 -102.97
C ALA I 83 61.56 -37.74 -101.68
N VAL I 84 61.86 -38.78 -100.91
CA VAL I 84 62.62 -38.66 -99.68
C VAL I 84 63.67 -39.77 -99.69
N GLN I 85 64.87 -39.44 -99.23
CA GLN I 85 66.00 -40.36 -99.23
C GLN I 85 66.31 -40.80 -97.81
N TYR I 86 66.44 -42.11 -97.62
CA TYR I 86 66.73 -42.69 -96.31
C TYR I 86 68.07 -43.40 -96.37
N SER I 87 69.02 -42.92 -95.58
CA SER I 87 70.32 -43.56 -95.43
C SER I 87 70.96 -43.02 -94.16
N GLY I 88 71.62 -43.90 -93.41
CA GLY I 88 72.25 -43.50 -92.18
C GLY I 88 71.32 -43.25 -91.02
N GLY I 89 70.03 -43.57 -91.17
CA GLY I 89 69.06 -43.34 -90.12
C GLY I 89 68.40 -41.97 -90.12
N ARG I 90 68.55 -41.19 -91.18
CA ARG I 90 67.97 -39.86 -91.26
C ARG I 90 67.23 -39.68 -92.59
N PHE I 91 66.21 -38.83 -92.56
CA PHE I 91 65.41 -38.54 -93.74
C PHE I 91 65.87 -37.23 -94.38
N THR I 92 66.18 -37.28 -95.67
CA THR I 92 66.78 -36.16 -96.39
C THR I 92 65.78 -35.57 -97.37
N ILE I 93 65.60 -34.25 -97.31
CA ILE I 93 64.68 -33.53 -98.19
C ILE I 93 65.43 -32.37 -98.85
N PRO I 94 65.26 -32.16 -100.16
CA PRO I 94 65.84 -30.97 -100.79
C PRO I 94 65.35 -29.70 -100.11
N THR I 95 66.29 -28.79 -99.88
CA THR I 95 66.01 -27.62 -99.05
C THR I 95 64.88 -26.78 -99.65
N GLY I 96 64.02 -26.26 -98.77
CA GLY I 96 62.94 -25.39 -99.18
C GLY I 96 61.61 -26.08 -99.46
N ALA I 97 61.60 -27.40 -99.58
CA ALA I 97 60.37 -28.14 -99.84
C ALA I 97 59.71 -28.46 -98.49
N GLY I 98 58.52 -27.91 -98.28
CA GLY I 98 57.87 -28.00 -97.00
C GLY I 98 58.02 -26.72 -96.21
N LYS I 99 56.95 -26.26 -95.58
CA LYS I 99 56.91 -24.99 -94.88
C LYS I 99 56.10 -25.17 -93.61
N PRO I 100 56.22 -24.25 -92.64
CA PRO I 100 55.39 -24.33 -91.44
C PRO I 100 53.91 -24.35 -91.78
N GLY I 101 53.16 -25.13 -91.03
CA GLY I 101 51.75 -25.35 -91.30
C GLY I 101 51.44 -26.64 -92.02
N ASP I 102 52.45 -27.44 -92.35
CA ASP I 102 52.29 -28.66 -93.13
C ASP I 102 52.62 -29.91 -92.31
N SER I 103 52.23 -29.91 -91.03
CA SER I 103 52.50 -31.04 -90.14
C SER I 103 51.42 -32.12 -90.25
N GLY I 104 51.77 -33.31 -89.79
CA GLY I 104 50.84 -34.43 -89.76
C GLY I 104 50.87 -35.33 -90.98
N ARG I 105 51.82 -35.16 -91.88
CA ARG I 105 51.75 -35.87 -93.15
C ARG I 105 52.46 -37.23 -93.05
N PRO I 106 51.81 -38.31 -93.46
CA PRO I 106 52.48 -39.62 -93.47
C PRO I 106 53.49 -39.74 -94.59
N ILE I 107 54.44 -40.67 -94.37
CA ILE I 107 55.45 -41.03 -95.36
C ILE I 107 55.16 -42.45 -95.83
N PHE I 108 55.23 -42.65 -97.14
CA PHE I 108 54.82 -43.91 -97.75
C PHE I 108 56.02 -44.73 -98.20
N ASP I 109 55.87 -46.05 -98.16
CA ASP I 109 56.85 -46.97 -98.70
C ASP I 109 56.61 -47.11 -100.21
N ASN I 110 57.34 -48.03 -100.84
CA ASN I 110 57.20 -48.24 -102.28
C ASN I 110 55.80 -48.76 -102.63
N LYS I 111 55.18 -49.54 -101.74
CA LYS I 111 53.85 -50.09 -101.99
C LYS I 111 52.74 -49.27 -101.35
N GLY I 112 53.05 -48.07 -100.85
CA GLY I 112 52.02 -47.22 -100.28
C GLY I 112 51.69 -47.49 -98.83
N ARG I 113 52.56 -48.19 -98.10
CA ARG I 113 52.34 -48.49 -96.70
C ARG I 113 52.91 -47.38 -95.83
N VAL I 114 52.26 -47.17 -94.68
CA VAL I 114 52.65 -46.09 -93.77
C VAL I 114 53.85 -46.55 -92.96
N VAL I 115 54.86 -45.68 -92.85
CA VAL I 115 56.06 -46.02 -92.08
C VAL I 115 56.35 -44.95 -91.04
N ALA I 116 55.96 -43.71 -91.28
CA ALA I 116 56.38 -42.65 -90.38
C ALA I 116 55.42 -41.46 -90.45
N ILE I 117 55.46 -40.64 -89.40
CA ILE I 117 54.73 -39.40 -89.30
C ILE I 117 55.74 -38.29 -89.06
N VAL I 118 55.67 -37.23 -89.86
CA VAL I 118 56.66 -36.16 -89.81
C VAL I 118 56.13 -35.02 -88.95
N LEU I 119 56.91 -34.64 -87.95
CA LEU I 119 56.65 -33.46 -87.11
C LEU I 119 57.97 -32.69 -86.96
N GLY I 120 58.20 -31.74 -87.86
CA GLY I 120 59.31 -30.82 -87.72
C GLY I 120 60.56 -31.27 -88.46
N GLY I 121 61.55 -30.36 -88.47
CA GLY I 121 62.81 -30.62 -89.13
C GLY I 121 63.80 -29.53 -88.85
N ALA I 122 65.05 -29.80 -89.18
CA ALA I 122 66.18 -28.91 -88.94
C ALA I 122 66.61 -28.26 -90.25
N ASN I 123 67.42 -27.21 -90.12
CA ASN I 123 67.80 -26.37 -91.27
C ASN I 123 69.27 -26.59 -91.56
N GLU I 124 69.57 -26.96 -92.80
CA GLU I 124 70.93 -27.07 -93.30
C GLU I 124 70.92 -26.70 -94.78
N GLY I 125 72.04 -26.17 -95.26
CA GLY I 125 72.10 -25.54 -96.56
C GLY I 125 71.55 -26.32 -97.75
N ALA I 126 72.23 -27.40 -98.13
CA ALA I 126 71.85 -28.13 -99.34
C ALA I 126 70.71 -29.11 -99.09
N ARG I 127 70.69 -29.76 -97.93
CA ARG I 127 69.69 -30.77 -97.63
C ARG I 127 69.25 -30.60 -96.18
N THR I 128 68.01 -31.02 -95.90
CA THR I 128 67.44 -30.89 -94.57
C THR I 128 67.13 -32.27 -93.97
N ALA I 129 67.22 -32.33 -92.65
CA ALA I 129 66.89 -33.53 -91.88
C ALA I 129 65.62 -33.29 -91.09
N LEU I 130 64.83 -34.35 -90.92
CA LEU I 130 63.51 -34.24 -90.31
C LEU I 130 63.48 -34.95 -88.96
N SER I 131 62.57 -34.50 -88.11
CA SER I 131 62.26 -35.16 -86.85
C SER I 131 60.90 -35.85 -87.00
N VAL I 132 60.87 -37.16 -86.74
CA VAL I 132 59.72 -37.99 -87.06
C VAL I 132 59.34 -38.81 -85.84
N VAL I 133 58.15 -39.41 -85.92
CA VAL I 133 57.70 -40.44 -85.00
C VAL I 133 57.62 -41.75 -85.77
N THR I 134 58.43 -42.72 -85.39
CA THR I 134 58.43 -44.05 -85.98
C THR I 134 58.20 -45.10 -84.90
N TRP I 135 58.26 -46.37 -85.29
CA TRP I 135 58.00 -47.45 -84.36
C TRP I 135 58.81 -48.68 -84.74
N ASN I 136 58.72 -49.70 -83.89
CA ASN I 136 59.40 -50.98 -84.04
C ASN I 136 58.48 -52.04 -83.46
N LYS I 137 58.98 -53.27 -83.31
CA LYS I 137 58.12 -54.31 -82.76
C LYS I 137 57.66 -53.94 -81.34
N ASP I 138 56.38 -53.60 -81.20
CA ASP I 138 55.70 -53.41 -79.92
C ASP I 138 56.10 -52.13 -79.17
N ILE I 139 56.86 -51.22 -79.79
CA ILE I 139 57.30 -50.00 -79.13
C ILE I 139 57.14 -48.82 -80.06
N VAL I 140 57.32 -47.62 -79.51
CA VAL I 140 57.30 -46.37 -80.25
C VAL I 140 58.50 -45.53 -79.83
N THR I 141 59.15 -44.89 -80.81
CA THR I 141 60.35 -44.11 -80.55
C THR I 141 60.29 -42.80 -81.32
N LYS I 142 61.15 -41.87 -80.92
CA LYS I 142 61.20 -40.53 -81.50
C LYS I 142 62.63 -40.16 -81.86
N ILE I 143 62.82 -39.63 -83.06
CA ILE I 143 64.13 -39.24 -83.56
C ILE I 143 64.09 -37.74 -83.82
N THR I 144 65.06 -37.02 -83.25
CA THR I 144 65.12 -35.57 -83.43
C THR I 144 66.55 -35.12 -83.70
N PRO I 145 66.83 -34.53 -84.85
CA PRO I 145 68.17 -34.04 -85.13
C PRO I 145 68.46 -32.71 -84.45
N GLU I 146 69.76 -32.40 -84.38
CA GLU I 146 70.20 -31.19 -83.70
C GLU I 146 69.68 -29.95 -84.43
N GLY I 147 69.11 -29.03 -83.66
CA GLY I 147 68.65 -27.76 -84.21
C GLY I 147 67.29 -27.77 -84.85
N ALA I 148 66.56 -28.88 -84.76
CA ALA I 148 65.24 -28.96 -85.39
C ALA I 148 64.29 -27.94 -84.78
N GLU I 149 63.40 -27.41 -85.62
CA GLU I 149 62.39 -26.44 -85.21
C GLU I 149 61.02 -26.93 -85.65
N GLU I 150 60.02 -26.69 -84.80
CA GLU I 150 58.68 -27.23 -85.03
C GLU I 150 58.05 -26.61 -86.28
N TRP I 151 57.30 -27.44 -87.00
CA TRP I 151 56.54 -26.98 -88.15
C TRP I 151 55.07 -26.87 -87.82
N ASN J 1 6.60 -36.34 -105.94
CA ASN J 1 8.00 -36.12 -106.23
C ASN J 1 8.56 -34.96 -105.40
N ASP J 2 7.75 -33.91 -105.23
CA ASP J 2 8.15 -32.74 -104.46
C ASP J 2 7.56 -32.71 -103.05
N CYS J 3 6.59 -33.56 -102.75
CA CYS J 3 5.87 -33.52 -101.48
C CYS J 3 6.48 -34.42 -100.42
N ILE J 4 7.61 -35.06 -100.69
CA ILE J 4 8.24 -36.00 -99.76
C ILE J 4 9.44 -35.33 -99.12
N PHE J 5 9.55 -35.47 -97.80
CA PHE J 5 10.67 -34.96 -97.03
C PHE J 5 11.27 -36.10 -96.21
N GLU J 6 12.52 -35.93 -95.80
CA GLU J 6 13.24 -36.96 -95.07
C GLU J 6 13.30 -36.63 -93.58
N VAL J 7 13.26 -37.69 -92.77
CA VAL J 7 13.42 -37.58 -91.32
C VAL J 7 14.74 -38.24 -90.95
N LYS J 8 15.61 -37.48 -90.28
CA LYS J 8 16.98 -37.90 -90.04
C LYS J 8 17.29 -37.93 -88.56
N HIS J 9 18.22 -38.80 -88.18
CA HIS J 9 18.76 -38.85 -86.82
C HIS J 9 20.21 -39.32 -86.89
N GLU J 10 21.12 -38.50 -86.39
CA GLU J 10 22.54 -38.81 -86.35
C GLU J 10 23.08 -39.17 -87.73
N GLY J 11 22.62 -38.44 -88.74
CA GLY J 11 23.12 -38.58 -90.09
C GLY J 11 22.50 -39.71 -90.90
N LYS J 12 21.65 -40.53 -90.29
CA LYS J 12 21.06 -41.68 -90.96
C LYS J 12 19.59 -41.43 -91.26
N VAL J 13 19.10 -42.09 -92.31
CA VAL J 13 17.70 -42.02 -92.71
C VAL J 13 16.99 -43.27 -92.20
N MET J 14 15.89 -43.07 -91.46
CA MET J 14 15.05 -44.17 -91.04
C MET J 14 13.63 -44.12 -91.59
N GLY J 15 13.19 -42.99 -92.15
CA GLY J 15 11.85 -42.93 -92.70
C GLY J 15 11.58 -41.59 -93.34
N TYR J 16 10.38 -41.47 -93.89
CA TYR J 16 9.95 -40.31 -94.64
C TYR J 16 8.65 -39.76 -94.04
N ALA J 17 8.40 -38.48 -94.33
CA ALA J 17 7.14 -37.84 -94.01
C ALA J 17 6.51 -37.29 -95.27
N CYS J 18 5.17 -37.23 -95.30
CA CYS J 18 4.43 -36.89 -96.50
C CYS J 18 3.34 -35.86 -96.20
N LEU J 19 3.09 -34.99 -97.18
CA LEU J 19 2.05 -33.99 -97.10
C LEU J 19 0.87 -34.44 -97.99
N VAL J 20 -0.27 -34.68 -97.36
CA VAL J 20 -1.48 -35.07 -98.08
C VAL J 20 -2.63 -34.21 -97.57
N GLY J 21 -3.42 -33.68 -98.49
CA GLY J 21 -4.54 -32.84 -98.10
C GLY J 21 -4.04 -31.57 -97.45
N ASP J 22 -4.36 -31.39 -96.18
CA ASP J 22 -3.89 -30.23 -95.42
C ASP J 22 -3.15 -30.62 -94.15
N LYS J 23 -2.68 -31.86 -94.04
CA LYS J 23 -2.02 -32.33 -92.84
C LYS J 23 -0.73 -33.05 -93.17
N VAL J 24 0.24 -32.98 -92.25
CA VAL J 24 1.50 -33.69 -92.38
C VAL J 24 1.39 -34.98 -91.58
N MET J 25 1.88 -36.08 -92.14
CA MET J 25 1.67 -37.40 -91.59
C MET J 25 3.00 -38.13 -91.43
N LYS J 26 3.14 -38.86 -90.33
CA LYS J 26 4.39 -39.56 -89.97
C LYS J 26 4.14 -40.82 -89.16
N PRO J 27 4.70 -41.96 -89.55
CA PRO J 27 4.54 -43.18 -88.74
C PRO J 27 5.10 -43.00 -87.33
N ALA J 28 4.40 -43.59 -86.36
CA ALA J 28 4.71 -43.36 -84.95
C ALA J 28 6.01 -44.02 -84.52
N HIS J 29 6.35 -45.19 -85.08
CA HIS J 29 7.52 -45.92 -84.62
C HIS J 29 8.83 -45.40 -85.20
N VAL J 30 8.80 -44.41 -86.09
CA VAL J 30 10.02 -43.84 -86.64
C VAL J 30 10.47 -42.70 -85.74
N LYS J 31 11.73 -42.74 -85.31
CA LYS J 31 12.29 -41.70 -84.47
C LYS J 31 12.95 -40.62 -85.31
N GLY J 32 13.43 -39.58 -84.65
CA GLY J 32 14.18 -38.52 -85.29
C GLY J 32 13.41 -37.23 -85.42
N THR J 33 13.96 -36.33 -86.22
CA THR J 33 13.35 -35.03 -86.49
C THR J 33 13.31 -34.79 -87.99
N ILE J 34 12.62 -33.72 -88.38
CA ILE J 34 12.42 -33.36 -89.78
C ILE J 34 13.49 -32.36 -90.19
N ASP J 35 14.09 -32.58 -91.36
CA ASP J 35 15.23 -31.77 -91.78
C ASP J 35 14.81 -30.33 -92.06
N ASN J 36 13.61 -30.13 -92.62
CA ASN J 36 13.16 -28.78 -92.94
C ASN J 36 13.06 -27.95 -91.68
N ALA J 37 13.56 -26.71 -91.74
CA ALA J 37 13.60 -25.85 -90.57
C ALA J 37 12.19 -25.49 -90.08
N ASP J 38 11.25 -25.28 -91.01
CA ASP J 38 9.93 -24.80 -90.62
C ASP J 38 9.06 -25.89 -90.04
N LEU J 39 9.07 -27.09 -90.64
CA LEU J 39 8.19 -28.16 -90.18
C LEU J 39 8.60 -28.68 -88.81
N ALA J 40 9.88 -28.58 -88.44
CA ALA J 40 10.36 -29.19 -87.21
C ALA J 40 9.80 -28.53 -85.96
N LYS J 41 9.27 -27.31 -86.07
CA LYS J 41 8.76 -26.57 -84.91
C LYS J 41 7.26 -26.80 -84.69
N LEU J 42 6.61 -27.62 -85.51
CA LEU J 42 5.18 -27.84 -85.40
C LEU J 42 4.84 -28.74 -84.22
N ALA J 43 3.69 -28.48 -83.61
CA ALA J 43 3.15 -29.34 -82.56
C ALA J 43 2.32 -30.46 -83.18
N PHE J 44 2.46 -31.65 -82.63
CA PHE J 44 1.86 -32.85 -83.20
C PHE J 44 0.95 -33.54 -82.20
N LYS J 45 -0.05 -34.23 -82.70
CA LYS J 45 -0.89 -35.11 -81.90
C LYS J 45 -0.45 -36.55 -82.12
N ARG J 46 -0.60 -37.37 -81.09
CA ARG J 46 -0.13 -38.76 -81.13
C ARG J 46 -1.28 -39.70 -80.83
N SER J 47 -1.33 -40.82 -81.55
CA SER J 47 -2.33 -41.86 -81.34
C SER J 47 -1.69 -43.20 -81.61
N SER J 48 -1.50 -43.99 -80.56
CA SER J 48 -0.92 -45.32 -80.70
C SER J 48 -1.92 -46.35 -81.21
N LYS J 49 -3.18 -45.98 -81.38
CA LYS J 49 -4.14 -46.90 -81.99
C LYS J 49 -3.87 -47.11 -83.47
N TYR J 50 -3.35 -46.09 -84.17
CA TYR J 50 -3.17 -46.17 -85.61
C TYR J 50 -1.75 -45.86 -86.07
N ASP J 51 -0.80 -45.65 -85.14
CA ASP J 51 0.59 -45.36 -85.47
C ASP J 51 0.73 -44.17 -86.41
N LEU J 52 -0.02 -43.10 -86.14
CA LEU J 52 0.04 -41.89 -86.94
C LEU J 52 0.14 -40.67 -86.04
N GLU J 53 0.84 -39.64 -86.54
CA GLU J 53 0.87 -38.33 -85.92
C GLU J 53 0.65 -37.29 -87.00
N CYS J 54 -0.07 -36.23 -86.66
CA CYS J 54 -0.50 -35.25 -87.66
C CYS J 54 -0.36 -33.84 -87.11
N ALA J 55 -0.29 -32.88 -88.02
CA ALA J 55 -0.21 -31.46 -87.68
C ALA J 55 -0.73 -30.67 -88.87
N GLN J 56 -0.93 -29.38 -88.66
CA GLN J 56 -1.50 -28.52 -89.68
C GLN J 56 -0.40 -27.97 -90.58
N ILE J 57 -0.70 -27.91 -91.87
CA ILE J 57 0.25 -27.36 -92.85
C ILE J 57 0.25 -25.84 -92.73
N PRO J 58 1.42 -25.21 -92.63
CA PRO J 58 1.47 -23.74 -92.67
C PRO J 58 1.06 -23.21 -94.04
N VAL J 59 0.68 -21.94 -94.05
CA VAL J 59 -0.09 -21.38 -95.16
C VAL J 59 0.71 -21.43 -96.45
N HIS J 60 1.97 -20.98 -96.41
CA HIS J 60 2.71 -20.74 -97.63
C HIS J 60 3.13 -22.00 -98.37
N MET J 61 3.00 -23.18 -97.76
CA MET J 61 3.39 -24.43 -98.42
C MET J 61 2.22 -25.24 -98.98
N LYS J 62 0.99 -24.74 -98.94
CA LYS J 62 -0.14 -25.58 -99.32
C LYS J 62 -0.05 -26.06 -100.77
N SER J 63 0.58 -25.28 -101.64
CA SER J 63 0.56 -25.60 -103.07
C SER J 63 1.23 -26.93 -103.40
N ASP J 64 2.04 -27.47 -102.49
CA ASP J 64 2.80 -28.68 -102.78
C ASP J 64 2.11 -29.95 -102.31
N ALA J 65 0.92 -29.86 -101.74
CA ALA J 65 0.19 -31.05 -101.32
C ALA J 65 -0.43 -31.76 -102.52
N SER J 66 -0.52 -33.08 -102.41
CA SER J 66 -1.08 -33.93 -103.45
C SER J 66 -2.59 -34.06 -103.28
N LYS J 67 -3.21 -34.72 -104.27
CA LYS J 67 -4.62 -35.05 -104.20
C LYS J 67 -4.83 -36.42 -103.57
N PHE J 68 -6.07 -36.69 -103.17
CA PHE J 68 -6.39 -37.94 -102.49
C PHE J 68 -7.81 -38.35 -102.84
N THR J 69 -8.10 -39.65 -102.67
CA THR J 69 -9.41 -40.19 -102.96
C THR J 69 -9.68 -41.35 -102.01
N HIS J 70 -10.88 -41.95 -102.13
CA HIS J 70 -11.28 -43.05 -101.28
C HIS J 70 -11.84 -44.24 -102.04
N GLU J 71 -12.15 -44.12 -103.33
CA GLU J 71 -12.50 -45.28 -104.12
C GLU J 71 -11.27 -46.13 -104.39
N LYS J 72 -11.43 -47.44 -104.26
CA LYS J 72 -10.33 -48.39 -104.48
C LYS J 72 -10.81 -49.54 -105.37
N PRO J 73 -11.08 -49.27 -106.64
CA PRO J 73 -11.45 -50.36 -107.55
C PRO J 73 -10.28 -51.26 -107.84
N GLU J 74 -10.59 -52.48 -108.28
CA GLU J 74 -9.54 -53.45 -108.56
C GLU J 74 -8.71 -53.03 -109.76
N GLY J 75 -7.40 -53.26 -109.67
CA GLY J 75 -6.48 -52.82 -110.70
C GLY J 75 -5.06 -52.80 -110.16
N TYR J 76 -4.19 -52.10 -110.88
CA TYR J 76 -2.80 -51.96 -110.52
C TYR J 76 -2.51 -50.53 -110.11
N TYR J 77 -1.60 -50.38 -109.15
CA TYR J 77 -1.21 -49.07 -108.63
C TYR J 77 0.30 -48.93 -108.70
N ASN J 78 0.77 -47.69 -108.67
CA ASN J 78 2.17 -47.37 -108.88
C ASN J 78 2.79 -46.82 -107.61
N TRP J 79 4.05 -47.16 -107.36
CA TRP J 79 4.80 -46.55 -106.28
C TRP J 79 6.26 -46.43 -106.70
N HIS J 80 7.11 -46.07 -105.74
CA HIS J 80 8.49 -45.71 -106.04
C HIS J 80 9.28 -46.86 -106.67
N HIS J 81 9.08 -48.08 -106.17
CA HIS J 81 9.88 -49.22 -106.58
C HIS J 81 9.22 -50.07 -107.67
N GLY J 82 8.08 -49.65 -108.20
CA GLY J 82 7.45 -50.44 -109.24
C GLY J 82 5.93 -50.43 -109.20
N ALA J 83 5.32 -51.51 -109.70
CA ALA J 83 3.88 -51.64 -109.74
C ALA J 83 3.40 -52.52 -108.58
N VAL J 84 2.21 -52.21 -108.06
CA VAL J 84 1.61 -52.94 -106.96
C VAL J 84 0.21 -53.38 -107.38
N GLN J 85 -0.17 -54.58 -106.98
CA GLN J 85 -1.42 -55.22 -107.38
C GLN J 85 -2.41 -55.22 -106.23
N TYR J 86 -3.66 -54.87 -106.53
CA TYR J 86 -4.74 -54.84 -105.54
C TYR J 86 -5.86 -55.76 -106.01
N SER J 87 -6.17 -56.78 -105.21
CA SER J 87 -7.22 -57.73 -105.51
C SER J 87 -7.55 -58.50 -104.24
N GLY J 88 -8.83 -58.79 -104.05
CA GLY J 88 -9.26 -59.48 -102.85
C GLY J 88 -9.23 -58.63 -101.60
N GLY J 89 -9.10 -57.32 -101.74
CA GLY J 89 -8.99 -56.45 -100.58
C GLY J 89 -7.63 -56.44 -99.92
N ARG J 90 -6.57 -56.77 -100.65
CA ARG J 90 -5.23 -56.86 -100.07
C ARG J 90 -4.19 -56.38 -101.06
N PHE J 91 -3.12 -55.79 -100.52
CA PHE J 91 -2.02 -55.27 -101.32
C PHE J 91 -0.90 -56.29 -101.39
N THR J 92 -0.38 -56.54 -102.59
CA THR J 92 0.71 -57.49 -102.79
C THR J 92 1.78 -56.87 -103.68
N ILE J 93 3.05 -57.19 -103.37
CA ILE J 93 4.20 -56.72 -104.14
C ILE J 93 5.11 -57.92 -104.36
N PRO J 94 5.77 -58.04 -105.53
CA PRO J 94 6.70 -59.16 -105.73
C PRO J 94 7.83 -59.16 -104.72
N THR J 95 8.27 -60.37 -104.36
CA THR J 95 9.24 -60.54 -103.29
C THR J 95 10.58 -59.89 -103.64
N GLY J 96 11.31 -59.51 -102.59
CA GLY J 96 12.63 -58.93 -102.73
C GLY J 96 12.68 -57.42 -102.73
N ALA J 97 11.57 -56.76 -103.06
CA ALA J 97 11.57 -55.31 -103.15
C ALA J 97 11.33 -54.69 -101.78
N GLY J 98 12.16 -53.71 -101.43
CA GLY J 98 11.95 -53.00 -100.18
C GLY J 98 12.80 -53.52 -99.04
N LYS J 99 13.32 -52.60 -98.23
CA LYS J 99 14.22 -52.90 -97.13
C LYS J 99 13.82 -52.04 -95.94
N PRO J 100 14.26 -52.41 -94.73
CA PRO J 100 14.00 -51.55 -93.58
C PRO J 100 14.54 -50.14 -93.78
N GLY J 101 13.80 -49.15 -93.29
CA GLY J 101 14.14 -47.76 -93.48
C GLY J 101 13.41 -47.07 -94.61
N ASP J 102 12.57 -47.79 -95.37
CA ASP J 102 11.85 -47.21 -96.49
C ASP J 102 10.35 -47.10 -96.23
N SER J 103 9.95 -47.02 -94.96
CA SER J 103 8.55 -46.80 -94.62
C SER J 103 8.16 -45.34 -94.86
N GLY J 104 6.88 -45.14 -95.19
CA GLY J 104 6.34 -43.81 -95.43
C GLY J 104 6.14 -43.42 -96.88
N ARG J 105 6.41 -44.31 -97.82
CA ARG J 105 6.16 -43.97 -99.22
C ARG J 105 4.67 -44.05 -99.52
N PRO J 106 4.12 -43.09 -100.26
CA PRO J 106 2.70 -43.16 -100.64
C PRO J 106 2.47 -44.05 -101.84
N ILE J 107 1.22 -44.47 -102.00
CA ILE J 107 0.79 -45.34 -103.10
C ILE J 107 -0.15 -44.56 -104.00
N PHE J 108 0.13 -44.57 -105.30
CA PHE J 108 -0.48 -43.67 -106.26
C PHE J 108 -1.44 -44.42 -107.18
N ASP J 109 -2.47 -43.73 -107.62
CA ASP J 109 -3.42 -44.26 -108.58
C ASP J 109 -3.01 -43.86 -110.00
N ASN J 110 -3.85 -44.18 -110.99
CA ASN J 110 -3.54 -43.84 -112.37
C ASN J 110 -3.51 -42.32 -112.59
N LYS J 111 -4.23 -41.57 -111.77
CA LYS J 111 -4.26 -40.12 -111.87
C LYS J 111 -3.41 -39.43 -110.82
N GLY J 112 -2.57 -40.18 -110.11
CA GLY J 112 -1.64 -39.57 -109.17
C GLY J 112 -2.19 -39.24 -107.80
N ARG J 113 -3.33 -39.81 -107.41
CA ARG J 113 -3.92 -39.48 -106.11
C ARG J 113 -3.49 -40.50 -105.07
N VAL J 114 -3.24 -40.00 -103.86
CA VAL J 114 -2.74 -40.81 -102.76
C VAL J 114 -3.89 -41.59 -102.13
N VAL J 115 -3.67 -42.88 -101.90
CA VAL J 115 -4.70 -43.72 -101.31
C VAL J 115 -4.25 -44.42 -100.04
N ALA J 116 -2.95 -44.52 -99.76
CA ALA J 116 -2.49 -45.28 -98.60
C ALA J 116 -1.08 -44.87 -98.24
N ILE J 117 -0.67 -45.24 -97.02
CA ILE J 117 0.71 -45.08 -96.55
C ILE J 117 1.18 -46.42 -95.99
N VAL J 118 2.38 -46.83 -96.40
CA VAL J 118 2.88 -48.18 -96.14
C VAL J 118 3.76 -48.17 -94.89
N LEU J 119 3.46 -49.07 -93.96
CA LEU J 119 4.23 -49.26 -92.73
C LEU J 119 4.45 -50.76 -92.53
N GLY J 120 5.60 -51.26 -92.99
CA GLY J 120 5.97 -52.64 -92.73
C GLY J 120 5.41 -53.60 -93.76
N GLY J 121 5.57 -54.88 -93.47
CA GLY J 121 5.08 -55.92 -94.36
C GLY J 121 5.30 -57.30 -93.78
N ALA J 122 4.70 -58.28 -94.44
CA ALA J 122 4.78 -59.68 -94.07
C ALA J 122 5.81 -60.40 -94.93
N ASN J 123 6.20 -61.59 -94.48
CA ASN J 123 7.20 -62.40 -95.15
C ASN J 123 6.50 -63.56 -95.84
N GLU J 124 6.80 -63.76 -97.13
CA GLU J 124 6.27 -64.89 -97.86
C GLU J 124 7.18 -65.19 -99.04
N GLY J 125 7.20 -66.45 -99.46
CA GLY J 125 8.06 -66.92 -100.53
C GLY J 125 7.93 -66.19 -101.85
N ALA J 126 6.77 -66.26 -102.48
CA ALA J 126 6.61 -65.78 -103.85
C ALA J 126 6.21 -64.31 -103.92
N ARG J 127 5.27 -63.87 -103.09
CA ARG J 127 4.80 -62.50 -103.12
C ARG J 127 4.72 -61.97 -101.70
N THR J 128 4.89 -60.67 -101.54
CA THR J 128 4.91 -60.03 -100.23
C THR J 128 3.61 -59.27 -100.01
N ALA J 129 2.96 -59.53 -98.87
CA ALA J 129 1.76 -58.82 -98.46
C ALA J 129 2.13 -57.63 -97.60
N LEU J 130 1.46 -56.51 -97.85
CA LEU J 130 1.76 -55.26 -97.16
C LEU J 130 0.82 -55.06 -95.98
N SER J 131 1.33 -54.36 -94.96
CA SER J 131 0.51 -53.81 -93.89
C SER J 131 0.43 -52.31 -94.15
N VAL J 132 -0.79 -51.80 -94.34
CA VAL J 132 -0.99 -50.42 -94.74
C VAL J 132 -2.05 -49.78 -93.83
N VAL J 133 -2.09 -48.45 -93.89
CA VAL J 133 -3.18 -47.67 -93.29
C VAL J 133 -3.88 -46.92 -94.41
N THR J 134 -5.21 -47.04 -94.45
CA THR J 134 -6.02 -46.38 -95.46
C THR J 134 -7.10 -45.57 -94.77
N TRP J 135 -8.05 -45.06 -95.53
CA TRP J 135 -9.12 -44.26 -94.94
C TRP J 135 -10.40 -44.48 -95.72
N ASN J 136 -11.49 -44.02 -95.12
CA ASN J 136 -12.82 -44.10 -95.70
C ASN J 136 -13.51 -42.77 -95.38
N LYS J 137 -14.82 -42.72 -95.61
CA LYS J 137 -15.57 -41.53 -95.26
C LYS J 137 -15.53 -41.29 -93.75
N ASP J 138 -14.85 -40.24 -93.32
CA ASP J 138 -14.83 -39.74 -91.96
C ASP J 138 -14.21 -40.71 -90.95
N ILE J 139 -13.55 -41.77 -91.41
CA ILE J 139 -12.85 -42.69 -90.51
C ILE J 139 -11.50 -43.05 -91.11
N VAL J 140 -10.63 -43.59 -90.25
CA VAL J 140 -9.36 -44.17 -90.67
C VAL J 140 -9.30 -45.59 -90.14
N THR J 141 -8.52 -46.42 -90.81
CA THR J 141 -8.47 -47.84 -90.44
C THR J 141 -7.07 -48.40 -90.65
N LYS J 142 -6.75 -49.42 -89.86
CA LYS J 142 -5.49 -50.14 -89.93
C LYS J 142 -5.74 -51.53 -90.48
N ILE J 143 -4.97 -51.92 -91.50
CA ILE J 143 -5.07 -53.24 -92.11
C ILE J 143 -3.74 -53.95 -91.86
N THR J 144 -3.78 -55.05 -91.11
CA THR J 144 -2.58 -55.77 -90.71
C THR J 144 -2.71 -57.26 -90.98
N PRO J 145 -1.97 -57.81 -91.94
CA PRO J 145 -2.01 -59.25 -92.18
C PRO J 145 -1.15 -60.04 -91.19
N GLU J 146 -1.40 -61.34 -91.17
CA GLU J 146 -0.73 -62.21 -90.22
C GLU J 146 0.76 -62.27 -90.51
N GLY J 147 1.57 -62.25 -89.45
CA GLY J 147 3.00 -62.43 -89.58
C GLY J 147 3.78 -61.18 -89.92
N ALA J 148 3.14 -60.02 -89.95
CA ALA J 148 3.80 -58.80 -90.37
C ALA J 148 4.98 -58.46 -89.48
N GLU J 149 5.95 -57.77 -90.05
CA GLU J 149 7.10 -57.25 -89.31
C GLU J 149 7.28 -55.78 -89.64
N GLU J 150 7.80 -55.03 -88.68
CA GLU J 150 8.02 -53.60 -88.89
C GLU J 150 9.14 -53.35 -89.90
N TRP J 151 8.98 -52.28 -90.65
CA TRP J 151 10.02 -51.83 -91.58
C TRP J 151 10.58 -50.49 -91.11
N ASN K 1 35.66 -3.41 -106.45
CA ASN K 1 35.18 -4.70 -106.94
C ASN K 1 35.27 -5.77 -105.86
N ASP K 2 36.40 -5.83 -105.16
CA ASP K 2 36.64 -6.83 -104.13
C ASP K 2 36.44 -6.28 -102.72
N CYS K 3 35.96 -5.05 -102.59
CA CYS K 3 35.82 -4.41 -101.29
C CYS K 3 34.46 -4.65 -100.66
N ILE K 4 33.61 -5.48 -101.26
CA ILE K 4 32.24 -5.65 -100.83
C ILE K 4 32.14 -6.95 -100.03
N PHE K 5 31.47 -6.89 -98.87
CA PHE K 5 31.26 -8.03 -98.00
C PHE K 5 29.79 -8.10 -97.59
N GLU K 6 29.33 -9.33 -97.36
CA GLU K 6 27.93 -9.59 -97.06
C GLU K 6 27.69 -9.64 -95.56
N VAL K 7 26.49 -9.22 -95.16
CA VAL K 7 26.03 -9.30 -93.77
C VAL K 7 24.82 -10.23 -93.74
N LYS K 8 24.88 -11.25 -92.89
CA LYS K 8 23.83 -12.26 -92.80
C LYS K 8 23.27 -12.31 -91.39
N HIS K 9 22.00 -12.70 -91.29
CA HIS K 9 21.34 -12.89 -90.00
C HIS K 9 20.23 -13.91 -90.17
N GLU K 10 20.29 -14.98 -89.37
CA GLU K 10 19.30 -16.06 -89.41
C GLU K 10 19.15 -16.63 -90.83
N GLY K 11 20.28 -16.74 -91.53
CA GLY K 11 20.32 -17.38 -92.82
C GLY K 11 19.97 -16.49 -93.99
N LYS K 12 19.58 -15.25 -93.76
CA LYS K 12 19.19 -14.33 -94.83
C LYS K 12 20.19 -13.19 -94.93
N VAL K 13 20.34 -12.67 -96.14
CA VAL K 13 21.21 -11.51 -96.37
C VAL K 13 20.41 -10.25 -96.08
N MET K 14 20.89 -9.44 -95.15
CA MET K 14 20.24 -8.18 -94.79
C MET K 14 20.86 -6.98 -95.49
N GLY K 15 22.18 -6.95 -95.65
CA GLY K 15 22.82 -5.76 -96.18
C GLY K 15 24.30 -5.98 -96.35
N TYR K 16 25.00 -4.90 -96.70
CA TYR K 16 26.40 -4.97 -97.05
C TYR K 16 27.22 -3.97 -96.23
N ALA K 17 28.51 -4.27 -96.11
CA ALA K 17 29.51 -3.36 -95.58
C ALA K 17 30.57 -3.11 -96.65
N CYS K 18 31.27 -1.99 -96.52
CA CYS K 18 32.31 -1.64 -97.50
C CYS K 18 33.55 -1.16 -96.78
N LEU K 19 34.70 -1.49 -97.34
CA LEU K 19 36.00 -1.02 -96.86
C LEU K 19 36.48 0.11 -97.75
N VAL K 20 36.65 1.29 -97.17
CA VAL K 20 37.11 2.47 -97.90
C VAL K 20 38.20 3.15 -97.09
N GLY K 21 39.23 3.64 -97.78
CA GLY K 21 40.28 4.40 -97.14
C GLY K 21 41.11 3.57 -96.18
N ASP K 22 40.94 3.84 -94.89
CA ASP K 22 41.59 3.10 -93.82
C ASP K 22 40.60 2.67 -92.75
N LYS K 23 39.31 2.65 -93.06
CA LYS K 23 38.27 2.43 -92.08
C LYS K 23 37.26 1.43 -92.60
N VAL K 24 36.61 0.72 -91.68
CA VAL K 24 35.52 -0.19 -92.01
C VAL K 24 34.20 0.55 -91.77
N MET K 25 33.31 0.52 -92.76
CA MET K 25 32.06 1.25 -92.71
C MET K 25 30.88 0.29 -92.78
N LYS K 26 29.89 0.50 -91.91
CA LYS K 26 28.67 -0.29 -91.90
C LYS K 26 27.51 0.58 -91.45
N PRO K 27 26.37 0.52 -92.14
CA PRO K 27 25.18 1.22 -91.65
C PRO K 27 24.78 0.72 -90.27
N ALA K 28 24.29 1.65 -89.44
CA ALA K 28 23.97 1.31 -88.06
C ALA K 28 22.70 0.48 -87.93
N HIS K 29 21.72 0.72 -88.80
CA HIS K 29 20.41 0.10 -88.64
C HIS K 29 20.34 -1.34 -89.14
N VAL K 30 21.40 -1.83 -89.78
CA VAL K 30 21.40 -3.19 -90.33
C VAL K 30 21.86 -4.15 -89.25
N LYS K 31 21.07 -5.20 -89.02
CA LYS K 31 21.40 -6.21 -88.03
C LYS K 31 22.17 -7.36 -88.68
N GLY K 32 22.74 -8.21 -87.83
CA GLY K 32 23.44 -9.40 -88.28
C GLY K 32 24.93 -9.32 -87.98
N THR K 33 25.63 -10.36 -88.43
CA THR K 33 27.07 -10.47 -88.27
C THR K 33 27.75 -10.51 -89.62
N ILE K 34 29.05 -10.26 -89.62
CA ILE K 34 29.84 -10.16 -90.84
C ILE K 34 30.31 -11.56 -91.23
N ASP K 35 30.38 -11.80 -92.54
CA ASP K 35 30.75 -13.13 -93.03
C ASP K 35 32.21 -13.46 -92.72
N ASN K 36 33.11 -12.50 -92.90
CA ASN K 36 34.53 -12.75 -92.64
C ASN K 36 34.75 -12.81 -91.14
N ALA K 37 35.23 -13.96 -90.66
CA ALA K 37 35.46 -14.14 -89.23
C ALA K 37 36.53 -13.18 -88.70
N ASP K 38 37.46 -12.76 -89.55
CA ASP K 38 38.52 -11.87 -89.09
C ASP K 38 37.97 -10.51 -88.65
N LEU K 39 36.99 -9.98 -89.39
CA LEU K 39 36.41 -8.68 -89.03
C LEU K 39 35.51 -8.76 -87.80
N ALA K 40 35.01 -9.95 -87.47
CA ALA K 40 34.04 -10.07 -86.38
C ALA K 40 34.63 -9.71 -85.02
N LYS K 41 35.95 -9.68 -84.89
CA LYS K 41 36.58 -9.45 -83.60
C LYS K 41 36.78 -7.98 -83.28
N LEU K 42 36.44 -7.07 -84.20
CA LEU K 42 36.70 -5.66 -83.99
C LEU K 42 35.64 -5.05 -83.09
N ALA K 43 36.03 -4.00 -82.38
CA ALA K 43 35.12 -3.24 -81.53
C ALA K 43 34.62 -2.01 -82.27
N PHE K 44 33.31 -1.80 -82.26
CA PHE K 44 32.67 -0.79 -83.07
C PHE K 44 32.02 0.27 -82.19
N LYS K 45 32.06 1.51 -82.65
CA LYS K 45 31.50 2.65 -81.95
C LYS K 45 30.37 3.27 -82.77
N ARG K 46 29.31 3.68 -82.09
CA ARG K 46 28.04 4.03 -82.71
C ARG K 46 27.63 5.45 -82.36
N SER K 47 27.07 6.14 -83.37
CA SER K 47 26.58 7.49 -83.21
C SER K 47 25.32 7.61 -84.07
N SER K 48 24.19 7.83 -83.43
CA SER K 48 22.90 7.79 -84.12
C SER K 48 22.60 9.07 -84.87
N LYS K 49 23.44 10.10 -84.72
CA LYS K 49 23.24 11.34 -85.43
C LYS K 49 23.54 11.21 -86.92
N TYR K 50 24.28 10.17 -87.32
CA TYR K 50 24.60 9.90 -88.73
C TYR K 50 24.32 8.46 -89.16
N ASP K 51 23.82 7.61 -88.28
CA ASP K 51 23.56 6.20 -88.61
C ASP K 51 24.80 5.51 -89.18
N LEU K 52 25.94 5.72 -88.52
CA LEU K 52 27.21 5.20 -89.03
C LEU K 52 28.03 4.58 -87.91
N GLU K 53 28.61 3.42 -88.18
CA GLU K 53 29.56 2.75 -87.31
C GLU K 53 30.88 2.56 -88.04
N CYS K 54 32.00 2.69 -87.33
CA CYS K 54 33.30 2.56 -87.96
C CYS K 54 34.28 1.89 -87.02
N ALA K 55 35.33 1.29 -87.61
CA ALA K 55 36.39 0.63 -86.87
C ALA K 55 37.64 0.60 -87.74
N GLN K 56 38.76 0.28 -87.12
CA GLN K 56 40.06 0.36 -87.78
C GLN K 56 40.31 -0.89 -88.64
N ILE K 57 40.86 -0.67 -89.83
CA ILE K 57 41.17 -1.75 -90.76
C ILE K 57 42.44 -2.45 -90.31
N PRO K 58 42.44 -3.78 -90.17
CA PRO K 58 43.66 -4.49 -89.79
C PRO K 58 44.73 -4.40 -90.87
N VAL K 59 45.97 -4.66 -90.45
CA VAL K 59 47.14 -4.38 -91.29
C VAL K 59 47.16 -5.29 -92.52
N HIS K 60 46.90 -6.59 -92.35
CA HIS K 60 47.17 -7.54 -93.43
C HIS K 60 46.19 -7.43 -94.59
N MET K 61 45.11 -6.65 -94.47
CA MET K 61 44.15 -6.47 -95.54
C MET K 61 44.26 -5.10 -96.21
N LYS K 62 45.32 -4.34 -95.92
CA LYS K 62 45.41 -2.97 -96.41
C LYS K 62 45.45 -2.88 -97.93
N SER K 63 45.85 -3.96 -98.61
CA SER K 63 45.94 -3.94 -100.06
C SER K 63 44.57 -3.95 -100.74
N ASP K 64 43.51 -4.26 -100.02
CA ASP K 64 42.16 -4.33 -100.58
C ASP K 64 41.41 -3.00 -100.49
N ALA K 65 42.03 -1.96 -99.96
CA ALA K 65 41.34 -0.69 -99.75
C ALA K 65 41.15 0.08 -101.05
N SER K 66 39.98 0.70 -101.19
CA SER K 66 39.63 1.50 -102.34
C SER K 66 40.17 2.92 -102.20
N LYS K 67 40.24 3.63 -103.33
CA LYS K 67 40.63 5.02 -103.35
C LYS K 67 39.38 5.91 -103.22
N PHE K 68 39.59 7.15 -102.80
CA PHE K 68 38.47 8.04 -102.54
C PHE K 68 38.86 9.47 -102.91
N THR K 69 37.85 10.31 -103.08
CA THR K 69 38.05 11.75 -103.25
C THR K 69 36.87 12.47 -102.61
N HIS K 70 36.89 13.80 -102.71
CA HIS K 70 35.81 14.64 -102.21
C HIS K 70 35.16 15.49 -103.28
N GLU K 71 35.77 15.61 -104.46
CA GLU K 71 35.22 16.45 -105.51
C GLU K 71 33.94 15.85 -106.08
N LYS K 72 32.96 16.71 -106.34
CA LYS K 72 31.63 16.30 -106.81
C LYS K 72 31.21 17.16 -107.99
N PRO K 73 31.80 16.95 -109.16
CA PRO K 73 31.35 17.69 -110.34
C PRO K 73 30.07 17.12 -110.92
N GLU K 74 29.26 18.00 -111.50
CA GLU K 74 27.99 17.60 -112.07
C GLU K 74 28.23 16.67 -113.26
N GLY K 75 27.36 15.67 -113.39
CA GLY K 75 27.56 14.68 -114.44
C GLY K 75 26.81 13.39 -114.13
N TYR K 76 27.34 12.30 -114.67
CA TYR K 76 26.75 10.97 -114.51
C TYR K 76 27.67 10.07 -113.69
N TYR K 77 27.06 9.18 -112.91
CA TYR K 77 27.81 8.27 -112.06
C TYR K 77 27.22 6.87 -112.18
N ASN K 78 28.01 5.86 -111.79
CA ASN K 78 27.66 4.47 -112.00
C ASN K 78 27.67 3.70 -110.68
N TRP K 79 26.85 2.66 -110.62
CA TRP K 79 26.81 1.76 -109.47
C TRP K 79 26.34 0.39 -109.97
N HIS K 80 26.01 -0.49 -109.03
CA HIS K 80 25.83 -1.90 -109.36
C HIS K 80 24.69 -2.14 -110.34
N HIS K 81 23.55 -1.49 -110.13
CA HIS K 81 22.34 -1.78 -110.90
C HIS K 81 22.12 -0.84 -112.07
N GLY K 82 23.04 0.05 -112.37
CA GLY K 82 22.82 0.94 -113.48
C GLY K 82 23.48 2.28 -113.23
N ALA K 83 22.90 3.31 -113.85
CA ALA K 83 23.45 4.66 -113.82
C ALA K 83 22.60 5.55 -112.93
N VAL K 84 23.27 6.53 -112.31
CA VAL K 84 22.62 7.48 -111.42
C VAL K 84 23.02 8.89 -111.86
N GLN K 85 22.13 9.85 -111.61
CA GLN K 85 22.34 11.23 -112.01
C GLN K 85 22.45 12.14 -110.80
N TYR K 86 23.45 13.02 -110.82
CA TYR K 86 23.66 13.98 -109.75
C TYR K 86 23.52 15.39 -110.32
N SER K 87 22.53 16.13 -109.85
CA SER K 87 22.27 17.47 -110.34
C SER K 87 21.36 18.17 -109.33
N GLY K 88 21.62 19.46 -109.10
CA GLY K 88 20.79 20.20 -108.18
C GLY K 88 21.00 19.84 -106.72
N GLY K 89 22.06 19.11 -106.41
CA GLY K 89 22.32 18.67 -105.06
C GLY K 89 21.69 17.36 -104.64
N ARG K 90 21.09 16.60 -105.56
CA ARG K 90 20.44 15.36 -105.18
C ARG K 90 20.70 14.27 -106.21
N PHE K 91 20.73 13.03 -105.74
CA PHE K 91 20.88 11.85 -106.58
C PHE K 91 19.51 11.30 -106.97
N THR K 92 19.28 11.12 -108.27
CA THR K 92 18.02 10.60 -108.77
C THR K 92 18.28 9.40 -109.68
N ILE K 93 17.55 8.32 -109.45
CA ILE K 93 17.69 7.08 -110.21
C ILE K 93 16.32 6.66 -110.72
N PRO K 94 16.19 6.16 -111.95
CA PRO K 94 14.87 5.78 -112.47
C PRO K 94 14.19 4.73 -111.60
N THR K 95 12.87 4.86 -111.49
CA THR K 95 12.09 4.02 -110.61
C THR K 95 12.18 2.56 -111.05
N GLY K 96 12.06 1.65 -110.07
CA GLY K 96 12.04 0.22 -110.30
C GLY K 96 13.31 -0.48 -109.86
N ALA K 97 14.44 0.22 -109.84
CA ALA K 97 15.70 -0.35 -109.41
C ALA K 97 15.86 -0.18 -107.91
N GLY K 98 16.30 -1.23 -107.25
CA GLY K 98 16.50 -1.15 -105.82
C GLY K 98 15.34 -1.74 -105.04
N LYS K 99 15.66 -2.23 -103.84
CA LYS K 99 14.70 -2.94 -103.01
C LYS K 99 15.31 -3.07 -101.61
N PRO K 100 14.50 -3.36 -100.60
CA PRO K 100 15.04 -3.54 -99.25
C PRO K 100 16.14 -4.60 -99.23
N GLY K 101 17.21 -4.30 -98.48
CA GLY K 101 18.35 -5.18 -98.38
C GLY K 101 19.55 -4.80 -99.23
N ASP K 102 19.46 -3.75 -100.04
CA ASP K 102 20.55 -3.33 -100.90
C ASP K 102 21.44 -2.27 -100.26
N SER K 103 21.36 -2.07 -98.95
CA SER K 103 22.14 -1.03 -98.29
C SER K 103 23.62 -1.38 -98.27
N GLY K 104 24.45 -0.34 -98.38
CA GLY K 104 25.88 -0.48 -98.35
C GLY K 104 26.59 -0.43 -99.68
N ARG K 105 25.87 -0.27 -100.78
CA ARG K 105 26.53 -0.20 -102.08
C ARG K 105 27.26 1.14 -102.23
N PRO K 106 28.46 1.13 -102.79
CA PRO K 106 29.14 2.39 -103.12
C PRO K 106 28.73 2.94 -104.48
N ILE K 107 28.97 4.25 -104.64
CA ILE K 107 28.81 4.94 -105.92
C ILE K 107 30.17 5.46 -106.35
N PHE K 108 30.53 5.18 -107.60
CA PHE K 108 31.89 5.38 -108.09
C PHE K 108 31.99 6.58 -109.02
N ASP K 109 33.17 7.19 -109.05
CA ASP K 109 33.50 8.24 -110.00
C ASP K 109 34.00 7.60 -111.29
N ASN K 110 34.43 8.45 -112.23
CA ASN K 110 34.84 7.93 -113.53
C ASN K 110 36.07 7.04 -113.42
N LYS K 111 37.00 7.39 -112.53
CA LYS K 111 38.25 6.66 -112.40
C LYS K 111 38.21 5.58 -111.34
N GLY K 112 37.04 5.30 -110.78
CA GLY K 112 36.92 4.30 -109.75
C GLY K 112 37.06 4.80 -108.33
N ARG K 113 37.00 6.11 -108.11
CA ARG K 113 37.10 6.65 -106.77
C ARG K 113 35.70 6.73 -106.15
N VAL K 114 35.64 6.44 -104.85
CA VAL K 114 34.37 6.33 -104.13
C VAL K 114 33.96 7.71 -103.61
N VAL K 115 32.70 8.07 -103.81
CA VAL K 115 32.20 9.37 -103.39
C VAL K 115 31.03 9.29 -102.42
N ALA K 116 30.32 8.18 -102.31
CA ALA K 116 29.12 8.16 -101.47
C ALA K 116 28.76 6.73 -101.06
N ILE K 117 28.02 6.64 -99.95
CA ILE K 117 27.43 5.40 -99.46
C ILE K 117 25.93 5.62 -99.31
N VAL K 118 25.14 4.70 -99.87
CA VAL K 118 23.70 4.90 -100.04
C VAL K 118 22.92 4.07 -99.03
N LEU K 119 21.86 4.66 -98.49
CA LEU K 119 20.96 3.96 -97.56
C LEU K 119 19.57 4.57 -97.70
N GLY K 120 18.59 3.73 -98.08
CA GLY K 120 17.22 4.19 -98.20
C GLY K 120 16.94 4.97 -99.47
N GLY K 121 15.68 5.37 -99.60
CA GLY K 121 15.26 6.13 -100.77
C GLY K 121 13.78 6.43 -100.71
N ALA K 122 13.39 7.41 -101.53
CA ALA K 122 12.03 7.94 -101.54
C ALA K 122 11.36 7.69 -102.88
N ASN K 123 10.05 7.47 -102.85
CA ASN K 123 9.28 7.07 -104.02
C ASN K 123 8.56 8.28 -104.60
N GLU K 124 8.83 8.56 -105.88
CA GLU K 124 8.16 9.61 -106.64
C GLU K 124 7.55 9.01 -107.89
N GLY K 125 6.95 9.86 -108.72
CA GLY K 125 6.29 9.43 -109.93
C GLY K 125 7.14 8.63 -110.89
N ALA K 126 8.16 9.26 -111.47
CA ALA K 126 9.03 8.60 -112.43
C ALA K 126 10.48 8.53 -112.00
N ARG K 127 10.83 9.08 -110.85
CA ARG K 127 12.20 9.05 -110.35
C ARG K 127 12.19 8.67 -108.88
N THR K 128 13.35 8.22 -108.39
CA THR K 128 13.53 7.84 -107.00
C THR K 128 14.51 8.81 -106.34
N ALA K 129 14.13 9.31 -105.17
CA ALA K 129 14.98 10.24 -104.42
C ALA K 129 15.80 9.46 -103.40
N LEU K 130 17.12 9.50 -103.55
CA LEU K 130 18.00 8.67 -102.75
C LEU K 130 18.50 9.42 -101.51
N SER K 131 18.63 8.68 -100.42
CA SER K 131 19.24 9.19 -99.19
C SER K 131 20.67 8.68 -99.12
N VAL K 132 21.61 9.59 -98.86
CA VAL K 132 23.02 9.27 -98.99
C VAL K 132 23.78 9.82 -97.80
N VAL K 133 24.87 9.15 -97.43
CA VAL K 133 25.83 9.62 -96.46
C VAL K 133 27.14 9.88 -97.18
N THR K 134 27.58 11.13 -97.19
CA THR K 134 28.78 11.57 -97.86
C THR K 134 29.80 12.06 -96.85
N TRP K 135 30.84 12.72 -97.35
CA TRP K 135 31.82 13.34 -96.48
C TRP K 135 32.41 14.55 -97.19
N ASN K 136 33.09 15.38 -96.42
CA ASN K 136 33.74 16.58 -96.91
C ASN K 136 35.09 16.67 -96.19
N LYS K 137 35.85 17.72 -96.47
CA LYS K 137 37.10 17.93 -95.75
C LYS K 137 36.84 18.02 -94.25
N ASP K 138 37.37 17.05 -93.50
CA ASP K 138 37.44 17.00 -92.04
C ASP K 138 36.09 16.77 -91.37
N ILE K 139 35.00 16.61 -92.12
CA ILE K 139 33.69 16.34 -91.53
C ILE K 139 32.94 15.37 -92.43
N VAL K 140 31.79 14.90 -91.94
CA VAL K 140 30.84 14.14 -92.72
C VAL K 140 29.47 14.80 -92.59
N THR K 141 28.61 14.58 -93.59
CA THR K 141 27.26 15.14 -93.61
C THR K 141 26.27 14.09 -94.10
N LYS K 142 25.01 14.28 -93.71
CA LYS K 142 23.91 13.41 -94.11
C LYS K 142 22.89 14.19 -94.92
N ILE K 143 22.48 13.64 -96.05
CA ILE K 143 21.47 14.23 -96.92
C ILE K 143 20.28 13.27 -96.98
N THR K 144 19.09 13.79 -96.65
CA THR K 144 17.90 12.93 -96.61
C THR K 144 16.69 13.68 -97.14
N PRO K 145 16.13 13.23 -98.27
CA PRO K 145 14.94 13.88 -98.82
C PRO K 145 13.67 13.49 -98.10
N GLU K 146 12.62 14.29 -98.34
CA GLU K 146 11.34 14.10 -97.69
C GLU K 146 10.69 12.80 -98.15
N GLY K 147 10.11 12.07 -97.20
CA GLY K 147 9.35 10.87 -97.50
C GLY K 147 10.17 9.61 -97.69
N ALA K 148 11.48 9.65 -97.48
CA ALA K 148 12.31 8.48 -97.71
C ALA K 148 12.00 7.39 -96.70
N GLU K 149 12.13 6.13 -97.16
CA GLU K 149 11.97 4.97 -96.31
C GLU K 149 13.29 4.19 -96.26
N GLU K 150 13.47 3.45 -95.19
CA GLU K 150 14.73 2.71 -95.01
C GLU K 150 14.76 1.50 -95.94
N TRP K 151 15.96 1.18 -96.41
CA TRP K 151 16.16 0.00 -97.24
C TRP K 151 17.05 -1.03 -96.53
N ASN L 1 -20.48 -8.17 -119.89
CA ASN L 1 -20.36 -7.11 -120.87
C ASN L 1 -21.33 -5.96 -120.58
N ASP L 2 -22.63 -6.21 -120.79
CA ASP L 2 -23.64 -5.19 -120.61
C ASP L 2 -24.24 -5.16 -119.22
N CYS L 3 -24.05 -6.20 -118.42
CA CYS L 3 -24.66 -6.31 -117.10
C CYS L 3 -23.83 -5.67 -115.99
N ILE L 4 -22.69 -5.05 -116.31
CA ILE L 4 -21.77 -4.53 -115.31
C ILE L 4 -21.80 -3.01 -115.35
N PHE L 5 -21.93 -2.39 -114.18
CA PHE L 5 -21.84 -0.95 -114.01
C PHE L 5 -20.81 -0.63 -112.93
N GLU L 6 -20.17 0.53 -113.08
CA GLU L 6 -19.05 0.92 -112.26
C GLU L 6 -19.48 1.83 -111.11
N VAL L 7 -18.85 1.66 -109.96
CA VAL L 7 -19.09 2.50 -108.78
C VAL L 7 -17.82 3.30 -108.52
N LYS L 8 -17.99 4.61 -108.33
CA LYS L 8 -16.86 5.51 -108.12
C LYS L 8 -17.07 6.33 -106.85
N HIS L 9 -15.96 6.77 -106.27
CA HIS L 9 -15.98 7.63 -105.09
C HIS L 9 -14.93 8.71 -105.24
N GLU L 10 -15.38 9.96 -105.30
CA GLU L 10 -14.49 11.13 -105.40
C GLU L 10 -13.54 11.01 -106.59
N GLY L 11 -14.05 10.47 -107.69
CA GLY L 11 -13.28 10.33 -108.90
C GLY L 11 -12.48 9.05 -109.04
N LYS L 12 -12.41 8.23 -107.98
CA LYS L 12 -11.64 7.00 -108.01
C LYS L 12 -12.57 5.80 -108.19
N VAL L 13 -12.10 4.81 -108.94
CA VAL L 13 -12.86 3.59 -109.17
C VAL L 13 -12.69 2.67 -107.97
N MET L 14 -13.81 2.18 -107.42
CA MET L 14 -13.78 1.30 -106.26
C MET L 14 -14.28 -0.11 -106.54
N GLY L 15 -15.22 -0.30 -107.45
CA GLY L 15 -15.75 -1.63 -107.67
C GLY L 15 -16.82 -1.63 -108.75
N TYR L 16 -17.49 -2.77 -108.88
CA TYR L 16 -18.54 -2.96 -109.87
C TYR L 16 -19.80 -3.47 -109.19
N ALA L 17 -20.94 -3.30 -109.88
CA ALA L 17 -22.21 -3.86 -109.44
C ALA L 17 -22.80 -4.69 -110.58
N CYS L 18 -23.35 -5.85 -110.22
CA CYS L 18 -23.75 -6.87 -111.18
C CYS L 18 -25.26 -7.04 -111.22
N LEU L 19 -25.80 -7.29 -112.41
CA LEU L 19 -27.24 -7.42 -112.63
C LEU L 19 -27.52 -8.89 -112.98
N VAL L 20 -27.93 -9.66 -111.98
CA VAL L 20 -28.02 -11.11 -112.09
C VAL L 20 -29.45 -11.52 -111.73
N GLY L 21 -30.05 -12.35 -112.57
CA GLY L 21 -31.40 -12.82 -112.31
C GLY L 21 -32.37 -11.66 -112.33
N ASP L 22 -33.06 -11.44 -111.21
CA ASP L 22 -34.00 -10.34 -111.06
C ASP L 22 -33.57 -9.30 -110.03
N LYS L 23 -32.31 -9.34 -109.59
CA LYS L 23 -31.83 -8.54 -108.45
C LYS L 23 -30.54 -7.84 -108.82
N VAL L 24 -30.27 -6.74 -108.12
CA VAL L 24 -29.04 -5.97 -108.26
C VAL L 24 -28.19 -6.22 -107.02
N MET L 25 -26.97 -6.70 -107.21
CA MET L 25 -26.12 -7.18 -106.13
C MET L 25 -24.85 -6.34 -106.06
N LYS L 26 -24.37 -6.10 -104.84
CA LYS L 26 -23.18 -5.30 -104.62
C LYS L 26 -22.51 -5.69 -103.31
N PRO L 27 -21.19 -5.82 -103.28
CA PRO L 27 -20.50 -6.03 -101.99
C PRO L 27 -20.68 -4.85 -101.06
N ALA L 28 -20.80 -5.16 -99.76
CA ALA L 28 -21.12 -4.15 -98.76
C ALA L 28 -19.93 -3.26 -98.39
N HIS L 29 -18.73 -3.81 -98.36
CA HIS L 29 -17.56 -3.08 -97.86
C HIS L 29 -17.07 -2.00 -98.81
N VAL L 30 -17.61 -1.92 -100.02
CA VAL L 30 -17.16 -0.92 -101.00
C VAL L 30 -18.00 0.34 -100.88
N LYS L 31 -17.33 1.48 -100.79
CA LYS L 31 -17.98 2.78 -100.70
C LYS L 31 -18.15 3.39 -102.09
N GLY L 32 -18.97 4.44 -102.15
CA GLY L 32 -19.19 5.20 -103.37
C GLY L 32 -20.65 5.19 -103.78
N THR L 33 -20.90 5.71 -104.98
CA THR L 33 -22.23 5.76 -105.55
C THR L 33 -22.20 5.16 -106.96
N ILE L 34 -23.35 4.69 -107.42
CA ILE L 34 -23.46 4.00 -108.70
C ILE L 34 -23.60 5.03 -109.81
N ASP L 35 -22.89 4.78 -110.93
CA ASP L 35 -22.87 5.75 -112.03
C ASP L 35 -24.24 5.94 -112.66
N ASN L 36 -24.99 4.86 -112.84
CA ASN L 36 -26.27 4.97 -113.54
C ASN L 36 -27.24 5.83 -112.75
N ALA L 37 -27.94 6.72 -113.48
CA ALA L 37 -28.80 7.70 -112.81
C ALA L 37 -29.98 7.04 -112.12
N ASP L 38 -30.65 6.10 -112.77
CA ASP L 38 -31.85 5.50 -112.20
C ASP L 38 -31.52 4.63 -111.00
N LEU L 39 -30.42 3.87 -111.06
CA LEU L 39 -30.08 2.94 -110.00
C LEU L 39 -29.79 3.65 -108.68
N ALA L 40 -29.31 4.90 -108.74
CA ALA L 40 -28.89 5.59 -107.53
C ALA L 40 -30.07 5.96 -106.63
N LYS L 41 -31.30 5.94 -107.15
CA LYS L 41 -32.46 6.33 -106.37
C LYS L 41 -33.15 5.16 -105.68
N LEU L 42 -32.65 3.94 -105.86
CA LEU L 42 -33.27 2.77 -105.26
C LEU L 42 -32.92 2.65 -103.78
N ALA L 43 -33.78 1.95 -103.04
CA ALA L 43 -33.51 1.56 -101.67
C ALA L 43 -32.85 0.18 -101.63
N PHE L 44 -32.00 -0.02 -100.62
CA PHE L 44 -31.22 -1.24 -100.50
C PHE L 44 -31.40 -1.85 -99.12
N LYS L 45 -31.19 -3.17 -99.03
CA LYS L 45 -31.20 -3.91 -97.78
C LYS L 45 -29.82 -4.49 -97.52
N ARG L 46 -29.49 -4.69 -96.24
CA ARG L 46 -28.15 -5.06 -95.84
C ARG L 46 -28.17 -6.24 -94.88
N SER L 47 -27.09 -7.04 -94.93
CA SER L 47 -26.89 -8.13 -93.98
C SER L 47 -25.39 -8.32 -93.82
N SER L 48 -24.86 -8.00 -92.65
CA SER L 48 -23.42 -8.01 -92.46
C SER L 48 -22.85 -9.42 -92.40
N LYS L 49 -23.69 -10.42 -92.16
CA LYS L 49 -23.21 -11.80 -92.08
C LYS L 49 -22.72 -12.29 -93.43
N TYR L 50 -23.31 -11.80 -94.53
CA TYR L 50 -22.99 -12.24 -95.87
C TYR L 50 -22.24 -11.20 -96.70
N ASP L 51 -22.00 -10.00 -96.14
CA ASP L 51 -21.29 -8.93 -96.84
C ASP L 51 -21.94 -8.61 -98.18
N LEU L 52 -23.27 -8.55 -98.21
CA LEU L 52 -24.01 -8.30 -99.44
C LEU L 52 -25.04 -7.20 -99.22
N GLU L 53 -25.37 -6.52 -100.32
CA GLU L 53 -26.53 -5.64 -100.38
C GLU L 53 -27.29 -5.94 -101.66
N CYS L 54 -28.61 -5.78 -101.62
CA CYS L 54 -29.42 -6.14 -102.78
C CYS L 54 -30.63 -5.22 -102.88
N ALA L 55 -31.17 -5.16 -104.09
CA ALA L 55 -32.39 -4.42 -104.36
C ALA L 55 -33.01 -4.97 -105.64
N GLN L 56 -34.30 -4.68 -105.82
CA GLN L 56 -35.01 -5.21 -106.97
C GLN L 56 -34.77 -4.36 -108.20
N ILE L 57 -34.69 -5.01 -109.36
CA ILE L 57 -34.37 -4.31 -110.61
C ILE L 57 -35.58 -3.52 -111.07
N PRO L 58 -35.42 -2.30 -111.57
CA PRO L 58 -36.54 -1.58 -112.16
C PRO L 58 -37.04 -2.27 -113.42
N VAL L 59 -38.26 -1.91 -113.82
CA VAL L 59 -39.00 -2.69 -114.78
C VAL L 59 -38.34 -2.66 -116.16
N HIS L 60 -38.01 -1.46 -116.65
CA HIS L 60 -37.64 -1.33 -118.06
C HIS L 60 -36.23 -1.81 -118.37
N MET L 61 -35.41 -2.12 -117.36
CA MET L 61 -34.05 -2.59 -117.57
C MET L 61 -33.90 -4.09 -117.44
N LYS L 62 -35.01 -4.82 -117.30
CA LYS L 62 -34.94 -6.25 -117.00
C LYS L 62 -34.36 -7.06 -118.14
N SER L 63 -34.43 -6.59 -119.37
CA SER L 63 -33.94 -7.37 -120.50
C SER L 63 -32.44 -7.57 -120.47
N ASP L 64 -31.71 -6.78 -119.70
CA ASP L 64 -30.27 -6.90 -119.60
C ASP L 64 -29.83 -7.93 -118.55
N ALA L 65 -30.78 -8.57 -117.87
CA ALA L 65 -30.45 -9.55 -116.86
C ALA L 65 -29.78 -10.77 -117.48
N SER L 66 -28.74 -11.26 -116.81
CA SER L 66 -28.07 -12.48 -117.24
C SER L 66 -28.77 -13.70 -116.66
N LYS L 67 -28.44 -14.87 -117.22
CA LYS L 67 -28.96 -16.14 -116.74
C LYS L 67 -28.01 -16.77 -115.73
N PHE L 68 -28.54 -17.71 -114.96
CA PHE L 68 -27.83 -18.25 -113.80
C PHE L 68 -28.27 -19.69 -113.56
N THR L 69 -27.46 -20.40 -112.77
CA THR L 69 -27.79 -21.76 -112.35
C THR L 69 -27.20 -21.99 -110.96
N HIS L 70 -27.20 -23.25 -110.52
CA HIS L 70 -26.59 -23.61 -109.25
C HIS L 70 -25.68 -24.83 -109.32
N GLU L 71 -25.60 -25.51 -110.46
CA GLU L 71 -24.70 -26.65 -110.60
C GLU L 71 -23.26 -26.19 -110.75
N LYS L 72 -22.35 -26.87 -110.03
CA LYS L 72 -20.94 -26.50 -110.00
C LYS L 72 -20.06 -27.74 -110.15
N PRO L 73 -20.07 -28.36 -111.33
CA PRO L 73 -19.24 -29.56 -111.52
C PRO L 73 -17.76 -29.21 -111.62
N GLU L 74 -16.93 -30.23 -111.40
CA GLU L 74 -15.48 -30.04 -111.47
C GLU L 74 -15.04 -29.78 -112.91
N GLY L 75 -14.08 -28.87 -113.07
CA GLY L 75 -13.62 -28.49 -114.40
C GLY L 75 -12.93 -27.14 -114.36
N TYR L 76 -12.97 -26.46 -115.50
CA TYR L 76 -12.28 -25.20 -115.71
C TYR L 76 -13.28 -24.09 -116.01
N TYR L 77 -13.03 -22.90 -115.46
CA TYR L 77 -13.87 -21.74 -115.70
C TYR L 77 -13.01 -20.54 -116.07
N ASN L 78 -13.66 -19.48 -116.54
CA ASN L 78 -13.01 -18.30 -117.06
C ASN L 78 -13.59 -17.05 -116.43
N TRP L 79 -12.77 -16.01 -116.35
CA TRP L 79 -13.23 -14.67 -116.01
C TRP L 79 -12.39 -13.67 -116.77
N HIS L 80 -12.53 -12.39 -116.41
CA HIS L 80 -11.97 -11.31 -117.21
C HIS L 80 -10.45 -11.41 -117.34
N HIS L 81 -9.76 -11.76 -116.25
CA HIS L 81 -8.31 -11.70 -116.21
C HIS L 81 -7.63 -13.04 -116.50
N GLY L 82 -8.38 -14.05 -116.90
CA GLY L 82 -7.77 -15.32 -117.21
C GLY L 82 -8.69 -16.48 -116.86
N ALA L 83 -8.08 -17.64 -116.67
CA ALA L 83 -8.79 -18.88 -116.38
C ALA L 83 -8.71 -19.21 -114.90
N VAL L 84 -9.75 -19.86 -114.39
CA VAL L 84 -9.85 -20.25 -112.99
C VAL L 84 -10.30 -21.71 -112.94
N GLN L 85 -9.65 -22.48 -112.07
CA GLN L 85 -9.86 -23.92 -112.00
C GLN L 85 -10.53 -24.29 -110.69
N TYR L 86 -11.53 -25.16 -110.76
CA TYR L 86 -12.34 -25.55 -109.62
C TYR L 86 -12.20 -27.04 -109.40
N SER L 87 -11.70 -27.44 -108.23
CA SER L 87 -11.49 -28.84 -107.91
C SER L 87 -11.34 -28.98 -106.41
N GLY L 88 -12.09 -29.91 -105.82
CA GLY L 88 -12.04 -30.11 -104.38
C GLY L 88 -12.78 -29.07 -103.58
N GLY L 89 -13.67 -28.31 -104.20
CA GLY L 89 -14.45 -27.31 -103.49
C GLY L 89 -13.81 -25.94 -103.35
N ARG L 90 -12.75 -25.63 -104.10
CA ARG L 90 -12.10 -24.34 -104.01
C ARG L 90 -11.80 -23.79 -105.39
N PHE L 91 -11.79 -22.45 -105.49
CA PHE L 91 -11.42 -21.74 -106.70
C PHE L 91 -10.01 -21.18 -106.58
N THR L 92 -9.20 -21.38 -107.61
CA THR L 92 -7.82 -20.91 -107.60
C THR L 92 -7.47 -20.26 -108.93
N ILE L 93 -6.52 -19.33 -108.89
CA ILE L 93 -5.99 -18.66 -110.08
C ILE L 93 -4.48 -18.58 -109.96
N PRO L 94 -3.79 -18.34 -111.07
CA PRO L 94 -2.34 -18.12 -110.98
C PRO L 94 -2.02 -16.92 -110.11
N THR L 95 -0.90 -17.00 -109.40
CA THR L 95 -0.50 -15.91 -108.54
C THR L 95 -0.21 -14.65 -109.34
N GLY L 96 -0.53 -13.51 -108.74
CA GLY L 96 -0.16 -12.23 -109.30
C GLY L 96 -1.21 -11.58 -110.18
N ALA L 97 -2.15 -12.37 -110.71
CA ALA L 97 -3.26 -11.80 -111.45
C ALA L 97 -4.34 -11.32 -110.48
N GLY L 98 -4.87 -10.14 -110.76
CA GLY L 98 -5.86 -9.58 -109.86
C GLY L 98 -5.25 -8.58 -108.90
N LYS L 99 -5.87 -7.41 -108.78
CA LYS L 99 -5.34 -6.31 -107.99
C LYS L 99 -6.49 -5.70 -107.21
N PRO L 100 -6.20 -4.96 -106.14
CA PRO L 100 -7.27 -4.31 -105.38
C PRO L 100 -8.12 -3.41 -106.27
N GLY L 101 -9.42 -3.39 -105.97
CA GLY L 101 -10.37 -2.62 -106.74
C GLY L 101 -11.16 -3.42 -107.76
N ASP L 102 -10.82 -4.69 -107.96
CA ASP L 102 -11.52 -5.55 -108.90
C ASP L 102 -12.62 -6.38 -108.24
N SER L 103 -12.92 -6.13 -106.97
CA SER L 103 -13.99 -6.89 -106.31
C SER L 103 -15.33 -6.54 -106.93
N GLY L 104 -16.17 -7.56 -107.09
CA GLY L 104 -17.43 -7.40 -107.79
C GLY L 104 -17.47 -8.02 -109.18
N ARG L 105 -16.47 -8.80 -109.56
CA ARG L 105 -16.46 -9.45 -110.86
C ARG L 105 -17.30 -10.72 -110.83
N PRO L 106 -18.03 -11.01 -111.90
CA PRO L 106 -18.67 -12.32 -112.04
C PRO L 106 -17.69 -13.41 -112.49
N ILE L 107 -18.10 -14.65 -112.25
CA ILE L 107 -17.43 -15.84 -112.77
C ILE L 107 -18.45 -16.62 -113.59
N PHE L 108 -18.09 -16.93 -114.83
CA PHE L 108 -19.05 -17.38 -115.83
C PHE L 108 -18.94 -18.88 -116.08
N ASP L 109 -20.04 -19.44 -116.58
CA ASP L 109 -20.09 -20.83 -117.00
C ASP L 109 -19.79 -20.93 -118.49
N ASN L 110 -19.76 -22.17 -119.00
CA ASN L 110 -19.39 -22.38 -120.40
C ASN L 110 -20.40 -21.77 -121.35
N LYS L 111 -21.68 -21.78 -120.97
CA LYS L 111 -22.76 -21.25 -121.78
C LYS L 111 -23.21 -19.86 -121.33
N GLY L 112 -22.44 -19.22 -120.45
CA GLY L 112 -22.72 -17.86 -120.05
C GLY L 112 -23.54 -17.72 -118.78
N ARG L 113 -23.68 -18.77 -117.99
CA ARG L 113 -24.45 -18.72 -116.75
C ARG L 113 -23.58 -18.21 -115.61
N VAL L 114 -24.17 -17.41 -114.73
CA VAL L 114 -23.45 -16.83 -113.60
C VAL L 114 -23.50 -17.80 -112.43
N VAL L 115 -22.34 -18.04 -111.81
CA VAL L 115 -22.25 -19.00 -110.71
C VAL L 115 -21.63 -18.41 -109.45
N ALA L 116 -20.94 -17.28 -109.48
CA ALA L 116 -20.24 -16.80 -108.29
C ALA L 116 -20.03 -15.30 -108.37
N ILE L 117 -19.74 -14.70 -107.22
CA ILE L 117 -19.28 -13.32 -107.11
C ILE L 117 -18.06 -13.27 -106.20
N VAL L 118 -16.97 -12.67 -106.66
CA VAL L 118 -15.67 -12.76 -106.02
C VAL L 118 -15.44 -11.54 -105.14
N LEU L 119 -15.06 -11.78 -103.88
CA LEU L 119 -14.75 -10.70 -102.93
C LEU L 119 -13.48 -11.10 -102.15
N GLY L 120 -12.34 -10.63 -102.63
CA GLY L 120 -11.09 -10.79 -101.90
C GLY L 120 -10.44 -12.15 -102.10
N GLY L 121 -9.41 -12.40 -101.31
CA GLY L 121 -8.76 -13.69 -101.36
C GLY L 121 -7.51 -13.73 -100.50
N ALA L 122 -6.93 -14.92 -100.41
CA ALA L 122 -5.68 -15.16 -99.72
C ALA L 122 -4.58 -15.45 -100.74
N ASN L 123 -3.35 -15.09 -100.38
CA ASN L 123 -2.21 -15.21 -101.28
C ASN L 123 -1.13 -16.06 -100.65
N GLU L 124 -0.62 -17.03 -101.40
CA GLU L 124 0.59 -17.76 -101.05
C GLU L 124 1.52 -17.75 -102.26
N GLY L 125 2.63 -18.48 -102.15
CA GLY L 125 3.70 -18.39 -103.13
C GLY L 125 3.31 -18.58 -104.58
N ALA L 126 2.95 -19.80 -104.96
CA ALA L 126 2.70 -20.11 -106.37
C ALA L 126 1.25 -19.95 -106.79
N ARG L 127 0.30 -20.02 -105.85
CA ARG L 127 -1.11 -19.97 -106.19
C ARG L 127 -1.81 -19.03 -105.22
N THR L 128 -3.05 -18.66 -105.55
CA THR L 128 -3.89 -17.88 -104.66
C THR L 128 -5.27 -18.52 -104.55
N ALA L 129 -5.92 -18.28 -103.41
CA ALA L 129 -7.24 -18.82 -103.12
C ALA L 129 -8.25 -17.67 -103.03
N LEU L 130 -9.41 -17.87 -103.66
CA LEU L 130 -10.45 -16.85 -103.70
C LEU L 130 -11.45 -17.04 -102.56
N SER L 131 -11.98 -15.92 -102.07
CA SER L 131 -13.10 -15.94 -101.13
C SER L 131 -14.36 -15.52 -101.88
N VAL L 132 -15.36 -16.38 -101.91
CA VAL L 132 -16.50 -16.23 -102.79
C VAL L 132 -17.79 -16.38 -102.00
N VAL L 133 -18.82 -15.67 -102.45
CA VAL L 133 -20.19 -15.88 -101.97
C VAL L 133 -20.95 -16.61 -103.09
N THR L 134 -21.41 -17.82 -102.80
CA THR L 134 -22.14 -18.62 -103.76
C THR L 134 -23.52 -18.94 -103.20
N TRP L 135 -24.28 -19.74 -103.95
CA TRP L 135 -25.64 -20.08 -103.56
C TRP L 135 -25.89 -21.57 -103.81
N ASN L 136 -27.07 -22.00 -103.41
CA ASN L 136 -27.52 -23.37 -103.52
C ASN L 136 -29.04 -23.33 -103.67
N LYS L 137 -29.70 -24.46 -103.47
CA LYS L 137 -31.15 -24.46 -103.40
C LYS L 137 -31.64 -23.58 -102.25
N ASP L 138 -32.29 -22.46 -102.59
CA ASP L 138 -33.06 -21.60 -101.72
C ASP L 138 -32.25 -20.86 -100.65
N ILE L 139 -30.93 -21.01 -100.62
CA ILE L 139 -30.09 -20.27 -99.68
C ILE L 139 -28.82 -19.81 -100.39
N VAL L 140 -28.08 -18.93 -99.71
CA VAL L 140 -26.75 -18.51 -100.12
C VAL L 140 -25.78 -18.81 -98.98
N THR L 141 -24.50 -18.94 -99.33
CA THR L 141 -23.49 -19.32 -98.36
C THR L 141 -22.17 -18.60 -98.67
N LYS L 142 -21.29 -18.54 -97.68
CA LYS L 142 -20.02 -17.82 -97.75
C LYS L 142 -18.86 -18.79 -97.55
N ILE L 143 -17.86 -18.72 -98.43
CA ILE L 143 -16.69 -19.57 -98.39
C ILE L 143 -15.47 -18.70 -98.12
N THR L 144 -14.70 -19.04 -97.09
CA THR L 144 -13.56 -18.22 -96.69
C THR L 144 -12.37 -19.07 -96.28
N PRO L 145 -11.25 -19.02 -97.00
CA PRO L 145 -10.05 -19.73 -96.56
C PRO L 145 -9.26 -18.92 -95.54
N GLU L 146 -8.32 -19.60 -94.90
CA GLU L 146 -7.54 -18.99 -93.84
C GLU L 146 -6.64 -17.89 -94.38
N GLY L 147 -6.58 -16.77 -93.64
CA GLY L 147 -5.67 -15.69 -93.97
C GLY L 147 -6.11 -14.76 -95.07
N ALA L 148 -7.36 -14.83 -95.51
CA ALA L 148 -7.81 -14.06 -96.65
C ALA L 148 -7.78 -12.56 -96.36
N GLU L 149 -7.55 -11.77 -97.40
CA GLU L 149 -7.56 -10.32 -97.33
C GLU L 149 -8.45 -9.77 -98.44
N GLU L 150 -9.11 -8.66 -98.16
CA GLU L 150 -10.06 -8.10 -99.11
C GLU L 150 -9.33 -7.46 -100.29
N TRP L 151 -10.02 -7.40 -101.43
CA TRP L 151 -9.54 -6.65 -102.58
C TRP L 151 -10.44 -5.45 -102.85
N ASP M 1 -25.58 100.88 31.42
CA ASP M 1 -25.90 102.31 31.37
C ASP M 1 -24.64 103.15 31.41
N ILE M 2 -24.71 104.33 30.79
CA ILE M 2 -23.57 105.24 30.74
C ILE M 2 -23.50 106.02 32.05
N GLN M 3 -22.34 105.98 32.70
CA GLN M 3 -22.14 106.64 33.98
C GLN M 3 -21.46 107.99 33.76
N MET M 4 -22.02 109.03 34.35
CA MET M 4 -21.58 110.40 34.13
C MET M 4 -21.15 111.04 35.45
N THR M 5 -20.12 111.88 35.37
CA THR M 5 -19.64 112.64 36.53
C THR M 5 -19.24 114.04 36.08
N GLN M 6 -19.30 114.98 37.02
CA GLN M 6 -18.94 116.36 36.75
C GLN M 6 -17.89 116.82 37.77
N SER M 7 -17.13 117.84 37.36
CA SER M 7 -16.12 118.44 38.23
C SER M 7 -15.95 119.89 37.82
N PRO M 8 -15.87 120.81 38.79
CA PRO M 8 -15.95 120.61 40.24
C PRO M 8 -17.39 120.48 40.71
N SER M 9 -17.62 120.04 41.96
CA SER M 9 -18.97 119.98 42.49
C SER M 9 -19.51 121.34 42.91
N SER M 10 -18.63 122.32 43.12
CA SER M 10 -19.04 123.67 43.49
C SER M 10 -18.14 124.68 42.77
N VAL M 11 -18.72 125.84 42.47
CA VAL M 11 -18.01 126.92 41.80
C VAL M 11 -18.14 128.19 42.64
N SER M 12 -17.01 128.82 42.95
CA SER M 12 -16.97 130.08 43.69
C SER M 12 -16.05 131.04 42.97
N ALA M 13 -16.62 132.07 42.34
CA ALA M 13 -15.84 133.03 41.59
C ALA M 13 -16.55 134.38 41.63
N SER M 14 -15.78 135.43 41.37
CA SER M 14 -16.30 136.80 41.37
C SER M 14 -16.83 137.16 39.99
N VAL M 15 -17.26 138.42 39.85
CA VAL M 15 -17.84 138.87 38.59
C VAL M 15 -16.73 139.09 37.58
N GLY M 16 -16.93 138.56 36.36
CA GLY M 16 -16.00 138.71 35.28
C GLY M 16 -15.01 137.58 35.11
N ASP M 17 -14.96 136.64 36.06
CA ASP M 17 -14.02 135.53 35.96
C ASP M 17 -14.52 134.50 34.96
N ARG M 18 -13.64 133.57 34.62
CA ARG M 18 -13.95 132.47 33.70
C ARG M 18 -14.24 131.21 34.50
N VAL M 19 -15.33 130.53 34.16
CA VAL M 19 -15.77 129.33 34.86
C VAL M 19 -15.76 128.17 33.88
N THR M 20 -15.11 127.07 34.27
CA THR M 20 -15.02 125.87 33.44
C THR M 20 -15.47 124.67 34.25
N ILE M 21 -16.39 123.88 33.67
CA ILE M 21 -16.90 122.66 34.30
C ILE M 21 -16.74 121.52 33.31
N THR M 22 -16.23 120.39 33.79
CA THR M 22 -15.95 119.23 32.96
C THR M 22 -16.94 118.12 33.25
N CYS M 23 -17.34 117.40 32.20
CA CYS M 23 -18.27 116.28 32.30
C CYS M 23 -17.61 115.05 31.69
N ARG M 24 -17.50 113.98 32.47
CA ARG M 24 -16.85 112.75 32.05
C ARG M 24 -17.85 111.61 32.02
N ALA M 25 -17.86 110.86 30.92
CA ALA M 25 -18.74 109.71 30.76
C ALA M 25 -17.91 108.43 30.72
N SER M 26 -18.49 107.36 31.25
CA SER M 26 -17.80 106.07 31.31
C SER M 26 -17.80 105.34 29.97
N GLN M 27 -18.60 105.76 29.01
CA GLN M 27 -18.67 105.13 27.70
C GLN M 27 -18.59 106.20 26.62
N GLY M 28 -18.07 105.79 25.45
CA GLY M 28 -17.97 106.69 24.32
C GLY M 28 -19.32 107.21 23.87
N ILE M 29 -19.44 108.53 23.72
CA ILE M 29 -20.71 109.15 23.38
C ILE M 29 -20.54 110.09 22.19
N SER M 30 -19.33 110.09 21.60
CA SER M 30 -19.02 110.91 20.44
C SER M 30 -19.39 112.38 20.67
N SER M 31 -20.33 112.89 19.89
CA SER M 31 -20.72 114.29 19.94
C SER M 31 -22.05 114.51 20.65
N TRP M 32 -22.51 113.53 21.44
CA TRP M 32 -23.82 113.60 22.09
C TRP M 32 -23.61 114.03 23.55
N LEU M 33 -23.66 115.34 23.78
CA LEU M 33 -23.61 115.88 25.12
C LEU M 33 -24.20 117.28 25.12
N GLY M 34 -24.89 117.64 26.20
CA GLY M 34 -25.49 118.95 26.33
C GLY M 34 -25.23 119.53 27.71
N TRP M 35 -25.63 120.79 27.88
CA TRP M 35 -25.47 121.51 29.13
C TRP M 35 -26.77 122.18 29.51
N TYR M 36 -27.20 121.99 30.76
CA TYR M 36 -28.45 122.53 31.26
C TYR M 36 -28.18 123.46 32.44
N GLN M 37 -28.89 124.57 32.50
CA GLN M 37 -28.78 125.54 33.58
C GLN M 37 -30.08 125.56 34.37
N GLN M 38 -29.97 125.36 35.69
CA GLN M 38 -31.13 125.26 36.57
C GLN M 38 -31.14 126.43 37.53
N LYS M 39 -32.19 127.24 37.47
CA LYS M 39 -32.40 128.31 38.44
C LYS M 39 -33.06 127.76 39.69
N PRO M 40 -32.90 128.44 40.83
CA PRO M 40 -33.60 128.01 42.05
C PRO M 40 -35.11 128.06 41.86
N GLY M 41 -35.77 126.95 42.20
CA GLY M 41 -37.20 126.85 42.06
C GLY M 41 -37.69 126.63 40.65
N LYS M 42 -36.79 126.42 39.69
CA LYS M 42 -37.16 126.24 38.29
C LYS M 42 -36.42 125.03 37.73
N ALA M 43 -36.91 124.55 36.59
CA ALA M 43 -36.33 123.41 35.91
C ALA M 43 -35.05 123.81 35.18
N PRO M 44 -34.15 122.86 34.95
CA PRO M 44 -32.95 123.17 34.14
C PRO M 44 -33.32 123.59 32.73
N LYS M 45 -32.56 124.52 32.18
CA LYS M 45 -32.75 125.02 30.83
C LYS M 45 -31.53 124.69 29.99
N LEU M 46 -31.75 124.08 28.83
CA LEU M 46 -30.66 123.73 27.94
C LEU M 46 -30.10 124.98 27.27
N LEU M 47 -28.77 125.12 27.28
CA LEU M 47 -28.09 126.23 26.63
C LEU M 47 -27.06 125.79 25.59
N ILE M 48 -26.49 124.60 25.74
CA ILE M 48 -25.45 124.12 24.84
C ILE M 48 -25.91 122.80 24.24
N TYR M 49 -25.89 122.72 22.91
CA TYR M 49 -26.25 121.51 22.20
C TYR M 49 -25.16 121.15 21.19
N ALA M 50 -25.15 119.88 20.80
CA ALA M 50 -24.14 119.27 19.94
C ALA M 50 -22.74 119.31 20.55
N ALA M 51 -22.63 119.63 21.84
CA ALA M 51 -21.42 119.64 22.64
C ALA M 51 -20.45 120.76 22.23
N SER M 52 -20.73 121.49 21.17
CA SER M 52 -19.91 122.63 20.75
C SER M 52 -20.72 123.88 20.49
N SER M 53 -21.92 123.75 19.92
CA SER M 53 -22.72 124.90 19.55
C SER M 53 -23.54 125.40 20.74
N LEU M 54 -23.96 126.66 20.66
CA LEU M 54 -24.77 127.29 21.68
C LEU M 54 -26.20 127.47 21.18
N GLN M 55 -27.15 127.41 22.11
CA GLN M 55 -28.56 127.54 21.75
C GLN M 55 -28.84 128.93 21.20
N SER M 56 -29.74 128.99 20.21
CA SER M 56 -30.15 130.27 19.64
C SER M 56 -30.90 131.10 20.68
N GLY M 57 -30.58 132.40 20.74
CA GLY M 57 -31.15 133.29 21.72
C GLY M 57 -30.35 133.41 23.00
N VAL M 58 -29.45 132.47 23.26
CA VAL M 58 -28.57 132.51 24.43
C VAL M 58 -27.45 133.50 24.14
N PRO M 59 -27.02 134.29 25.12
CA PRO M 59 -25.87 135.18 24.89
C PRO M 59 -24.62 134.40 24.49
N SER M 60 -23.79 135.04 23.67
CA SER M 60 -22.63 134.38 23.08
C SER M 60 -21.54 134.07 24.10
N ARG M 61 -21.68 134.54 25.34
CA ARG M 61 -20.65 134.30 26.36
C ARG M 61 -20.54 132.84 26.76
N PHE M 62 -21.50 132.00 26.38
CA PHE M 62 -21.48 130.58 26.72
C PHE M 62 -20.91 129.77 25.57
N SER M 63 -20.14 128.74 25.91
CA SER M 63 -19.54 127.88 24.90
C SER M 63 -19.25 126.52 25.51
N GLY M 64 -19.05 125.53 24.64
CA GLY M 64 -18.72 124.19 25.07
C GLY M 64 -17.54 123.64 24.29
N SER M 65 -16.95 122.59 24.86
CA SER M 65 -15.79 121.95 24.25
C SER M 65 -15.69 120.52 24.78
N GLY M 66 -14.65 119.82 24.36
CA GLY M 66 -14.42 118.46 24.76
C GLY M 66 -14.89 117.46 23.71
N SER M 67 -14.28 116.27 23.72
CA SER M 67 -14.63 115.24 22.75
C SER M 67 -14.28 113.89 23.33
N GLY M 68 -14.96 112.86 22.79
CA GLY M 68 -14.70 111.49 23.16
C GLY M 68 -15.39 111.05 24.44
N THR M 69 -14.81 111.40 25.58
CA THR M 69 -15.38 111.09 26.89
C THR M 69 -15.38 112.26 27.87
N ASP M 70 -14.52 113.26 27.68
CA ASP M 70 -14.44 114.40 28.58
C ASP M 70 -14.86 115.66 27.83
N PHE M 71 -15.83 116.38 28.38
CA PHE M 71 -16.37 117.58 27.75
C PHE M 71 -16.32 118.73 28.75
N THR M 72 -15.96 119.91 28.27
CA THR M 72 -15.74 121.08 29.11
C THR M 72 -16.70 122.18 28.72
N LEU M 73 -17.35 122.78 29.72
CA LEU M 73 -18.23 123.91 29.53
C LEU M 73 -17.48 125.19 29.86
N THR M 74 -17.48 126.15 28.93
CA THR M 74 -16.68 127.36 29.06
C THR M 74 -17.58 128.58 28.95
N ILE M 75 -17.48 129.49 29.91
CA ILE M 75 -18.16 130.78 29.88
C ILE M 75 -17.10 131.86 29.83
N SER M 76 -17.21 132.76 28.85
CA SER M 76 -16.17 133.76 28.64
C SER M 76 -16.02 134.69 29.83
N SER M 77 -17.13 135.13 30.41
CA SER M 77 -17.08 136.03 31.55
C SER M 77 -18.28 135.77 32.47
N LEU M 78 -18.00 135.59 33.75
CA LEU M 78 -19.07 135.35 34.71
C LEU M 78 -19.90 136.59 34.90
N GLN M 79 -21.20 136.40 35.09
CA GLN M 79 -22.16 137.49 35.24
C GLN M 79 -23.05 137.21 36.45
N PRO M 80 -23.69 138.24 37.00
CA PRO M 80 -24.56 138.02 38.17
C PRO M 80 -25.68 137.03 37.92
N GLU M 81 -26.18 136.94 36.69
CA GLU M 81 -27.28 136.04 36.38
C GLU M 81 -26.82 134.61 36.11
N ASP M 82 -25.51 134.35 36.12
CA ASP M 82 -24.99 133.02 35.81
C ASP M 82 -24.77 132.16 37.05
N PHE M 83 -25.13 132.65 38.22
CA PHE M 83 -24.97 131.87 39.46
C PHE M 83 -26.18 130.94 39.59
N ALA M 84 -26.06 129.76 38.99
CA ALA M 84 -27.13 128.76 39.01
C ALA M 84 -26.50 127.38 39.08
N THR M 85 -27.32 126.35 38.88
CA THR M 85 -26.88 124.97 38.89
C THR M 85 -26.80 124.45 37.46
N TYR M 86 -25.73 123.69 37.17
CA TYR M 86 -25.45 123.26 35.81
C TYR M 86 -25.26 121.75 35.77
N TYR M 87 -25.82 121.11 34.75
CA TYR M 87 -25.76 119.67 34.55
C TYR M 87 -25.29 119.37 33.12
N CYS M 88 -24.89 118.13 32.90
CA CYS M 88 -24.62 117.61 31.57
C CYS M 88 -25.48 116.39 31.30
N GLN M 89 -25.72 116.12 30.02
CA GLN M 89 -26.57 115.01 29.62
C GLN M 89 -26.12 114.50 28.26
N GLN M 90 -26.14 113.18 28.10
CA GLN M 90 -25.73 112.53 26.87
C GLN M 90 -26.94 112.06 26.07
N ALA M 91 -26.74 111.87 24.76
CA ALA M 91 -27.83 111.54 23.86
C ALA M 91 -27.43 110.50 22.81
N ASN M 92 -26.53 109.60 23.16
CA ASN M 92 -26.03 108.62 22.18
C ASN M 92 -26.82 107.32 22.20
N SER M 93 -26.84 106.64 23.35
CA SER M 93 -27.52 105.36 23.48
C SER M 93 -28.44 105.39 24.69
N PHE M 94 -29.61 104.77 24.54
CA PHE M 94 -30.58 104.73 25.63
C PHE M 94 -30.17 103.66 26.64
N PRO M 95 -30.55 103.82 27.91
CA PRO M 95 -31.28 104.95 28.52
C PRO M 95 -30.43 106.20 28.66
N ARG M 96 -31.03 107.39 28.64
CA ARG M 96 -30.32 108.64 28.79
C ARG M 96 -30.42 109.11 30.23
N THR M 97 -29.29 109.53 30.79
CA THR M 97 -29.17 109.90 32.19
C THR M 97 -28.67 111.33 32.32
N PHE M 98 -28.46 111.76 33.56
CA PHE M 98 -27.98 113.10 33.87
C PHE M 98 -26.76 113.01 34.77
N GLY M 99 -26.04 114.14 34.87
CA GLY M 99 -24.93 114.26 35.78
C GLY M 99 -25.38 114.65 37.18
N GLN M 100 -24.39 114.80 38.07
CA GLN M 100 -24.70 115.15 39.45
C GLN M 100 -24.88 116.64 39.66
N GLY M 101 -24.31 117.48 38.79
CA GLY M 101 -24.51 118.91 38.86
C GLY M 101 -23.46 119.63 39.67
N THR M 102 -23.50 120.96 39.57
CA THR M 102 -22.56 121.83 40.27
C THR M 102 -23.29 123.11 40.66
N LYS M 103 -23.00 123.62 41.85
CA LYS M 103 -23.60 124.85 42.35
C LYS M 103 -22.59 125.98 42.25
N VAL M 104 -23.05 127.13 41.73
CA VAL M 104 -22.21 128.30 41.55
C VAL M 104 -22.63 129.37 42.54
N GLU M 105 -21.67 129.93 43.26
CA GLU M 105 -21.93 130.92 44.29
C GLU M 105 -20.98 132.09 44.14
N ILE M 106 -21.40 133.24 44.69
CA ILE M 106 -20.58 134.44 44.62
C ILE M 106 -19.40 134.31 45.58
N LYS M 107 -18.20 134.59 45.09
CA LYS M 107 -16.99 134.52 45.90
C LYS M 107 -16.93 135.68 46.89
N GLN N 1 -45.42 128.26 20.54
CA GLN N 1 -44.52 127.76 21.58
C GLN N 1 -45.26 126.87 22.57
N VAL N 2 -44.64 125.74 22.91
CA VAL N 2 -45.23 124.76 23.81
C VAL N 2 -44.69 124.99 25.21
N GLN N 3 -45.59 124.95 26.20
CA GLN N 3 -45.23 125.05 27.60
C GLN N 3 -45.95 123.97 28.38
N LEU N 4 -45.35 123.52 29.47
CA LEU N 4 -45.84 122.39 30.24
C LEU N 4 -46.26 122.85 31.63
N GLN N 5 -47.50 122.52 32.00
CA GLN N 5 -48.00 122.70 33.36
C GLN N 5 -48.67 121.41 33.82
N GLU N 6 -48.57 121.14 35.11
CA GLU N 6 -49.00 119.86 35.66
C GLU N 6 -50.24 120.03 36.52
N SER N 7 -50.77 118.89 36.96
CA SER N 7 -51.89 118.85 37.90
C SER N 7 -51.81 117.55 38.69
N GLY N 8 -52.43 117.55 39.85
CA GLY N 8 -52.42 116.38 40.71
C GLY N 8 -51.77 116.68 42.05
N PRO N 9 -52.36 116.15 43.13
CA PRO N 9 -51.80 116.40 44.46
C PRO N 9 -50.42 115.78 44.62
N GLY N 10 -49.58 116.46 45.39
CA GLY N 10 -48.26 115.96 45.70
C GLY N 10 -48.20 115.27 47.04
N LEU N 11 -49.36 114.92 47.59
CA LEU N 11 -49.47 114.24 48.87
C LEU N 11 -50.08 112.86 48.65
N VAL N 12 -49.35 111.81 49.06
CA VAL N 12 -49.80 110.45 48.91
C VAL N 12 -49.39 109.64 50.13
N LYS N 13 -50.12 108.55 50.39
CA LYS N 13 -49.86 107.60 51.47
C LYS N 13 -48.91 106.50 51.00
N PRO N 14 -48.17 105.89 51.91
CA PRO N 14 -47.22 104.84 51.51
C PRO N 14 -47.94 103.63 50.91
N SER N 15 -47.23 102.96 50.00
CA SER N 15 -47.71 101.75 49.33
C SER N 15 -48.94 102.00 48.46
N GLN N 16 -49.35 103.26 48.35
CA GLN N 16 -50.49 103.63 47.52
C GLN N 16 -49.99 104.06 46.14
N THR N 17 -50.88 104.64 45.34
CA THR N 17 -50.59 105.02 43.97
C THR N 17 -50.26 106.51 43.89
N LEU N 18 -49.10 106.84 43.32
CA LEU N 18 -48.70 108.22 43.08
C LEU N 18 -48.94 108.53 41.61
N SER N 19 -49.74 109.56 41.34
CA SER N 19 -50.12 109.93 39.99
C SER N 19 -49.79 111.39 39.74
N LEU N 20 -49.14 111.67 38.63
CA LEU N 20 -48.80 113.03 38.22
C LEU N 20 -49.24 113.22 36.78
N THR N 21 -50.15 114.18 36.56
CA THR N 21 -50.66 114.48 35.23
C THR N 21 -50.03 115.78 34.75
N CYS N 22 -49.33 115.71 33.62
CA CYS N 22 -48.66 116.85 33.02
C CYS N 22 -49.44 117.26 31.78
N THR N 23 -50.06 118.44 31.82
CA THR N 23 -50.89 118.93 30.73
C THR N 23 -50.08 119.80 29.79
N VAL N 24 -50.38 119.69 28.50
CA VAL N 24 -49.68 120.45 27.47
C VAL N 24 -50.44 121.74 27.20
N SER N 25 -49.72 122.86 27.17
CA SER N 25 -50.30 124.17 26.88
C SER N 25 -49.68 124.70 25.59
N GLY N 26 -50.53 125.16 24.69
CA GLY N 26 -50.07 125.61 23.38
C GLY N 26 -49.52 124.49 22.52
N GLY N 27 -50.13 123.32 22.59
CA GLY N 27 -49.67 122.19 21.80
C GLY N 27 -50.61 121.01 21.95
N SER N 28 -50.18 119.88 21.38
CA SER N 28 -50.98 118.67 21.43
C SER N 28 -50.04 117.46 21.44
N ILE N 29 -50.47 116.40 22.14
CA ILE N 29 -49.70 115.16 22.15
C ILE N 29 -49.95 114.32 20.90
N SER N 30 -50.82 114.76 20.00
CA SER N 30 -51.03 114.07 18.73
C SER N 30 -49.83 114.18 17.80
N SER N 31 -48.85 115.03 18.12
CA SER N 31 -47.66 115.14 17.29
C SER N 31 -46.88 113.83 17.28
N ASP N 32 -46.40 113.44 16.09
CA ASP N 32 -45.69 112.20 15.90
C ASP N 32 -44.17 112.39 15.88
N ASP N 33 -43.68 113.59 16.17
CA ASP N 33 -42.26 113.90 16.10
C ASP N 33 -41.68 114.28 17.46
N TYR N 34 -42.31 113.82 18.54
CA TYR N 34 -41.82 114.16 19.88
C TYR N 34 -42.04 112.98 20.82
N TYR N 35 -41.20 112.89 21.84
CA TYR N 35 -41.36 111.96 22.94
C TYR N 35 -42.04 112.65 24.11
N TRP N 36 -42.33 111.88 25.16
CA TRP N 36 -42.88 112.42 26.40
C TRP N 36 -42.22 111.69 27.56
N THR N 37 -41.61 112.45 28.47
CA THR N 37 -40.74 111.88 29.49
C THR N 37 -41.19 112.31 30.87
N TRP N 38 -40.82 111.49 31.86
CA TRP N 38 -41.00 111.81 33.28
C TRP N 38 -39.65 111.71 33.97
N ILE N 39 -39.34 112.69 34.81
CA ILE N 39 -38.04 112.77 35.47
C ILE N 39 -38.28 113.19 36.92
N ARG N 40 -37.48 112.63 37.83
CA ARG N 40 -37.54 112.97 39.24
C ARG N 40 -36.15 113.39 39.73
N LEU N 41 -36.12 114.24 40.75
CA LEU N 41 -34.88 114.57 41.43
C LEU N 41 -35.02 114.28 42.93
N PRO N 42 -34.36 113.26 43.44
CA PRO N 42 -34.39 113.00 44.89
C PRO N 42 -33.57 114.03 45.64
N PRO N 43 -33.87 114.26 46.91
CA PRO N 43 -33.04 115.17 47.71
C PRO N 43 -31.61 114.66 47.79
N GLY N 44 -30.66 115.52 47.43
CA GLY N 44 -29.27 115.13 47.38
C GLY N 44 -28.87 114.34 46.15
N LYS N 45 -29.78 114.17 45.19
CA LYS N 45 -29.52 113.41 43.98
C LYS N 45 -29.96 114.24 42.77
N GLY N 46 -29.36 113.91 41.63
CA GLY N 46 -29.66 114.60 40.38
C GLY N 46 -30.98 114.17 39.79
N LEU N 47 -31.12 114.43 38.49
CA LEU N 47 -32.34 114.10 37.77
C LEU N 47 -32.33 112.64 37.34
N GLU N 48 -33.40 111.91 37.69
CA GLU N 48 -33.52 110.49 37.37
C GLU N 48 -34.54 110.31 36.26
N TRP N 49 -34.10 109.76 35.14
CA TRP N 49 -34.96 109.54 33.98
C TRP N 49 -35.70 108.20 34.15
N ILE N 50 -37.01 108.22 33.91
CA ILE N 50 -37.84 107.05 34.17
C ILE N 50 -38.18 106.32 32.87
N GLY N 51 -38.19 107.04 31.76
CA GLY N 51 -38.51 106.44 30.49
C GLY N 51 -39.19 107.45 29.57
N TYR N 52 -39.97 106.92 28.64
CA TYR N 52 -40.71 107.75 27.69
C TYR N 52 -41.84 106.93 27.11
N ILE N 53 -42.75 107.63 26.41
CA ILE N 53 -43.90 107.03 25.77
C ILE N 53 -44.07 107.64 24.38
N PHE N 54 -44.82 106.94 23.53
CA PHE N 54 -45.10 107.38 22.17
C PHE N 54 -46.60 107.51 21.97
N TYR N 55 -46.99 108.37 21.02
CA TYR N 55 -48.40 108.75 20.89
C TYR N 55 -49.29 107.56 20.57
N THR N 56 -48.75 106.55 19.87
CA THR N 56 -49.55 105.36 19.59
C THR N 56 -49.71 104.48 20.82
N GLY N 57 -48.71 104.47 21.70
CA GLY N 57 -48.76 103.66 22.90
C GLY N 57 -47.47 102.90 23.15
N GLY N 58 -46.52 103.01 22.21
CA GLY N 58 -45.23 102.38 22.41
C GLY N 58 -44.57 102.87 23.68
N THR N 59 -43.97 101.94 24.43
CA THR N 59 -43.43 102.23 25.74
C THR N 59 -42.09 101.55 25.93
N TYR N 60 -41.22 102.21 26.69
CA TYR N 60 -39.99 101.63 27.20
C TYR N 60 -39.64 102.35 28.50
N TYR N 61 -39.04 101.62 29.43
CA TYR N 61 -38.90 102.12 30.79
C TYR N 61 -37.49 101.86 31.31
N ASN N 62 -37.18 102.51 32.44
CA ASN N 62 -35.96 102.21 33.17
C ASN N 62 -36.04 100.81 33.78
N PRO N 63 -34.97 100.02 33.70
CA PRO N 63 -35.02 98.65 34.23
C PRO N 63 -35.39 98.58 35.70
N SER N 64 -34.90 99.53 36.52
CA SER N 64 -35.11 99.44 37.96
C SER N 64 -36.59 99.55 38.33
N LEU N 65 -37.30 100.49 37.71
CA LEU N 65 -38.68 100.80 38.10
C LEU N 65 -39.72 100.23 37.15
N LYS N 66 -39.29 99.55 36.07
CA LYS N 66 -40.24 99.07 35.06
C LYS N 66 -41.27 98.10 35.67
N SER N 67 -40.91 97.41 36.75
CA SER N 67 -41.83 96.49 37.38
C SER N 67 -43.05 97.20 37.98
N ARG N 68 -42.98 98.52 38.16
CA ARG N 68 -44.08 99.27 38.75
C ARG N 68 -44.58 100.41 37.88
N VAL N 69 -43.69 101.12 37.19
CA VAL N 69 -44.09 102.33 36.47
C VAL N 69 -44.89 101.95 35.22
N THR N 70 -45.98 102.67 34.99
CA THR N 70 -46.82 102.48 33.82
C THR N 70 -47.33 103.83 33.36
N ILE N 71 -47.09 104.15 32.10
CA ILE N 71 -47.52 105.42 31.52
C ILE N 71 -48.73 105.16 30.63
N SER N 72 -49.50 106.22 30.38
CA SER N 72 -50.69 106.14 29.56
C SER N 72 -50.78 107.41 28.71
N LEU N 73 -51.88 107.53 27.96
CA LEU N 73 -52.08 108.67 27.07
C LEU N 73 -53.52 109.15 27.18
N ASP N 74 -53.69 110.47 27.04
CA ASP N 74 -55.01 111.10 27.05
C ASP N 74 -55.00 112.18 25.96
N ARG N 75 -55.41 111.80 24.75
CA ARG N 75 -55.39 112.75 23.63
C ARG N 75 -56.52 113.77 23.74
N SER N 76 -57.72 113.32 24.14
CA SER N 76 -58.86 114.22 24.23
C SER N 76 -58.61 115.32 25.26
N LYS N 77 -58.07 114.95 26.43
CA LYS N 77 -57.68 115.93 27.42
C LYS N 77 -56.33 116.57 27.12
N ASN N 78 -55.60 116.07 26.13
CA ASN N 78 -54.27 116.55 25.77
C ASN N 78 -53.34 116.50 26.98
N GLN N 79 -53.23 115.29 27.54
CA GLN N 79 -52.42 115.07 28.73
C GLN N 79 -51.72 113.72 28.62
N PHE N 80 -50.61 113.59 29.35
CA PHE N 80 -49.95 112.32 29.57
C PHE N 80 -49.65 112.19 31.06
N SER N 81 -49.93 111.01 31.62
CA SER N 81 -49.93 110.81 33.06
C SER N 81 -49.09 109.60 33.44
N LEU N 82 -48.50 109.67 34.62
CA LEU N 82 -47.70 108.58 35.17
C LEU N 82 -48.44 107.99 36.37
N LYS N 83 -48.26 106.67 36.56
CA LYS N 83 -48.81 105.96 37.71
C LYS N 83 -47.72 105.08 38.29
N LEU N 84 -47.40 105.30 39.56
CA LEU N 84 -46.36 104.55 40.26
C LEU N 84 -46.99 103.84 41.45
N SER N 85 -47.13 102.52 41.36
CA SER N 85 -47.71 101.75 42.44
C SER N 85 -46.62 101.30 43.41
N SER N 86 -47.06 100.87 44.60
CA SER N 86 -46.17 100.40 45.66
C SER N 86 -45.11 101.44 46.01
N VAL N 87 -45.58 102.66 46.31
CA VAL N 87 -44.65 103.73 46.66
C VAL N 87 -44.04 103.46 48.03
N THR N 88 -42.82 103.93 48.21
CA THR N 88 -42.08 103.75 49.45
C THR N 88 -41.79 105.11 50.09
N ALA N 89 -41.32 105.06 51.34
CA ALA N 89 -40.92 106.29 52.02
C ALA N 89 -39.71 106.94 51.37
N ALA N 90 -38.94 106.20 50.60
CA ALA N 90 -37.79 106.73 49.88
C ALA N 90 -38.16 107.42 48.58
N ASP N 91 -39.45 107.47 48.23
CA ASP N 91 -39.89 108.03 46.97
C ASP N 91 -40.20 109.53 47.06
N THR N 92 -39.99 110.16 48.21
CA THR N 92 -40.22 111.58 48.35
C THR N 92 -39.15 112.36 47.57
N ALA N 93 -39.58 113.16 46.62
CA ALA N 93 -38.67 113.85 45.71
C ALA N 93 -39.45 114.91 44.94
N VAL N 94 -38.77 115.57 44.00
CA VAL N 94 -39.37 116.54 43.10
C VAL N 94 -39.36 115.94 41.70
N TYR N 95 -40.50 115.99 41.02
CA TYR N 95 -40.65 115.45 39.68
C TYR N 95 -40.71 116.58 38.65
N PHE N 96 -40.30 116.26 37.43
CA PHE N 96 -40.46 117.15 36.29
C PHE N 96 -40.91 116.36 35.08
N CYS N 97 -41.86 116.90 34.33
CA CYS N 97 -42.23 116.37 33.02
C CYS N 97 -41.56 117.21 31.94
N ALA N 98 -40.96 116.53 30.96
CA ALA N 98 -40.19 117.20 29.92
C ALA N 98 -40.49 116.55 28.58
N ARG N 99 -40.11 117.26 27.52
CA ARG N 99 -40.32 116.81 26.15
C ARG N 99 -39.00 116.84 25.40
N ALA N 100 -38.93 116.06 24.31
CA ALA N 100 -37.76 116.02 23.46
C ALA N 100 -38.18 115.60 22.06
N PRO N 101 -37.55 116.14 21.02
CA PRO N 101 -37.85 115.71 19.65
C PRO N 101 -36.96 114.57 19.19
N GLU N 102 -37.47 113.81 18.24
CA GLU N 102 -36.74 112.68 17.66
C GLU N 102 -36.89 112.71 16.15
N THR N 103 -35.77 112.57 15.44
CA THR N 103 -35.78 112.54 13.99
C THR N 103 -34.48 111.91 13.51
N TYR N 104 -34.43 111.61 12.21
CA TYR N 104 -33.28 110.95 11.60
C TYR N 104 -32.27 112.01 11.20
N CYS N 105 -31.28 112.23 12.06
CA CYS N 105 -30.21 113.19 11.79
C CYS N 105 -28.97 112.48 11.25
N SER N 106 -28.00 113.29 10.82
CA SER N 106 -26.72 112.79 10.34
C SER N 106 -25.64 113.79 10.74
N THR N 107 -24.40 113.48 10.36
CA THR N 107 -23.22 114.31 10.60
C THR N 107 -22.98 114.57 12.09
N THR N 108 -23.59 113.78 12.97
CA THR N 108 -23.36 113.77 14.41
C THR N 108 -23.73 115.08 15.09
N ASN N 109 -24.30 116.04 14.37
CA ASN N 109 -24.78 117.28 14.95
C ASN N 109 -26.27 117.42 14.70
N CYS N 110 -27.03 117.63 15.77
CA CYS N 110 -28.49 117.73 15.72
C CYS N 110 -28.99 118.10 17.11
N TYR N 111 -30.25 118.53 17.17
CA TYR N 111 -30.93 118.77 18.43
C TYR N 111 -31.48 117.50 19.06
N LYS N 112 -31.41 116.37 18.35
CA LYS N 112 -32.02 115.13 18.83
C LYS N 112 -31.39 114.68 20.14
N GLY N 113 -32.23 114.14 21.02
CA GLY N 113 -31.78 113.53 22.25
C GLY N 113 -31.60 114.46 23.44
N TYR N 114 -32.03 115.72 23.32
CA TYR N 114 -31.92 116.69 24.39
C TYR N 114 -33.31 117.20 24.75
N PHE N 115 -33.53 117.43 26.04
CA PHE N 115 -34.82 117.93 26.52
C PHE N 115 -34.91 119.42 26.27
N ASP N 116 -35.89 119.83 25.46
CA ASP N 116 -36.03 121.22 25.06
C ASP N 116 -37.07 121.98 25.85
N SER N 117 -38.10 121.31 26.37
CA SER N 117 -39.16 121.95 27.12
C SER N 117 -39.34 121.24 28.45
N TRP N 118 -39.65 122.02 29.49
CA TRP N 118 -39.77 121.51 30.85
C TRP N 118 -41.05 122.02 31.48
N GLY N 119 -41.50 121.32 32.52
CA GLY N 119 -42.63 121.73 33.31
C GLY N 119 -42.23 122.56 34.51
N GLN N 120 -43.18 122.69 35.46
CA GLN N 120 -42.96 123.41 36.70
C GLN N 120 -42.60 122.50 37.86
N GLY N 121 -43.21 121.32 37.93
CA GLY N 121 -42.85 120.31 38.91
C GLY N 121 -43.75 120.33 40.13
N THR N 122 -43.48 119.36 41.01
CA THR N 122 -44.21 119.22 42.26
C THR N 122 -43.30 118.61 43.30
N LEU N 123 -43.59 118.89 44.57
CA LEU N 123 -42.86 118.33 45.70
C LEU N 123 -43.71 117.22 46.29
N VAL N 124 -43.42 115.98 45.91
CA VAL N 124 -44.25 114.84 46.30
C VAL N 124 -43.96 114.48 47.75
N THR N 125 -45.02 114.34 48.54
CA THR N 125 -44.92 113.93 49.94
C THR N 125 -45.56 112.55 50.07
N VAL N 126 -44.73 111.55 50.38
CA VAL N 126 -45.18 110.18 50.57
C VAL N 126 -45.15 109.92 52.08
N SER N 127 -46.29 110.08 52.74
CA SER N 127 -46.36 109.93 54.19
C SER N 127 -47.75 109.45 54.57
N SER N 128 -47.85 108.86 55.76
CA SER N 128 -49.11 108.34 56.26
C SER N 128 -50.08 109.47 56.61
N GLN O 1 -25.41 50.52 58.53
CA GLN O 1 -24.23 51.22 59.01
C GLN O 1 -23.49 50.40 60.06
N VAL O 2 -22.17 50.32 59.93
CA VAL O 2 -21.32 49.56 60.84
C VAL O 2 -20.77 50.48 61.91
N GLN O 3 -20.79 50.02 63.16
CA GLN O 3 -20.20 50.74 64.27
C GLN O 3 -19.35 49.78 65.10
N LEU O 4 -18.30 50.33 65.72
CA LEU O 4 -17.30 49.52 66.43
C LEU O 4 -17.35 49.82 67.92
N GLN O 5 -17.49 48.78 68.72
CA GLN O 5 -17.38 48.88 70.17
C GLN O 5 -16.47 47.76 70.68
N GLU O 6 -15.76 48.04 71.77
CA GLU O 6 -14.72 47.16 72.27
C GLU O 6 -15.15 46.53 73.60
N SER O 7 -14.32 45.61 74.07
CA SER O 7 -14.49 45.00 75.38
C SER O 7 -13.13 44.55 75.89
N GLY O 8 -13.01 44.46 77.21
CA GLY O 8 -11.78 44.05 77.84
C GLY O 8 -11.21 45.11 78.77
N PRO O 9 -10.71 44.69 79.92
CA PRO O 9 -10.18 45.63 80.90
C PRO O 9 -8.93 46.34 80.39
N GLY O 10 -8.76 47.58 80.84
CA GLY O 10 -7.61 48.39 80.51
C GLY O 10 -6.51 48.39 81.54
N LEU O 11 -6.54 47.48 82.51
CA LEU O 11 -5.54 47.39 83.56
C LEU O 11 -4.78 46.08 83.39
N VAL O 12 -3.45 46.16 83.30
CA VAL O 12 -2.61 44.99 83.11
C VAL O 12 -1.30 45.19 83.87
N LYS O 13 -0.66 44.06 84.23
CA LYS O 13 0.63 43.98 84.91
C LYS O 13 1.77 43.97 83.90
N PRO O 14 2.95 44.42 84.30
CA PRO O 14 4.08 44.45 83.37
C PRO O 14 4.48 43.05 82.92
N SER O 15 4.98 42.97 81.68
CA SER O 15 5.49 41.74 81.08
C SER O 15 4.39 40.69 80.89
N GLN O 16 3.15 41.04 81.18
CA GLN O 16 2.03 40.12 80.98
C GLN O 16 1.40 40.38 79.61
N THR O 17 0.24 39.77 79.37
CA THR O 17 -0.44 39.83 78.08
C THR O 17 -1.54 40.89 78.12
N LEU O 18 -1.52 41.80 77.16
CA LEU O 18 -2.56 42.80 77.00
C LEU O 18 -3.52 42.35 75.91
N SER O 19 -4.80 42.20 76.27
CA SER O 19 -5.82 41.72 75.34
C SER O 19 -6.92 42.76 75.21
N LEU O 20 -7.22 43.15 73.98
CA LEU O 20 -8.30 44.07 73.66
C LEU O 20 -9.13 43.47 72.54
N THR O 21 -10.41 43.21 72.81
CA THR O 21 -11.32 42.63 71.83
C THR O 21 -12.27 43.70 71.33
N CYS O 22 -12.29 43.91 70.02
CA CYS O 22 -13.12 44.92 69.37
C CYS O 22 -14.25 44.20 68.65
N THR O 23 -15.49 44.43 69.11
CA THR O 23 -16.66 43.75 68.59
C THR O 23 -17.34 44.62 67.55
N VAL O 24 -17.84 43.98 66.49
CA VAL O 24 -18.50 44.68 65.39
C VAL O 24 -20.00 44.74 65.67
N SER O 25 -20.57 45.92 65.54
CA SER O 25 -22.01 46.13 65.69
C SER O 25 -22.60 46.58 64.37
N GLY O 26 -23.69 45.94 63.97
CA GLY O 26 -24.28 46.22 62.67
C GLY O 26 -23.43 45.79 61.50
N GLY O 27 -22.73 44.67 61.64
CA GLY O 27 -21.89 44.18 60.57
C GLY O 27 -21.33 42.82 60.90
N SER O 28 -20.41 42.36 60.04
CA SER O 28 -19.78 41.06 60.21
C SER O 28 -18.38 41.09 59.62
N ILE O 29 -17.47 40.36 60.26
CA ILE O 29 -16.10 40.23 59.74
C ILE O 29 -16.00 39.25 58.60
N SER O 30 -17.10 38.59 58.23
CA SER O 30 -17.09 37.69 57.07
C SER O 30 -16.98 38.44 55.75
N SER O 31 -17.10 39.76 55.74
CA SER O 31 -16.94 40.53 54.52
C SER O 31 -15.53 40.39 53.97
N ASP O 32 -15.43 40.24 52.66
CA ASP O 32 -14.15 39.99 51.99
C ASP O 32 -13.57 41.25 51.35
N ASP O 33 -14.19 42.41 51.52
CA ASP O 33 -13.73 43.64 50.90
C ASP O 33 -13.32 44.68 51.93
N TYR O 34 -12.97 44.27 53.15
CA TYR O 34 -12.56 45.20 54.18
C TYR O 34 -11.41 44.62 54.98
N TYR O 35 -10.55 45.50 55.47
CA TYR O 35 -9.49 45.13 56.39
C TYR O 35 -9.97 45.33 57.83
N TRP O 36 -9.10 44.97 58.78
CA TRP O 36 -9.34 45.23 60.20
C TRP O 36 -8.02 45.65 60.82
N THR O 37 -8.03 46.83 61.44
CA THR O 37 -6.80 47.47 61.89
C THR O 37 -6.86 47.75 63.38
N TRP O 38 -5.67 47.88 63.98
CA TRP O 38 -5.52 48.29 65.36
C TRP O 38 -4.55 49.47 65.41
N ILE O 39 -4.90 50.50 66.18
CA ILE O 39 -4.13 51.74 66.24
C ILE O 39 -4.05 52.19 67.69
N ARG O 40 -2.90 52.75 68.06
CA ARG O 40 -2.68 53.27 69.40
C ARG O 40 -2.21 54.71 69.32
N LEU O 41 -2.52 55.48 70.36
CA LEU O 41 -2.00 56.84 70.51
C LEU O 41 -1.32 56.96 71.87
N PRO O 42 0.01 57.08 71.92
CA PRO O 42 0.68 57.31 73.20
C PRO O 42 0.43 58.72 73.69
N PRO O 43 0.56 58.97 74.99
CA PRO O 43 0.49 60.35 75.49
C PRO O 43 1.61 61.19 74.89
N GLY O 44 1.23 62.31 74.28
CA GLY O 44 2.18 63.16 73.60
C GLY O 44 2.59 62.67 72.23
N LYS O 45 1.98 61.60 71.73
CA LYS O 45 2.29 61.06 70.42
C LYS O 45 1.01 60.84 69.63
N GLY O 46 1.15 60.81 68.30
CA GLY O 46 0.03 60.64 67.41
C GLY O 46 -0.43 59.19 67.34
N LEU O 47 -1.12 58.88 66.24
CA LEU O 47 -1.67 57.54 66.03
C LEU O 47 -0.60 56.63 65.44
N GLU O 48 -0.35 55.50 66.12
CA GLU O 48 0.64 54.53 65.68
C GLU O 48 -0.08 53.32 65.09
N TRP O 49 0.19 53.02 63.83
CA TRP O 49 -0.44 51.91 63.14
C TRP O 49 0.32 50.62 63.45
N ILE O 50 -0.42 49.57 63.80
CA ILE O 50 0.20 48.31 64.21
C ILE O 50 0.17 47.29 63.09
N GLY O 51 -0.84 47.37 62.23
CA GLY O 51 -0.97 46.43 61.13
C GLY O 51 -2.43 46.18 60.80
N TYR O 52 -2.68 45.02 60.21
CA TYR O 52 -4.03 44.65 59.79
C TYR O 52 -4.07 43.14 59.62
N ILE O 53 -5.30 42.63 59.42
CA ILE O 53 -5.53 41.21 59.27
C ILE O 53 -6.60 41.02 58.20
N PHE O 54 -6.68 39.82 57.65
CA PHE O 54 -7.66 39.46 56.63
C PHE O 54 -8.52 38.30 57.12
N TYR O 55 -9.72 38.21 56.55
CA TYR O 55 -10.72 37.27 57.07
C TYR O 55 -10.26 35.82 56.95
N THR O 56 -9.43 35.52 55.96
CA THR O 56 -8.94 34.15 55.80
C THR O 56 -7.85 33.81 56.82
N GLY O 57 -7.02 34.77 57.18
CA GLY O 57 -5.93 34.54 58.11
C GLY O 57 -4.64 35.21 57.72
N GLY O 58 -4.62 35.83 56.55
CA GLY O 58 -3.47 36.62 56.15
C GLY O 58 -3.20 37.74 57.15
N THR O 59 -1.92 37.94 57.46
CA THR O 59 -1.51 38.92 58.46
C THR O 59 -0.29 39.67 57.97
N TYR O 60 -0.16 40.91 58.42
CA TYR O 60 1.05 41.70 58.22
C TYR O 60 1.18 42.67 59.37
N TYR O 61 2.40 42.92 59.81
CA TYR O 61 2.63 43.64 61.05
C TYR O 61 3.67 44.74 60.85
N ASN O 62 3.69 45.66 61.80
CA ASN O 62 4.73 46.67 61.84
C ASN O 62 6.07 46.02 62.15
N PRO O 63 7.16 46.44 61.48
CA PRO O 63 8.46 45.82 61.76
C PRO O 63 8.89 45.93 63.22
N SER O 64 8.59 47.04 63.87
CA SER O 64 9.06 47.26 65.23
C SER O 64 8.45 46.28 66.22
N LEU O 65 7.14 46.06 66.12
CA LEU O 65 6.39 45.27 67.10
C LEU O 65 6.06 43.87 66.61
N LYS O 66 6.45 43.50 65.38
CA LYS O 66 6.06 42.21 64.82
C LYS O 66 6.54 41.04 65.69
N SER O 67 7.64 41.24 66.44
CA SER O 67 8.15 40.16 67.29
C SER O 67 7.19 39.80 68.42
N ARG O 68 6.23 40.66 68.73
CA ARG O 68 5.30 40.43 69.83
C ARG O 68 3.84 40.46 69.42
N VAL O 69 3.45 41.35 68.51
CA VAL O 69 2.03 41.52 68.19
C VAL O 69 1.53 40.31 67.40
N THR O 70 0.34 39.84 67.73
CA THR O 70 -0.29 38.73 67.04
C THR O 70 -1.79 38.98 66.96
N ILE O 71 -2.34 38.93 65.76
CA ILE O 71 -3.77 39.13 65.55
C ILE O 71 -4.41 37.80 65.22
N SER O 72 -5.71 37.69 65.51
CA SER O 72 -6.48 36.47 65.27
C SER O 72 -7.87 36.86 64.81
N LEU O 73 -8.74 35.86 64.65
CA LEU O 73 -10.10 36.08 64.16
C LEU O 73 -11.08 35.25 64.97
N ASP O 74 -12.29 35.79 65.13
CA ASP O 74 -13.39 35.10 65.82
C ASP O 74 -14.66 35.40 65.03
N ARG O 75 -14.98 34.53 64.07
CA ARG O 75 -16.15 34.76 63.23
C ARG O 75 -17.45 34.47 63.97
N SER O 76 -17.47 33.41 64.77
CA SER O 76 -18.69 33.04 65.50
C SER O 76 -19.10 34.14 66.47
N LYS O 77 -18.14 34.70 67.21
CA LYS O 77 -18.40 35.83 68.09
C LYS O 77 -18.42 37.15 67.34
N ASN O 78 -18.06 37.16 66.07
CA ASN O 78 -17.98 38.38 65.25
C ASN O 78 -17.08 39.41 65.93
N GLN O 79 -15.85 38.98 66.22
CA GLN O 79 -14.87 39.82 66.86
C GLN O 79 -13.49 39.54 66.29
N PHE O 80 -12.61 40.54 66.41
CA PHE O 80 -11.19 40.39 66.14
C PHE O 80 -10.42 41.01 67.29
N SER O 81 -9.38 40.32 67.75
CA SER O 81 -8.70 40.68 68.99
C SER O 81 -7.21 40.83 68.74
N LEU O 82 -6.58 41.67 69.56
CA LEU O 82 -5.15 41.89 69.54
C LEU O 82 -4.52 41.31 70.79
N LYS O 83 -3.33 40.74 70.63
CA LYS O 83 -2.56 40.20 71.74
C LYS O 83 -1.14 40.75 71.66
N LEU O 84 -0.72 41.48 72.68
CA LEU O 84 0.60 42.09 72.74
C LEU O 84 1.32 41.54 73.96
N SER O 85 2.29 40.66 73.73
CA SER O 85 3.05 40.06 74.82
C SER O 85 4.25 40.93 75.17
N SER O 86 4.83 40.63 76.34
CA SER O 86 6.02 41.33 76.84
C SER O 86 5.79 42.84 76.90
N VAL O 87 4.71 43.24 77.56
CA VAL O 87 4.38 44.64 77.68
C VAL O 87 5.36 45.33 78.63
N THR O 88 5.63 46.61 78.35
CA THR O 88 6.54 47.43 79.15
C THR O 88 5.78 48.59 79.74
N ALA O 89 6.46 49.32 80.63
CA ALA O 89 5.86 50.51 81.24
C ALA O 89 5.60 51.61 80.23
N ALA O 90 6.29 51.59 79.08
CA ALA O 90 6.09 52.58 78.03
C ALA O 90 4.91 52.25 77.13
N ASP O 91 4.18 51.18 77.39
CA ASP O 91 3.05 50.77 76.57
C ASP O 91 1.73 51.36 77.02
N THR O 92 1.73 52.19 78.06
CA THR O 92 0.49 52.82 78.52
C THR O 92 0.06 53.87 77.51
N ALA O 93 -1.12 53.69 76.92
CA ALA O 93 -1.59 54.55 75.83
C ALA O 93 -3.06 54.27 75.60
N VAL O 94 -3.62 54.95 74.61
CA VAL O 94 -5.02 54.79 74.21
C VAL O 94 -5.05 54.08 72.87
N TYR O 95 -5.86 53.03 72.78
CA TYR O 95 -5.98 52.22 71.57
C TYR O 95 -7.30 52.52 70.86
N PHE O 96 -7.29 52.35 69.55
CA PHE O 96 -8.51 52.42 68.75
C PHE O 96 -8.49 51.31 67.71
N CYS O 97 -9.64 50.67 67.52
CA CYS O 97 -9.84 49.72 66.44
C CYS O 97 -10.63 50.40 65.33
N ALA O 98 -10.18 50.24 64.08
CA ALA O 98 -10.76 50.93 62.96
C ALA O 98 -10.87 49.98 61.77
N ARG O 99 -11.68 50.39 60.79
CA ARG O 99 -11.89 49.61 59.57
C ARG O 99 -11.61 50.48 58.36
N ALA O 100 -11.32 49.84 57.25
CA ALA O 100 -11.03 50.53 55.99
C ALA O 100 -11.36 49.60 54.84
N PRO O 101 -11.83 50.13 53.71
CA PRO O 101 -12.10 49.29 52.55
C PRO O 101 -10.92 49.19 51.61
N GLU O 102 -10.88 48.09 50.87
CA GLU O 102 -9.85 47.83 49.87
C GLU O 102 -10.50 47.30 48.60
N THR O 103 -10.15 47.88 47.47
CA THR O 103 -10.64 47.41 46.17
C THR O 103 -9.72 47.96 45.09
N TYR O 104 -9.91 47.45 43.87
CA TYR O 104 -9.06 47.81 42.73
C TYR O 104 -9.60 49.09 42.11
N CYS O 105 -9.03 50.23 42.49
CA CYS O 105 -9.41 51.52 41.95
C CYS O 105 -8.49 51.93 40.83
N SER O 106 -8.86 53.01 40.15
CA SER O 106 -8.06 53.59 39.08
C SER O 106 -8.21 55.11 39.13
N THR O 107 -7.52 55.79 38.21
CA THR O 107 -7.56 57.25 38.07
C THR O 107 -7.11 57.97 39.34
N THR O 108 -6.42 57.27 40.24
CA THR O 108 -5.78 57.84 41.42
C THR O 108 -6.76 58.48 42.39
N ASN O 109 -8.07 58.38 42.12
CA ASN O 109 -9.10 58.89 43.01
C ASN O 109 -10.00 57.75 43.47
N CYS O 110 -10.14 57.59 44.78
CA CYS O 110 -10.91 56.50 45.38
C CYS O 110 -10.94 56.72 46.89
N TYR O 111 -11.84 55.98 47.54
CA TYR O 111 -11.88 55.93 49.00
C TYR O 111 -10.87 54.94 49.58
N LYS O 112 -10.16 54.20 48.73
CA LYS O 112 -9.27 53.16 49.21
C LYS O 112 -8.16 53.72 50.07
N GLY O 113 -7.82 53.02 51.14
CA GLY O 113 -6.68 53.35 51.96
C GLY O 113 -6.96 54.33 53.08
N TYR O 114 -8.22 54.68 53.33
CA TYR O 114 -8.58 55.61 54.40
C TYR O 114 -9.52 54.92 55.38
N PHE O 115 -9.30 55.19 56.67
CA PHE O 115 -10.12 54.61 57.73
C PHE O 115 -11.46 55.35 57.79
N ASP O 116 -12.55 54.61 57.58
CA ASP O 116 -13.88 55.22 57.52
C ASP O 116 -14.67 55.06 58.82
N SER O 117 -14.42 54.01 59.59
CA SER O 117 -15.14 53.74 60.83
C SER O 117 -14.16 53.51 61.95
N TRP O 118 -14.51 53.99 63.15
CA TRP O 118 -13.64 53.93 64.31
C TRP O 118 -14.42 53.39 65.51
N GLY O 119 -13.67 52.91 66.50
CA GLY O 119 -14.24 52.45 67.75
C GLY O 119 -14.30 53.54 68.80
N GLN O 120 -14.51 53.11 70.05
CA GLN O 120 -14.56 54.02 71.18
C GLN O 120 -13.25 54.11 71.94
N GLY O 121 -12.53 53.00 72.08
CA GLY O 121 -11.19 53.00 72.66
C GLY O 121 -11.19 52.59 74.12
N THR O 122 -9.98 52.52 74.66
CA THR O 122 -9.76 52.23 76.07
C THR O 122 -8.44 52.84 76.50
N LEU O 123 -8.35 53.17 77.79
CA LEU O 123 -7.12 53.69 78.38
C LEU O 123 -6.40 52.54 79.07
N VAL O 124 -5.38 52.01 78.40
CA VAL O 124 -4.66 50.85 78.91
C VAL O 124 -3.70 51.29 80.00
N THR O 125 -3.76 50.62 81.15
CA THR O 125 -2.87 50.87 82.27
C THR O 125 -1.94 49.68 82.45
N VAL O 126 -0.65 49.90 82.25
CA VAL O 126 0.37 48.88 82.44
C VAL O 126 1.12 49.21 83.73
N SER O 127 0.72 48.57 84.82
CA SER O 127 1.30 48.85 86.12
C SER O 127 1.22 47.60 86.99
N SER O 128 2.05 47.56 88.03
CA SER O 128 2.08 46.43 88.94
C SER O 128 0.84 46.37 89.81
N ASP P 1 9.86 53.68 55.52
CA ASP P 1 8.54 54.22 55.79
C ASP P 1 8.44 55.69 55.41
N ILE P 2 7.23 56.12 55.06
CA ILE P 2 7.00 57.51 54.67
C ILE P 2 6.85 58.35 55.94
N GLN P 3 7.65 59.41 56.04
CA GLN P 3 7.65 60.28 57.19
C GLN P 3 6.81 61.52 56.90
N MET P 4 5.90 61.85 57.82
CA MET P 4 4.94 62.93 57.63
C MET P 4 5.07 63.94 58.75
N THR P 5 4.86 65.21 58.42
CA THR P 5 4.88 66.29 59.39
C THR P 5 3.79 67.31 59.05
N GLN P 6 3.34 68.03 60.06
CA GLN P 6 2.29 69.03 59.92
C GLN P 6 2.77 70.38 60.41
N SER P 7 2.15 71.43 59.89
CA SER P 7 2.46 72.80 60.29
C SER P 7 1.23 73.67 60.07
N PRO P 8 0.88 74.54 61.03
CA PRO P 8 1.52 74.75 62.33
C PRO P 8 1.11 73.70 63.36
N SER P 9 1.77 73.63 64.51
CA SER P 9 1.40 72.68 65.53
C SER P 9 0.16 73.10 66.31
N SER P 10 -0.18 74.38 66.31
CA SER P 10 -1.35 74.87 67.01
C SER P 10 -2.02 75.96 66.16
N VAL P 11 -3.34 76.07 66.31
CA VAL P 11 -4.13 77.06 65.57
C VAL P 11 -4.93 77.88 66.58
N SER P 12 -4.84 79.20 66.48
CA SER P 12 -5.58 80.12 67.32
C SER P 12 -6.22 81.17 66.43
N ALA P 13 -7.54 81.11 66.28
CA ALA P 13 -8.25 82.05 65.44
C ALA P 13 -9.66 82.26 65.98
N SER P 14 -10.27 83.37 65.58
CA SER P 14 -11.61 83.72 66.03
C SER P 14 -12.66 83.12 65.09
N VAL P 15 -13.92 83.42 65.35
CA VAL P 15 -15.01 82.89 64.55
C VAL P 15 -15.03 83.58 63.19
N GLY P 16 -15.13 82.79 62.13
CA GLY P 16 -15.23 83.31 60.78
C GLY P 16 -13.93 83.43 60.03
N ASP P 17 -12.79 83.23 60.70
CA ASP P 17 -11.50 83.33 60.05
C ASP P 17 -11.22 82.08 59.20
N ARG P 18 -10.20 82.17 58.37
CA ARG P 18 -9.79 81.07 57.51
C ARG P 18 -8.59 80.36 58.14
N VAL P 19 -8.66 79.04 58.20
CA VAL P 19 -7.62 78.21 58.83
C VAL P 19 -7.03 77.30 57.78
N THR P 20 -5.70 77.31 57.68
CA THR P 20 -4.98 76.47 56.72
C THR P 20 -3.91 75.69 57.46
N ILE P 21 -3.89 74.37 57.23
CA ILE P 21 -2.91 73.48 57.83
C ILE P 21 -2.26 72.68 56.72
N THR P 22 -0.93 72.57 56.77
CA THR P 22 -0.16 71.92 55.72
C THR P 22 0.42 70.60 56.23
N CYS P 23 0.45 69.60 55.36
CA CYS P 23 0.99 68.28 55.67
C CYS P 23 2.07 67.95 54.65
N ARG P 24 3.26 67.64 55.13
CA ARG P 24 4.41 67.36 54.27
C ARG P 24 4.87 65.93 54.48
N ALA P 25 5.07 65.21 53.38
CA ALA P 25 5.54 63.84 53.38
C ALA P 25 6.94 63.76 52.77
N SER P 26 7.75 62.87 53.32
CA SER P 26 9.13 62.71 52.85
C SER P 26 9.23 61.95 51.53
N GLN P 27 8.16 61.28 51.10
CA GLN P 27 8.16 60.52 49.86
C GLN P 27 6.94 60.88 49.05
N GLY P 28 7.07 60.79 47.73
CA GLY P 28 5.97 61.04 46.82
C GLY P 28 4.79 60.12 47.06
N ILE P 29 3.59 60.69 47.21
CA ILE P 29 2.42 59.90 47.54
C ILE P 29 1.29 60.20 46.56
N SER P 30 1.61 60.98 45.52
CA SER P 30 0.64 61.36 44.49
C SER P 30 -0.62 61.96 45.10
N SER P 31 -1.76 61.29 44.90
CA SER P 31 -3.05 61.79 45.34
C SER P 31 -3.58 61.07 46.57
N TRP P 32 -2.71 60.37 47.31
CA TRP P 32 -3.12 59.56 48.45
C TRP P 32 -2.88 60.35 49.73
N LEU P 33 -3.88 61.13 50.14
CA LEU P 33 -3.81 61.83 51.41
C LEU P 33 -5.23 62.18 51.87
N GLY P 34 -5.45 62.14 53.18
CA GLY P 34 -6.73 62.47 53.75
C GLY P 34 -6.59 63.35 54.98
N TRP P 35 -7.73 63.78 55.50
CA TRP P 35 -7.77 64.66 56.66
C TRP P 35 -8.80 64.14 57.66
N TYR P 36 -8.38 64.03 58.92
CA TYR P 36 -9.22 63.51 59.99
C TYR P 36 -9.41 64.57 61.06
N GLN P 37 -10.62 64.65 61.61
CA GLN P 37 -10.95 65.58 62.68
C GLN P 37 -11.29 64.80 63.94
N GLN P 38 -10.61 65.11 65.04
CA GLN P 38 -10.74 64.38 66.28
C GLN P 38 -11.34 65.28 67.35
N LYS P 39 -12.51 64.88 67.87
CA LYS P 39 -13.13 65.58 68.98
C LYS P 39 -12.57 65.08 70.31
N PRO P 40 -12.60 65.91 71.35
CA PRO P 40 -12.11 65.46 72.66
C PRO P 40 -12.91 64.27 73.17
N GLY P 41 -12.20 63.22 73.58
CA GLY P 41 -12.83 62.03 74.06
C GLY P 41 -13.41 61.13 73.00
N LYS P 42 -13.19 61.45 71.72
CA LYS P 42 -13.73 60.69 70.61
C LYS P 42 -12.63 60.42 69.59
N ALA P 43 -12.88 59.45 68.72
CA ALA P 43 -11.94 59.08 67.67
C ALA P 43 -11.97 60.11 66.55
N PRO P 44 -10.88 60.23 65.79
CA PRO P 44 -10.88 61.11 64.63
C PRO P 44 -11.91 60.68 63.59
N LYS P 45 -12.48 61.67 62.91
CA LYS P 45 -13.46 61.44 61.86
C LYS P 45 -12.90 61.98 60.55
N LEU P 46 -12.89 61.14 59.51
CA LEU P 46 -12.40 61.54 58.20
C LEU P 46 -13.37 62.53 57.55
N LEU P 47 -12.84 63.62 57.02
CA LEU P 47 -13.64 64.62 56.33
C LEU P 47 -13.19 64.90 54.90
N ILE P 48 -11.91 64.70 54.59
CA ILE P 48 -11.37 64.97 53.25
C ILE P 48 -10.75 63.70 52.72
N TYR P 49 -11.14 63.31 51.51
CA TYR P 49 -10.58 62.16 50.82
C TYR P 49 -10.15 62.55 49.43
N ALA P 50 -9.23 61.76 48.86
CA ALA P 50 -8.59 62.01 47.58
C ALA P 50 -7.80 63.31 47.54
N ALA P 51 -7.56 63.93 48.70
CA ALA P 51 -6.75 65.13 48.89
C ALA P 51 -7.37 66.37 48.27
N SER P 52 -8.49 66.25 47.56
CA SER P 52 -9.19 67.40 47.00
C SER P 52 -10.69 67.39 47.31
N SER P 53 -11.30 66.22 47.32
CA SER P 53 -12.75 66.10 47.53
C SER P 53 -13.08 66.08 49.02
N LEU P 54 -14.33 66.41 49.32
CA LEU P 54 -14.85 66.40 50.68
C LEU P 54 -15.81 65.25 50.88
N GLN P 55 -15.85 64.73 52.10
CA GLN P 55 -16.71 63.59 52.41
C GLN P 55 -18.18 63.98 52.28
N SER P 56 -18.99 63.04 51.79
CA SER P 56 -20.41 63.29 51.64
C SER P 56 -21.07 63.47 53.00
N GLY P 57 -21.96 64.46 53.08
CA GLY P 57 -22.61 64.83 54.33
C GLY P 57 -21.88 65.86 55.14
N VAL P 58 -20.59 66.09 54.85
CA VAL P 58 -19.80 67.12 55.51
C VAL P 58 -20.19 68.47 54.93
N PRO P 59 -20.27 69.53 55.73
CA PRO P 59 -20.56 70.86 55.17
C PRO P 59 -19.52 71.27 54.16
N SER P 60 -19.95 72.05 53.17
CA SER P 60 -19.11 72.44 52.04
C SER P 60 -17.98 73.39 52.43
N ARG P 61 -17.98 73.89 53.67
CA ARG P 61 -16.95 74.83 54.10
C ARG P 61 -15.56 74.20 54.17
N PHE P 62 -15.46 72.87 54.12
CA PHE P 62 -14.19 72.18 54.20
C PHE P 62 -13.68 71.84 52.81
N SER P 63 -12.37 71.96 52.62
CA SER P 63 -11.75 71.67 51.33
C SER P 63 -10.29 71.30 51.54
N GLY P 64 -9.72 70.67 50.52
CA GLY P 64 -8.32 70.29 50.56
C GLY P 64 -7.61 70.68 49.28
N SER P 65 -6.29 70.73 49.36
CA SER P 65 -5.45 71.11 48.23
C SER P 65 -4.06 70.54 48.45
N GLY P 66 -3.17 70.84 47.51
CA GLY P 66 -1.80 70.36 47.56
C GLY P 66 -1.59 69.15 46.66
N SER P 67 -0.34 68.97 46.24
CA SER P 67 0.01 67.86 45.36
C SER P 67 1.49 67.53 45.51
N GLY P 68 1.83 66.30 45.16
CA GLY P 68 3.21 65.84 45.17
C GLY P 68 3.72 65.41 46.53
N THR P 69 4.10 66.39 47.35
CA THR P 69 4.57 66.12 48.71
C THR P 69 3.97 67.03 49.78
N ASP P 70 3.46 68.20 49.41
CA ASP P 70 2.88 69.14 50.36
C ASP P 70 1.40 69.30 50.07
N PHE P 71 0.57 69.09 51.08
CA PHE P 71 -0.88 69.17 50.95
C PHE P 71 -1.44 70.12 52.00
N THR P 72 -2.40 70.94 51.58
CA THR P 72 -2.95 71.99 52.42
C THR P 72 -4.44 71.75 52.66
N LEU P 73 -4.85 71.86 53.91
CA LEU P 73 -6.26 71.76 54.31
C LEU P 73 -6.83 73.16 54.48
N THR P 74 -7.92 73.44 53.79
CA THR P 74 -8.50 74.79 53.75
C THR P 74 -9.95 74.73 54.23
N ILE P 75 -10.29 75.60 55.18
CA ILE P 75 -11.65 75.78 55.65
C ILE P 75 -12.08 77.20 55.32
N SER P 76 -13.23 77.32 54.63
CA SER P 76 -13.66 78.63 54.14
C SER P 76 -13.93 79.60 55.30
N SER P 77 -14.58 79.12 56.36
CA SER P 77 -14.92 79.97 57.49
C SER P 77 -14.90 79.13 58.77
N LEU P 78 -14.15 79.61 59.77
CA LEU P 78 -14.09 78.91 61.04
C LEU P 78 -15.43 79.01 61.76
N GLN P 79 -15.79 77.94 62.46
CA GLN P 79 -17.05 77.84 63.18
C GLN P 79 -16.78 77.34 64.59
N PRO P 80 -17.69 77.59 65.52
CA PRO P 80 -17.48 77.12 66.90
C PRO P 80 -17.30 75.62 67.03
N GLU P 81 -17.92 74.84 66.13
CA GLU P 81 -17.78 73.38 66.19
C GLU P 81 -16.52 72.86 65.51
N ASP P 82 -15.72 73.74 64.92
CA ASP P 82 -14.52 73.32 64.21
C ASP P 82 -13.27 73.34 65.07
N PHE P 83 -13.38 73.67 66.35
CA PHE P 83 -12.23 73.70 67.26
C PHE P 83 -11.98 72.28 67.75
N ALA P 84 -11.20 71.53 66.97
CA ALA P 84 -10.88 70.15 67.30
C ALA P 84 -9.44 69.88 66.87
N THR P 85 -9.06 68.60 66.89
CA THR P 85 -7.72 68.16 66.51
C THR P 85 -7.76 67.55 65.12
N TYR P 86 -6.77 67.89 64.30
CA TYR P 86 -6.76 67.51 62.89
C TYR P 86 -5.46 66.80 62.54
N TYR P 87 -5.57 65.74 61.74
CA TYR P 87 -4.44 64.93 61.31
C TYR P 87 -4.49 64.74 59.80
N CYS P 88 -3.37 64.28 59.24
CA CYS P 88 -3.30 63.83 57.86
C CYS P 88 -2.80 62.40 57.81
N GLN P 89 -3.15 61.69 56.74
CA GLN P 89 -2.78 60.29 56.59
C GLN P 89 -2.63 59.96 55.11
N GLN P 90 -1.62 59.16 54.79
CA GLN P 90 -1.32 58.78 53.41
C GLN P 90 -1.77 57.35 53.16
N ALA P 91 -2.01 57.04 51.88
CA ALA P 91 -2.57 55.76 51.48
C ALA P 91 -1.92 55.21 50.21
N ASN P 92 -0.63 55.49 50.01
CA ASN P 92 0.05 55.06 48.79
C ASN P 92 0.75 53.71 48.95
N SER P 93 1.67 53.62 49.90
CA SER P 93 2.45 52.40 50.10
C SER P 93 2.46 52.01 51.57
N PHE P 94 2.39 50.71 51.83
CA PHE P 94 2.42 50.24 53.21
C PHE P 94 3.84 50.30 53.75
N PRO P 95 4.01 50.51 55.07
CA PRO P 95 2.96 50.74 56.09
C PRO P 95 2.35 52.13 55.98
N ARG P 96 1.10 52.29 56.40
CA ARG P 96 0.43 53.58 56.39
C ARG P 96 0.53 54.20 57.77
N THR P 97 0.90 55.47 57.83
CA THR P 97 1.14 56.17 59.09
C THR P 97 0.24 57.39 59.18
N PHE P 98 0.42 58.14 60.28
CA PHE P 98 -0.35 59.34 60.55
C PHE P 98 0.60 60.49 60.85
N GLY P 99 0.05 61.71 60.82
CA GLY P 99 0.80 62.88 61.22
C GLY P 99 0.77 63.09 62.72
N GLN P 100 1.43 64.18 63.15
CA GLN P 100 1.51 64.47 64.57
C GLN P 100 0.30 65.22 65.09
N GLY P 101 -0.43 65.92 64.22
CA GLY P 101 -1.66 66.58 64.60
C GLY P 101 -1.46 68.05 64.95
N THR P 102 -2.59 68.75 65.02
CA THR P 102 -2.61 70.17 65.36
C THR P 102 -3.87 70.45 66.17
N LYS P 103 -3.73 71.24 67.24
CA LYS P 103 -4.84 71.56 68.12
C LYS P 103 -5.32 72.98 67.84
N VAL P 104 -6.63 73.15 67.70
CA VAL P 104 -7.26 74.42 67.37
C VAL P 104 -7.96 74.94 68.60
N GLU P 105 -7.73 76.21 68.93
CA GLU P 105 -8.28 76.84 70.12
C GLU P 105 -8.87 78.20 69.76
N ILE P 106 -9.79 78.67 70.59
CA ILE P 106 -10.42 79.96 70.38
C ILE P 106 -9.43 81.07 70.71
N LYS P 107 -9.29 82.03 69.81
CA LYS P 107 -8.39 83.16 70.00
C LYS P 107 -8.93 84.13 71.03
N GLN Q 1 66.47 -6.33 80.14
CA GLN Q 1 66.33 -7.65 80.73
C GLN Q 1 64.96 -7.81 81.39
N VAL Q 2 64.33 -8.95 81.15
CA VAL Q 2 63.00 -9.25 81.69
C VAL Q 2 63.17 -10.08 82.96
N GLN Q 3 62.40 -9.74 83.99
CA GLN Q 3 62.38 -10.49 85.23
C GLN Q 3 60.94 -10.73 85.66
N LEU Q 4 60.71 -11.88 86.30
CA LEU Q 4 59.37 -12.35 86.61
C LEU Q 4 59.15 -12.33 88.12
N GLN Q 5 58.11 -11.64 88.57
CA GLN Q 5 57.69 -11.65 89.95
C GLN Q 5 56.18 -11.86 90.01
N GLU Q 6 55.73 -12.54 91.05
CA GLU Q 6 54.33 -12.96 91.16
C GLU Q 6 53.60 -12.13 92.20
N SER Q 7 52.30 -12.37 92.30
CA SER Q 7 51.47 -11.80 93.34
C SER Q 7 50.29 -12.73 93.58
N GLY Q 8 49.72 -12.64 94.78
CA GLY Q 8 48.58 -13.47 95.13
C GLY Q 8 48.87 -14.38 96.30
N PRO Q 9 47.88 -14.55 97.18
CA PRO Q 9 48.08 -15.39 98.37
C PRO Q 9 48.30 -16.84 97.99
N GLY Q 10 49.11 -17.52 98.80
CA GLY Q 10 49.37 -18.94 98.65
C GLY Q 10 48.51 -19.84 99.52
N LEU Q 11 47.44 -19.30 100.10
CA LEU Q 11 46.55 -20.05 100.98
C LEU Q 11 45.18 -20.14 100.33
N VAL Q 12 44.68 -21.35 100.16
CA VAL Q 12 43.37 -21.58 99.56
C VAL Q 12 42.70 -22.76 100.24
N LYS Q 13 41.36 -22.78 100.21
CA LYS Q 13 40.53 -23.84 100.75
C LYS Q 13 40.32 -24.93 99.71
N PRO Q 14 40.07 -26.17 100.15
CA PRO Q 14 39.87 -27.26 99.19
C PRO Q 14 38.63 -27.02 98.34
N SER Q 15 38.69 -27.52 97.10
CA SER Q 15 37.63 -27.46 96.10
C SER Q 15 37.31 -26.04 95.66
N GLN Q 16 38.07 -25.04 96.13
CA GLN Q 16 37.86 -23.65 95.74
C GLN Q 16 38.82 -23.30 94.59
N THR Q 17 38.91 -22.02 94.27
CA THR Q 17 39.71 -21.54 93.15
C THR Q 17 41.07 -21.09 93.62
N LEU Q 18 42.12 -21.64 93.02
CA LEU Q 18 43.49 -21.24 93.28
C LEU Q 18 43.94 -20.30 92.16
N SER Q 19 44.32 -19.08 92.53
CA SER Q 19 44.70 -18.05 91.56
C SER Q 19 46.12 -17.60 91.82
N LEU Q 20 46.95 -17.65 90.78
CA LEU Q 20 48.34 -17.22 90.86
C LEU Q 20 48.63 -16.31 89.66
N THR Q 21 48.97 -15.07 89.94
CA THR Q 21 49.26 -14.07 88.91
C THR Q 21 50.75 -13.77 88.88
N CYS Q 22 51.36 -13.91 87.72
CA CYS Q 22 52.79 -13.70 87.52
C CYS Q 22 52.99 -12.44 86.70
N THR Q 23 53.55 -11.40 87.33
CA THR Q 23 53.71 -10.10 86.69
C THR Q 23 55.08 -9.99 86.03
N VAL Q 24 55.11 -9.32 84.88
CA VAL Q 24 56.35 -9.15 84.12
C VAL Q 24 56.99 -7.82 84.52
N SER Q 25 58.29 -7.87 84.83
CA SER Q 25 59.07 -6.68 85.17
C SER Q 25 60.18 -6.51 84.14
N GLY Q 26 60.29 -5.29 83.61
CA GLY Q 26 61.23 -5.04 82.53
C GLY Q 26 60.87 -5.72 81.23
N GLY Q 27 59.58 -5.76 80.90
CA GLY Q 27 59.15 -6.39 79.66
C GLY Q 27 57.67 -6.22 79.46
N SER Q 28 57.14 -6.90 78.45
CA SER Q 28 55.73 -6.82 78.13
C SER Q 28 55.28 -8.14 77.52
N ILE Q 29 54.02 -8.51 77.79
CA ILE Q 29 53.44 -9.71 77.19
C ILE Q 29 52.94 -9.48 75.78
N SER Q 30 53.01 -8.23 75.28
CA SER Q 30 52.62 -7.95 73.90
C SER Q 30 53.61 -8.51 72.88
N SER Q 31 54.76 -9.00 73.31
CA SER Q 31 55.71 -9.60 72.38
C SER Q 31 55.12 -10.85 71.73
N ASP Q 32 55.36 -10.99 70.44
CA ASP Q 32 54.83 -12.09 69.65
C ASP Q 32 55.84 -13.21 69.45
N ASP Q 33 57.01 -13.13 70.08
CA ASP Q 33 58.07 -14.12 69.88
C ASP Q 33 58.40 -14.87 71.16
N TYR Q 34 57.45 -14.97 72.10
CA TYR Q 34 57.69 -15.66 73.35
C TYR Q 34 56.43 -16.37 73.79
N TYR Q 35 56.61 -17.47 74.53
CA TYR Q 35 55.51 -18.16 75.18
C TYR Q 35 55.37 -17.70 76.63
N TRP Q 36 54.35 -18.21 77.31
CA TRP Q 36 54.17 -17.96 78.73
C TRP Q 36 53.69 -19.25 79.37
N THR Q 37 54.42 -19.74 80.37
CA THR Q 37 54.22 -21.07 80.92
C THR Q 37 53.99 -21.02 82.42
N TRP Q 38 53.34 -22.07 82.93
CA TRP Q 38 53.17 -22.29 84.36
C TRP Q 38 53.71 -23.68 84.69
N ILE Q 39 54.47 -23.78 85.76
CA ILE Q 39 55.13 -25.02 86.15
C ILE Q 39 55.00 -25.19 87.66
N ARG Q 40 54.79 -26.44 88.10
CA ARG Q 40 54.72 -26.77 89.51
C ARG Q 40 55.71 -27.86 89.85
N LEU Q 41 56.16 -27.86 91.10
CA LEU Q 41 56.98 -28.95 91.64
C LEU Q 41 56.33 -29.50 92.89
N PRO Q 42 55.77 -30.70 92.86
CA PRO Q 42 55.19 -31.29 94.07
C PRO Q 42 56.29 -31.72 95.04
N PRO Q 43 55.98 -31.78 96.34
CA PRO Q 43 56.97 -32.29 97.29
C PRO Q 43 57.39 -33.72 96.94
N GLY Q 44 58.70 -33.92 96.80
CA GLY Q 44 59.21 -35.20 96.38
C GLY Q 44 59.09 -35.48 94.90
N LYS Q 45 58.64 -34.51 94.11
CA LYS Q 45 58.48 -34.68 92.67
C LYS Q 45 59.14 -33.51 91.94
N GLY Q 46 59.51 -33.75 90.69
CA GLY Q 46 60.17 -32.76 89.87
C GLY Q 46 59.20 -31.70 89.36
N LEU Q 47 59.64 -31.00 88.32
CA LEU Q 47 58.85 -29.93 87.74
C LEU Q 47 57.80 -30.48 86.80
N GLU Q 48 56.55 -30.08 87.01
CA GLU Q 48 55.41 -30.53 86.20
C GLU Q 48 54.94 -29.39 85.32
N TRP Q 49 54.95 -29.61 84.01
CA TRP Q 49 54.56 -28.60 83.04
C TRP Q 49 53.05 -28.65 82.82
N ILE Q 50 52.41 -27.48 82.85
CA ILE Q 50 50.95 -27.40 82.78
C ILE Q 50 50.49 -27.01 81.39
N GLY Q 51 51.30 -26.25 80.68
CA GLY Q 51 50.94 -25.78 79.36
C GLY Q 51 51.56 -24.42 79.08
N TYR Q 52 50.92 -23.70 78.16
CA TYR Q 52 51.39 -22.37 77.78
C TYR Q 52 50.24 -21.60 77.15
N ILE Q 53 50.47 -20.30 76.98
CA ILE Q 53 49.48 -19.39 76.40
C ILE Q 53 50.20 -18.46 75.43
N PHE Q 54 49.43 -17.91 74.49
CA PHE Q 54 49.95 -17.02 73.47
C PHE Q 54 49.23 -15.69 73.56
N TYR Q 55 49.90 -14.64 73.07
CA TYR Q 55 49.40 -13.27 73.28
C TYR Q 55 48.04 -13.04 72.63
N THR Q 56 47.76 -13.74 71.53
CA THR Q 56 46.46 -13.58 70.88
C THR Q 56 45.35 -14.27 71.66
N GLY Q 57 45.64 -15.41 72.29
CA GLY Q 57 44.65 -16.14 73.05
C GLY Q 57 44.64 -17.64 72.78
N GLY Q 58 45.42 -18.07 71.80
CA GLY Q 58 45.58 -19.50 71.57
C GLY Q 58 46.12 -20.19 72.81
N THR Q 59 45.55 -21.35 73.12
CA THR Q 59 45.87 -22.06 74.35
C THR Q 59 46.02 -23.54 74.08
N TYR Q 60 46.83 -24.20 74.91
CA TYR Q 60 46.95 -25.64 74.91
C TYR Q 60 47.39 -26.06 76.32
N TYR Q 61 46.94 -27.24 76.74
CA TYR Q 61 47.13 -27.65 78.12
C TYR Q 61 47.61 -29.10 78.17
N ASN Q 62 48.12 -29.48 79.33
CA ASN Q 62 48.43 -30.88 79.58
C ASN Q 62 47.12 -31.69 79.62
N PRO Q 63 47.11 -32.89 79.01
CA PRO Q 63 45.87 -33.68 79.01
C PRO Q 63 45.34 -33.98 80.40
N SER Q 64 46.23 -34.20 81.38
CA SER Q 64 45.79 -34.62 82.71
C SER Q 64 44.96 -33.54 83.39
N LEU Q 65 45.38 -32.27 83.28
CA LEU Q 65 44.74 -31.17 83.98
C LEU Q 65 43.91 -30.28 83.08
N LYS Q 66 43.84 -30.57 81.77
CA LYS Q 66 43.15 -29.69 80.84
C LYS Q 66 41.68 -29.51 81.20
N SER Q 67 41.08 -30.48 81.89
CA SER Q 67 39.68 -30.38 82.27
C SER Q 67 39.42 -29.27 83.28
N ARG Q 68 40.45 -28.75 83.93
CA ARG Q 68 40.28 -27.75 84.98
C ARG Q 68 41.07 -26.47 84.75
N VAL Q 69 42.30 -26.56 84.27
CA VAL Q 69 43.16 -25.39 84.19
C VAL Q 69 42.68 -24.46 83.07
N THR Q 70 42.64 -23.16 83.36
CA THR Q 70 42.20 -22.16 82.40
C THR Q 70 43.07 -20.93 82.55
N ILE Q 71 43.72 -20.53 81.47
CA ILE Q 71 44.64 -19.39 81.48
C ILE Q 71 43.99 -18.22 80.74
N SER Q 72 44.44 -17.01 81.07
CA SER Q 72 43.92 -15.79 80.48
C SER Q 72 45.07 -14.82 80.27
N LEU Q 73 44.74 -13.61 79.80
CA LEU Q 73 45.73 -12.59 79.52
C LEU Q 73 45.26 -11.24 80.05
N ASP Q 74 46.21 -10.41 80.47
CA ASP Q 74 45.93 -9.06 80.96
C ASP Q 74 47.03 -8.15 80.43
N ARG Q 75 46.79 -7.58 79.25
CA ARG Q 75 47.82 -6.75 78.62
C ARG Q 75 47.95 -5.40 79.31
N SER Q 76 46.83 -4.81 79.74
CA SER Q 76 46.89 -3.51 80.40
C SER Q 76 47.68 -3.59 81.70
N LYS Q 77 47.45 -4.63 82.50
CA LYS Q 77 48.23 -4.86 83.71
C LYS Q 77 49.56 -5.54 83.43
N ASN Q 78 49.78 -6.01 82.20
CA ASN Q 78 51.00 -6.74 81.83
C ASN Q 78 51.18 -7.96 82.74
N GLN Q 79 50.15 -8.79 82.81
CA GLN Q 79 50.17 -9.99 83.63
C GLN Q 79 49.47 -11.12 82.89
N PHE Q 80 49.84 -12.35 83.24
CA PHE Q 80 49.14 -13.55 82.81
C PHE Q 80 48.86 -14.40 84.04
N SER Q 81 47.64 -14.89 84.16
CA SER Q 81 47.16 -15.49 85.39
C SER Q 81 46.54 -16.85 85.12
N LEU Q 82 46.61 -17.71 86.13
CA LEU Q 82 46.08 -19.06 86.07
C LEU Q 82 44.92 -19.22 87.04
N LYS Q 83 43.95 -20.04 86.66
CA LYS Q 83 42.84 -20.39 87.54
C LYS Q 83 42.66 -21.91 87.46
N LEU Q 84 42.79 -22.58 88.60
CA LEU Q 84 42.66 -24.03 88.69
C LEU Q 84 41.52 -24.33 89.65
N SER Q 85 40.39 -24.77 89.10
CA SER Q 85 39.21 -25.05 89.90
C SER Q 85 39.24 -26.49 90.44
N SER Q 86 38.41 -26.73 91.45
CA SER Q 86 38.26 -28.05 92.06
C SER Q 86 39.61 -28.58 92.56
N VAL Q 87 40.28 -27.76 93.38
CA VAL Q 87 41.57 -28.15 93.93
C VAL Q 87 41.37 -29.27 94.96
N THR Q 88 42.40 -30.10 95.11
CA THR Q 88 42.39 -31.22 96.03
C THR Q 88 43.49 -31.04 97.07
N ALA Q 89 43.45 -31.89 98.10
CA ALA Q 89 44.48 -31.86 99.13
C ALA Q 89 45.85 -32.25 98.61
N ALA Q 90 45.91 -32.98 97.49
CA ALA Q 90 47.17 -33.36 96.87
C ALA Q 90 47.77 -32.25 96.02
N ASP Q 91 47.11 -31.10 95.92
CA ASP Q 91 47.57 -30.00 95.08
C ASP Q 91 48.55 -29.07 95.79
N THR Q 92 48.91 -29.36 97.04
CA THR Q 92 49.91 -28.56 97.74
C THR Q 92 51.28 -28.79 97.13
N ALA Q 93 51.89 -27.73 96.61
CA ALA Q 93 53.15 -27.84 95.89
C ALA Q 93 53.74 -26.44 95.73
N VAL Q 94 54.87 -26.36 95.04
CA VAL Q 94 55.55 -25.10 94.75
C VAL Q 94 55.44 -24.84 93.25
N TYR Q 95 55.01 -23.63 92.89
CA TYR Q 95 54.81 -23.25 91.51
C TYR Q 95 55.90 -22.29 91.05
N PHE Q 96 56.19 -22.30 89.75
CA PHE Q 96 57.06 -21.32 89.13
C PHE Q 96 56.47 -20.90 87.79
N CYS Q 97 56.53 -19.61 87.49
CA CYS Q 97 56.18 -19.09 86.18
C CYS Q 97 57.47 -18.79 85.41
N ALA Q 98 57.51 -19.25 84.16
CA ALA Q 98 58.71 -19.15 83.34
C ALA Q 98 58.35 -18.73 81.93
N ARG Q 99 59.36 -18.30 81.18
CA ARG Q 99 59.20 -17.86 79.81
C ARG Q 99 60.16 -18.62 78.92
N ALA Q 100 59.83 -18.69 77.63
CA ALA Q 100 60.67 -19.34 76.64
C ALA Q 100 60.40 -18.72 75.28
N PRO Q 101 61.43 -18.56 74.45
CA PRO Q 101 61.23 -18.02 73.10
C PRO Q 101 60.95 -19.12 72.09
N GLU Q 102 60.29 -18.71 71.00
CA GLU Q 102 59.98 -19.60 69.88
C GLU Q 102 60.29 -18.88 68.59
N THR Q 103 61.00 -19.57 67.69
CA THR Q 103 61.29 -19.04 66.36
C THR Q 103 61.67 -20.20 65.45
N TYR Q 104 61.70 -19.91 64.14
CA TYR Q 104 61.97 -20.93 63.13
C TYR Q 104 63.47 -21.09 62.99
N CYS Q 105 64.03 -22.07 63.70
CA CYS Q 105 65.45 -22.37 63.64
C CYS Q 105 65.73 -23.48 62.62
N SER Q 106 67.02 -23.72 62.39
CA SER Q 106 67.47 -24.80 61.51
C SER Q 106 68.76 -25.38 62.08
N THR Q 107 69.27 -26.41 61.41
CA THR Q 107 70.51 -27.09 61.76
C THR Q 107 70.49 -27.70 63.15
N THR Q 108 69.29 -27.87 63.73
CA THR Q 108 69.07 -28.60 64.99
C THR Q 108 69.75 -27.94 66.18
N ASN Q 109 70.37 -26.78 66.00
CA ASN Q 109 70.98 -26.04 67.10
C ASN Q 109 70.34 -24.66 67.19
N CYS Q 110 69.84 -24.33 68.38
CA CYS Q 110 69.10 -23.09 68.62
C CYS Q 110 68.78 -23.02 70.11
N TYR Q 111 68.35 -21.84 70.55
CA TYR Q 111 67.84 -21.65 71.89
C TYR Q 111 66.37 -22.03 72.03
N LYS Q 112 65.71 -22.40 70.94
CA LYS Q 112 64.28 -22.68 70.98
C LYS Q 112 63.97 -23.87 71.89
N GLY Q 113 62.85 -23.79 72.60
CA GLY Q 113 62.37 -24.89 73.40
C GLY Q 113 62.92 -24.97 74.81
N TYR Q 114 63.67 -23.97 75.25
CA TYR Q 114 64.28 -23.97 76.58
C TYR Q 114 63.80 -22.75 77.36
N PHE Q 115 63.55 -22.95 78.65
CA PHE Q 115 63.12 -21.86 79.53
C PHE Q 115 64.32 -21.01 79.91
N ASP Q 116 64.28 -19.72 79.54
CA ASP Q 116 65.40 -18.81 79.78
C ASP Q 116 65.20 -17.90 80.99
N SER Q 117 63.95 -17.60 81.35
CA SER Q 117 63.66 -16.70 82.46
C SER Q 117 62.68 -17.36 83.42
N TRP Q 118 62.85 -17.10 84.71
CA TRP Q 118 62.04 -17.71 85.75
C TRP Q 118 61.56 -16.66 86.74
N GLY Q 119 60.56 -17.04 87.53
CA GLY Q 119 60.03 -16.21 88.59
C GLY Q 119 60.60 -16.58 89.95
N GLN Q 120 59.90 -16.14 91.00
CA GLN Q 120 60.29 -16.41 92.38
C GLN Q 120 59.54 -17.59 92.99
N GLY Q 121 58.26 -17.73 92.71
CA GLY Q 121 57.48 -18.88 93.13
C GLY Q 121 56.70 -18.62 94.41
N THR Q 122 55.85 -19.60 94.74
CA THR Q 122 55.03 -19.55 95.94
C THR Q 122 54.77 -20.96 96.44
N LEU Q 123 54.56 -21.07 97.75
CA LEU Q 123 54.24 -22.34 98.40
C LEU Q 123 52.73 -22.38 98.65
N VAL Q 124 52.01 -23.07 97.78
CA VAL Q 124 50.54 -23.08 97.83
C VAL Q 124 50.09 -24.02 98.94
N THR Q 125 49.24 -23.52 99.82
CA THR Q 125 48.69 -24.30 100.94
C THR Q 125 47.21 -24.49 100.71
N VAL Q 126 46.80 -25.72 100.40
CA VAL Q 126 45.41 -26.06 100.15
C VAL Q 126 44.88 -26.76 101.40
N SER Q 127 44.22 -26.00 102.27
CA SER Q 127 43.73 -26.54 103.53
C SER Q 127 42.47 -25.78 103.93
N SER Q 128 41.67 -26.41 104.79
CA SER Q 128 40.43 -25.81 105.25
C SER Q 128 40.69 -24.62 106.17
N ASP R 1 53.74 -39.32 75.59
CA ASP R 1 54.69 -38.37 76.15
C ASP R 1 56.07 -38.99 76.31
N ILE R 2 57.10 -38.16 76.24
CA ILE R 2 58.48 -38.62 76.41
C ILE R 2 58.78 -38.73 77.89
N GLN R 3 59.27 -39.91 78.31
CA GLN R 3 59.59 -40.19 79.71
C GLN R 3 61.08 -40.03 79.93
N MET R 4 61.45 -39.30 80.98
CA MET R 4 62.84 -38.97 81.26
C MET R 4 63.26 -39.49 82.62
N THR R 5 64.53 -39.88 82.72
CA THR R 5 65.14 -40.33 83.96
C THR R 5 66.57 -39.83 84.01
N GLN R 6 67.08 -39.66 85.23
CA GLN R 6 68.44 -39.19 85.45
C GLN R 6 69.18 -40.18 86.34
N SER R 7 70.51 -40.17 86.22
CA SER R 7 71.36 -41.03 87.02
C SER R 7 72.72 -40.37 87.21
N PRO R 8 73.27 -40.37 88.42
CA PRO R 8 72.72 -40.92 89.67
C PRO R 8 71.71 -39.98 90.31
N SER R 9 70.95 -40.46 91.30
CA SER R 9 70.00 -39.60 92.00
C SER R 9 70.67 -38.68 93.02
N SER R 10 71.90 -39.00 93.44
CA SER R 10 72.62 -38.16 94.38
C SER R 10 74.10 -38.13 94.00
N VAL R 11 74.75 -37.00 94.30
CA VAL R 11 76.16 -36.81 94.02
C VAL R 11 76.87 -36.41 95.31
N SER R 12 77.95 -37.11 95.64
CA SER R 12 78.77 -36.80 96.80
C SER R 12 80.23 -36.81 96.37
N ALA R 13 80.85 -35.63 96.32
CA ALA R 13 82.23 -35.53 95.87
C ALA R 13 82.88 -34.34 96.55
N SER R 14 84.22 -34.36 96.58
CA SER R 14 85.00 -33.30 97.20
C SER R 14 85.27 -32.18 96.19
N VAL R 15 86.03 -31.18 96.64
CA VAL R 15 86.34 -30.03 95.78
C VAL R 15 87.35 -30.44 94.72
N GLY R 16 87.08 -30.07 93.47
CA GLY R 16 87.99 -30.32 92.38
C GLY R 16 87.74 -31.59 91.60
N ASP R 17 86.85 -32.45 92.08
CA ASP R 17 86.56 -33.71 91.39
C ASP R 17 85.68 -33.45 90.17
N ARG R 18 85.54 -34.49 89.35
CA ARG R 18 84.71 -34.43 88.15
C ARG R 18 83.37 -35.09 88.43
N VAL R 19 82.28 -34.43 88.05
CA VAL R 19 80.93 -34.89 88.29
C VAL R 19 80.24 -35.09 86.95
N THR R 20 79.67 -36.28 86.75
CA THR R 20 78.97 -36.61 85.51
C THR R 20 77.57 -37.10 85.84
N ILE R 21 76.58 -36.53 85.16
CA ILE R 21 75.17 -36.90 85.35
C ILE R 21 74.59 -37.22 83.98
N THR R 22 73.88 -38.34 83.87
CA THR R 22 73.32 -38.81 82.62
C THR R 22 71.80 -38.65 82.63
N CYS R 23 71.25 -38.30 81.48
CA CYS R 23 69.81 -38.13 81.31
C CYS R 23 69.36 -39.03 80.17
N ARG R 24 68.37 -39.90 80.45
CA ARG R 24 67.89 -40.88 79.49
C ARG R 24 66.42 -40.61 79.20
N ALA R 25 66.07 -40.57 77.91
CA ALA R 25 64.71 -40.33 77.46
C ALA R 25 64.17 -41.58 76.78
N SER R 26 62.86 -41.79 76.92
CA SER R 26 62.22 -42.97 76.35
C SER R 26 62.00 -42.87 74.84
N GLN R 27 62.14 -41.69 74.26
CA GLN R 27 61.97 -41.49 72.82
C GLN R 27 63.13 -40.66 72.29
N GLY R 28 63.46 -40.89 71.02
CA GLY R 28 64.49 -40.13 70.36
C GLY R 28 64.21 -38.64 70.33
N ILE R 29 65.18 -37.84 70.75
CA ILE R 29 64.99 -36.39 70.85
C ILE R 29 66.11 -35.67 70.12
N SER R 30 66.95 -36.42 69.41
CA SER R 30 68.07 -35.87 68.64
C SER R 30 68.95 -34.97 69.48
N SER R 31 69.00 -33.68 69.15
CA SER R 31 69.87 -32.72 69.82
C SER R 31 69.10 -31.80 70.77
N TRP R 32 67.88 -32.17 71.15
CA TRP R 32 67.02 -31.30 71.96
C TRP R 32 67.11 -31.75 73.42
N LEU R 33 68.07 -31.16 74.14
CA LEU R 33 68.21 -31.41 75.57
C LEU R 33 68.98 -30.25 76.20
N GLY R 34 68.62 -29.94 77.45
CA GLY R 34 69.29 -28.89 78.19
C GLY R 34 69.55 -29.31 79.62
N TRP R 35 70.28 -28.46 80.34
CA TRP R 35 70.64 -28.71 81.74
C TRP R 35 70.34 -27.48 82.56
N TYR R 36 69.64 -27.66 83.67
CA TYR R 36 69.24 -26.58 84.56
C TYR R 36 69.84 -26.81 85.94
N GLN R 37 70.32 -25.73 86.56
CA GLN R 37 70.89 -25.78 87.91
C GLN R 37 69.99 -24.99 88.85
N GLN R 38 69.58 -25.63 89.95
CA GLN R 38 68.62 -25.06 90.89
C GLN R 38 69.29 -24.85 92.23
N LYS R 39 69.33 -23.61 92.70
CA LYS R 39 69.83 -23.30 94.01
C LYS R 39 68.74 -23.48 95.06
N PRO R 40 69.10 -23.71 96.31
CA PRO R 40 68.09 -23.80 97.38
C PRO R 40 67.31 -22.50 97.49
N GLY R 41 65.98 -22.61 97.48
CA GLY R 41 65.12 -21.45 97.57
C GLY R 41 64.99 -20.65 96.30
N LYS R 42 65.57 -21.11 95.19
CA LYS R 42 65.54 -20.38 93.93
C LYS R 42 65.14 -21.33 92.80
N ALA R 43 64.75 -20.74 91.68
CA ALA R 43 64.36 -21.51 90.51
C ALA R 43 65.58 -22.08 89.81
N PRO R 44 65.41 -23.17 89.06
CA PRO R 44 66.53 -23.70 88.27
C PRO R 44 66.99 -22.69 87.23
N LYS R 45 68.30 -22.68 86.98
CA LYS R 45 68.91 -21.80 86.00
C LYS R 45 69.53 -22.64 84.90
N LEU R 46 69.19 -22.34 83.65
CA LEU R 46 69.71 -23.08 82.51
C LEU R 46 71.18 -22.73 82.30
N LEU R 47 72.01 -23.76 82.11
CA LEU R 47 73.43 -23.57 81.86
C LEU R 47 73.93 -24.22 80.58
N ILE R 48 73.28 -25.28 80.11
CA ILE R 48 73.68 -26.00 78.90
C ILE R 48 72.52 -26.00 77.94
N TYR R 49 72.76 -25.56 76.70
CA TYR R 49 71.75 -25.58 75.65
C TYR R 49 72.32 -26.26 74.42
N ALA R 50 71.41 -26.74 73.56
CA ALA R 50 71.72 -27.53 72.37
C ALA R 50 72.42 -28.85 72.71
N ALA R 51 72.43 -29.25 73.98
CA ALA R 51 72.96 -30.50 74.50
C ALA R 51 74.48 -30.59 74.40
N SER R 52 75.14 -29.61 73.78
CA SER R 52 76.60 -29.58 73.72
C SER R 52 77.18 -28.24 74.12
N SER R 53 76.54 -27.14 73.77
CA SER R 53 77.05 -25.80 74.04
C SER R 53 76.68 -25.34 75.44
N LEU R 54 77.45 -24.39 75.96
CA LEU R 54 77.23 -23.82 77.28
C LEU R 54 76.68 -22.41 77.15
N GLN R 55 75.87 -22.02 78.13
CA GLN R 55 75.24 -20.70 78.11
C GLN R 55 76.29 -19.61 78.20
N SER R 56 76.05 -18.51 77.50
CA SER R 56 76.96 -17.36 77.55
C SER R 56 77.00 -16.77 78.95
N GLY R 57 78.20 -16.45 79.41
CA GLY R 57 78.42 -15.94 80.74
C GLY R 57 78.68 -17.00 81.80
N VAL R 58 78.36 -18.26 81.50
CA VAL R 58 78.63 -19.37 82.40
C VAL R 58 80.11 -19.70 82.33
N PRO R 59 80.76 -20.04 83.45
CA PRO R 59 82.16 -20.45 83.40
C PRO R 59 82.37 -21.66 82.49
N SER R 60 83.53 -21.71 81.86
CA SER R 60 83.83 -22.74 80.86
C SER R 60 83.99 -24.13 81.46
N ARG R 61 83.97 -24.26 82.79
CA ARG R 61 84.11 -25.56 83.43
C ARG R 61 82.92 -26.48 83.18
N PHE R 62 81.81 -25.95 82.67
CA PHE R 62 80.61 -26.74 82.43
C PHE R 62 80.55 -27.16 80.96
N SER R 63 80.10 -28.39 80.73
CA SER R 63 80.00 -28.92 79.37
C SER R 63 78.94 -30.00 79.34
N GLY R 64 78.48 -30.32 78.13
CA GLY R 64 77.50 -31.37 77.94
C GLY R 64 77.91 -32.31 76.82
N SER R 65 77.30 -33.48 76.81
CA SER R 65 77.58 -34.50 75.81
C SER R 65 76.38 -35.43 75.70
N GLY R 66 76.51 -36.44 74.85
CA GLY R 66 75.46 -37.41 74.63
C GLY R 66 74.64 -37.11 73.38
N SER R 67 74.04 -38.16 72.84
CA SER R 67 73.25 -38.03 71.62
C SER R 67 72.25 -39.17 71.55
N GLY R 68 71.18 -38.92 70.79
CA GLY R 68 70.16 -39.93 70.52
C GLY R 68 69.14 -40.09 71.62
N THR R 69 69.50 -40.82 72.68
CA THR R 69 68.64 -41.00 73.84
C THR R 69 69.34 -40.80 75.18
N ASP R 70 70.66 -40.92 75.23
CA ASP R 70 71.41 -40.77 76.47
C ASP R 70 72.32 -39.56 76.36
N PHE R 71 72.21 -38.65 77.32
CA PHE R 71 72.98 -37.41 77.33
C PHE R 71 73.69 -37.27 78.67
N THR R 72 74.95 -36.83 78.62
CA THR R 72 75.79 -36.76 79.81
C THR R 72 76.20 -35.31 80.06
N LEU R 73 76.08 -34.88 81.30
CA LEU R 73 76.51 -33.55 81.73
C LEU R 73 77.87 -33.69 82.43
N THR R 74 78.84 -32.90 81.97
CA THR R 74 80.21 -33.02 82.43
C THR R 74 80.69 -31.68 82.96
N ILE R 75 81.24 -31.69 84.19
CA ILE R 75 81.87 -30.53 84.79
C ILE R 75 83.35 -30.84 84.98
N SER R 76 84.21 -29.95 84.48
CA SER R 76 85.65 -30.24 84.48
C SER R 76 86.19 -30.34 85.90
N SER R 77 85.77 -29.45 86.79
CA SER R 77 86.25 -29.44 88.16
C SER R 77 85.15 -28.95 89.09
N LEU R 78 84.87 -29.71 90.14
CA LEU R 78 83.85 -29.33 91.10
C LEU R 78 84.32 -28.13 91.93
N GLN R 79 83.39 -27.24 92.23
CA GLN R 79 83.65 -26.01 92.96
C GLN R 79 82.63 -25.88 94.09
N PRO R 80 82.96 -25.09 95.12
CA PRO R 80 82.01 -24.94 96.24
C PRO R 80 80.65 -24.39 95.82
N GLU R 81 80.59 -23.58 94.77
CA GLU R 81 79.32 -23.01 94.33
C GLU R 81 78.54 -23.95 93.43
N ASP R 82 79.07 -25.12 93.11
CA ASP R 82 78.42 -26.05 92.20
C ASP R 82 77.55 -27.08 92.93
N PHE R 83 77.45 -27.00 94.25
CA PHE R 83 76.64 -27.94 95.03
C PHE R 83 75.18 -27.46 94.98
N ALA R 84 74.48 -27.87 93.93
CA ALA R 84 73.08 -27.48 93.74
C ALA R 84 72.34 -28.67 93.14
N THR R 85 71.11 -28.42 92.69
CA THR R 85 70.27 -29.44 92.08
C THR R 85 70.24 -29.24 90.57
N TYR R 86 70.30 -30.35 89.83
CA TYR R 86 70.44 -30.32 88.38
C TYR R 86 69.35 -31.15 87.72
N TYR R 87 68.77 -30.60 86.64
CA TYR R 87 67.70 -31.25 85.90
C TYR R 87 68.03 -31.26 84.41
N CYS R 88 67.34 -32.12 83.67
CA CYS R 88 67.39 -32.14 82.21
C CYS R 88 66.00 -31.98 81.64
N GLN R 89 65.93 -31.46 80.42
CA GLN R 89 64.66 -31.14 79.77
C GLN R 89 64.81 -31.27 78.27
N GLN R 90 63.79 -31.82 77.61
CA GLN R 90 63.81 -32.02 76.17
C GLN R 90 62.94 -30.98 75.46
N ALA R 91 63.26 -30.75 74.19
CA ALA R 91 62.60 -29.70 73.41
C ALA R 91 62.29 -30.17 71.99
N ASN R 92 61.99 -31.45 71.81
CA ASN R 92 61.71 -31.99 70.49
C ASN R 92 60.22 -31.99 70.16
N SER R 93 59.42 -32.69 70.96
CA SER R 93 57.99 -32.83 70.71
C SER R 93 57.20 -32.49 71.95
N PHE R 94 56.08 -31.79 71.76
CA PHE R 94 55.20 -31.43 72.86
C PHE R 94 54.41 -32.65 73.33
N PRO R 95 54.03 -32.70 74.61
CA PRO R 95 54.32 -31.76 75.69
C PRO R 95 55.77 -31.86 76.17
N ARG R 96 56.33 -30.79 76.72
CA ARG R 96 57.70 -30.79 77.23
C ARG R 96 57.67 -31.05 78.73
N THR R 97 58.53 -31.94 79.20
CA THR R 97 58.56 -32.37 80.59
C THR R 97 59.96 -32.14 81.16
N PHE R 98 60.13 -32.57 82.42
CA PHE R 98 61.40 -32.42 83.13
C PHE R 98 61.81 -33.75 83.73
N GLY R 99 63.08 -33.83 84.12
CA GLY R 99 63.59 -35.00 84.81
C GLY R 99 63.32 -34.95 86.30
N GLN R 100 63.79 -35.99 86.99
CA GLN R 100 63.57 -36.09 88.43
C GLN R 100 64.61 -35.33 89.24
N GLY R 101 65.79 -35.09 88.67
CA GLY R 101 66.79 -34.26 89.33
C GLY R 101 67.78 -35.06 90.15
N THR R 102 68.86 -34.37 90.55
CA THR R 102 69.92 -34.94 91.35
C THR R 102 70.43 -33.89 92.31
N LYS R 103 70.71 -34.31 93.55
CA LYS R 103 71.21 -33.42 94.58
C LYS R 103 72.70 -33.66 94.79
N VAL R 104 73.47 -32.58 94.87
CA VAL R 104 74.92 -32.63 95.01
C VAL R 104 75.28 -32.15 96.41
N GLU R 105 76.10 -32.92 97.11
CA GLU R 105 76.49 -32.61 98.48
C GLU R 105 78.00 -32.77 98.64
N ILE R 106 78.53 -32.10 99.65
CA ILE R 106 79.96 -32.15 99.93
C ILE R 106 80.30 -33.49 100.56
N LYS R 107 81.34 -34.15 100.02
CA LYS R 107 81.77 -35.44 100.52
C LYS R 107 82.49 -35.29 101.85
N GLN S 1 -30.70 -59.21 73.64
CA GLN S 1 -31.91 -58.40 73.76
C GLN S 1 -31.62 -57.07 74.44
N VAL S 2 -32.18 -56.00 73.90
CA VAL S 2 -31.97 -54.65 74.39
C VAL S 2 -33.14 -54.25 75.30
N GLN S 3 -32.81 -53.65 76.44
CA GLN S 3 -33.81 -53.14 77.37
C GLN S 3 -33.42 -51.74 77.79
N LEU S 4 -34.43 -50.92 78.09
CA LEU S 4 -34.23 -49.50 78.38
C LEU S 4 -34.60 -49.21 79.83
N GLN S 5 -33.69 -48.59 80.56
CA GLN S 5 -33.95 -48.08 81.90
C GLN S 5 -33.43 -46.66 82.00
N GLU S 6 -34.12 -45.84 82.79
CA GLU S 6 -33.87 -44.41 82.85
C GLU S 6 -33.24 -44.02 84.19
N SER S 7 -32.85 -42.75 84.25
CA SER S 7 -32.29 -42.15 85.47
C SER S 7 -32.57 -40.66 85.45
N GLY S 8 -32.57 -40.06 86.64
CA GLY S 8 -32.82 -38.65 86.77
C GLY S 8 -34.09 -38.34 87.54
N PRO S 9 -34.05 -37.30 88.37
CA PRO S 9 -35.22 -36.96 89.19
C PRO S 9 -36.41 -36.56 88.35
N GLY S 10 -37.60 -36.90 88.84
CA GLY S 10 -38.83 -36.48 88.21
C GLY S 10 -39.42 -35.24 88.87
N LEU S 11 -38.61 -34.53 89.63
CA LEU S 11 -39.03 -33.32 90.33
C LEU S 11 -38.24 -32.13 89.81
N VAL S 12 -38.94 -31.10 89.37
CA VAL S 12 -38.30 -29.89 88.84
C VAL S 12 -39.16 -28.69 89.21
N LYS S 13 -38.52 -27.51 89.28
CA LYS S 13 -39.13 -26.22 89.53
C LYS S 13 -39.58 -25.59 88.22
N PRO S 14 -40.57 -24.69 88.26
CA PRO S 14 -41.05 -24.08 87.01
C PRO S 14 -39.96 -23.23 86.37
N SER S 15 -40.01 -23.17 85.04
CA SER S 15 -39.09 -22.40 84.20
C SER S 15 -37.66 -22.91 84.27
N GLN S 16 -37.40 -24.02 84.96
CA GLN S 16 -36.08 -24.60 85.04
C GLN S 16 -35.89 -25.66 83.97
N THR S 17 -34.81 -26.42 84.06
CA THR S 17 -34.44 -27.42 83.07
C THR S 17 -34.85 -28.81 83.55
N LEU S 18 -35.57 -29.54 82.71
CA LEU S 18 -35.95 -30.92 82.97
C LEU S 18 -35.02 -31.85 82.20
N SER S 19 -34.32 -32.72 82.91
CA SER S 19 -33.32 -33.61 82.31
C SER S 19 -33.68 -35.04 82.65
N LEU S 20 -33.73 -35.89 81.61
CA LEU S 20 -34.05 -37.31 81.75
C LEU S 20 -33.05 -38.12 80.95
N THR S 21 -32.32 -38.99 81.63
CA THR S 21 -31.31 -39.83 80.99
C THR S 21 -31.84 -41.25 80.88
N CYS S 22 -31.90 -41.77 79.65
CA CYS S 22 -32.38 -43.13 79.37
C CYS S 22 -31.18 -43.95 78.95
N THR S 23 -30.80 -44.91 79.79
CA THR S 23 -29.60 -45.72 79.57
C THR S 23 -29.96 -47.04 78.91
N VAL S 24 -29.11 -47.47 77.98
CA VAL S 24 -29.35 -48.69 77.20
C VAL S 24 -28.67 -49.86 77.90
N SER S 25 -29.42 -50.95 78.06
CA SER S 25 -28.92 -52.16 78.71
C SER S 25 -28.91 -53.29 77.69
N GLY S 26 -27.78 -53.99 77.61
CA GLY S 26 -27.61 -55.04 76.61
C GLY S 26 -27.53 -54.51 75.19
N GLY S 27 -26.90 -53.35 75.00
CA GLY S 27 -26.78 -52.77 73.68
C GLY S 27 -25.93 -51.53 73.72
N SER S 28 -25.91 -50.83 72.59
CA SER S 28 -25.12 -49.60 72.48
C SER S 28 -25.80 -48.67 71.50
N ILE S 29 -25.67 -47.36 71.74
CA ILE S 29 -26.19 -46.36 70.82
C ILE S 29 -25.28 -46.14 69.62
N SER S 30 -24.12 -46.81 69.58
CA SER S 30 -23.26 -46.74 68.42
C SER S 30 -23.83 -47.47 67.21
N SER S 31 -24.91 -48.23 67.39
CA SER S 31 -25.55 -48.90 66.26
C SER S 31 -26.07 -47.88 65.26
N ASP S 32 -25.88 -48.19 63.98
CA ASP S 32 -26.22 -47.27 62.90
C ASP S 32 -27.53 -47.62 62.22
N ASP S 33 -28.29 -48.58 62.75
CA ASP S 33 -29.54 -49.01 62.13
C ASP S 33 -30.74 -48.81 63.06
N TYR S 34 -30.65 -47.90 64.03
CA TYR S 34 -31.75 -47.65 64.94
C TYR S 34 -31.85 -46.15 65.24
N TYR S 35 -33.07 -45.71 65.53
CA TYR S 35 -33.33 -44.37 66.02
C TYR S 35 -33.39 -44.38 67.54
N TRP S 36 -33.55 -43.19 68.11
CA TRP S 36 -33.79 -43.04 69.55
C TRP S 36 -34.83 -41.96 69.75
N THR S 37 -35.93 -42.31 70.41
CA THR S 37 -37.11 -41.45 70.48
C THR S 37 -37.46 -41.15 71.92
N TRP S 38 -38.18 -40.03 72.10
CA TRP S 38 -38.69 -39.62 73.40
C TRP S 38 -40.19 -39.39 73.27
N ILE S 39 -40.97 -39.91 74.22
CA ILE S 39 -42.42 -39.87 74.16
C ILE S 39 -42.95 -39.52 75.54
N ARG S 40 -44.00 -38.70 75.58
CA ARG S 40 -44.65 -38.31 76.81
C ARG S 40 -46.14 -38.60 76.71
N LEU S 41 -46.76 -38.84 77.86
CA LEU S 41 -48.22 -38.96 77.96
C LEU S 41 -48.77 -37.99 79.00
N PRO S 42 -49.45 -36.93 78.59
CA PRO S 42 -50.08 -36.05 79.57
C PRO S 42 -51.25 -36.74 80.24
N PRO S 43 -51.60 -36.33 81.46
CA PRO S 43 -52.79 -36.89 82.10
C PRO S 43 -54.03 -36.62 81.26
N GLY S 44 -54.77 -37.69 80.96
CA GLY S 44 -55.92 -37.60 80.10
C GLY S 44 -55.61 -37.50 78.63
N LYS S 45 -54.35 -37.64 78.24
CA LYS S 45 -53.93 -37.57 76.85
C LYS S 45 -53.07 -38.79 76.51
N GLY S 46 -53.03 -39.12 75.23
CA GLY S 46 -52.26 -40.25 74.75
C GLY S 46 -50.77 -39.96 74.71
N LEU S 47 -50.07 -40.76 73.91
CA LEU S 47 -48.63 -40.63 73.78
C LEU S 47 -48.27 -39.53 72.78
N GLU S 48 -47.42 -38.60 73.20
CA GLU S 48 -46.97 -37.49 72.37
C GLU S 48 -45.54 -37.73 71.94
N TRP S 49 -45.31 -37.73 70.62
CA TRP S 49 -43.99 -37.94 70.05
C TRP S 49 -43.25 -36.60 69.97
N ILE S 50 -42.00 -36.58 70.43
CA ILE S 50 -41.25 -35.34 70.51
C ILE S 50 -40.24 -35.24 69.38
N GLY S 51 -39.73 -36.37 68.91
CA GLY S 51 -38.74 -36.38 67.85
C GLY S 51 -37.84 -37.59 67.98
N TYR S 52 -36.66 -37.47 67.37
CA TYR S 52 -35.69 -38.56 67.37
C TYR S 52 -34.31 -38.00 67.06
N ILE S 53 -33.29 -38.83 67.29
CA ILE S 53 -31.90 -38.44 67.09
C ILE S 53 -31.16 -39.60 66.43
N PHE S 54 -30.03 -39.27 65.80
CA PHE S 54 -29.20 -40.23 65.09
C PHE S 54 -27.81 -40.23 65.71
N TYR S 55 -27.09 -41.35 65.54
CA TYR S 55 -25.86 -41.55 66.30
C TYR S 55 -24.80 -40.51 65.96
N THR S 56 -24.76 -40.04 64.72
CA THR S 56 -23.77 -39.03 64.35
C THR S 56 -24.12 -37.65 64.91
N GLY S 57 -25.41 -37.34 65.03
CA GLY S 57 -25.82 -36.06 65.55
C GLY S 57 -26.97 -35.43 64.80
N GLY S 58 -27.39 -36.08 63.71
CA GLY S 58 -28.57 -35.59 63.00
C GLY S 58 -29.78 -35.52 63.89
N THR S 59 -30.53 -34.42 63.77
CA THR S 59 -31.66 -34.18 64.65
C THR S 59 -32.83 -33.64 63.85
N TYR S 60 -34.04 -33.99 64.31
CA TYR S 60 -35.27 -33.39 63.81
C TYR S 60 -36.28 -33.43 64.95
N TYR S 61 -37.15 -32.42 65.01
CA TYR S 61 -38.00 -32.23 66.16
C TYR S 61 -39.44 -31.96 65.73
N ASN S 62 -40.35 -32.11 66.70
CA ASN S 62 -41.74 -31.70 66.50
C ASN S 62 -41.81 -30.19 66.35
N PRO S 63 -42.63 -29.69 65.42
CA PRO S 63 -42.70 -28.23 65.22
C PRO S 63 -43.11 -27.46 66.46
N SER S 64 -44.02 -28.01 67.27
CA SER S 64 -44.55 -27.26 68.40
C SER S 64 -43.49 -26.99 69.46
N LEU S 65 -42.65 -27.98 69.76
CA LEU S 65 -41.68 -27.89 70.85
C LEU S 65 -40.25 -27.67 70.37
N LYS S 66 -40.03 -27.61 69.05
CA LYS S 66 -38.67 -27.50 68.53
C LYS S 66 -37.96 -26.25 69.04
N SER S 67 -38.72 -25.20 69.38
CA SER S 67 -38.11 -23.99 69.90
C SER S 67 -37.40 -24.20 71.22
N ARG S 68 -37.68 -25.30 71.93
CA ARG S 68 -37.08 -25.55 73.23
C ARG S 68 -36.35 -26.87 73.33
N VAL S 69 -36.85 -27.94 72.71
CA VAL S 69 -36.29 -29.27 72.92
C VAL S 69 -34.92 -29.37 72.26
N THR S 70 -33.96 -29.92 73.00
CA THR S 70 -32.61 -30.16 72.48
C THR S 70 -32.12 -31.50 73.01
N ILE S 71 -31.73 -32.38 72.12
CA ILE S 71 -31.23 -33.70 72.48
C ILE S 71 -29.71 -33.71 72.30
N SER S 72 -29.05 -34.65 72.98
CA SER S 72 -27.61 -34.82 72.87
C SER S 72 -27.30 -36.31 72.88
N LEU S 73 -26.01 -36.64 72.84
CA LEU S 73 -25.56 -38.03 72.80
C LEU S 73 -24.40 -38.22 73.75
N ASP S 74 -24.31 -39.42 74.32
CA ASP S 74 -23.22 -39.80 75.22
C ASP S 74 -22.86 -41.26 74.90
N ARG S 75 -21.90 -41.43 74.00
CA ARG S 75 -21.52 -42.79 73.57
C ARG S 75 -20.71 -43.51 74.63
N SER S 76 -19.80 -42.79 75.30
CA SER S 76 -18.97 -43.42 76.33
C SER S 76 -19.82 -43.96 77.47
N LYS S 77 -20.80 -43.18 77.93
CA LYS S 77 -21.73 -43.64 78.93
C LYS S 77 -22.84 -44.51 78.37
N ASN S 78 -22.91 -44.65 77.04
CA ASN S 78 -23.97 -45.40 76.38
C ASN S 78 -25.34 -44.88 76.78
N GLN S 79 -25.52 -43.57 76.65
CA GLN S 79 -26.74 -42.90 77.08
C GLN S 79 -27.11 -41.82 76.07
N PHE S 80 -28.40 -41.51 76.01
CA PHE S 80 -28.92 -40.36 75.29
C PHE S 80 -29.90 -39.63 76.19
N SER S 81 -29.80 -38.31 76.22
CA SER S 81 -30.50 -37.52 77.22
C SER S 81 -31.30 -36.41 76.55
N LEU S 82 -32.38 -36.03 77.22
CA LEU S 82 -33.25 -34.95 76.78
C LEU S 82 -33.12 -33.76 77.73
N LYS S 83 -33.21 -32.55 77.17
CA LYS S 83 -33.21 -31.32 77.94
C LYS S 83 -34.33 -30.43 77.44
N LEU S 84 -35.25 -30.06 78.32
CA LEU S 84 -36.39 -29.22 77.99
C LEU S 84 -36.34 -27.98 78.87
N SER S 85 -35.99 -26.85 78.27
CA SER S 85 -35.91 -25.59 78.99
C SER S 85 -37.25 -24.87 78.98
N SER S 86 -37.39 -23.91 79.90
CA SER S 86 -38.60 -23.10 80.04
C SER S 86 -39.83 -23.99 80.26
N VAL S 87 -39.73 -24.86 81.28
CA VAL S 87 -40.84 -25.76 81.60
C VAL S 87 -41.99 -24.96 82.21
N THR S 88 -43.21 -25.44 81.97
CA THR S 88 -44.42 -24.80 82.46
C THR S 88 -45.16 -25.75 83.38
N ALA S 89 -46.19 -25.21 84.05
CA ALA S 89 -47.03 -26.03 84.91
C ALA S 89 -47.82 -27.06 84.13
N ALA S 90 -48.02 -26.86 82.84
CA ALA S 90 -48.74 -27.80 81.99
C ALA S 90 -47.86 -28.96 81.52
N ASP S 91 -46.58 -28.98 81.90
CA ASP S 91 -45.65 -29.99 81.44
C ASP S 91 -45.61 -31.23 82.33
N THR S 92 -46.45 -31.28 83.37
CA THR S 92 -46.50 -32.45 84.24
C THR S 92 -47.13 -33.62 83.48
N ALA S 93 -46.38 -34.71 83.33
CA ALA S 93 -46.81 -35.85 82.53
C ALA S 93 -45.89 -37.02 82.83
N VAL S 94 -46.11 -38.13 82.11
CA VAL S 94 -45.29 -39.33 82.21
C VAL S 94 -44.53 -39.49 80.89
N TYR S 95 -43.22 -39.69 80.98
CA TYR S 95 -42.36 -39.81 79.82
C TYR S 95 -41.97 -41.27 79.60
N PHE S 96 -41.72 -41.61 78.34
CA PHE S 96 -41.16 -42.92 77.98
C PHE S 96 -40.10 -42.73 76.90
N CYS S 97 -38.99 -43.44 77.04
CA CYS S 97 -37.97 -43.51 76.00
C CYS S 97 -38.11 -44.83 75.26
N ALA S 98 -38.10 -44.76 73.93
CA ALA S 98 -38.35 -45.93 73.10
C ALA S 98 -37.39 -45.95 71.92
N ARG S 99 -37.31 -47.11 71.27
CA ARG S 99 -36.44 -47.32 70.12
C ARG S 99 -37.25 -47.88 68.96
N ALA S 100 -36.73 -47.69 67.76
CA ALA S 100 -37.36 -48.18 66.54
C ALA S 100 -36.31 -48.39 65.48
N PRO S 101 -36.45 -49.41 64.64
CA PRO S 101 -35.49 -49.64 63.56
C PRO S 101 -35.89 -48.95 62.27
N GLU S 102 -34.86 -48.64 61.46
CA GLU S 102 -35.03 -48.02 60.16
C GLU S 102 -34.16 -48.74 59.15
N THR S 103 -34.74 -49.10 58.01
CA THR S 103 -33.99 -49.73 56.93
C THR S 103 -34.80 -49.60 55.65
N TYR S 104 -34.16 -49.91 54.52
CA TYR S 104 -34.77 -49.75 53.21
C TYR S 104 -35.59 -50.99 52.91
N CYS S 105 -36.89 -50.92 53.17
CA CYS S 105 -37.82 -52.01 52.89
C CYS S 105 -38.53 -51.80 51.57
N SER S 106 -39.29 -52.82 51.16
CA SER S 106 -40.11 -52.76 49.96
C SER S 106 -41.38 -53.57 50.21
N THR S 107 -42.23 -53.61 49.18
CA THR S 107 -43.48 -54.38 49.20
C THR S 107 -44.42 -53.96 50.33
N THR S 108 -44.20 -52.79 50.91
CA THR S 108 -45.10 -52.17 51.89
C THR S 108 -45.25 -52.98 53.17
N ASN S 109 -44.50 -54.07 53.32
CA ASN S 109 -44.52 -54.88 54.52
C ASN S 109 -43.13 -54.92 55.13
N CYS S 110 -43.01 -54.51 56.39
CA CYS S 110 -41.75 -54.42 57.09
C CYS S 110 -42.02 -54.03 58.54
N TYR S 111 -41.01 -54.21 59.39
CA TYR S 111 -41.05 -53.72 60.76
C TYR S 111 -40.69 -52.25 60.89
N LYS S 112 -40.31 -51.60 59.79
CA LYS S 112 -39.85 -50.21 59.85
C LYS S 112 -40.96 -49.30 60.34
N GLY S 113 -40.58 -48.33 61.17
CA GLY S 113 -41.50 -47.31 61.62
C GLY S 113 -42.32 -47.66 62.85
N TYR S 114 -42.03 -48.78 63.50
CA TYR S 114 -42.77 -49.20 64.68
C TYR S 114 -41.83 -49.32 65.87
N PHE S 115 -42.28 -48.84 67.02
CA PHE S 115 -41.48 -48.87 68.24
C PHE S 115 -41.44 -50.29 68.79
N ASP S 116 -40.25 -50.88 68.86
CA ASP S 116 -40.09 -52.27 69.28
C ASP S 116 -39.67 -52.42 70.74
N SER S 117 -38.94 -51.46 71.29
CA SER S 117 -38.47 -51.53 72.66
C SER S 117 -38.82 -50.25 73.40
N TRP S 118 -39.18 -50.38 74.68
CA TRP S 118 -39.64 -49.26 75.49
C TRP S 118 -38.90 -49.27 76.82
N GLY S 119 -38.95 -48.13 77.50
CA GLY S 119 -38.40 -47.98 78.83
C GLY S 119 -39.43 -48.20 79.92
N GLN S 120 -39.08 -47.78 81.13
CA GLN S 120 -39.97 -47.91 82.29
C GLN S 120 -40.73 -46.62 82.58
N GLY S 121 -40.12 -45.46 82.39
CA GLY S 121 -40.79 -44.19 82.51
C GLY S 121 -40.59 -43.55 83.88
N THR S 122 -41.09 -42.31 83.98
CA THR S 122 -41.03 -41.56 85.22
C THR S 122 -42.18 -40.57 85.26
N LEU S 123 -42.64 -40.25 86.46
CA LEU S 123 -43.73 -39.29 86.67
C LEU S 123 -43.12 -37.94 87.03
N VAL S 124 -43.02 -37.06 86.04
CA VAL S 124 -42.36 -35.77 86.22
C VAL S 124 -43.29 -34.84 86.99
N THR S 125 -42.78 -34.24 88.05
CA THR S 125 -43.52 -33.26 88.85
C THR S 125 -42.87 -31.89 88.65
N VAL S 126 -43.59 -30.99 88.00
CA VAL S 126 -43.12 -29.64 87.74
C VAL S 126 -43.83 -28.70 88.72
N SER S 127 -43.18 -28.41 89.83
CA SER S 127 -43.77 -27.56 90.87
C SER S 127 -42.67 -26.82 91.59
N SER S 128 -43.05 -25.73 92.25
CA SER S 128 -42.10 -24.90 92.98
C SER S 128 -41.60 -25.61 94.23
N ASP T 1 -49.78 -32.68 59.71
CA ASP T 1 -49.66 -33.93 60.44
C ASP T 1 -50.89 -34.80 60.24
N ILE T 2 -50.69 -36.13 60.35
CA ILE T 2 -51.78 -37.08 60.19
C ILE T 2 -52.55 -37.18 61.51
N GLN T 3 -53.85 -36.98 61.45
CA GLN T 3 -54.71 -37.02 62.63
C GLN T 3 -55.39 -38.38 62.71
N MET T 4 -55.31 -39.01 63.89
CA MET T 4 -55.81 -40.35 64.09
C MET T 4 -56.84 -40.36 65.22
N THR T 5 -57.83 -41.23 65.09
CA THR T 5 -58.86 -41.41 66.11
C THR T 5 -59.22 -42.88 66.21
N GLN T 6 -59.71 -43.28 67.38
CA GLN T 6 -60.08 -44.66 67.66
C GLN T 6 -61.52 -44.73 68.14
N SER T 7 -62.13 -45.90 67.95
CA SER T 7 -63.49 -46.15 68.40
C SER T 7 -63.66 -47.63 68.67
N PRO T 8 -64.32 -48.01 69.78
CA PRO T 8 -64.91 -47.15 70.82
C PRO T 8 -63.86 -46.67 71.82
N SER T 9 -64.20 -45.70 72.66
CA SER T 9 -63.27 -45.23 73.68
C SER T 9 -63.18 -46.17 74.87
N SER T 10 -64.15 -47.05 75.06
CA SER T 10 -64.13 -48.03 76.13
C SER T 10 -64.71 -49.34 75.65
N VAL T 11 -64.20 -50.44 76.20
CA VAL T 11 -64.65 -51.78 75.86
C VAL T 11 -65.06 -52.50 77.13
N SER T 12 -66.27 -53.07 77.13
CA SER T 12 -66.78 -53.83 78.27
C SER T 12 -67.35 -55.14 77.72
N ALA T 13 -66.66 -56.24 78.01
CA ALA T 13 -67.07 -57.55 77.50
C ALA T 13 -66.62 -58.63 78.47
N SER T 14 -67.26 -59.78 78.37
CA SER T 14 -66.97 -60.90 79.25
C SER T 14 -65.83 -61.74 78.67
N VAL T 15 -65.47 -62.82 79.37
CA VAL T 15 -64.41 -63.70 78.92
C VAL T 15 -64.91 -64.52 77.73
N GLY T 16 -64.11 -64.58 76.67
CA GLY T 16 -64.44 -65.36 75.49
C GLY T 16 -65.14 -64.59 74.39
N ASP T 17 -65.53 -63.35 74.65
CA ASP T 17 -66.19 -62.54 73.63
C ASP T 17 -65.18 -62.02 72.62
N ARG T 18 -65.69 -61.51 71.50
CA ARG T 18 -64.86 -60.94 70.44
C ARG T 18 -64.85 -59.42 70.57
N VAL T 19 -63.66 -58.83 70.54
CA VAL T 19 -63.48 -57.40 70.72
C VAL T 19 -62.88 -56.82 69.45
N THR T 20 -63.51 -55.77 68.92
CA THR T 20 -63.04 -55.11 67.71
C THR T 20 -62.89 -53.62 67.98
N ILE T 21 -61.74 -53.07 67.62
CA ILE T 21 -61.44 -51.65 67.79
C ILE T 21 -60.96 -51.11 66.45
N THR T 22 -61.50 -49.97 66.04
CA THR T 22 -61.20 -49.36 64.75
C THR T 22 -60.36 -48.11 64.95
N CYS T 23 -59.41 -47.89 64.03
CA CYS T 23 -58.55 -46.72 64.04
C CYS T 23 -58.69 -46.01 62.71
N ARG T 24 -59.05 -44.73 62.74
CA ARG T 24 -59.28 -43.94 61.55
C ARG T 24 -58.26 -42.81 61.48
N ALA T 25 -57.62 -42.66 60.33
CA ALA T 25 -56.63 -41.62 60.09
C ALA T 25 -57.15 -40.62 59.08
N SER T 26 -56.74 -39.36 59.24
CA SER T 26 -57.19 -38.28 58.37
C SER T 26 -56.47 -38.27 57.01
N GLN T 27 -55.36 -38.98 56.89
CA GLN T 27 -54.59 -39.02 55.64
C GLN T 27 -54.28 -40.46 55.28
N GLY T 28 -54.13 -40.71 53.98
CA GLY T 28 -53.78 -42.03 53.49
C GLY T 28 -52.44 -42.51 54.04
N ILE T 29 -52.41 -43.72 54.58
CA ILE T 29 -51.21 -44.26 55.21
C ILE T 29 -50.91 -45.64 54.65
N SER T 30 -51.69 -46.06 53.64
CA SER T 30 -51.52 -47.35 52.99
C SER T 30 -51.50 -48.49 54.01
N SER T 31 -50.37 -49.19 54.09
CA SER T 31 -50.24 -50.36 54.95
C SER T 31 -49.41 -50.08 56.20
N TRP T 32 -49.25 -48.81 56.58
CA TRP T 32 -48.42 -48.43 57.71
C TRP T 32 -49.33 -48.13 58.90
N LEU T 33 -49.61 -49.17 59.69
CA LEU T 33 -50.35 -49.01 60.93
C LEU T 33 -50.04 -50.19 61.85
N GLY T 34 -50.00 -49.92 63.17
CA GLY T 34 -49.72 -50.96 64.13
C GLY T 34 -50.66 -50.86 65.32
N TRP T 35 -50.55 -51.85 66.20
CA TRP T 35 -51.41 -51.95 67.38
C TRP T 35 -50.54 -52.20 68.61
N TYR T 36 -50.80 -51.43 69.66
CA TYR T 36 -50.02 -51.49 70.89
C TYR T 36 -50.93 -51.81 72.07
N GLN T 37 -50.46 -52.67 72.98
CA GLN T 37 -51.17 -53.04 74.19
C GLN T 37 -50.40 -52.52 75.39
N GLN T 38 -51.04 -51.74 76.24
CA GLN T 38 -50.41 -51.11 77.39
C GLN T 38 -50.98 -51.70 78.68
N LYS T 39 -50.12 -52.30 79.48
CA LYS T 39 -50.52 -52.81 80.79
C LYS T 39 -50.48 -51.68 81.82
N PRO T 40 -51.25 -51.80 82.91
CA PRO T 40 -51.16 -50.80 83.98
C PRO T 40 -49.76 -50.75 84.56
N GLY T 41 -49.23 -49.54 84.69
CA GLY T 41 -47.90 -49.35 85.24
C GLY T 41 -46.77 -49.74 84.32
N LYS T 42 -47.06 -50.08 83.07
CA LYS T 42 -46.05 -50.50 82.12
C LYS T 42 -46.25 -49.78 80.79
N ALA T 43 -45.20 -49.81 79.97
CA ALA T 43 -45.23 -49.19 78.66
C ALA T 43 -46.02 -50.07 77.68
N PRO T 44 -46.61 -49.47 76.64
CA PRO T 44 -47.30 -50.27 75.63
C PRO T 44 -46.34 -51.23 74.93
N LYS T 45 -46.87 -52.41 74.58
CA LYS T 45 -46.12 -53.44 73.89
C LYS T 45 -46.76 -53.69 72.54
N LEU T 46 -45.94 -53.67 71.49
CA LEU T 46 -46.44 -53.90 70.14
C LEU T 46 -46.81 -55.36 69.95
N LEU T 47 -47.99 -55.60 69.39
CA LEU T 47 -48.45 -56.95 69.09
C LEU T 47 -48.82 -57.17 67.63
N ILE T 48 -49.25 -56.12 66.92
CA ILE T 48 -49.65 -56.23 65.52
C ILE T 48 -48.80 -55.26 64.70
N TYR T 49 -48.20 -55.77 63.62
CA TYR T 49 -47.41 -54.96 62.71
C TYR T 49 -47.87 -55.20 61.29
N ALA T 50 -47.55 -54.26 60.41
CA ALA T 50 -47.94 -54.25 59.00
C ALA T 50 -49.44 -54.22 58.81
N ALA T 51 -50.19 -53.95 59.87
CA ALA T 51 -51.66 -53.81 59.86
C ALA T 51 -52.36 -55.13 59.59
N SER T 52 -51.60 -56.18 59.28
CA SER T 52 -52.21 -57.50 59.09
C SER T 52 -51.50 -58.61 59.85
N SER T 53 -50.18 -58.56 59.96
CA SER T 53 -49.42 -59.62 60.59
C SER T 53 -49.39 -59.43 62.10
N LEU T 54 -49.13 -60.54 62.80
CA LEU T 54 -49.02 -60.53 64.25
C LEU T 54 -47.57 -60.76 64.67
N GLN T 55 -47.20 -60.14 65.79
CA GLN T 55 -45.84 -60.22 66.28
C GLN T 55 -45.49 -61.65 66.68
N SER T 56 -44.25 -62.06 66.43
CA SER T 56 -43.80 -63.38 66.84
C SER T 56 -43.79 -63.50 68.35
N GLY T 57 -44.26 -64.64 68.85
CA GLY T 57 -44.40 -64.86 70.27
C GLY T 57 -45.74 -64.46 70.86
N VAL T 58 -46.51 -63.65 70.14
CA VAL T 58 -47.84 -63.22 70.57
C VAL T 58 -48.81 -64.37 70.32
N PRO T 59 -49.77 -64.61 71.20
CA PRO T 59 -50.78 -65.64 70.93
C PRO T 59 -51.56 -65.36 69.66
N SER T 60 -51.97 -66.43 68.98
CA SER T 60 -52.61 -66.33 67.68
C SER T 60 -54.00 -65.73 67.75
N ARG T 61 -54.54 -65.53 68.95
CA ARG T 61 -55.89 -64.97 69.10
C ARG T 61 -55.99 -63.52 68.65
N PHE T 62 -54.86 -62.85 68.42
CA PHE T 62 -54.85 -61.46 67.99
C PHE T 62 -54.69 -61.38 66.47
N SER T 63 -55.40 -60.43 65.86
CA SER T 63 -55.32 -60.24 64.43
C SER T 63 -55.71 -58.80 64.09
N GLY T 64 -55.33 -58.38 62.89
CA GLY T 64 -55.66 -57.06 62.42
C GLY T 64 -56.25 -57.10 61.02
N SER T 65 -56.90 -56.00 60.66
CA SER T 65 -57.55 -55.87 59.35
C SER T 65 -57.71 -54.38 59.05
N GLY T 66 -58.31 -54.10 57.90
CA GLY T 66 -58.54 -52.74 57.47
C GLY T 66 -57.49 -52.25 56.49
N SER T 67 -57.87 -51.26 55.70
CA SER T 67 -56.97 -50.72 54.68
C SER T 67 -57.39 -49.30 54.33
N GLY T 68 -56.44 -48.55 53.77
CA GLY T 68 -56.68 -47.21 53.29
C GLY T 68 -56.65 -46.15 54.38
N THR T 69 -57.74 -46.01 55.12
CA THR T 69 -57.82 -45.09 56.24
C THR T 69 -58.42 -45.67 57.50
N ASP T 70 -59.21 -46.73 57.40
CA ASP T 70 -59.88 -47.34 58.54
C ASP T 70 -59.34 -48.75 58.74
N PHE T 71 -58.79 -49.01 59.93
CA PHE T 71 -58.16 -50.28 60.26
C PHE T 71 -58.81 -50.85 61.51
N THR T 72 -59.04 -52.16 61.51
CA THR T 72 -59.77 -52.83 62.58
C THR T 72 -58.87 -53.86 63.25
N LEU T 73 -58.85 -53.83 64.58
CA LEU T 73 -58.13 -54.81 65.38
C LEU T 73 -59.12 -55.86 65.87
N THR T 74 -58.80 -57.13 65.62
CA THR T 74 -59.71 -58.23 65.90
C THR T 74 -59.04 -59.25 66.80
N ILE T 75 -59.70 -59.59 67.91
CA ILE T 75 -59.26 -60.63 68.82
C ILE T 75 -60.28 -61.76 68.78
N SER T 76 -59.82 -62.98 68.53
CA SER T 76 -60.74 -64.09 68.31
C SER T 76 -61.53 -64.40 69.58
N SER T 77 -60.87 -64.37 70.74
CA SER T 77 -61.55 -64.66 72.00
C SER T 77 -60.91 -63.84 73.11
N LEU T 78 -61.74 -63.12 73.86
CA LEU T 78 -61.24 -62.32 74.97
C LEU T 78 -60.76 -63.23 76.10
N GLN T 79 -59.69 -62.80 76.76
CA GLN T 79 -59.07 -63.54 77.85
C GLN T 79 -58.86 -62.63 79.04
N PRO T 80 -58.72 -63.19 80.24
CA PRO T 80 -58.52 -62.33 81.42
C PRO T 80 -57.29 -61.45 81.34
N GLU T 81 -56.24 -61.87 80.63
CA GLU T 81 -55.03 -61.07 80.52
C GLU T 81 -55.11 -60.01 79.42
N ASP T 82 -56.22 -59.94 78.69
CA ASP T 82 -56.37 -58.99 77.59
C ASP T 82 -57.03 -57.69 78.00
N PHE T 83 -57.35 -57.51 79.29
CA PHE T 83 -57.98 -56.29 79.77
C PHE T 83 -56.90 -55.25 80.01
N ALA T 84 -56.54 -54.53 78.95
CA ALA T 84 -55.51 -53.50 79.02
C ALA T 84 -55.91 -52.34 78.12
N THR T 85 -54.96 -51.43 77.89
CA THR T 85 -55.18 -50.27 77.04
C THR T 85 -54.56 -50.50 75.67
N TYR T 86 -55.26 -50.06 74.63
CA TYR T 86 -54.85 -50.31 73.25
C TYR T 86 -54.82 -49.01 72.46
N TYR T 87 -53.78 -48.84 71.65
CA TYR T 87 -53.58 -47.66 70.81
C TYR T 87 -53.30 -48.11 69.39
N CYS T 88 -53.34 -47.15 68.46
CA CYS T 88 -52.86 -47.33 67.11
C CYS T 88 -51.81 -46.28 66.77
N GLN T 89 -50.95 -46.62 65.82
CA GLN T 89 -49.86 -45.74 65.42
C GLN T 89 -49.57 -45.95 63.94
N GLN T 90 -49.25 -44.87 63.24
CA GLN T 90 -48.95 -44.93 61.81
C GLN T 90 -47.46 -44.76 61.57
N ALA T 91 -47.01 -45.27 60.43
CA ALA T 91 -45.58 -45.29 60.10
C ALA T 91 -45.34 -44.93 58.64
N ASN T 92 -46.17 -44.07 58.07
CA ASN T 92 -46.04 -43.69 56.67
C ASN T 92 -45.16 -42.46 56.48
N SER T 93 -45.55 -41.33 57.06
CA SER T 93 -44.84 -40.08 56.88
C SER T 93 -44.61 -39.40 58.22
N PHE T 94 -43.46 -38.73 58.37
CA PHE T 94 -43.12 -38.03 59.59
C PHE T 94 -43.82 -36.68 59.64
N PRO T 95 -44.13 -36.18 60.85
CA PRO T 95 -43.96 -36.80 62.17
C PRO T 95 -44.93 -37.95 62.42
N ARG T 96 -44.55 -38.93 63.24
CA ARG T 96 -45.42 -40.04 63.58
C ARG T 96 -46.08 -39.76 64.92
N THR T 97 -47.38 -40.00 65.00
CA THR T 97 -48.19 -39.68 66.17
C THR T 97 -48.89 -40.93 66.69
N PHE T 98 -49.71 -40.75 67.72
CA PHE T 98 -50.42 -41.84 68.36
C PHE T 98 -51.90 -41.51 68.45
N GLY T 99 -52.71 -42.54 68.71
CA GLY T 99 -54.12 -42.37 68.96
C GLY T 99 -54.43 -42.04 70.41
N GLN T 100 -55.72 -41.88 70.68
CA GLN T 100 -56.17 -41.51 72.03
C GLN T 100 -56.29 -42.72 72.95
N GLY T 101 -56.49 -43.92 72.40
CA GLY T 101 -56.51 -45.13 73.20
C GLY T 101 -57.91 -45.56 73.61
N THR T 102 -57.97 -46.78 74.14
CA THR T 102 -59.23 -47.37 74.59
C THR T 102 -58.94 -48.24 75.80
N LYS T 103 -59.83 -48.20 76.79
CA LYS T 103 -59.71 -48.99 78.00
C LYS T 103 -60.69 -50.16 77.96
N VAL T 104 -60.20 -51.34 78.31
CA VAL T 104 -60.99 -52.57 78.31
C VAL T 104 -61.21 -52.99 79.75
N GLU T 105 -62.45 -53.29 80.10
CA GLU T 105 -62.83 -53.62 81.46
C GLU T 105 -63.71 -54.87 81.47
N ILE T 106 -63.74 -55.54 82.62
CA ILE T 106 -64.54 -56.76 82.76
C ILE T 106 -66.01 -56.37 82.86
N LYS T 107 -66.83 -57.03 82.06
CA LYS T 107 -68.27 -56.77 82.03
C LYS T 107 -68.95 -57.33 83.28
C1 NAG U . 66.93 -39.36 16.20
C2 NAG U . 65.68 -39.28 15.31
C3 NAG U . 65.01 -40.65 15.23
C4 NAG U . 66.02 -41.71 14.79
C5 NAG U . 67.24 -41.68 15.69
C6 NAG U . 68.34 -42.62 15.23
C7 NAG U . 63.75 -37.77 15.10
C8 NAG U . 62.89 -36.76 15.80
N2 NAG U . 64.75 -38.29 15.83
O3 NAG U . 63.92 -40.61 14.33
O4 NAG U . 65.42 -43.00 14.83
O5 NAG U . 67.81 -40.36 15.69
O6 NAG U . 69.41 -42.65 16.16
O7 NAG U . 63.57 -38.10 13.94
C1 NAG V . -36.37 -50.63 2.01
C2 NAG V . -35.40 -49.59 1.43
C3 NAG V . -36.17 -48.38 0.93
C4 NAG V . -37.26 -48.80 -0.04
C5 NAG V . -38.15 -49.87 0.59
C6 NAG V . -39.18 -50.42 -0.36
C7 NAG V . -33.21 -48.70 2.11
C8 NAG V . -32.32 -48.35 3.26
N2 NAG V . -34.41 -49.20 2.43
O3 NAG V . -35.28 -47.47 0.30
O4 NAG V . -38.06 -47.67 -0.38
O5 NAG V . -37.34 -50.98 1.01
O6 NAG V . -40.10 -51.27 0.31
O7 NAG V . -32.87 -48.53 0.94
C1 NAG W . 7.78 44.98 -3.93
C2 NAG W . 8.50 43.76 -4.53
C3 NAG W . 10.01 43.95 -4.45
C4 NAG W . 10.41 45.28 -5.08
C5 NAG W . 9.63 46.42 -4.44
C6 NAG W . 9.91 47.76 -5.07
C7 NAG W . 8.36 41.32 -4.34
C8 NAG W . 7.87 40.17 -3.50
N2 NAG W . 8.09 42.54 -3.86
O3 NAG W . 10.67 42.88 -5.12
O4 NAG W . 11.81 45.50 -4.89
O5 NAG W . 8.23 46.18 -4.58
O6 NAG W . 9.33 48.82 -4.32
O7 NAG W . 8.96 41.14 -5.39
C1 NAG X . -54.39 -4.07 -8.67
C2 NAG X . -54.48 -3.09 -9.84
C3 NAG X . -55.82 -3.23 -10.55
C4 NAG X . -56.07 -4.68 -10.94
C5 NAG X . -55.92 -5.58 -9.71
C6 NAG X . -56.06 -7.05 -10.03
C7 NAG X . -53.90 -0.72 -10.20
C8 NAG X . -53.76 0.63 -9.56
N2 NAG X . -54.29 -1.71 -9.39
O3 NAG X . -55.85 -2.41 -11.71
O4 NAG X . -57.37 -4.83 -11.48
O5 NAG X . -54.62 -5.40 -9.13
O6 NAG X . -56.14 -7.83 -8.85
O7 NAG X . -53.68 -0.91 -11.39
C1 NAG Y . 46.24 -4.30 26.32
C2 NAG Y . 46.13 -4.37 24.81
C3 NAG Y . 47.14 -3.42 24.18
C4 NAG Y . 46.98 -2.02 24.75
C5 NAG Y . 46.96 -2.04 26.28
C6 NAG Y . 46.61 -0.70 26.87
C7 NAG Y . 45.40 -6.42 23.67
C8 NAG Y . 45.78 -7.81 23.26
N2 NAG Y . 46.32 -5.73 24.33
O3 NAG Y . 46.95 -3.40 22.77
O4 NAG Y . 48.07 -1.20 24.31
O5 NAG Y . 45.98 -2.97 26.76
O6 NAG Y . 45.86 -0.85 28.08
O7 NAG Y . 44.29 -5.95 23.43
C1 NAG Z . 36.18 -49.46 -10.22
C2 NAG Z . 35.64 -48.03 -10.23
C3 NAG Z . 34.86 -47.75 -8.94
C4 NAG Z . 33.78 -48.80 -8.77
C5 NAG Z . 34.37 -50.21 -8.84
C6 NAG Z . 33.32 -51.29 -8.80
C7 NAG Z . 37.75 -46.92 -9.57
C8 NAG Z . 38.74 -45.86 -9.94
N2 NAG Z . 36.71 -47.05 -10.40
O3 NAG Z . 34.28 -46.46 -9.02
O4 NAG Z . 33.14 -48.62 -7.50
O5 NAG Z . 35.09 -50.38 -10.06
O6 NAG Z . 32.71 -51.39 -7.51
O7 NAG Z . 37.89 -47.59 -8.56
C1 NAG AA . -1.09 -47.00 26.32
C2 NAG AA . -0.57 -47.34 24.93
C3 NAG AA . -0.08 -48.79 24.91
C4 NAG AA . 0.96 -49.00 26.00
C5 NAG AA . 0.44 -48.54 27.36
C6 NAG AA . 1.49 -48.57 28.45
C7 NAG AA . -1.77 -46.00 23.25
C8 NAG AA . -2.88 -45.98 22.24
N2 NAG AA . -1.61 -47.15 23.92
O3 NAG AA . 0.46 -49.10 23.63
O4 NAG AA . 1.31 -50.37 26.07
O5 NAG AA . -0.04 -47.18 27.28
O6 NAG AA . 1.13 -47.71 29.52
O7 NAG AA . -1.05 -45.03 23.46
C1 NAG BA . -21.56 -19.60 -22.31
C2 NAG BA . -20.16 -19.81 -21.71
C3 NAG BA . -20.05 -19.14 -20.34
C4 NAG BA . -20.46 -17.68 -20.44
C5 NAG BA . -21.84 -17.55 -21.07
C6 NAG BA . -22.27 -16.12 -21.30
C7 NAG BA . -20.53 -22.13 -20.91
C8 NAG BA . -20.03 -23.53 -20.95
N2 NAG BA . -19.83 -21.23 -21.62
O3 NAG BA . -18.72 -19.24 -19.88
O4 NAG BA . -20.50 -17.10 -19.14
O5 NAG BA . -21.85 -18.19 -22.37
O6 NAG BA . -22.84 -15.56 -20.13
O7 NAG BA . -21.53 -21.81 -20.26
C1 NAG CA . -13.57 14.42 15.23
C2 NAG CA . -13.44 13.95 13.79
C3 NAG CA . -14.75 14.19 13.05
C4 NAG CA . -15.92 13.54 13.80
C5 NAG CA . -15.91 13.94 15.28
C6 NAG CA . -16.91 13.17 16.11
C7 NAG CA . -11.13 14.08 13.00
C8 NAG CA . -10.11 14.90 12.27
N2 NAG CA . -12.34 14.61 13.12
O3 NAG CA . -14.67 13.66 11.74
O4 NAG CA . -17.15 13.95 13.22
O5 NAG CA . -14.62 13.70 15.87
O6 NAG CA . -16.61 13.23 17.49
O7 NAG CA . -10.85 12.97 13.45
C1 NAG DA . 34.65 15.99 -19.10
C2 NAG DA . 33.88 14.68 -18.97
C3 NAG DA . 33.81 14.25 -17.50
C4 NAG DA . 35.21 14.21 -16.89
C5 NAG DA . 35.94 15.51 -17.13
C6 NAG DA . 37.38 15.49 -16.67
C7 NAG DA . 31.61 15.64 -19.13
C8 NAG DA . 30.30 15.59 -19.86
N2 NAG DA . 32.55 14.78 -19.54
O3 NAG DA . 33.19 12.98 -17.41
O4 NAG DA . 35.12 13.94 -15.50
O5 NAG DA . 35.95 15.84 -18.53
O6 NAG DA . 37.47 15.42 -15.25
O7 NAG DA . 31.80 16.42 -18.20
C1 NAG EA . -41.58 34.38 2.51
C2 NAG EA . -41.00 34.34 1.12
C3 NAG EA . -39.53 33.95 1.18
C4 NAG EA . -38.78 34.89 2.12
C5 NAG EA . -39.49 35.03 3.46
C6 NAG EA . -38.90 36.11 4.34
C7 NAG EA . -42.60 33.82 -0.67
C8 NAG EA . -43.27 32.73 -1.45
N2 NAG EA . -41.73 33.41 0.26
O3 NAG EA . -38.95 34.00 -0.12
O4 NAG EA . -37.45 34.42 2.33
O5 NAG EA . -40.88 35.35 3.29
O6 NAG EA . -39.89 36.70 5.16
O7 NAG EA . -42.84 35.01 -0.87
C1 NAG FA . -66.96 11.59 -46.11
C2 NAG FA . -66.16 12.89 -46.08
C3 NAG FA . -66.84 13.90 -45.16
C4 NAG FA . -68.30 14.07 -45.53
C5 NAG FA . -69.00 12.72 -45.61
C6 NAG FA . -70.43 12.83 -46.13
C7 NAG FA . -64.40 12.12 -44.53
C8 NAG FA . -62.93 11.97 -44.32
N2 NAG FA . -64.79 12.66 -45.69
O3 NAG FA . -66.16 15.14 -45.25
O4 NAG FA . -68.96 14.88 -44.56
O5 NAG FA . -68.29 11.85 -46.52
O6 NAG FA . -71.24 13.56 -45.23
O7 NAG FA . -65.22 11.79 -43.66
#